data_7LU9
#
_entry.id   7LU9
#
_cell.length_a   1.00
_cell.length_b   1.00
_cell.length_c   1.00
_cell.angle_alpha   90.00
_cell.angle_beta   90.00
_cell.angle_gamma   90.00
#
_symmetry.space_group_name_H-M   'P 1'
#
loop_
_entity.id
_entity.type
_entity.pdbx_description
1 polymer 'DH851.3 light chain'
2 polymer 'DH851.3 heavy chain'
3 polymer 'DH851.3 heavy chain'
4 polymer 'DH851.3 light chain'
5 polymer 'Envelope glycoprotein gp41'
6 polymer 'Envelope glycoprotein gp120'
7 branched beta-D-mannopyranose-(1-4)-2-acetamido-2-deoxy-beta-D-glucopyranose-(1-4)-2-acetamido-2-deoxy-beta-D-glucopyranose
8 branched alpha-D-mannopyranose-(1-3)-[alpha-D-mannopyranose-(1-6)]beta-D-mannopyranose-(1-4)-2-acetamido-2-deoxy-beta-D-glucopyranose-(1-4)-2-acetamido-2-deoxy-beta-D-glucopyranose
9 branched alpha-D-mannopyranose-(1-6)-alpha-D-mannopyranose-(1-3)-[2-acetamido-2-deoxy-beta-D-glucopyranose-(1-4)]beta-D-mannopyranose-(1-4)-2-acetamido-2-deoxy-beta-D-glucopyranose-(1-4)-2-acetamido-2-deoxy-beta-D-glucopyranose
10 branched 2-acetamido-2-deoxy-beta-D-glucopyranose-(1-4)-beta-D-mannopyranose-(1-4)-2-acetamido-2-deoxy-beta-D-glucopyranose-(1-4)-2-acetamido-2-deoxy-beta-D-glucopyranose
11 branched 2-acetamido-2-deoxy-beta-D-glucopyranose-(1-4)-2-acetamido-2-deoxy-beta-D-glucopyranose
12 non-polymer 2-acetamido-2-deoxy-beta-D-glucopyranose
#
loop_
_entity_poly.entity_id
_entity_poly.type
_entity_poly.pdbx_seq_one_letter_code
_entity_poly.pdbx_strand_id
1 'polypeptide(L)'
;ALTQPPSVSKSLEQSVTISCTGTTTGNSVSWYQCHSGTAPRLLIYDVNKRPSGVSDRFSGSKSHNTASLTIFGLQAEDEA
DYYCGSYGSGGSLLFGGGTRLTVLGQP(UNK)KASPTVTLFPPSSEELQANKATLVCLISDFYPGVVKVAWKADGSAVNA
GVETTTPSKQSNNKYAASSYLSLTSDQWKSHKSYSCQVTHEGSTVEKTVAPAEC
;
k,j,r
2 'polypeptide(L)'
;QVTLMESGPALVKVTQTLAVTCTFSGFSIRDSGKGVAWIRQPPGGALEWLTSIYWDDTKYHDTSLKPRLTIFRDTSQTQV
ILILTNMAPLDTATYYCGRINNGGGWKDHIDFWGPGLLVTVSSASTKGPSVFPLAPSSRSTSESTAALGCLVKDYFPEPV
TVSWNSGSLTSGVHTFPAVLQSSGLYSLSSVVTVPSSSLGTQTYVCNVNHKPSNTKVDKRVEIKTCGG
;
l,i,q
3 'polypeptide(L)'
;QVTLMESGPALVKVTQTLAVTCTFSGFSIRDSGKGVAWIRQPPGGALEWLTSIYWDDTKYHDTSLKPRLTIFRDTSQTQV
ILILTNMAPLDTATYYCGRINNGGGWKDHIDFWGPGLLVTVSSASTKGPSVFPLAPSSRSTSESTAALGCLVKDYFPEPV
TVSWNSGSLTSGVHTFPAVLQSSGLYSLSSVVTVPSSSLGTQTYVCNVNHKPSNTKVDKRVE
;
m,h,p
4 'polypeptide(L)'
;ALTQPPSVSKSLEQSVTISCTGTTTGNSVSWYQCHSGTAPRLLIYDVNKRPSGVSDRFSGSKSHNTASLTIFGLQAEDEA
DYYCGSYGSGGSLLFGGGTRLTVLGQP(UNK)KASPTVTLFPPSSEELQANKATLVCLISDFYPGVVKVAWKADGSAVNA
GVETTTPSKQSNNKYAASSYLSLTSDQWKSHKSYSCQVTHEGSTVEKTVAP
;
n,g,o
5 'polypeptide(L)'
;AVGIGAVFLGFLGAAGSTMGAASMTLTVQARNLLSGIVQQQSNLLKAIEAQQHLLKLTVWGIKQLQARVLAVERYLRDQQ
LLGIWGCSGKLICCTNVPWNSSWSNRNLSEIWDNMTWLQWDKEISNYTQIIYGLLEESQNQQEKNEQDLLALD
;
a,b,c
6 'polypeptide(L)'
;ENLWVTVYYGVPVWKEAKTTLFCASDAKAYEKEVHNVWATHACVPTDPNPQEMVLKNVTENFNMWKNDMVDQMHEDVISL
WDQSLKPCVKLTPLCVTLNCTNATASNSSIIEGMKNCSFNITTELRDKREKKNALFYKLDIVQLDGNSSQYRLINCNTSV
ITQACPKVSFDPIPIHYCAPAGYAILKCNNKTFTGTGPCNNVSTVQCTHGIKPVVSTQLLLNGSLAEGEIIIRSENITNN
VKTIIVHLNESVKIECTRPNNKTRTSIRIGPGQWFYATGQVIGDIREAYCNINESKWNETLQRVSKKLKEYFPHKNITFQ
PSSGGDLEITTHSFNCGGEFFYCNTSSLFNRTYMANSTDMANSTETNSTRTITIHCRIKQIINMWQEVGRAMYAPPIAGN
ITCISNITGLLLTRDGGKNNTETFRPGGGNMKDNWRSELYKYKVVKIEPLGVAPTRCKRRV
;
d,e,f
#
# COMPACT_ATOMS: atom_id res chain seq x y z
CA ALA A 1 -21.04 32.23 -23.54
C ALA A 1 -20.71 32.79 -22.15
N LEU A 2 -20.26 34.04 -22.06
CA LEU A 2 -19.90 34.73 -20.81
C LEU A 2 -20.88 35.88 -20.51
N THR A 3 -22.02 35.54 -19.90
CA THR A 3 -23.08 36.49 -19.57
C THR A 3 -22.61 37.60 -18.62
N GLN A 4 -23.21 38.78 -18.76
CA GLN A 4 -23.02 39.96 -17.94
C GLN A 4 -24.36 40.70 -17.84
N PRO A 5 -24.59 41.49 -16.79
CA PRO A 5 -25.78 42.33 -16.72
C PRO A 5 -25.66 43.46 -17.73
N PRO A 6 -26.76 43.99 -18.24
CA PRO A 6 -26.72 45.13 -19.15
C PRO A 6 -26.17 46.39 -18.46
N SER A 7 -26.58 46.62 -17.21
CA SER A 7 -26.10 47.70 -16.35
C SER A 7 -26.40 47.42 -14.87
N VAL A 8 -25.82 48.22 -13.99
CA VAL A 8 -26.18 48.36 -12.57
C VAL A 8 -26.05 49.85 -12.21
N SER A 9 -26.64 50.26 -11.08
CA SER A 9 -26.65 51.66 -10.65
C SER A 9 -26.42 51.83 -9.13
N LYS A 10 -25.41 52.63 -8.79
CA LYS A 10 -25.11 53.21 -7.45
C LYS A 10 -24.71 54.67 -7.66
N SER A 11 -24.67 55.51 -6.63
CA SER A 11 -24.49 56.96 -6.77
C SER A 11 -23.05 57.43 -6.59
N LEU A 12 -22.80 58.73 -6.74
CA LEU A 12 -21.46 59.32 -6.71
C LEU A 12 -20.71 59.02 -5.40
N GLU A 13 -19.43 58.68 -5.54
CA GLU A 13 -18.49 58.24 -4.50
C GLU A 13 -18.89 56.98 -3.73
N GLN A 14 -19.99 56.32 -4.10
CA GLN A 14 -20.40 55.04 -3.52
C GLN A 14 -19.60 53.89 -4.13
N SER A 15 -20.08 52.66 -4.00
CA SER A 15 -19.41 51.44 -4.46
C SER A 15 -20.41 50.36 -4.93
N VAL A 16 -19.99 49.49 -5.85
CA VAL A 16 -20.83 48.48 -6.55
C VAL A 16 -19.96 47.34 -7.09
N THR A 17 -20.57 46.24 -7.53
CA THR A 17 -19.89 45.19 -8.32
C THR A 17 -20.52 45.01 -9.70
N ILE A 18 -19.70 44.61 -10.65
CA ILE A 18 -20.13 43.98 -11.89
C ILE A 18 -19.54 42.57 -11.87
N SER A 19 -20.22 41.57 -12.43
CA SER A 19 -19.61 40.28 -12.64
C SER A 19 -20.05 39.62 -13.94
N CYS A 20 -19.23 38.68 -14.36
CA CYS A 20 -19.36 37.86 -15.56
C CYS A 20 -19.68 36.44 -15.10
N THR A 21 -20.75 35.83 -15.62
CA THR A 21 -21.53 34.82 -14.89
C THR A 21 -21.93 33.57 -15.68
N GLY A 22 -21.39 33.41 -16.89
CA GLY A 22 -21.74 32.30 -17.81
C GLY A 22 -20.88 31.05 -17.61
N THR A 23 -20.36 30.50 -18.71
CA THR A 23 -19.44 29.34 -18.72
C THR A 23 -18.02 29.71 -18.25
N THR A 24 -17.91 30.29 -17.05
CA THR A 24 -16.66 30.72 -16.39
C THR A 24 -15.88 29.52 -15.82
N THR A 25 -15.71 28.46 -16.61
CA THR A 25 -14.85 27.32 -16.26
C THR A 25 -13.39 27.76 -16.20
N GLY A 26 -12.97 28.63 -17.13
CA GLY A 26 -11.72 29.38 -17.03
C GLY A 26 -11.74 30.34 -15.83
N ASN A 27 -10.61 30.41 -15.12
CA ASN A 27 -10.61 30.79 -13.71
C ASN A 27 -9.48 31.77 -13.32
N SER A 28 -8.40 31.88 -14.08
CA SER A 28 -7.66 33.14 -14.16
C SER A 28 -8.42 34.08 -15.09
N VAL A 29 -8.62 35.33 -14.69
CA VAL A 29 -9.53 36.26 -15.39
C VAL A 29 -8.96 37.68 -15.39
N SER A 30 -9.35 38.45 -16.40
CA SER A 30 -9.00 39.85 -16.59
C SER A 30 -10.27 40.67 -16.88
N TRP A 31 -10.19 41.99 -16.75
CA TRP A 31 -11.32 42.90 -16.96
C TRP A 31 -10.83 44.16 -17.62
N TYR A 32 -11.72 44.76 -18.41
CA TYR A 32 -11.45 45.87 -19.31
C TYR A 32 -12.63 46.83 -19.35
N GLN A 33 -12.37 48.05 -19.79
CA GLN A 33 -13.31 49.14 -19.99
C GLN A 33 -13.23 49.63 -21.45
N CYS A 34 -14.34 50.10 -22.01
CA CYS A 34 -14.30 51.08 -23.09
C CYS A 34 -15.18 52.26 -22.68
N HIS A 35 -14.77 53.47 -23.04
CA HIS A 35 -15.53 54.67 -22.73
C HIS A 35 -15.45 55.65 -23.91
N SER A 36 -16.58 56.27 -24.25
CA SER A 36 -16.73 57.15 -25.42
C SER A 36 -16.22 56.56 -26.75
N GLY A 37 -16.17 55.22 -26.84
CA GLY A 37 -15.69 54.49 -28.01
C GLY A 37 -14.17 54.56 -28.26
N THR A 38 -13.40 55.18 -27.36
CA THR A 38 -11.93 55.22 -27.47
C THR A 38 -11.30 53.82 -27.28
N ALA A 39 -10.02 53.68 -27.60
CA ALA A 39 -9.30 52.41 -27.50
C ALA A 39 -9.45 51.79 -26.09
N PRO A 40 -9.88 50.53 -25.97
CA PRO A 40 -10.22 49.94 -24.67
C PRO A 40 -9.10 50.02 -23.63
N ARG A 41 -9.48 50.22 -22.37
CA ARG A 41 -8.55 50.36 -21.23
C ARG A 41 -8.62 49.15 -20.33
N LEU A 42 -7.47 48.56 -20.03
CA LEU A 42 -7.39 47.44 -19.10
C LEU A 42 -7.81 47.85 -17.70
N LEU A 43 -8.12 46.85 -16.89
CA LEU A 43 -8.28 46.99 -15.44
C LEU A 43 -7.49 45.94 -14.69
N ILE A 44 -7.75 44.66 -14.97
CA ILE A 44 -7.30 43.57 -14.11
C ILE A 44 -6.33 42.68 -14.88
N TYR A 45 -5.08 42.52 -14.41
CA TYR A 45 -4.04 41.77 -15.14
C TYR A 45 -4.01 40.28 -14.80
N ASP A 46 -4.56 39.91 -13.64
CA ASP A 46 -5.07 38.59 -13.27
C ASP A 46 -6.10 38.84 -12.16
N VAL A 47 -7.01 37.91 -11.89
CA VAL A 47 -8.34 38.13 -11.29
C VAL A 47 -8.45 39.01 -10.03
N ASN A 48 -7.39 39.14 -9.23
CA ASN A 48 -7.37 39.97 -8.03
C ASN A 48 -6.45 41.20 -8.12
N LYS A 49 -5.87 41.49 -9.28
CA LYS A 49 -4.61 42.25 -9.44
C LYS A 49 -4.69 43.34 -10.53
N ARG A 50 -4.16 44.55 -10.28
CA ARG A 50 -4.21 45.70 -11.20
C ARG A 50 -2.92 46.55 -11.23
N PRO A 51 -2.57 47.18 -12.36
CA PRO A 51 -1.37 48.01 -12.49
C PRO A 51 -1.71 49.50 -12.24
N SER A 52 -0.87 50.39 -12.77
CA SER A 52 -0.79 51.83 -12.47
C SER A 52 -2.01 52.69 -12.84
N GLY A 53 -2.96 52.16 -13.60
CA GLY A 53 -4.03 52.96 -14.21
C GLY A 53 -5.06 53.50 -13.19
N VAL A 54 -5.62 52.61 -12.36
CA VAL A 54 -6.70 52.94 -11.40
C VAL A 54 -6.57 52.12 -10.10
N SER A 55 -5.36 52.20 -9.56
CA SER A 55 -4.74 51.36 -8.53
C SER A 55 -5.32 51.46 -7.12
N ASP A 56 -6.58 51.85 -6.95
CA ASP A 56 -7.22 52.02 -5.64
C ASP A 56 -8.74 51.89 -5.68
N ARG A 57 -9.41 52.66 -6.54
CA ARG A 57 -10.88 52.72 -6.59
C ARG A 57 -11.53 51.44 -7.12
N PHE A 58 -10.91 50.78 -8.10
CA PHE A 58 -11.32 49.43 -8.51
C PHE A 58 -10.70 48.37 -7.60
N SER A 59 -11.20 47.15 -7.66
CA SER A 59 -10.64 45.97 -6.99
C SER A 59 -11.07 44.70 -7.71
N GLY A 60 -10.20 43.70 -7.78
CA GLY A 60 -10.46 42.41 -8.44
C GLY A 60 -10.72 41.31 -7.41
N SER A 61 -11.66 40.40 -7.70
CA SER A 61 -12.13 39.42 -6.70
C SER A 61 -12.53 38.09 -7.33
N LYS A 62 -12.36 37.00 -6.57
CA LYS A 62 -12.49 35.63 -7.06
C LYS A 62 -13.87 35.03 -6.72
N SER A 63 -14.52 34.44 -7.72
CA SER A 63 -15.58 33.44 -7.55
C SER A 63 -15.65 32.56 -8.79
N HIS A 64 -16.04 31.29 -8.62
CA HIS A 64 -16.13 30.31 -9.71
C HIS A 64 -17.17 30.72 -10.78
N ASN A 65 -18.39 31.08 -10.37
CA ASN A 65 -19.38 31.61 -11.31
C ASN A 65 -19.19 33.12 -11.56
N THR A 66 -19.32 33.96 -10.53
CA THR A 66 -19.28 35.40 -10.72
C THR A 66 -17.82 35.84 -10.79
N ALA A 67 -17.24 35.85 -11.98
CA ALA A 67 -15.95 36.51 -12.22
C ALA A 67 -16.14 38.01 -11.95
N SER A 68 -15.60 38.52 -10.85
CA SER A 68 -16.17 39.70 -10.19
C SER A 68 -15.23 40.89 -10.09
N LEU A 69 -15.70 42.02 -10.60
CA LEU A 69 -15.08 43.33 -10.52
C LEU A 69 -15.84 44.17 -9.47
N THR A 70 -15.14 44.78 -8.54
CA THR A 70 -15.73 45.55 -7.44
C THR A 70 -15.13 46.95 -7.41
N ILE A 71 -15.97 47.98 -7.34
CA ILE A 71 -15.62 49.37 -7.69
C ILE A 71 -16.13 50.33 -6.60
N PHE A 72 -15.35 51.33 -6.20
CA PHE A 72 -15.62 52.26 -5.11
C PHE A 72 -15.16 53.68 -5.50
N GLY A 73 -15.77 54.73 -4.99
CA GLY A 73 -15.43 56.11 -5.37
C GLY A 73 -15.98 56.47 -6.76
N LEU A 74 -17.22 56.06 -7.03
CA LEU A 74 -17.88 56.19 -8.32
C LEU A 74 -17.94 57.65 -8.81
N GLN A 75 -17.48 57.92 -10.02
CA GLN A 75 -17.32 59.28 -10.57
C GLN A 75 -17.73 59.33 -12.05
N ALA A 76 -17.74 60.53 -12.66
CA ALA A 76 -18.36 60.80 -13.96
C ALA A 76 -17.88 59.94 -15.16
N GLU A 77 -16.76 59.24 -15.04
CA GLU A 77 -16.28 58.22 -15.98
C GLU A 77 -17.13 56.94 -15.95
N ASP A 78 -17.80 56.62 -14.85
CA ASP A 78 -18.53 55.37 -14.62
C ASP A 78 -19.90 55.28 -15.32
N GLU A 79 -20.04 56.03 -16.41
CA GLU A 79 -21.07 55.84 -17.43
C GLU A 79 -20.57 54.96 -18.60
N ALA A 80 -19.30 54.53 -18.53
CA ALA A 80 -18.61 53.64 -19.47
C ALA A 80 -19.20 52.23 -19.59
N ASP A 81 -18.56 51.37 -20.39
CA ASP A 81 -18.89 49.94 -20.55
C ASP A 81 -17.71 49.05 -20.13
N TYR A 82 -17.99 47.93 -19.49
CA TYR A 82 -17.02 47.06 -18.83
C TYR A 82 -17.16 45.60 -19.25
N TYR A 83 -16.05 44.88 -19.41
CA TYR A 83 -16.00 43.53 -19.97
C TYR A 83 -15.05 42.59 -19.22
N CYS A 84 -15.48 41.35 -18.98
CA CYS A 84 -14.60 40.27 -18.52
C CYS A 84 -13.81 39.63 -19.67
N GLY A 85 -12.67 39.05 -19.33
CA GLY A 85 -11.82 38.22 -20.18
C GLY A 85 -11.14 37.12 -19.38
N SER A 86 -11.78 35.97 -19.26
CA SER A 86 -11.11 34.73 -18.86
C SER A 86 -10.16 34.27 -19.96
N TYR A 87 -9.12 33.51 -19.62
CA TYR A 87 -8.52 32.67 -20.64
C TYR A 87 -9.51 31.60 -21.12
N GLY A 88 -9.38 31.13 -22.37
CA GLY A 88 -10.39 30.28 -22.99
C GLY A 88 -10.22 28.77 -22.76
N SER A 89 -10.98 27.99 -23.53
CA SER A 89 -10.99 26.52 -23.50
C SER A 89 -9.77 25.89 -24.18
N GLY A 90 -8.57 26.30 -23.77
CA GLY A 90 -7.28 25.85 -24.32
C GLY A 90 -6.96 26.47 -25.69
N GLY A 91 -5.80 27.11 -25.84
CA GLY A 91 -5.41 27.77 -27.10
C GLY A 91 -6.49 28.72 -27.64
N SER A 92 -7.24 29.37 -26.75
CA SER A 92 -8.53 30.01 -27.04
C SER A 92 -8.71 31.27 -26.20
N LEU A 93 -9.49 32.21 -26.68
CA LEU A 93 -9.66 33.51 -26.03
C LEU A 93 -11.12 33.97 -26.09
N LEU A 94 -11.58 34.74 -25.10
CA LEU A 94 -12.99 35.09 -24.91
C LEU A 94 -13.19 36.54 -24.51
N PHE A 95 -14.41 37.02 -24.69
CA PHE A 95 -14.94 38.25 -24.08
C PHE A 95 -16.28 38.00 -23.39
N GLY A 96 -16.58 38.79 -22.35
CA GLY A 96 -17.93 38.92 -21.80
C GLY A 96 -18.91 39.69 -22.69
N GLY A 97 -20.19 39.69 -22.33
CA GLY A 97 -21.25 40.41 -23.04
C GLY A 97 -21.23 41.93 -22.88
N GLY A 98 -20.39 42.48 -22.00
CA GLY A 98 -20.34 43.91 -21.67
C GLY A 98 -21.35 44.35 -20.62
N THR A 99 -21.10 45.49 -19.96
CA THR A 99 -22.00 46.14 -18.99
C THR A 99 -21.80 47.64 -19.09
N ARG A 100 -22.74 48.33 -19.74
CA ARG A 100 -22.79 49.80 -19.83
C ARG A 100 -23.22 50.35 -18.46
N LEU A 101 -22.29 50.68 -17.59
CA LEU A 101 -22.56 51.07 -16.20
C LEU A 101 -23.33 52.40 -16.12
N THR A 102 -24.24 52.56 -15.16
CA THR A 102 -25.12 53.73 -15.07
C THR A 102 -25.17 54.31 -13.65
N VAL A 103 -24.14 55.07 -13.27
CA VAL A 103 -24.14 55.78 -11.97
C VAL A 103 -25.28 56.81 -11.90
N LEU A 104 -26.18 56.65 -10.93
CA LEU A 104 -27.39 57.47 -10.76
C LEU A 104 -27.23 58.59 -9.73
N GLY A 105 -28.17 59.54 -9.68
CA GLY A 105 -28.15 60.62 -8.68
C GLY A 105 -26.99 61.61 -8.85
N GLN A 106 -26.42 61.67 -10.06
CA GLN A 106 -25.41 62.66 -10.45
C GLN A 106 -26.08 64.01 -10.81
N PRO A 107 -25.31 65.10 -11.00
CA PRO A 107 -25.87 66.44 -11.22
C PRO A 107 -26.78 66.59 -12.44
CA LYS A 109 -28.50 68.03 -13.53
C LYS A 109 -27.96 69.36 -14.05
N ALA A 110 -27.89 69.50 -15.37
CA ALA A 110 -27.42 70.71 -16.06
C ALA A 110 -28.06 70.82 -17.45
N SER A 111 -28.82 71.89 -17.70
CA SER A 111 -29.25 72.28 -19.03
C SER A 111 -28.13 72.93 -19.86
N PRO A 112 -28.27 73.08 -21.18
CA PRO A 112 -27.15 73.30 -22.08
C PRO A 112 -26.42 74.64 -21.91
N THR A 113 -25.23 74.72 -22.47
CA THR A 113 -24.68 75.98 -22.98
C THR A 113 -24.29 75.79 -24.45
N VAL A 114 -24.45 76.85 -25.24
CA VAL A 114 -24.74 76.77 -26.68
C VAL A 114 -23.97 77.82 -27.48
N THR A 115 -23.54 77.45 -28.69
CA THR A 115 -23.30 78.36 -29.82
C THR A 115 -24.31 78.03 -30.93
N LEU A 116 -24.95 79.04 -31.53
CA LEU A 116 -25.98 78.84 -32.56
C LEU A 116 -25.86 79.89 -33.67
N PHE A 117 -25.84 79.46 -34.93
CA PHE A 117 -25.44 80.28 -36.07
C PHE A 117 -26.14 79.89 -37.39
N PRO A 118 -26.42 80.85 -38.30
CA PRO A 118 -26.73 80.57 -39.72
C PRO A 118 -25.48 80.05 -40.46
N PRO A 119 -25.61 79.42 -41.64
CA PRO A 119 -24.45 78.90 -42.38
C PRO A 119 -23.54 80.04 -42.88
N SER A 120 -22.26 79.74 -43.06
CA SER A 120 -21.35 80.61 -43.83
C SER A 120 -21.77 80.68 -45.31
N SER A 121 -21.44 81.77 -46.01
CA SER A 121 -22.03 82.09 -47.32
C SER A 121 -21.80 81.03 -48.40
N GLU A 122 -20.78 80.19 -48.27
CA GLU A 122 -20.45 79.11 -49.20
C GLU A 122 -21.64 78.15 -49.42
N GLU A 123 -22.52 77.94 -48.43
CA GLU A 123 -23.73 77.14 -48.63
C GLU A 123 -24.92 77.96 -49.19
N LEU A 124 -25.02 79.23 -48.83
CA LEU A 124 -26.01 80.15 -49.42
C LEU A 124 -25.76 80.33 -50.93
N GLN A 125 -24.49 80.35 -51.34
CA GLN A 125 -24.05 80.29 -52.74
C GLN A 125 -24.44 78.96 -53.42
N ALA A 126 -24.70 77.90 -52.65
CA ALA A 126 -25.20 76.60 -53.08
C ALA A 126 -26.72 76.41 -52.84
N ASN A 127 -27.45 77.49 -52.51
CA ASN A 127 -28.89 77.48 -52.23
C ASN A 127 -29.33 76.59 -51.05
N LYS A 128 -28.43 76.25 -50.11
CA LYS A 128 -28.77 75.54 -48.86
C LYS A 128 -28.40 76.39 -47.63
N ALA A 129 -29.14 76.17 -46.55
CA ALA A 129 -29.40 77.16 -45.52
C ALA A 129 -29.20 76.60 -44.10
N THR A 130 -28.15 75.81 -43.89
CA THR A 130 -27.90 75.07 -42.63
C THR A 130 -27.63 75.98 -41.44
N LEU A 131 -28.69 76.40 -40.77
CA LEU A 131 -28.59 76.88 -39.39
C LEU A 131 -28.22 75.70 -38.47
N VAL A 132 -27.44 75.96 -37.43
CA VAL A 132 -26.94 74.93 -36.51
C VAL A 132 -27.11 75.41 -35.07
N CYS A 133 -27.56 74.53 -34.17
CA CYS A 133 -27.42 74.70 -32.73
C CYS A 133 -26.45 73.67 -32.15
N LEU A 134 -25.42 74.13 -31.44
CA LEU A 134 -24.52 73.27 -30.66
C LEU A 134 -25.11 72.99 -29.28
N ILE A 135 -26.11 72.09 -29.23
CA ILE A 135 -26.70 71.60 -27.98
C ILE A 135 -25.59 70.88 -27.21
N SER A 136 -25.12 71.46 -26.09
CA SER A 136 -23.83 71.09 -25.52
C SER A 136 -23.77 71.28 -24.01
N ASP A 137 -22.73 70.72 -23.40
CA ASP A 137 -22.34 70.97 -22.02
C ASP A 137 -23.39 70.55 -20.97
N PHE A 138 -24.25 69.56 -21.28
CA PHE A 138 -25.40 69.20 -20.43
C PHE A 138 -25.22 67.89 -19.63
N TYR A 139 -26.07 67.69 -18.61
CA TYR A 139 -26.10 66.49 -17.77
C TYR A 139 -27.52 66.22 -17.22
N PRO A 140 -27.94 64.97 -16.99
CA PRO A 140 -27.30 63.71 -17.42
C PRO A 140 -27.22 63.55 -18.95
N GLY A 141 -26.70 62.42 -19.42
CA GLY A 141 -26.57 62.06 -20.84
C GLY A 141 -27.91 61.70 -21.53
N VAL A 142 -28.94 62.53 -21.34
CA VAL A 142 -30.32 62.37 -21.84
C VAL A 142 -30.84 63.71 -22.35
N VAL A 143 -31.86 63.69 -23.21
CA VAL A 143 -32.47 64.90 -23.77
C VAL A 143 -34.00 64.82 -23.82
N LYS A 144 -34.66 65.95 -23.55
CA LYS A 144 -36.07 66.25 -23.86
C LYS A 144 -36.14 67.63 -24.51
N VAL A 145 -36.88 67.81 -25.60
CA VAL A 145 -36.74 69.01 -26.46
C VAL A 145 -37.89 70.01 -26.30
N ALA A 146 -37.53 71.29 -26.23
CA ALA A 146 -38.45 72.44 -26.31
C ALA A 146 -38.10 73.40 -27.47
N TRP A 147 -37.23 72.97 -28.39
CA TRP A 147 -36.77 73.68 -29.60
C TRP A 147 -37.83 73.75 -30.72
N LYS A 148 -39.11 73.89 -30.35
CA LYS A 148 -40.28 73.82 -31.25
C LYS A 148 -40.40 75.00 -32.21
N ALA A 149 -39.72 76.12 -31.93
CA ALA A 149 -39.79 77.35 -32.71
C ALA A 149 -39.51 77.10 -34.20
N ASP A 150 -40.48 77.43 -35.06
CA ASP A 150 -40.44 77.25 -36.53
C ASP A 150 -40.01 75.83 -36.98
N GLY A 151 -40.35 74.80 -36.20
CA GLY A 151 -40.02 73.39 -36.49
C GLY A 151 -38.53 73.05 -36.36
N SER A 152 -37.74 73.87 -35.65
CA SER A 152 -36.27 73.76 -35.61
C SER A 152 -35.74 72.45 -35.01
N ALA A 153 -36.47 71.80 -34.10
CA ALA A 153 -36.02 70.58 -33.44
C ALA A 153 -35.75 69.39 -34.39
N VAL A 154 -36.59 69.21 -35.43
CA VAL A 154 -36.59 68.01 -36.29
C VAL A 154 -36.87 68.37 -37.75
N ASN A 155 -35.84 68.86 -38.48
CA ASN A 155 -35.82 68.91 -39.94
C ASN A 155 -34.39 68.76 -40.50
N ALA A 156 -34.27 68.22 -41.73
CA ALA A 156 -33.07 68.19 -42.58
C ALA A 156 -31.70 68.04 -41.88
N GLY A 157 -31.17 66.82 -41.78
CA GLY A 157 -29.87 66.54 -41.15
C GLY A 157 -29.93 66.48 -39.62
N VAL A 158 -31.03 65.92 -39.09
CA VAL A 158 -31.30 65.91 -37.65
C VAL A 158 -30.28 65.05 -36.91
N GLU A 159 -29.52 65.67 -36.01
CA GLU A 159 -28.81 64.97 -34.94
C GLU A 159 -29.26 65.46 -33.56
N THR A 160 -30.54 65.82 -33.49
CA THR A 160 -31.36 65.89 -32.28
C THR A 160 -31.62 64.44 -31.80
N THR A 161 -30.53 63.73 -31.50
CA THR A 161 -30.37 62.27 -31.46
C THR A 161 -29.46 61.88 -30.27
N THR A 162 -29.07 60.60 -30.17
CA THR A 162 -28.27 60.06 -29.05
C THR A 162 -27.01 60.91 -28.79
N PRO A 163 -26.84 61.51 -27.59
CA PRO A 163 -25.70 62.38 -27.27
C PRO A 163 -24.34 61.67 -27.27
N SER A 164 -23.27 62.46 -27.17
CA SER A 164 -21.91 62.01 -26.89
C SER A 164 -21.31 62.76 -25.69
N LYS A 165 -20.35 62.14 -24.99
CA LYS A 165 -19.53 62.80 -23.94
C LYS A 165 -18.71 63.97 -24.52
N GLN A 166 -18.10 64.76 -23.65
CA GLN A 166 -17.13 65.80 -24.03
C GLN A 166 -15.89 65.79 -23.12
N SER A 167 -14.83 66.48 -23.55
CA SER A 167 -13.64 66.78 -22.74
C SER A 167 -13.94 67.66 -21.51
N ASN A 168 -14.98 68.50 -21.56
CA ASN A 168 -15.56 69.18 -20.38
C ASN A 168 -16.47 68.26 -19.52
N ASN A 169 -16.38 66.93 -19.71
CA ASN A 169 -17.25 65.85 -19.20
C ASN A 169 -18.71 65.89 -19.67
N LYS A 170 -19.36 67.07 -19.68
CA LYS A 170 -20.80 67.21 -19.91
C LYS A 170 -21.18 66.99 -21.37
N TYR A 171 -22.28 66.30 -21.62
CA TYR A 171 -22.63 65.75 -22.94
C TYR A 171 -22.96 66.82 -23.98
N ALA A 172 -22.97 66.42 -25.26
CA ALA A 172 -23.42 67.24 -26.40
C ALA A 172 -24.21 66.43 -27.45
N ALA A 173 -25.02 67.12 -28.25
CA ALA A 173 -25.97 66.57 -29.23
C ALA A 173 -26.29 67.59 -30.36
N SER A 174 -25.26 68.25 -30.89
CA SER A 174 -25.35 69.31 -31.91
C SER A 174 -26.10 68.90 -33.18
N SER A 175 -26.93 69.78 -33.77
CA SER A 175 -27.90 69.41 -34.82
C SER A 175 -28.19 70.53 -35.84
N TYR A 176 -28.55 70.16 -37.07
CA TYR A 176 -28.79 71.04 -38.23
C TYR A 176 -30.26 71.41 -38.47
N LEU A 177 -30.46 72.47 -39.28
CA LEU A 177 -31.63 72.73 -40.11
C LEU A 177 -31.20 72.85 -41.60
N SER A 178 -30.77 71.75 -42.24
CA SER A 178 -30.12 71.75 -43.57
C SER A 178 -31.07 71.91 -44.77
N LEU A 179 -32.05 72.82 -44.68
CA LEU A 179 -33.02 73.10 -45.75
C LEU A 179 -32.43 73.98 -46.89
N THR A 180 -33.21 74.22 -47.94
CA THR A 180 -32.93 75.22 -48.99
C THR A 180 -33.11 76.66 -48.49
N SER A 181 -32.76 77.69 -49.28
CA SER A 181 -32.94 79.12 -48.90
C SER A 181 -34.36 79.52 -48.49
N ASP A 182 -35.36 78.72 -48.85
CA ASP A 182 -36.75 78.82 -48.38
C ASP A 182 -36.89 78.75 -46.85
N GLN A 183 -35.86 78.26 -46.15
CA GLN A 183 -35.61 78.44 -44.73
C GLN A 183 -35.91 79.89 -44.29
N TRP A 184 -35.21 80.89 -44.85
CA TRP A 184 -35.35 82.29 -44.42
C TRP A 184 -36.72 82.88 -44.78
N LYS A 185 -37.34 82.35 -45.83
CA LYS A 185 -38.66 82.75 -46.34
C LYS A 185 -39.82 82.27 -45.46
N SER A 186 -39.56 81.43 -44.44
CA SER A 186 -40.61 80.71 -43.68
C SER A 186 -40.29 80.51 -42.20
N HIS A 187 -39.03 80.29 -41.84
CA HIS A 187 -38.53 80.12 -40.47
C HIS A 187 -37.63 81.30 -40.10
N LYS A 188 -37.91 81.97 -38.98
CA LYS A 188 -37.29 83.25 -38.57
C LYS A 188 -36.84 83.30 -37.10
N SER A 189 -37.16 82.29 -36.28
CA SER A 189 -36.56 82.13 -34.95
C SER A 189 -36.43 80.66 -34.55
N TYR A 190 -35.42 80.36 -33.73
CA TYR A 190 -34.81 79.04 -33.63
C TYR A 190 -34.41 78.69 -32.19
N SER A 191 -35.22 79.12 -31.21
CA SER A 191 -34.94 79.08 -29.77
C SER A 191 -34.60 77.69 -29.23
N CYS A 192 -33.30 77.41 -29.07
CA CYS A 192 -32.76 76.06 -28.85
C CYS A 192 -32.86 75.55 -27.40
N GLN A 193 -34.08 75.52 -26.84
CA GLN A 193 -34.34 75.02 -25.50
C GLN A 193 -34.32 73.48 -25.44
N VAL A 194 -33.50 72.91 -24.54
CA VAL A 194 -33.43 71.46 -24.25
C VAL A 194 -33.37 71.24 -22.73
N THR A 195 -33.98 70.13 -22.29
CA THR A 195 -34.19 69.73 -20.90
C THR A 195 -33.52 68.40 -20.62
N HIS A 196 -33.00 68.24 -19.39
CA HIS A 196 -32.13 67.13 -19.01
C HIS A 196 -32.55 66.66 -17.62
N GLU A 197 -33.67 65.92 -17.57
CA GLU A 197 -34.54 65.68 -16.40
C GLU A 197 -35.20 66.94 -15.79
N GLY A 198 -34.63 68.13 -15.98
CA GLY A 198 -35.23 69.42 -15.63
C GLY A 198 -34.51 70.61 -16.28
N SER A 199 -35.09 71.81 -16.13
CA SER A 199 -34.61 73.13 -16.60
C SER A 199 -34.42 73.30 -18.13
N THR A 200 -34.16 74.54 -18.57
CA THR A 200 -33.79 74.91 -19.96
C THR A 200 -32.82 76.10 -19.99
N VAL A 201 -32.11 76.27 -21.11
CA VAL A 201 -31.32 77.47 -21.47
C VAL A 201 -31.68 77.89 -22.91
N GLU A 202 -31.53 79.17 -23.24
CA GLU A 202 -31.96 79.74 -24.54
C GLU A 202 -30.80 80.31 -25.36
N LYS A 203 -30.86 80.11 -26.69
CA LYS A 203 -30.18 80.92 -27.72
C LYS A 203 -31.01 80.87 -29.01
N THR A 204 -30.93 81.92 -29.82
CA THR A 204 -31.51 82.04 -31.17
C THR A 204 -30.62 82.94 -32.04
N VAL A 205 -31.06 83.27 -33.26
CA VAL A 205 -30.49 84.28 -34.18
C VAL A 205 -31.59 84.80 -35.13
N ALA A 206 -31.34 85.92 -35.80
CA ALA A 206 -32.14 86.32 -36.96
C ALA A 206 -31.93 85.36 -38.16
N PRO A 207 -32.86 85.30 -39.13
CA PRO A 207 -32.63 84.63 -40.43
C PRO A 207 -31.45 85.25 -41.18
N ALA A 208 -30.85 84.53 -42.14
CA ALA A 208 -29.72 85.06 -42.92
C ALA A 208 -30.15 86.06 -44.01
N GLU A 209 -31.14 85.72 -44.84
CA GLU A 209 -31.56 86.53 -46.01
C GLU A 209 -32.80 87.41 -45.77
N CYS A 210 -33.40 87.35 -44.58
CA CYS A 210 -34.63 88.09 -44.21
C CYS A 210 -34.44 88.96 -42.95
CA GLN B 1 6.59 52.82 -24.17
C GLN B 1 6.23 51.97 -25.39
N VAL B 2 5.26 51.06 -25.29
CA VAL B 2 4.74 50.26 -26.42
C VAL B 2 3.95 51.14 -27.39
N THR B 3 3.93 50.81 -28.69
CA THR B 3 2.93 51.37 -29.62
C THR B 3 2.50 50.39 -30.71
N LEU B 4 1.27 50.57 -31.18
CA LEU B 4 0.44 49.66 -31.96
C LEU B 4 -0.52 50.46 -32.87
N MET B 5 -0.87 49.95 -34.05
CA MET B 5 -1.73 50.63 -35.04
C MET B 5 -2.16 49.68 -36.17
N GLU B 6 -3.37 49.87 -36.71
CA GLU B 6 -4.07 48.93 -37.60
C GLU B 6 -4.16 49.39 -39.06
N SER B 7 -3.09 49.95 -39.63
CA SER B 7 -3.15 50.71 -40.90
C SER B 7 -3.81 49.95 -42.06
N GLY B 8 -4.75 50.57 -42.76
CA GLY B 8 -5.50 49.96 -43.87
C GLY B 8 -6.45 50.92 -44.59
N PRO B 9 -7.13 50.46 -45.65
CA PRO B 9 -8.13 51.22 -46.39
C PRO B 9 -9.47 51.23 -45.65
N ALA B 10 -10.34 52.20 -45.97
CA ALA B 10 -11.55 52.46 -45.18
C ALA B 10 -12.78 51.61 -45.50
N LEU B 11 -12.95 51.16 -46.75
CA LEU B 11 -14.18 50.52 -47.22
C LEU B 11 -14.01 49.53 -48.37
N VAL B 12 -15.01 48.68 -48.57
CA VAL B 12 -14.88 47.45 -49.35
C VAL B 12 -16.20 47.01 -49.99
N LYS B 13 -16.16 46.40 -51.18
CA LYS B 13 -17.33 45.80 -51.84
C LYS B 13 -17.61 44.41 -51.26
N VAL B 14 -18.88 44.11 -50.97
CA VAL B 14 -19.31 43.02 -50.07
C VAL B 14 -18.53 41.73 -50.21
N THR B 15 -18.48 41.15 -51.40
CA THR B 15 -17.90 39.81 -51.53
C THR B 15 -16.37 39.80 -51.46
N GLN B 16 -15.70 40.95 -51.45
CA GLN B 16 -14.23 41.04 -51.43
C GLN B 16 -13.63 40.60 -50.08
N THR B 17 -12.29 40.51 -50.04
CA THR B 17 -11.52 40.36 -48.81
C THR B 17 -11.37 41.65 -48.02
N LEU B 18 -11.15 41.54 -46.73
CA LEU B 18 -10.43 42.54 -45.95
C LEU B 18 -8.99 42.08 -45.72
N ALA B 19 -8.00 42.97 -45.87
CA ALA B 19 -6.60 42.69 -45.55
C ALA B 19 -5.91 43.93 -44.94
N VAL B 20 -5.34 43.79 -43.74
CA VAL B 20 -4.87 44.92 -42.90
C VAL B 20 -3.69 44.49 -42.04
N THR B 21 -2.90 45.45 -41.56
CA THR B 21 -1.58 45.15 -40.95
C THR B 21 -1.28 45.98 -39.70
N CYS B 22 -0.38 45.47 -38.87
CA CYS B 22 0.01 46.02 -37.58
C CYS B 22 1.51 45.83 -37.30
N THR B 23 2.09 46.69 -36.45
CA THR B 23 3.55 46.90 -36.31
C THR B 23 4.02 46.77 -34.86
N PHE B 24 5.20 46.19 -34.62
CA PHE B 24 5.82 46.13 -33.29
C PHE B 24 6.53 47.44 -32.90
N SER B 25 6.57 47.76 -31.60
CA SER B 25 7.41 48.83 -31.07
C SER B 25 7.58 48.74 -29.55
N GLY B 26 8.81 48.83 -29.06
CA GLY B 26 9.13 48.71 -27.64
C GLY B 26 9.30 47.27 -27.14
N PHE B 27 9.42 46.28 -28.03
CA PHE B 27 9.45 44.86 -27.66
C PHE B 27 10.06 43.92 -28.71
N SER B 28 10.26 42.64 -28.35
CA SER B 28 10.85 41.62 -29.22
C SER B 28 9.85 40.57 -29.70
N ILE B 29 10.09 40.08 -30.91
CA ILE B 29 9.39 38.94 -31.53
C ILE B 29 9.61 37.62 -30.78
N ARG B 30 10.42 37.59 -29.71
CA ARG B 30 10.79 36.37 -28.96
C ARG B 30 10.33 36.35 -27.50
N ASP B 31 9.57 37.35 -27.06
CA ASP B 31 9.20 37.51 -25.65
C ASP B 31 8.29 36.38 -25.13
N SER B 32 8.81 35.46 -24.30
CA SER B 32 7.99 34.40 -23.67
C SER B 32 6.75 34.92 -22.94
N GLY B 33 6.89 36.09 -22.33
CA GLY B 33 5.83 36.74 -21.58
C GLY B 33 4.74 37.39 -22.43
N LYS B 34 4.98 37.69 -23.72
CA LYS B 34 4.09 38.57 -24.49
C LYS B 34 4.03 38.21 -25.99
N GLY B 35 2.88 38.43 -26.62
CA GLY B 35 2.56 38.02 -28.00
C GLY B 35 1.56 38.95 -28.66
N VAL B 36 0.96 38.58 -29.81
CA VAL B 36 0.12 39.51 -30.60
C VAL B 36 -1.19 38.87 -31.05
N ALA B 37 -2.27 39.65 -31.03
CA ALA B 37 -3.61 39.24 -31.39
C ALA B 37 -4.35 40.30 -32.22
N TRP B 38 -5.46 39.89 -32.84
CA TRP B 38 -6.43 40.75 -33.50
C TRP B 38 -7.84 40.55 -32.97
N ILE B 39 -8.58 41.65 -32.98
CA ILE B 39 -9.87 41.87 -32.34
C ILE B 39 -10.74 42.75 -33.26
N ARG B 40 -12.07 42.72 -33.12
CA ARG B 40 -12.98 43.69 -33.76
C ARG B 40 -14.13 44.08 -32.85
N GLN B 41 -14.64 45.28 -33.08
CA GLN B 41 -15.61 45.96 -32.23
C GLN B 41 -16.90 46.21 -33.04
N PRO B 42 -17.91 45.34 -32.87
CA PRO B 42 -19.26 45.56 -33.36
C PRO B 42 -19.78 47.00 -33.16
N PRO B 43 -20.60 47.54 -34.06
CA PRO B 43 -21.01 48.94 -34.01
C PRO B 43 -21.73 49.30 -32.71
N GLY B 44 -21.20 50.32 -32.02
CA GLY B 44 -21.82 50.93 -30.83
C GLY B 44 -22.09 49.99 -29.64
N GLY B 45 -21.46 48.82 -29.58
CA GLY B 45 -21.81 47.76 -28.63
C GLY B 45 -20.68 46.77 -28.31
N ALA B 46 -20.94 45.48 -28.54
CA ALA B 46 -20.08 44.35 -28.16
C ALA B 46 -18.68 44.33 -28.82
N LEU B 47 -17.84 43.40 -28.36
CA LEU B 47 -16.44 43.20 -28.75
C LEU B 47 -16.18 41.72 -29.09
N GLU B 48 -15.30 41.44 -30.04
CA GLU B 48 -15.12 40.09 -30.61
C GLU B 48 -13.67 39.84 -31.00
N TRP B 49 -13.04 38.84 -30.40
CA TRP B 49 -11.69 38.43 -30.75
C TRP B 49 -11.67 37.72 -32.10
N LEU B 50 -10.47 37.55 -32.66
CA LEU B 50 -10.28 36.71 -33.83
C LEU B 50 -9.18 35.66 -33.65
N THR B 51 -7.95 36.08 -33.39
CA THR B 51 -6.79 35.24 -33.67
C THR B 51 -5.50 35.75 -33.00
N SER B 52 -4.47 34.89 -32.91
CA SER B 52 -3.17 35.21 -32.31
C SER B 52 -1.98 34.50 -32.96
N ILE B 53 -0.82 35.17 -32.84
CA ILE B 53 0.50 34.57 -32.82
C ILE B 53 1.14 34.77 -31.43
N TYR B 54 2.04 33.87 -31.06
CA TYR B 54 2.92 33.96 -29.91
C TYR B 54 4.38 33.68 -30.32
N TRP B 55 5.33 34.04 -29.47
CA TRP B 55 6.78 33.92 -29.69
C TRP B 55 7.23 32.51 -30.06
N ASP B 56 6.48 31.50 -29.66
CA ASP B 56 6.70 30.10 -30.00
C ASP B 56 6.43 29.81 -31.49
N ASP B 57 5.89 30.78 -32.22
CA ASP B 57 5.50 30.74 -33.62
C ASP B 57 4.42 29.69 -33.96
N THR B 58 3.68 29.22 -32.95
CA THR B 58 2.37 28.54 -33.10
C THR B 58 1.27 29.54 -33.48
N LYS B 59 0.04 29.09 -33.74
CA LYS B 59 -1.04 29.96 -34.26
C LYS B 59 -2.40 29.51 -33.71
N TYR B 60 -3.36 30.42 -33.57
CA TYR B 60 -4.71 30.11 -33.04
C TYR B 60 -5.79 31.03 -33.60
N HIS B 61 -7.03 30.56 -33.68
CA HIS B 61 -8.19 31.37 -34.05
C HIS B 61 -9.50 30.71 -33.64
N ASP B 62 -10.58 31.47 -33.56
CA ASP B 62 -11.90 30.91 -33.26
C ASP B 62 -12.42 30.06 -34.41
N THR B 63 -12.76 28.82 -34.10
CA THR B 63 -13.60 27.92 -34.90
C THR B 63 -14.67 28.59 -35.75
N SER B 64 -15.39 29.54 -35.17
CA SER B 64 -16.76 29.83 -35.58
C SER B 64 -16.85 30.61 -36.87
N LEU B 65 -15.72 31.05 -37.41
CA LEU B 65 -15.56 31.63 -38.73
C LEU B 65 -14.39 30.99 -39.51
N LYS B 66 -13.86 29.84 -39.09
CA LYS B 66 -12.49 29.40 -39.43
C LYS B 66 -12.06 29.67 -40.86
N PRO B 67 -12.71 29.07 -41.88
CA PRO B 67 -12.24 29.19 -43.26
C PRO B 67 -12.22 30.63 -43.74
N ARG B 68 -13.01 31.50 -43.12
CA ARG B 68 -13.14 32.92 -43.44
C ARG B 68 -11.98 33.77 -42.96
N LEU B 69 -11.10 33.27 -42.09
CA LEU B 69 -10.06 34.05 -41.39
C LEU B 69 -8.66 33.58 -41.73
N THR B 70 -7.67 34.46 -41.62
CA THR B 70 -6.26 34.12 -41.79
C THR B 70 -5.35 35.07 -41.01
N ILE B 71 -4.22 34.56 -40.53
CA ILE B 71 -3.11 35.32 -39.93
C ILE B 71 -1.77 34.79 -40.41
N PHE B 72 -0.83 35.68 -40.68
CA PHE B 72 0.58 35.36 -40.63
C PHE B 72 1.40 36.63 -40.42
N ARG B 73 2.67 36.47 -40.06
CA ARG B 73 3.62 37.58 -39.99
C ARG B 73 4.87 37.27 -40.78
N ASP B 74 5.21 38.16 -41.69
CA ASP B 74 6.36 38.07 -42.58
C ASP B 74 7.62 38.51 -41.84
N THR B 75 8.50 37.60 -41.45
CA THR B 75 9.68 37.93 -40.63
C THR B 75 10.66 38.87 -41.33
N SER B 76 10.59 39.01 -42.67
CA SER B 76 11.40 40.02 -43.36
C SER B 76 10.97 41.44 -43.01
N GLN B 77 9.71 41.63 -42.58
CA GLN B 77 9.17 42.88 -42.05
C GLN B 77 9.11 42.88 -40.52
N THR B 78 8.90 41.70 -39.92
CA THR B 78 8.34 41.52 -38.57
C THR B 78 7.16 42.48 -38.32
N GLN B 79 6.13 42.36 -39.16
CA GLN B 79 4.82 43.00 -39.01
C GLN B 79 3.70 41.95 -39.21
N VAL B 80 2.58 42.11 -38.52
CA VAL B 80 1.53 41.09 -38.40
C VAL B 80 0.31 41.46 -39.24
N ILE B 81 -0.19 40.53 -40.05
CA ILE B 81 -1.24 40.80 -41.04
C ILE B 81 -2.51 40.00 -40.68
N LEU B 82 -3.66 40.66 -40.71
CA LEU B 82 -4.96 40.01 -40.59
C LEU B 82 -5.67 39.99 -41.95
N ILE B 83 -6.28 38.87 -42.33
CA ILE B 83 -7.12 38.74 -43.53
C ILE B 83 -8.46 38.05 -43.23
N LEU B 84 -9.54 38.54 -43.85
CA LEU B 84 -10.88 37.95 -43.83
C LEU B 84 -11.42 37.83 -45.27
N THR B 85 -11.98 36.68 -45.67
CA THR B 85 -12.12 36.32 -47.09
C THR B 85 -13.18 37.05 -47.88
N ASN B 86 -14.41 37.11 -47.38
CA ASN B 86 -15.57 37.46 -48.19
C ASN B 86 -16.63 38.05 -47.26
N MET B 87 -16.74 39.37 -47.26
CA MET B 87 -17.46 40.12 -46.23
C MET B 87 -18.99 39.99 -46.34
N ALA B 88 -19.66 40.60 -45.37
CA ALA B 88 -21.08 40.92 -45.29
C ALA B 88 -21.21 42.29 -44.61
N PRO B 89 -22.31 43.03 -44.78
CA PRO B 89 -22.45 44.36 -44.19
C PRO B 89 -22.16 44.36 -42.69
N LEU B 90 -22.65 43.34 -41.97
CA LEU B 90 -22.44 43.18 -40.52
C LEU B 90 -21.00 42.94 -40.06
N ASP B 91 -20.02 42.80 -40.96
CA ASP B 91 -18.59 42.84 -40.61
C ASP B 91 -18.08 44.28 -40.35
N THR B 92 -18.89 45.29 -40.65
CA THR B 92 -18.57 46.71 -40.42
C THR B 92 -18.31 46.97 -38.95
N ALA B 93 -17.08 47.41 -38.61
CA ALA B 93 -16.58 47.47 -37.23
C ALA B 93 -15.25 48.25 -37.10
N THR B 94 -14.85 48.60 -35.88
CA THR B 94 -13.45 48.95 -35.60
C THR B 94 -12.66 47.69 -35.37
N TYR B 95 -11.71 47.37 -36.22
CA TYR B 95 -10.77 46.29 -35.99
C TYR B 95 -9.62 46.81 -35.13
N TYR B 96 -9.07 45.97 -34.26
CA TYR B 96 -8.02 46.30 -33.28
C TYR B 96 -6.94 45.22 -33.26
N CYS B 97 -5.68 45.61 -33.34
CA CYS B 97 -4.56 44.74 -33.04
C CYS B 97 -4.07 45.02 -31.62
N GLY B 98 -3.44 44.03 -30.98
CA GLY B 98 -3.09 44.16 -29.58
C GLY B 98 -2.01 43.20 -29.15
N ARG B 99 -1.28 43.59 -28.10
CA ARG B 99 -0.21 42.79 -27.51
C ARG B 99 -0.75 41.99 -26.34
N ILE B 100 -0.69 40.69 -26.47
CA ILE B 100 -1.00 39.71 -25.44
C ILE B 100 0.12 39.74 -24.40
N ASN B 101 -0.21 39.52 -23.13
CA ASN B 101 0.72 39.32 -22.03
C ASN B 101 0.25 38.17 -21.14
N ASN B 102 1.16 37.33 -20.65
CA ASN B 102 0.81 36.10 -19.96
C ASN B 102 1.56 35.87 -18.67
N GLY B 103 0.81 35.61 -17.61
CA GLY B 103 1.32 34.96 -16.40
C GLY B 103 1.81 33.55 -16.69
N GLY B 104 1.21 32.89 -17.70
CA GLY B 104 1.67 31.60 -18.24
C GLY B 104 0.84 30.42 -17.77
N GLY B 105 1.20 29.20 -18.20
CA GLY B 105 0.41 27.99 -17.93
C GLY B 105 -1.03 28.12 -18.46
N TRP B 106 -1.18 28.79 -19.61
CA TRP B 106 -2.45 29.32 -20.12
C TRP B 106 -3.11 30.27 -19.10
N LYS B 107 -2.46 31.44 -18.88
CA LYS B 107 -3.00 32.61 -18.16
C LYS B 107 -2.56 33.89 -18.87
N ASP B 108 -3.50 34.60 -19.52
CA ASP B 108 -3.23 35.75 -20.40
C ASP B 108 -4.15 36.95 -20.14
N HIS B 109 -3.70 38.12 -20.56
CA HIS B 109 -4.49 39.35 -20.75
C HIS B 109 -3.97 40.11 -21.99
N ILE B 110 -4.64 41.15 -22.45
CA ILE B 110 -4.09 42.09 -23.44
C ILE B 110 -3.56 43.33 -22.73
N ASP B 111 -2.28 43.63 -22.95
CA ASP B 111 -1.48 44.63 -22.22
C ASP B 111 -1.57 46.03 -22.81
N PHE B 112 -1.70 46.09 -24.13
CA PHE B 112 -1.79 47.32 -24.88
C PHE B 112 -2.66 47.07 -26.12
N TRP B 113 -3.30 48.12 -26.60
CA TRP B 113 -4.11 48.12 -27.80
C TRP B 113 -3.64 49.28 -28.69
N GLY B 114 -3.73 49.16 -30.00
CA GLY B 114 -3.58 50.33 -30.89
C GLY B 114 -4.76 51.30 -30.75
N PRO B 115 -4.81 52.38 -31.54
CA PRO B 115 -5.99 53.24 -31.63
C PRO B 115 -7.20 52.53 -32.24
N GLY B 116 -7.03 51.43 -32.97
CA GLY B 116 -8.05 50.76 -33.78
C GLY B 116 -8.07 51.31 -35.21
N LEU B 117 -8.75 50.62 -36.13
CA LEU B 117 -9.19 51.20 -37.39
C LEU B 117 -10.63 50.79 -37.74
N LEU B 118 -11.46 51.77 -38.08
CA LEU B 118 -12.82 51.55 -38.52
C LEU B 118 -12.85 51.01 -39.94
N VAL B 119 -13.74 50.08 -40.20
CA VAL B 119 -13.92 49.43 -41.50
C VAL B 119 -15.39 49.40 -41.85
N THR B 120 -15.73 49.80 -43.07
CA THR B 120 -17.13 49.85 -43.51
C THR B 120 -17.36 49.02 -44.76
N VAL B 121 -18.33 48.12 -44.72
CA VAL B 121 -18.72 47.26 -45.85
C VAL B 121 -19.91 47.88 -46.58
N SER B 122 -19.90 47.95 -47.91
CA SER B 122 -21.05 48.48 -48.67
C SER B 122 -21.04 48.07 -50.14
N SER B 123 -22.16 48.23 -50.84
CA SER B 123 -22.15 48.31 -52.31
C SER B 123 -21.79 49.71 -52.84
N ALA B 124 -21.81 50.74 -52.00
CA ALA B 124 -21.50 52.13 -52.37
C ALA B 124 -19.99 52.39 -52.45
N SER B 125 -19.60 53.66 -52.49
CA SER B 125 -18.20 54.08 -52.48
C SER B 125 -18.04 55.49 -51.90
N THR B 126 -16.79 55.92 -51.67
CA THR B 126 -16.42 57.20 -51.04
C THR B 126 -17.02 58.43 -51.75
N LYS B 127 -17.27 59.50 -50.98
CA LYS B 127 -17.59 60.83 -51.49
C LYS B 127 -16.76 61.87 -50.74
N GLY B 128 -16.12 62.78 -51.45
CA GLY B 128 -15.18 63.73 -50.85
C GLY B 128 -15.85 64.68 -49.86
N PRO B 129 -15.17 65.05 -48.76
CA PRO B 129 -15.66 66.09 -47.84
C PRO B 129 -15.83 67.45 -48.54
N SER B 130 -16.83 68.22 -48.11
CA SER B 130 -17.02 69.65 -48.46
C SER B 130 -16.92 70.50 -47.19
N VAL B 131 -16.28 71.67 -47.23
CA VAL B 131 -15.79 72.40 -46.03
C VAL B 131 -16.16 73.88 -46.06
N PHE B 132 -16.51 74.46 -44.91
CA PHE B 132 -16.45 75.92 -44.68
C PHE B 132 -16.24 76.28 -43.20
N PRO B 133 -15.70 77.47 -42.87
CA PRO B 133 -15.48 77.86 -41.47
C PRO B 133 -16.77 78.04 -40.66
N LEU B 134 -16.68 77.73 -39.37
CA LEU B 134 -17.68 77.99 -38.32
C LEU B 134 -17.12 79.02 -37.34
N ALA B 135 -17.83 80.13 -37.18
CA ALA B 135 -17.60 81.15 -36.16
C ALA B 135 -18.92 81.94 -35.94
N PRO B 136 -19.04 82.72 -34.85
CA PRO B 136 -20.14 83.68 -34.71
C PRO B 136 -20.17 84.63 -35.92
N SER B 137 -21.24 84.56 -36.71
CA SER B 137 -21.30 85.17 -38.05
C SER B 137 -21.82 86.61 -38.02
N SER B 138 -22.10 87.21 -39.18
CA SER B 138 -22.52 88.61 -39.35
C SER B 138 -23.70 89.04 -38.44
N ARG B 139 -24.56 88.10 -38.04
CA ARG B 139 -25.74 88.34 -37.18
C ARG B 139 -25.65 87.74 -35.76
N SER B 140 -24.46 87.31 -35.27
CA SER B 140 -24.33 86.80 -33.89
C SER B 140 -22.91 86.92 -33.26
N THR B 141 -22.86 87.01 -31.93
CA THR B 141 -21.67 87.03 -31.07
C THR B 141 -21.95 86.43 -29.69
N SER B 142 -23.10 86.74 -29.08
CA SER B 142 -23.43 86.47 -27.67
C SER B 142 -23.89 85.03 -27.42
N GLU B 143 -23.04 84.06 -27.74
CA GLU B 143 -23.23 82.63 -27.47
C GLU B 143 -23.06 82.31 -25.96
N SER B 144 -23.80 81.33 -25.41
CA SER B 144 -23.71 80.97 -23.99
C SER B 144 -22.55 80.01 -23.64
N THR B 145 -22.02 79.27 -24.62
CA THR B 145 -20.60 78.83 -24.63
C THR B 145 -20.05 79.00 -26.04
N ALA B 146 -19.16 79.99 -26.21
CA ALA B 146 -18.62 80.41 -27.51
C ALA B 146 -17.68 79.37 -28.13
N ALA B 147 -17.74 79.22 -29.46
CA ALA B 147 -17.06 78.15 -30.18
C ALA B 147 -16.65 78.55 -31.62
N LEU B 148 -15.60 77.90 -32.12
CA LEU B 148 -15.03 78.07 -33.46
C LEU B 148 -14.73 76.69 -34.06
N GLY B 149 -14.88 76.49 -35.37
CA GLY B 149 -14.70 75.15 -35.97
C GLY B 149 -14.48 75.14 -37.47
N CYS B 150 -14.04 74.00 -37.99
CA CYS B 150 -13.94 73.75 -39.42
C CYS B 150 -15.12 72.82 -39.80
N LEU B 151 -16.25 73.37 -40.27
CA LEU B 151 -17.47 72.60 -40.53
C LEU B 151 -17.32 71.78 -41.82
N VAL B 152 -17.68 70.49 -41.79
CA VAL B 152 -17.54 69.59 -42.95
C VAL B 152 -18.85 68.84 -43.22
N LYS B 153 -19.24 68.74 -44.49
CA LYS B 153 -20.49 68.12 -44.94
C LYS B 153 -20.32 67.15 -46.10
N ASP B 154 -21.31 66.27 -46.25
CA ASP B 154 -21.47 65.32 -47.36
C ASP B 154 -20.33 64.30 -47.54
N TYR B 155 -19.49 64.09 -46.53
CA TYR B 155 -18.38 63.16 -46.60
C TYR B 155 -18.84 61.69 -46.48
N PHE B 156 -18.01 60.77 -46.98
CA PHE B 156 -18.03 59.35 -46.62
C PHE B 156 -16.74 58.65 -47.06
N PRO B 157 -16.11 57.82 -46.22
CA PRO B 157 -16.47 57.51 -44.84
C PRO B 157 -16.08 58.58 -43.83
N GLU B 158 -16.18 58.24 -42.54
CA GLU B 158 -16.03 59.12 -41.37
C GLU B 158 -14.67 59.81 -41.14
N PRO B 159 -13.49 59.19 -41.35
CA PRO B 159 -12.25 59.70 -40.75
C PRO B 159 -11.81 61.09 -41.22
N VAL B 160 -11.76 62.03 -40.27
CA VAL B 160 -11.34 63.43 -40.43
C VAL B 160 -10.86 64.00 -39.08
N THR B 161 -10.07 65.06 -39.08
CA THR B 161 -9.36 65.62 -37.91
C THR B 161 -9.34 67.16 -37.95
N VAL B 162 -9.30 67.82 -36.79
CA VAL B 162 -9.44 69.28 -36.65
C VAL B 162 -8.67 69.86 -35.45
N SER B 163 -8.19 71.09 -35.57
CA SER B 163 -7.57 71.92 -34.52
C SER B 163 -7.52 73.39 -35.00
N TRP B 164 -7.07 74.35 -34.21
CA TRP B 164 -6.96 75.76 -34.61
C TRP B 164 -5.54 76.31 -34.35
N ASN B 165 -5.20 77.46 -34.92
CA ASN B 165 -3.91 78.17 -34.83
C ASN B 165 -2.68 77.25 -35.03
N SER B 166 -2.26 77.04 -36.28
CA SER B 166 -1.19 76.10 -36.69
C SER B 166 -1.43 74.64 -36.29
N GLY B 167 -2.67 74.30 -35.94
CA GLY B 167 -3.03 73.00 -35.38
C GLY B 167 -2.49 72.79 -33.96
N SER B 168 -2.72 73.77 -33.07
CA SER B 168 -2.29 73.72 -31.65
C SER B 168 -3.39 74.16 -30.67
N LEU B 169 -4.15 75.21 -30.97
CA LEU B 169 -5.29 75.67 -30.18
C LEU B 169 -6.41 74.62 -30.24
N THR B 170 -6.63 73.92 -29.13
CA THR B 170 -7.47 72.70 -29.07
C THR B 170 -8.22 72.60 -27.73
N SER B 171 -8.58 73.75 -27.14
CA SER B 171 -9.35 73.88 -25.90
C SER B 171 -10.81 73.42 -26.07
N GLY B 172 -11.30 72.55 -25.19
CA GLY B 172 -12.72 72.14 -25.16
C GLY B 172 -13.26 71.57 -26.48
N VAL B 173 -12.51 70.66 -27.11
CA VAL B 173 -12.88 69.94 -28.34
C VAL B 173 -13.51 68.58 -28.03
N HIS B 174 -14.50 68.13 -28.81
CA HIS B 174 -14.93 66.73 -28.88
C HIS B 174 -15.76 66.38 -30.13
N THR B 175 -15.93 65.08 -30.39
CA THR B 175 -16.79 64.55 -31.47
C THR B 175 -18.26 64.55 -31.05
N PHE B 176 -19.06 65.43 -31.65
CA PHE B 176 -20.53 65.38 -31.57
C PHE B 176 -21.08 64.16 -32.34
N PRO B 177 -22.36 63.78 -32.12
CA PRO B 177 -23.01 62.74 -32.92
C PRO B 177 -22.98 63.10 -34.42
N ALA B 178 -22.40 62.25 -35.25
CA ALA B 178 -22.22 62.53 -36.68
C ALA B 178 -23.56 62.61 -37.42
N VAL B 179 -23.73 63.61 -38.27
CA VAL B 179 -24.93 63.76 -39.11
C VAL B 179 -24.92 62.73 -40.22
N LEU B 180 -26.07 62.12 -40.47
CA LEU B 180 -26.35 61.31 -41.66
C LEU B 180 -27.33 62.04 -42.58
N GLN B 181 -27.10 61.93 -43.89
CA GLN B 181 -27.99 62.35 -44.96
C GLN B 181 -28.50 61.10 -45.69
N SER B 182 -29.76 61.09 -46.13
CA SER B 182 -30.45 59.88 -46.66
C SER B 182 -29.82 59.28 -47.93
N SER B 183 -28.97 60.03 -48.64
CA SER B 183 -28.09 59.54 -49.72
C SER B 183 -27.00 58.58 -49.25
N GLY B 184 -26.79 58.49 -47.93
CA GLY B 184 -25.71 57.74 -47.27
C GLY B 184 -24.51 58.60 -46.88
N LEU B 185 -24.47 59.88 -47.28
CA LEU B 185 -23.40 60.81 -46.90
C LEU B 185 -23.54 61.27 -45.45
N TYR B 186 -22.47 61.82 -44.88
CA TYR B 186 -22.40 62.25 -43.49
C TYR B 186 -21.83 63.67 -43.35
N SER B 187 -22.05 64.32 -42.21
CA SER B 187 -21.62 65.70 -41.91
C SER B 187 -21.31 65.90 -40.42
N LEU B 188 -20.57 66.96 -40.08
CA LEU B 188 -20.17 67.31 -38.71
C LEU B 188 -20.20 68.82 -38.46
N SER B 189 -20.16 69.20 -37.19
CA SER B 189 -19.98 70.60 -36.75
C SER B 189 -19.15 70.70 -35.45
N SER B 190 -18.15 69.83 -35.28
CA SER B 190 -17.23 69.83 -34.13
C SER B 190 -16.42 71.14 -34.04
N VAL B 191 -16.05 71.53 -32.82
CA VAL B 191 -15.51 72.87 -32.50
C VAL B 191 -14.41 72.81 -31.46
N VAL B 192 -13.57 73.84 -31.48
CA VAL B 192 -12.77 74.31 -30.35
C VAL B 192 -13.60 75.32 -29.57
N THR B 193 -13.65 75.18 -28.24
CA THR B 193 -14.30 76.16 -27.36
C THR B 193 -13.37 77.36 -27.18
N VAL B 194 -13.78 78.55 -27.64
CA VAL B 194 -12.95 79.78 -27.69
C VAL B 194 -13.83 81.04 -27.46
N PRO B 195 -13.39 82.06 -26.71
CA PRO B 195 -14.18 83.28 -26.48
C PRO B 195 -14.49 84.07 -27.76
N SER B 196 -15.72 84.60 -27.88
CA SER B 196 -16.12 85.44 -29.02
C SER B 196 -15.74 86.93 -28.86
N SER B 197 -15.52 87.41 -27.63
CA SER B 197 -15.27 88.84 -27.34
C SER B 197 -13.83 89.31 -27.60
N SER B 198 -12.87 88.39 -27.73
CA SER B 198 -11.43 88.72 -27.75
C SER B 198 -10.90 89.28 -29.08
N LEU B 199 -11.66 89.20 -30.17
CA LEU B 199 -11.14 89.26 -31.56
C LEU B 199 -10.40 90.56 -31.93
N GLY B 200 -10.64 91.67 -31.21
CA GLY B 200 -9.90 92.93 -31.39
C GLY B 200 -8.45 92.90 -30.90
N THR B 201 -8.06 91.91 -30.09
CA THR B 201 -6.70 91.77 -29.50
C THR B 201 -6.14 90.34 -29.56
N GLN B 202 -6.99 89.32 -29.68
CA GLN B 202 -6.63 87.91 -29.77
C GLN B 202 -7.63 87.18 -30.67
N THR B 203 -7.17 86.70 -31.82
CA THR B 203 -8.01 86.16 -32.91
C THR B 203 -7.36 84.93 -33.59
N TYR B 204 -8.13 84.18 -34.39
CA TYR B 204 -7.91 82.74 -34.58
C TYR B 204 -8.08 82.20 -36.02
N VAL B 205 -7.50 81.01 -36.27
CA VAL B 205 -7.37 80.35 -37.60
C VAL B 205 -7.76 78.87 -37.55
N CYS B 206 -8.60 78.38 -38.46
CA CYS B 206 -8.96 76.97 -38.62
C CYS B 206 -7.80 76.12 -39.15
N ASN B 207 -7.68 74.87 -38.67
CA ASN B 207 -6.89 73.80 -39.26
C ASN B 207 -7.71 72.48 -39.32
N VAL B 208 -7.67 71.78 -40.46
CA VAL B 208 -8.45 70.56 -40.68
C VAL B 208 -7.70 69.60 -41.62
N ASN B 209 -7.93 68.29 -41.48
CA ASN B 209 -7.39 67.29 -42.40
C ASN B 209 -8.30 66.05 -42.48
N HIS B 210 -8.67 65.68 -43.71
CA HIS B 210 -9.29 64.39 -44.05
C HIS B 210 -8.30 63.22 -43.83
N LYS B 211 -8.69 61.97 -44.11
CA LYS B 211 -7.78 60.82 -44.03
C LYS B 211 -7.81 59.87 -45.24
N PRO B 212 -8.97 59.41 -45.74
CA PRO B 212 -9.06 58.71 -47.02
C PRO B 212 -8.39 59.47 -48.16
N SER B 213 -8.35 60.79 -48.06
CA SER B 213 -7.29 61.60 -48.62
C SER B 213 -6.66 62.40 -47.48
N ASN B 214 -5.36 62.65 -47.49
CA ASN B 214 -4.70 63.59 -46.55
C ASN B 214 -4.94 65.06 -46.97
N THR B 215 -6.21 65.44 -47.15
CA THR B 215 -6.60 66.79 -47.58
C THR B 215 -6.49 67.76 -46.39
N LYS B 216 -5.26 68.12 -46.03
CA LYS B 216 -4.94 69.11 -45.00
C LYS B 216 -5.13 70.55 -45.50
N VAL B 217 -5.81 71.38 -44.72
CA VAL B 217 -6.15 72.78 -45.03
C VAL B 217 -6.11 73.63 -43.75
N ASP B 218 -5.62 74.87 -43.87
CA ASP B 218 -5.79 75.93 -42.85
C ASP B 218 -6.55 77.12 -43.46
N LYS B 219 -7.33 77.85 -42.64
CA LYS B 219 -8.15 78.98 -43.09
C LYS B 219 -8.29 80.03 -42.00
N ARG B 220 -7.86 81.28 -42.22
CA ARG B 220 -8.05 82.38 -41.26
C ARG B 220 -9.51 82.83 -41.18
N VAL B 221 -10.02 83.10 -39.97
CA VAL B 221 -11.45 83.37 -39.68
C VAL B 221 -11.57 84.56 -38.71
N GLU B 222 -10.68 85.54 -38.86
CA GLU B 222 -10.25 86.42 -37.75
C GLU B 222 -11.21 87.59 -37.41
N ILE B 223 -12.20 87.89 -38.26
CA ILE B 223 -13.09 89.07 -38.15
C ILE B 223 -14.56 88.77 -38.50
N LYS B 224 -15.00 87.50 -38.35
CA LYS B 224 -16.22 86.98 -39.01
C LYS B 224 -17.54 87.61 -38.54
N THR B 225 -17.67 88.01 -37.27
CA THR B 225 -18.92 88.60 -36.75
C THR B 225 -19.13 90.05 -37.19
N CYS B 226 -20.40 90.45 -37.29
CA CYS B 226 -20.84 91.84 -37.53
C CYS B 226 -22.01 92.26 -36.62
N GLY B 227 -22.32 91.51 -35.55
CA GLY B 227 -23.46 91.78 -34.67
C GLY B 227 -23.55 90.87 -33.43
N GLY B 228 -24.37 91.29 -32.46
CA GLY B 228 -24.59 90.62 -31.15
C GLY B 228 -25.36 89.31 -31.23
CA GLN C 1 -18.13 30.91 -72.98
C GLN C 1 -17.60 31.27 -71.60
N VAL C 2 -16.28 31.23 -71.39
CA VAL C 2 -15.64 31.61 -70.12
C VAL C 2 -15.58 33.13 -69.95
N THR C 3 -15.69 33.61 -68.71
CA THR C 3 -15.31 34.99 -68.33
C THR C 3 -14.52 34.99 -67.03
N LEU C 4 -13.80 36.08 -66.75
CA LEU C 4 -12.96 36.26 -65.56
C LEU C 4 -13.18 37.67 -65.00
N MET C 5 -14.19 37.85 -64.17
CA MET C 5 -14.40 39.12 -63.49
C MET C 5 -13.29 39.35 -62.48
N GLU C 6 -12.70 40.55 -62.51
CA GLU C 6 -11.60 40.92 -61.64
C GLU C 6 -12.00 42.10 -60.75
N SER C 7 -11.71 42.03 -59.44
CA SER C 7 -12.09 43.08 -58.51
C SER C 7 -11.12 43.23 -57.35
N GLY C 8 -10.96 44.45 -56.85
CA GLY C 8 -10.04 44.79 -55.76
C GLY C 8 -10.09 46.27 -55.37
N PRO C 9 -9.31 46.68 -54.37
CA PRO C 9 -9.14 48.08 -54.03
C PRO C 9 -8.40 48.80 -55.15
N ALA C 10 -8.54 50.12 -55.22
CA ALA C 10 -7.90 50.95 -56.25
C ALA C 10 -6.51 51.48 -55.86
N LEU C 11 -6.33 51.79 -54.59
CA LEU C 11 -5.25 52.67 -54.16
C LEU C 11 -4.86 52.39 -52.72
N VAL C 12 -3.58 52.53 -52.39
CA VAL C 12 -3.07 52.28 -51.03
C VAL C 12 -1.75 53.00 -50.76
N LYS C 13 -1.39 53.21 -49.49
CA LYS C 13 -0.07 53.72 -49.10
C LYS C 13 1.04 52.71 -49.41
N VAL C 14 2.26 53.21 -49.67
CA VAL C 14 3.53 52.45 -49.55
C VAL C 14 3.65 51.78 -48.16
N THR C 15 4.44 50.71 -48.03
CA THR C 15 4.59 49.85 -46.82
C THR C 15 3.40 48.95 -46.46
N GLN C 16 2.23 49.18 -47.01
CA GLN C 16 1.06 48.33 -46.78
C GLN C 16 1.18 46.98 -47.51
N THR C 17 0.28 46.04 -47.21
CA THR C 17 0.01 44.82 -47.99
C THR C 17 -0.97 45.06 -49.13
N LEU C 18 -0.95 44.20 -50.16
CA LEU C 18 -1.95 44.16 -51.23
C LEU C 18 -2.71 42.85 -51.22
N ALA C 19 -4.00 42.91 -51.52
CA ALA C 19 -4.79 41.74 -51.86
C ALA C 19 -5.83 42.05 -52.95
N VAL C 20 -6.18 41.05 -53.77
CA VAL C 20 -7.09 41.20 -54.93
C VAL C 20 -7.87 39.93 -55.20
N THR C 21 -9.01 40.04 -55.88
CA THR C 21 -9.98 38.95 -56.06
C THR C 21 -10.39 38.77 -57.51
N CYS C 22 -10.64 37.54 -57.89
CA CYS C 22 -11.09 37.21 -59.24
C CYS C 22 -12.05 36.03 -59.19
N THR C 23 -13.11 36.07 -60.00
CA THR C 23 -14.16 35.04 -60.09
C THR C 23 -14.51 34.77 -61.54
N PHE C 24 -14.59 33.50 -61.89
CA PHE C 24 -14.84 33.01 -63.24
C PHE C 24 -16.35 32.88 -63.55
N SER C 25 -16.67 32.77 -64.84
CA SER C 25 -17.85 32.07 -65.33
C SER C 25 -17.41 30.96 -66.29
N GLY C 26 -18.14 29.85 -66.32
CA GLY C 26 -17.56 28.55 -66.65
C GLY C 26 -17.01 27.83 -65.40
N PHE C 27 -16.47 26.63 -65.57
CA PHE C 27 -16.27 25.70 -64.46
C PHE C 27 -15.07 25.99 -63.55
N SER C 28 -15.18 25.52 -62.31
CA SER C 28 -14.15 25.55 -61.26
C SER C 28 -13.41 24.22 -61.07
N ILE C 29 -13.62 23.26 -61.98
CA ILE C 29 -13.18 21.86 -61.85
C ILE C 29 -11.74 21.77 -61.37
N ARG C 30 -11.49 21.01 -60.30
CA ARG C 30 -10.16 20.85 -59.71
C ARG C 30 -9.20 20.13 -60.67
N ASP C 31 -9.72 19.15 -61.37
CA ASP C 31 -9.02 18.40 -62.42
C ASP C 31 -8.97 19.24 -63.74
N SER C 32 -9.23 18.62 -64.90
CA SER C 32 -9.17 19.21 -66.24
C SER C 32 -7.77 19.69 -66.63
N GLY C 33 -7.59 20.08 -67.89
CA GLY C 33 -6.36 20.77 -68.29
C GLY C 33 -6.26 22.17 -67.67
N LYS C 34 -7.37 22.72 -67.17
CA LYS C 34 -7.47 24.13 -66.83
C LYS C 34 -6.69 24.47 -65.56
N GLY C 35 -6.13 25.67 -65.54
CA GLY C 35 -5.48 26.31 -64.39
C GLY C 35 -5.72 27.82 -64.40
N VAL C 36 -5.21 28.51 -63.39
CA VAL C 36 -5.47 29.93 -63.11
C VAL C 36 -4.15 30.66 -62.92
N ALA C 37 -4.08 31.96 -63.19
CA ALA C 37 -2.85 32.75 -63.08
C ALA C 37 -3.09 34.24 -62.75
N TRP C 38 -2.00 34.96 -62.43
CA TRP C 38 -1.97 36.41 -62.22
C TRP C 38 -0.75 37.05 -62.88
N ILE C 39 -0.91 38.30 -63.31
CA ILE C 39 0.11 39.14 -63.96
C ILE C 39 0.06 40.57 -63.40
N ARG C 40 1.20 41.29 -63.45
CA ARG C 40 1.22 42.74 -63.18
C ARG C 40 2.16 43.49 -64.13
N GLN C 41 2.09 44.83 -64.14
CA GLN C 41 2.88 45.70 -65.01
C GLN C 41 2.96 47.11 -64.42
N PRO C 42 4.14 47.67 -64.13
CA PRO C 42 4.22 49.10 -63.90
C PRO C 42 3.94 49.83 -65.21
N PRO C 43 3.09 50.88 -65.24
CA PRO C 43 2.99 51.78 -66.38
C PRO C 43 4.36 52.36 -66.77
N GLY C 44 4.65 52.40 -68.08
CA GLY C 44 6.01 52.69 -68.60
C GLY C 44 6.94 51.47 -68.72
N GLY C 45 6.42 50.25 -68.58
CA GLY C 45 7.20 49.00 -68.66
C GLY C 45 6.40 47.77 -69.08
N ALA C 46 7.07 46.62 -69.12
CA ALA C 46 6.55 45.34 -69.58
C ALA C 46 5.55 44.66 -68.62
N LEU C 47 4.79 43.70 -69.15
CA LEU C 47 4.02 42.74 -68.36
C LEU C 47 4.95 41.71 -67.68
N GLU C 48 4.59 41.24 -66.49
CA GLU C 48 5.40 40.30 -65.71
C GLU C 48 4.60 39.28 -64.88
N TRP C 49 5.26 38.16 -64.63
CA TRP C 49 4.78 36.99 -63.90
C TRP C 49 4.64 37.21 -62.40
N LEU C 50 3.67 36.50 -61.78
CA LEU C 50 3.58 36.30 -60.32
C LEU C 50 3.43 34.82 -59.93
N THR C 51 2.28 34.20 -60.22
CA THR C 51 1.94 32.88 -59.66
C THR C 51 0.79 32.23 -60.41
N SER C 52 0.58 30.93 -60.20
CA SER C 52 -0.48 30.13 -60.83
C SER C 52 -1.01 29.00 -59.92
N ILE C 53 -2.26 28.57 -60.17
CA ILE C 53 -2.85 27.30 -59.72
C ILE C 53 -3.03 26.37 -60.92
N TYR C 54 -2.52 25.16 -60.85
CA TYR C 54 -2.58 24.15 -61.92
C TYR C 54 -3.90 23.33 -61.79
N TRP C 55 -3.97 22.12 -62.35
CA TRP C 55 -4.94 21.11 -61.90
C TRP C 55 -4.50 20.50 -60.55
N ASP C 56 -5.46 20.09 -59.72
CA ASP C 56 -5.30 19.88 -58.28
C ASP C 56 -4.74 21.13 -57.54
N ASP C 57 -4.51 21.05 -56.22
CA ASP C 57 -3.99 22.15 -55.37
C ASP C 57 -2.51 22.50 -55.64
N THR C 58 -2.02 22.10 -56.79
CA THR C 58 -0.72 22.45 -57.33
C THR C 58 -0.64 23.94 -57.53
N LYS C 59 0.39 24.57 -56.98
CA LYS C 59 0.61 26.01 -57.07
C LYS C 59 2.10 26.34 -57.05
N TYR C 60 2.54 27.40 -57.72
CA TYR C 60 3.90 27.94 -57.56
C TYR C 60 4.04 29.37 -58.12
N HIS C 61 5.25 29.92 -58.00
CA HIS C 61 5.62 31.34 -58.05
C HIS C 61 7.10 31.44 -58.45
N ASP C 62 7.58 32.62 -58.86
CA ASP C 62 9.03 32.84 -58.98
C ASP C 62 9.66 32.94 -57.58
N THR C 63 10.74 32.18 -57.33
CA THR C 63 11.51 32.28 -56.10
C THR C 63 11.88 33.72 -55.74
N SER C 64 12.09 34.60 -56.71
CA SER C 64 12.41 36.01 -56.45
C SER C 64 11.32 36.74 -55.64
N LEU C 65 10.09 36.25 -55.67
CA LEU C 65 8.97 36.81 -54.95
C LEU C 65 8.77 36.15 -53.58
N LYS C 66 9.25 34.92 -53.41
CA LYS C 66 8.70 33.92 -52.47
C LYS C 66 8.26 34.49 -51.12
N PRO C 67 9.13 35.07 -50.28
CA PRO C 67 8.73 35.44 -48.94
C PRO C 67 7.64 36.52 -48.92
N ARG C 68 7.53 37.38 -49.95
CA ARG C 68 6.49 38.42 -49.98
C ARG C 68 5.10 37.89 -50.27
N LEU C 69 4.97 36.68 -50.80
CA LEU C 69 3.82 36.29 -51.61
C LEU C 69 3.07 35.11 -51.00
N THR C 70 1.74 35.14 -51.07
CA THR C 70 0.92 33.94 -50.82
C THR C 70 -0.43 34.02 -51.51
N ILE C 71 -1.08 32.87 -51.69
CA ILE C 71 -2.12 32.66 -52.70
C ILE C 71 -3.04 31.55 -52.22
N PHE C 72 -4.33 31.83 -52.06
CA PHE C 72 -5.32 30.78 -51.87
C PHE C 72 -6.68 31.16 -52.41
N ARG C 73 -7.37 30.16 -52.93
CA ARG C 73 -8.75 30.29 -53.35
C ARG C 73 -9.69 30.00 -52.20
N ASP C 74 -10.94 30.34 -52.41
CA ASP C 74 -12.06 29.64 -51.80
C ASP C 74 -13.14 29.50 -52.87
N THR C 75 -13.16 28.35 -53.56
CA THR C 75 -14.21 28.06 -54.54
C THR C 75 -15.55 27.73 -53.88
N SER C 76 -15.61 27.38 -52.59
CA SER C 76 -16.88 27.34 -51.85
C SER C 76 -17.45 28.76 -51.70
N GLN C 77 -16.57 29.76 -51.72
CA GLN C 77 -16.88 31.18 -51.90
C GLN C 77 -16.63 31.67 -53.34
N THR C 78 -16.53 30.78 -54.33
CA THR C 78 -16.43 31.07 -55.79
C THR C 78 -15.25 31.97 -56.20
N GLN C 79 -14.19 32.05 -55.42
CA GLN C 79 -13.21 33.13 -55.54
C GLN C 79 -11.76 32.66 -55.55
N VAL C 80 -10.91 33.38 -56.29
CA VAL C 80 -9.45 33.27 -56.26
C VAL C 80 -8.86 34.55 -55.67
N ILE C 81 -7.89 34.42 -54.77
CA ILE C 81 -7.30 35.55 -54.04
C ILE C 81 -5.78 35.49 -54.11
N LEU C 82 -5.15 36.63 -54.41
CA LEU C 82 -3.70 36.80 -54.34
C LEU C 82 -3.34 37.83 -53.26
N ILE C 83 -2.26 37.60 -52.52
CA ILE C 83 -1.83 38.39 -51.36
C ILE C 83 -0.33 38.70 -51.43
N LEU C 84 0.06 39.94 -51.11
CA LEU C 84 1.45 40.43 -51.21
C LEU C 84 1.84 41.35 -50.04
N THR C 85 3.07 41.24 -49.54
CA THR C 85 3.57 42.05 -48.42
C THR C 85 4.36 43.28 -48.84
N ASN C 86 4.11 44.37 -48.11
CA ASN C 86 4.95 45.57 -48.02
C ASN C 86 5.35 46.13 -49.38
N MET C 87 4.42 46.85 -50.02
CA MET C 87 4.65 47.52 -51.30
C MET C 87 5.75 48.57 -51.18
N ALA C 88 6.83 48.38 -51.94
CA ALA C 88 7.71 49.47 -52.35
C ALA C 88 7.03 50.23 -53.52
N PRO C 89 7.33 51.51 -53.78
CA PRO C 89 6.55 52.32 -54.72
C PRO C 89 6.45 51.70 -56.12
N LEU C 90 7.51 51.06 -56.60
CA LEU C 90 7.55 50.38 -57.89
C LEU C 90 6.64 49.14 -58.00
N ASP C 91 6.08 48.66 -56.90
CA ASP C 91 5.00 47.68 -56.96
C ASP C 91 3.68 48.31 -57.46
N THR C 92 3.58 49.64 -57.57
CA THR C 92 2.44 50.30 -58.25
C THR C 92 2.34 49.81 -59.68
N ALA C 93 1.23 49.21 -60.06
CA ALA C 93 1.16 48.50 -61.32
C ALA C 93 -0.27 48.29 -61.78
N THR C 94 -0.44 48.12 -63.07
CA THR C 94 -1.57 47.35 -63.58
C THR C 94 -1.46 45.91 -63.06
N TYR C 95 -2.59 45.24 -62.88
CA TYR C 95 -2.73 43.84 -62.53
C TYR C 95 -3.79 43.18 -63.39
N TYR C 96 -3.70 41.85 -63.55
CA TYR C 96 -4.62 41.01 -64.30
C TYR C 96 -4.70 39.59 -63.69
N CYS C 97 -5.88 38.99 -63.65
CA CYS C 97 -6.07 37.54 -63.45
C CYS C 97 -6.36 36.82 -64.78
N GLY C 98 -6.01 35.53 -64.86
CA GLY C 98 -6.05 34.75 -66.11
C GLY C 98 -6.17 33.24 -65.96
N ARG C 99 -6.24 32.56 -67.10
CA ARG C 99 -6.50 31.11 -67.24
C ARG C 99 -5.40 30.43 -68.04
N ILE C 100 -5.18 29.15 -67.73
CA ILE C 100 -4.21 28.21 -68.29
C ILE C 100 -4.97 26.97 -68.76
N ASN C 101 -4.45 26.20 -69.74
CA ASN C 101 -5.03 24.90 -70.14
C ASN C 101 -3.95 23.85 -70.50
N ASN C 102 -4.26 22.54 -70.54
CA ASN C 102 -3.22 21.53 -70.79
C ASN C 102 -3.20 21.05 -72.24
N GLY C 103 -2.01 21.09 -72.83
CA GLY C 103 -1.66 20.36 -74.04
C GLY C 103 -1.07 18.99 -73.70
N GLY C 104 0.17 18.77 -74.11
CA GLY C 104 0.91 17.53 -73.86
C GLY C 104 1.39 17.36 -72.42
N GLY C 105 2.08 16.25 -72.14
CA GLY C 105 2.63 15.95 -70.82
C GLY C 105 3.58 17.05 -70.36
N TRP C 106 3.16 17.80 -69.36
CA TRP C 106 3.87 18.98 -68.85
C TRP C 106 4.12 20.07 -69.94
N LYS C 107 3.24 20.27 -70.94
CA LYS C 107 3.21 21.46 -71.83
C LYS C 107 1.79 22.01 -72.05
N ASP C 108 1.61 23.33 -71.99
CA ASP C 108 0.33 23.96 -71.64
C ASP C 108 0.01 25.27 -72.38
N HIS C 109 -1.28 25.58 -72.49
CA HIS C 109 -1.88 26.79 -73.06
C HIS C 109 -1.93 27.95 -72.08
N ILE C 110 -1.77 29.18 -72.57
CA ILE C 110 -1.56 30.41 -71.77
C ILE C 110 -2.26 31.57 -72.48
N ASP C 111 -3.60 31.71 -72.37
CA ASP C 111 -4.38 32.33 -73.46
C ASP C 111 -5.56 33.26 -73.15
N PHE C 112 -6.06 33.38 -71.92
CA PHE C 112 -7.30 34.09 -71.67
C PHE C 112 -7.33 34.81 -70.32
N TRP C 113 -8.03 35.96 -70.25
CA TRP C 113 -7.74 36.99 -69.26
C TRP C 113 -8.97 37.78 -68.80
N GLY C 114 -8.96 38.27 -67.56
CA GLY C 114 -9.94 39.24 -67.07
C GLY C 114 -9.65 40.68 -67.56
N PRO C 115 -10.39 41.69 -67.04
CA PRO C 115 -10.23 43.10 -67.44
C PRO C 115 -8.99 43.82 -66.91
N GLY C 116 -8.41 43.38 -65.79
CA GLY C 116 -7.28 44.04 -65.12
C GLY C 116 -7.63 45.31 -64.32
N LEU C 117 -6.72 45.75 -63.45
CA LEU C 117 -6.88 46.92 -62.56
C LEU C 117 -5.57 47.65 -62.34
N LEU C 118 -5.60 48.97 -62.11
CA LEU C 118 -4.45 49.70 -61.57
C LEU C 118 -4.42 49.56 -60.05
N VAL C 119 -3.45 48.81 -59.54
CA VAL C 119 -3.02 48.91 -58.15
C VAL C 119 -2.17 50.16 -58.00
N THR C 120 -2.81 51.24 -57.57
CA THR C 120 -2.11 52.49 -57.28
C THR C 120 -1.34 52.36 -55.96
N VAL C 121 -0.07 52.75 -55.89
CA VAL C 121 0.62 52.93 -54.61
C VAL C 121 1.34 54.26 -54.56
N SER C 122 1.37 54.91 -53.40
CA SER C 122 1.99 56.23 -53.18
C SER C 122 2.31 56.50 -51.71
N SER C 123 3.15 57.50 -51.42
CA SER C 123 3.23 58.08 -50.08
C SER C 123 1.95 58.85 -49.76
N ALA C 124 1.49 58.83 -48.51
CA ALA C 124 0.36 59.65 -48.06
C ALA C 124 0.67 61.16 -47.99
N SER C 125 1.96 61.53 -47.97
CA SER C 125 2.48 62.91 -47.85
C SER C 125 1.98 63.82 -48.99
N THR C 126 0.85 64.48 -48.75
CA THR C 126 0.06 65.24 -49.75
C THR C 126 -0.75 66.34 -49.04
N LYS C 127 -1.25 67.31 -49.81
CA LYS C 127 -1.84 68.57 -49.32
C LYS C 127 -3.23 68.83 -49.90
N GLY C 128 -3.94 69.86 -49.42
CA GLY C 128 -5.27 70.26 -49.90
C GLY C 128 -5.39 71.53 -50.76
N PRO C 129 -4.48 71.86 -51.70
CA PRO C 129 -4.60 73.05 -52.56
C PRO C 129 -5.74 72.93 -53.58
N SER C 130 -6.21 74.05 -54.11
CA SER C 130 -7.16 74.09 -55.22
C SER C 130 -6.50 73.81 -56.58
N VAL C 131 -7.33 73.74 -57.64
CA VAL C 131 -6.89 74.03 -59.01
C VAL C 131 -6.70 75.55 -59.19
N PHE C 132 -5.97 75.98 -60.21
CA PHE C 132 -5.64 77.39 -60.48
C PHE C 132 -5.71 77.74 -61.98
N PRO C 133 -5.86 79.04 -62.33
CA PRO C 133 -6.04 79.45 -63.73
C PRO C 133 -4.75 79.46 -64.57
N LEU C 134 -4.91 79.31 -65.88
CA LEU C 134 -3.98 79.73 -66.94
C LEU C 134 -4.59 80.82 -67.85
N ALA C 135 -5.78 81.30 -67.50
CA ALA C 135 -6.71 82.01 -68.37
C ALA C 135 -6.19 83.36 -68.92
N PRO C 136 -6.74 83.85 -70.05
CA PRO C 136 -6.41 85.16 -70.63
C PRO C 136 -6.68 86.39 -69.72
N SER C 137 -7.19 86.20 -68.50
CA SER C 137 -7.19 87.20 -67.41
C SER C 137 -5.79 87.84 -67.20
N SER C 138 -4.72 87.10 -67.50
CA SER C 138 -3.40 87.64 -67.83
C SER C 138 -2.98 87.13 -69.21
N ARG C 139 -2.18 87.91 -69.96
CA ARG C 139 -1.88 87.70 -71.40
C ARG C 139 -0.98 86.47 -71.68
N SER C 140 -1.44 85.27 -71.31
CA SER C 140 -0.84 83.98 -71.68
C SER C 140 -0.97 83.70 -73.18
N THR C 141 -2.20 83.64 -73.71
CA THR C 141 -2.51 83.50 -75.14
C THR C 141 -3.83 84.20 -75.49
N SER C 142 -4.05 84.48 -76.78
CA SER C 142 -5.26 85.15 -77.29
C SER C 142 -6.54 84.33 -77.08
N GLU C 143 -7.70 84.99 -77.08
CA GLU C 143 -9.04 84.40 -76.85
C GLU C 143 -9.35 83.22 -77.79
N SER C 144 -8.83 83.28 -79.02
CA SER C 144 -8.98 82.27 -80.08
C SER C 144 -8.16 80.99 -79.85
N THR C 145 -7.27 80.93 -78.85
CA THR C 145 -6.45 79.74 -78.59
C THR C 145 -5.97 79.67 -77.13
N ALA C 146 -6.81 79.13 -76.24
CA ALA C 146 -6.53 79.10 -74.80
C ALA C 146 -7.28 77.97 -74.05
N ALA C 147 -6.77 77.56 -72.89
CA ALA C 147 -7.50 76.78 -71.88
C ALA C 147 -7.39 77.47 -70.52
N LEU C 148 -8.44 77.43 -69.71
CA LEU C 148 -8.61 78.37 -68.59
C LEU C 148 -8.02 77.90 -67.25
N GLY C 149 -7.88 76.59 -67.01
CA GLY C 149 -7.54 76.01 -65.70
C GLY C 149 -6.75 74.70 -65.75
N CYS C 150 -7.13 73.71 -64.93
CA CYS C 150 -6.50 72.38 -64.81
C CYS C 150 -4.99 72.35 -64.46
N LEU C 151 -4.52 73.23 -63.58
CA LEU C 151 -3.24 73.12 -62.86
C LEU C 151 -3.47 73.01 -61.33
N VAL C 152 -2.90 72.00 -60.66
CA VAL C 152 -2.89 71.89 -59.18
C VAL C 152 -1.47 72.08 -58.64
N LYS C 153 -1.32 72.91 -57.60
CA LYS C 153 -0.06 73.47 -57.01
C LYS C 153 1.21 72.63 -57.22
N ASP C 154 1.60 71.82 -56.25
CA ASP C 154 2.66 70.80 -56.35
C ASP C 154 2.60 69.84 -55.14
N TYR C 155 3.26 68.68 -55.25
CA TYR C 155 3.11 67.52 -54.36
C TYR C 155 4.25 66.51 -54.59
N PHE C 156 4.45 65.50 -53.73
CA PHE C 156 5.44 64.44 -54.02
C PHE C 156 4.98 63.41 -55.09
N PRO C 157 3.82 62.73 -54.98
CA PRO C 157 3.38 61.76 -55.98
C PRO C 157 2.52 62.38 -57.12
N GLU C 158 2.84 62.09 -58.38
CA GLU C 158 1.91 62.27 -59.51
C GLU C 158 0.75 61.25 -59.43
N PRO C 159 -0.42 61.46 -60.10
CA PRO C 159 -0.73 62.54 -61.04
C PRO C 159 -1.94 63.43 -60.63
N VAL C 160 -2.04 64.59 -61.27
CA VAL C 160 -3.33 65.27 -61.51
C VAL C 160 -4.09 64.51 -62.61
N THR C 161 -5.41 64.39 -62.50
CA THR C 161 -6.28 63.64 -63.44
C THR C 161 -6.51 64.38 -64.77
N VAL C 162 -5.43 64.75 -65.46
CA VAL C 162 -5.42 65.43 -66.76
C VAL C 162 -6.02 64.56 -67.86
N SER C 163 -6.95 65.10 -68.66
CA SER C 163 -7.44 64.47 -69.90
C SER C 163 -7.89 65.51 -70.94
N TRP C 164 -7.79 65.13 -72.22
CA TRP C 164 -8.19 65.90 -73.40
C TRP C 164 -8.64 64.94 -74.52
N ASN C 165 -9.34 65.46 -75.53
CA ASN C 165 -9.94 64.69 -76.63
C ASN C 165 -10.95 63.63 -76.12
N SER C 166 -11.02 62.43 -76.72
CA SER C 166 -11.94 61.31 -76.43
C SER C 166 -13.42 61.50 -76.81
N GLY C 167 -13.79 62.67 -77.37
CA GLY C 167 -15.07 62.87 -78.06
C GLY C 167 -15.06 62.35 -79.51
N SER C 168 -16.05 62.77 -80.29
CA SER C 168 -16.12 62.49 -81.75
C SER C 168 -15.03 63.21 -82.56
N LEU C 169 -14.48 64.32 -82.06
CA LEU C 169 -13.41 65.10 -82.67
C LEU C 169 -12.02 64.48 -82.44
N THR C 170 -11.81 63.25 -82.92
CA THR C 170 -10.55 62.49 -82.68
C THR C 170 -9.30 63.11 -83.34
N SER C 171 -9.47 64.06 -84.27
CA SER C 171 -8.41 64.73 -85.03
C SER C 171 -8.53 66.27 -84.99
N GLY C 172 -7.43 66.97 -85.23
CA GLY C 172 -7.34 68.45 -85.24
C GLY C 172 -7.29 69.09 -83.85
N VAL C 173 -8.06 68.57 -82.89
CA VAL C 173 -7.95 68.84 -81.45
C VAL C 173 -7.35 67.63 -80.71
N HIS C 174 -6.46 66.89 -81.39
CA HIS C 174 -5.70 65.77 -80.83
C HIS C 174 -4.75 66.23 -79.72
N THR C 175 -4.39 65.31 -78.82
CA THR C 175 -3.87 65.59 -77.47
C THR C 175 -2.41 66.09 -77.43
N PHE C 176 -2.00 66.68 -76.31
CA PHE C 176 -0.61 66.88 -75.92
C PHE C 176 -0.34 66.14 -74.59
N PRO C 177 0.09 64.86 -74.62
CA PRO C 177 0.17 64.01 -73.43
C PRO C 177 1.18 64.50 -72.38
N ALA C 178 0.85 64.36 -71.10
CA ALA C 178 1.67 64.81 -69.97
C ALA C 178 1.60 63.84 -68.77
N VAL C 179 2.67 63.76 -67.97
CA VAL C 179 2.75 62.84 -66.81
C VAL C 179 3.61 63.36 -65.62
N LEU C 180 4.50 64.34 -65.80
CA LEU C 180 5.36 64.88 -64.73
C LEU C 180 5.73 66.36 -64.93
N GLN C 181 5.87 67.10 -63.83
CA GLN C 181 6.70 68.31 -63.77
C GLN C 181 7.34 68.42 -62.38
N SER C 182 8.62 68.07 -62.28
CA SER C 182 9.53 68.23 -61.13
C SER C 182 9.86 69.71 -60.77
N SER C 183 8.84 70.56 -60.71
CA SER C 183 8.86 71.98 -60.36
C SER C 183 9.09 72.23 -58.86
N GLY C 184 10.26 71.83 -58.35
CA GLY C 184 10.59 71.77 -56.92
C GLY C 184 9.92 70.59 -56.20
N LEU C 185 8.65 70.37 -56.52
CA LEU C 185 7.85 69.17 -56.29
C LEU C 185 7.06 68.84 -57.57
N TYR C 186 6.57 67.61 -57.67
CA TYR C 186 5.80 67.10 -58.82
C TYR C 186 4.48 67.88 -59.01
N SER C 187 3.96 67.94 -60.24
CA SER C 187 3.01 68.96 -60.71
C SER C 187 2.49 68.62 -62.11
N LEU C 188 1.21 68.88 -62.40
CA LEU C 188 0.65 68.59 -63.73
C LEU C 188 -0.41 69.60 -64.20
N SER C 189 -0.43 69.78 -65.53
CA SER C 189 -1.47 70.41 -66.35
C SER C 189 -1.23 70.02 -67.81
N SER C 190 -2.20 70.22 -68.70
CA SER C 190 -1.98 70.22 -70.17
C SER C 190 -3.02 71.08 -70.90
N VAL C 191 -2.73 71.49 -72.13
CA VAL C 191 -3.51 72.49 -72.89
C VAL C 191 -3.74 72.02 -74.34
N VAL C 192 -4.87 72.41 -74.94
CA VAL C 192 -5.14 72.28 -76.39
C VAL C 192 -5.50 73.64 -76.98
N THR C 193 -5.25 73.84 -78.27
CA THR C 193 -5.29 75.14 -78.97
C THR C 193 -6.69 75.70 -79.29
N VAL C 194 -7.76 75.17 -78.68
CA VAL C 194 -9.15 75.59 -78.90
C VAL C 194 -9.42 77.05 -78.46
N PRO C 195 -10.35 77.81 -79.08
CA PRO C 195 -10.86 79.07 -78.51
C PRO C 195 -11.52 78.88 -77.14
N SER C 196 -11.51 79.91 -76.28
CA SER C 196 -12.24 79.85 -75.00
C SER C 196 -12.58 81.22 -74.40
N SER C 197 -11.61 81.86 -73.73
CA SER C 197 -11.74 83.09 -72.90
C SER C 197 -12.60 82.98 -71.63
N SER C 198 -13.72 82.24 -71.65
CA SER C 198 -14.69 82.16 -70.52
C SER C 198 -15.55 80.89 -70.58
N LEU C 199 -16.30 80.59 -69.51
CA LEU C 199 -17.40 79.59 -69.53
C LEU C 199 -18.64 80.06 -70.35
N GLY C 200 -18.57 81.21 -71.02
CA GLY C 200 -19.75 81.87 -71.61
C GLY C 200 -20.41 81.12 -72.77
N THR C 201 -19.64 80.34 -73.55
CA THR C 201 -20.13 79.60 -74.74
C THR C 201 -19.93 78.09 -74.66
N GLN C 202 -18.98 77.61 -73.86
CA GLN C 202 -18.68 76.18 -73.66
C GLN C 202 -17.89 75.98 -72.36
N THR C 203 -17.79 74.73 -71.90
CA THR C 203 -17.20 74.32 -70.60
C THR C 203 -15.66 74.40 -70.56
N TYR C 204 -15.07 75.51 -71.01
CA TYR C 204 -13.63 75.72 -71.06
C TYR C 204 -12.96 75.98 -69.70
N VAL C 205 -13.75 76.31 -68.67
CA VAL C 205 -13.30 76.36 -67.27
C VAL C 205 -13.00 74.92 -66.83
N CYS C 206 -11.74 74.64 -66.52
CA CYS C 206 -11.25 73.27 -66.35
C CYS C 206 -10.92 73.00 -64.87
N ASN C 207 -11.64 72.02 -64.29
CA ASN C 207 -11.58 71.64 -62.88
C ASN C 207 -11.22 70.15 -62.74
N VAL C 208 -10.53 69.77 -61.66
CA VAL C 208 -9.68 68.55 -61.69
C VAL C 208 -9.40 67.97 -60.29
N ASN C 209 -8.84 66.77 -60.22
CA ASN C 209 -8.51 66.05 -58.99
C ASN C 209 -7.01 65.65 -58.99
N HIS C 210 -6.40 65.43 -57.83
CA HIS C 210 -5.05 64.87 -57.69
C HIS C 210 -5.15 63.45 -57.11
N LYS C 211 -4.89 62.41 -57.92
CA LYS C 211 -5.34 61.03 -57.62
C LYS C 211 -4.76 60.42 -56.33
N PRO C 212 -3.49 60.67 -55.94
CA PRO C 212 -2.92 60.20 -54.66
C PRO C 212 -3.56 60.81 -53.40
N SER C 213 -4.38 61.84 -53.54
CA SER C 213 -5.05 62.56 -52.46
C SER C 213 -6.45 63.02 -52.92
N ASN C 214 -7.33 62.05 -53.18
CA ASN C 214 -8.64 62.25 -53.80
C ASN C 214 -9.45 63.40 -53.16
N THR C 215 -9.56 64.51 -53.88
CA THR C 215 -10.40 65.68 -53.60
C THR C 215 -10.46 66.51 -54.88
N LYS C 216 -11.57 66.41 -55.62
CA LYS C 216 -11.80 67.23 -56.83
C LYS C 216 -11.99 68.70 -56.44
N VAL C 217 -11.40 69.61 -57.21
CA VAL C 217 -11.27 71.04 -56.86
C VAL C 217 -11.49 71.93 -58.08
N ASP C 218 -12.02 73.13 -57.82
CA ASP C 218 -12.53 74.06 -58.84
C ASP C 218 -12.03 75.51 -58.65
N LYS C 219 -11.74 76.23 -59.74
CA LYS C 219 -11.37 77.67 -59.73
C LYS C 219 -11.66 78.32 -61.10
N ARG C 220 -12.16 79.56 -61.09
CA ARG C 220 -12.60 80.29 -62.30
C ARG C 220 -12.24 81.79 -62.24
N VAL C 221 -11.64 82.29 -63.32
CA VAL C 221 -11.56 83.73 -63.66
C VAL C 221 -11.74 83.88 -65.18
N GLU C 222 -12.43 84.95 -65.60
CA GLU C 222 -12.80 85.22 -67.00
C GLU C 222 -13.23 86.68 -67.23
CA ALA D 1 15.66 34.90 -70.30
C ALA D 1 15.37 35.20 -71.78
N LEU D 2 14.13 35.60 -72.10
CA LEU D 2 13.73 36.03 -73.46
C LEU D 2 14.25 37.43 -73.82
N THR D 3 14.18 37.79 -75.11
CA THR D 3 14.50 39.12 -75.67
C THR D 3 13.57 39.45 -76.83
N GLN D 4 13.33 40.74 -77.07
CA GLN D 4 12.53 41.30 -78.16
C GLN D 4 13.14 42.64 -78.63
N PRO D 5 13.03 43.03 -79.91
CA PRO D 5 13.50 44.31 -80.42
C PRO D 5 12.57 45.45 -79.97
N PRO D 6 13.04 46.72 -80.00
CA PRO D 6 12.24 47.85 -79.54
C PRO D 6 11.05 48.18 -80.45
N SER D 7 11.26 48.27 -81.77
CA SER D 7 10.20 48.57 -82.75
C SER D 7 10.59 48.18 -84.18
N VAL D 8 9.60 48.00 -85.06
CA VAL D 8 9.72 47.79 -86.52
C VAL D 8 8.49 48.38 -87.24
N SER D 9 8.60 48.64 -88.55
CA SER D 9 7.53 49.26 -89.33
C SER D 9 7.48 48.91 -90.82
N LYS D 10 6.25 48.90 -91.36
CA LYS D 10 5.88 49.13 -92.77
C LYS D 10 4.40 49.56 -92.84
N SER D 11 3.89 49.87 -94.03
CA SER D 11 2.53 50.41 -94.21
C SER D 11 1.43 49.34 -94.10
N LEU D 12 0.16 49.76 -94.02
CA LEU D 12 -0.99 48.85 -93.98
C LEU D 12 -1.03 47.93 -95.23
N GLU D 13 -1.47 46.69 -95.03
CA GLU D 13 -1.47 45.57 -95.96
C GLU D 13 -0.09 45.16 -96.51
N GLN D 14 1.00 45.74 -96.04
CA GLN D 14 2.35 45.27 -96.32
C GLN D 14 2.78 44.19 -95.32
N SER D 15 3.95 43.59 -95.56
CA SER D 15 4.59 42.58 -94.72
C SER D 15 5.79 43.13 -93.94
N VAL D 16 5.96 42.71 -92.69
CA VAL D 16 7.07 43.05 -91.78
C VAL D 16 7.22 41.93 -90.73
N THR D 17 8.35 41.84 -90.02
CA THR D 17 8.53 40.82 -88.98
C THR D 17 9.28 41.28 -87.72
N ILE D 18 8.93 40.68 -86.58
CA ILE D 18 9.38 41.01 -85.23
C ILE D 18 10.14 39.82 -84.63
N SER D 19 11.38 40.06 -84.19
CA SER D 19 12.23 39.03 -83.61
C SER D 19 11.88 38.71 -82.15
N CYS D 20 12.09 37.48 -81.72
CA CYS D 20 12.14 37.09 -80.31
C CYS D 20 13.13 35.93 -80.13
N THR D 21 13.66 35.71 -78.92
CA THR D 21 14.39 34.48 -78.56
C THR D 21 13.42 33.30 -78.46
N GLY D 22 13.84 32.14 -77.98
CA GLY D 22 13.01 30.96 -77.78
C GLY D 22 13.87 29.78 -77.34
N THR D 23 13.27 28.60 -77.15
CA THR D 23 14.01 27.35 -76.90
C THR D 23 13.29 26.16 -77.52
N THR D 24 14.05 25.11 -77.86
CA THR D 24 13.52 23.85 -78.41
C THR D 24 12.77 23.03 -77.36
N THR D 25 13.27 22.97 -76.12
CA THR D 25 12.58 22.32 -74.98
C THR D 25 11.32 23.08 -74.59
N GLY D 26 11.38 24.42 -74.56
CA GLY D 26 10.26 25.32 -74.36
C GLY D 26 9.52 25.71 -75.64
N ASN D 27 9.43 24.81 -76.64
CA ASN D 27 8.76 25.09 -77.92
C ASN D 27 7.29 25.55 -77.78
N SER D 28 6.66 25.32 -76.62
CA SER D 28 5.47 26.05 -76.20
C SER D 28 5.79 27.50 -75.80
N VAL D 29 6.32 28.27 -76.75
CA VAL D 29 6.64 29.70 -76.65
C VAL D 29 5.86 30.44 -77.73
N SER D 30 5.25 31.57 -77.39
CA SER D 30 4.12 32.10 -78.13
C SER D 30 4.07 33.62 -78.12
N TRP D 31 3.48 34.19 -79.16
CA TRP D 31 3.28 35.63 -79.32
C TRP D 31 1.92 36.11 -78.81
N TYR D 32 1.90 37.39 -78.46
CA TYR D 32 0.80 38.09 -77.81
C TYR D 32 0.72 39.53 -78.29
N GLN D 33 -0.43 40.16 -78.07
CA GLN D 33 -0.67 41.59 -78.22
C GLN D 33 -1.22 42.13 -76.89
N CYS D 34 -0.97 43.40 -76.57
CA CYS D 34 -1.71 44.17 -75.56
C CYS D 34 -1.75 45.66 -75.99
N HIS D 35 -2.91 46.30 -76.07
CA HIS D 35 -2.98 47.67 -76.57
C HIS D 35 -2.99 48.66 -75.40
N SER D 36 -1.95 49.49 -75.29
CA SER D 36 -1.73 50.47 -74.22
C SER D 36 -2.05 49.92 -72.82
N GLY D 37 -1.57 48.70 -72.53
CA GLY D 37 -1.77 47.99 -71.26
C GLY D 37 -3.14 47.34 -71.06
N THR D 38 -4.09 47.52 -71.99
CA THR D 38 -5.42 46.92 -71.91
C THR D 38 -5.47 45.51 -72.46
N ALA D 39 -6.26 44.65 -71.81
CA ALA D 39 -6.86 43.43 -72.34
C ALA D 39 -6.00 42.66 -73.37
N PRO D 40 -4.94 41.97 -72.93
CA PRO D 40 -4.07 41.21 -73.81
C PRO D 40 -4.80 40.17 -74.68
N ARG D 41 -4.15 39.76 -75.76
CA ARG D 41 -4.63 38.75 -76.71
C ARG D 41 -3.47 37.83 -77.10
N LEU D 42 -3.66 36.51 -77.00
CA LEU D 42 -2.69 35.53 -77.49
C LEU D 42 -2.86 35.37 -79.00
N LEU D 43 -1.75 35.17 -79.72
CA LEU D 43 -1.75 34.93 -81.15
C LEU D 43 -1.58 33.45 -81.54
N ILE D 44 -0.68 32.71 -80.89
CA ILE D 44 -0.24 31.38 -81.33
C ILE D 44 -0.19 30.39 -80.15
N TYR D 45 -0.72 29.17 -80.30
CA TYR D 45 -0.42 28.04 -79.43
C TYR D 45 0.91 27.44 -79.86
N ASP D 46 1.81 27.32 -78.90
CA ASP D 46 3.24 27.14 -79.19
C ASP D 46 3.72 28.24 -80.17
N VAL D 47 4.79 27.98 -80.91
CA VAL D 47 5.45 29.00 -81.75
C VAL D 47 4.84 29.13 -83.16
N ASN D 48 4.05 28.16 -83.62
CA ASN D 48 3.61 28.06 -85.01
C ASN D 48 2.10 27.82 -85.28
N LYS D 49 1.28 27.41 -84.30
CA LYS D 49 -0.14 27.03 -84.54
C LYS D 49 -1.12 28.08 -84.05
N ARG D 50 -1.96 28.67 -84.91
CA ARG D 50 -3.00 29.64 -84.48
C ARG D 50 -4.16 28.89 -83.83
N PRO D 51 -4.63 29.26 -82.64
CA PRO D 51 -5.77 28.58 -82.00
C PRO D 51 -7.08 28.93 -82.71
N SER D 52 -8.12 28.10 -82.54
CA SER D 52 -9.46 28.40 -83.06
C SER D 52 -10.04 29.68 -82.42
N GLY D 53 -10.67 30.54 -83.22
CA GLY D 53 -11.14 31.85 -82.78
C GLY D 53 -10.09 32.97 -82.79
N VAL D 54 -8.91 32.71 -83.36
CA VAL D 54 -7.88 33.72 -83.67
C VAL D 54 -7.63 33.75 -85.19
N SER D 55 -7.49 34.95 -85.76
CA SER D 55 -7.33 35.19 -87.21
C SER D 55 -5.90 34.94 -87.73
N ASP D 56 -5.60 35.30 -88.97
CA ASP D 56 -4.54 34.68 -89.77
C ASP D 56 -3.69 35.66 -90.62
N ARG D 57 -3.60 36.95 -90.28
CA ARG D 57 -2.81 37.94 -91.05
C ARG D 57 -1.27 37.79 -90.92
N PHE D 58 -0.79 36.75 -90.23
CA PHE D 58 0.53 36.69 -89.59
C PHE D 58 0.98 35.25 -89.32
N SER D 59 2.27 35.05 -89.01
CA SER D 59 2.81 33.76 -88.55
C SER D 59 3.98 33.96 -87.59
N GLY D 60 4.08 33.15 -86.54
CA GLY D 60 5.26 33.08 -85.66
C GLY D 60 6.37 32.15 -86.16
N SER D 61 6.02 31.29 -87.13
CA SER D 61 6.83 30.22 -87.72
C SER D 61 7.32 29.16 -86.73
N LYS D 62 7.78 28.00 -87.21
CA LYS D 62 8.34 26.91 -86.37
C LYS D 62 9.74 27.22 -85.83
N SER D 63 10.05 28.49 -85.57
CA SER D 63 11.41 28.99 -85.39
C SER D 63 11.99 28.81 -83.98
N HIS D 64 11.60 27.74 -83.27
CA HIS D 64 12.38 27.09 -82.20
C HIS D 64 13.12 28.05 -81.24
N ASN D 65 14.43 28.23 -81.42
CA ASN D 65 15.27 29.04 -80.55
C ASN D 65 15.07 30.56 -80.71
N THR D 66 14.22 31.00 -81.63
CA THR D 66 13.94 32.39 -81.92
C THR D 66 12.56 32.57 -82.53
N ALA D 67 11.53 32.69 -81.68
CA ALA D 67 10.17 32.91 -82.15
C ALA D 67 10.08 34.14 -83.06
N SER D 68 9.30 34.11 -84.12
CA SER D 68 9.47 35.09 -85.20
C SER D 68 8.16 35.48 -85.84
N LEU D 69 7.49 36.48 -85.26
CA LEU D 69 6.22 37.00 -85.76
C LEU D 69 6.42 37.80 -87.06
N THR D 70 6.24 37.16 -88.19
CA THR D 70 6.02 37.83 -89.47
C THR D 70 4.54 38.15 -89.68
N ILE D 71 4.29 39.16 -90.49
CA ILE D 71 2.96 39.66 -90.83
C ILE D 71 2.89 39.68 -92.36
N PHE D 72 1.78 39.22 -92.96
CA PHE D 72 1.52 39.31 -94.41
C PHE D 72 0.85 40.63 -94.77
N GLY D 73 -0.22 40.98 -94.06
CA GLY D 73 -1.00 42.18 -94.31
C GLY D 73 -1.24 42.99 -93.04
N LEU D 74 -0.43 44.02 -92.83
CA LEU D 74 -0.50 44.94 -91.68
C LEU D 74 -1.85 45.67 -91.55
N GLN D 75 -2.28 45.93 -90.32
CA GLN D 75 -3.51 46.68 -89.99
C GLN D 75 -3.28 47.62 -88.80
N ALA D 76 -4.20 48.54 -88.54
CA ALA D 76 -4.03 49.58 -87.52
C ALA D 76 -3.77 49.05 -86.10
N GLU D 77 -4.26 47.86 -85.75
CA GLU D 77 -3.93 47.21 -84.46
C GLU D 77 -2.45 46.82 -84.34
N ASP D 78 -1.71 46.71 -85.44
CA ASP D 78 -0.28 46.36 -85.47
C ASP D 78 0.66 47.52 -85.09
N GLU D 79 0.13 48.49 -84.33
CA GLU D 79 0.96 49.27 -83.42
C GLU D 79 0.37 49.41 -82.00
N ALA D 80 -0.40 48.39 -81.58
CA ALA D 80 -0.51 48.02 -80.17
C ALA D 80 0.86 47.50 -79.67
N ASP D 81 1.00 47.21 -78.38
CA ASP D 81 2.17 46.48 -77.89
C ASP D 81 2.06 44.98 -78.22
N TYR D 82 3.18 44.31 -78.45
CA TYR D 82 3.22 42.88 -78.74
C TYR D 82 4.35 42.20 -77.95
N TYR D 83 4.05 41.05 -77.35
CA TYR D 83 4.91 40.36 -76.38
C TYR D 83 5.15 38.90 -76.79
N CYS D 84 6.23 38.34 -76.29
CA CYS D 84 6.63 36.96 -76.53
C CYS D 84 6.79 36.25 -75.18
N GLY D 85 6.34 35.00 -75.01
CA GLY D 85 6.34 34.33 -73.69
C GLY D 85 6.13 32.82 -73.76
N SER D 86 6.32 32.08 -72.67
CA SER D 86 6.29 30.61 -72.65
C SER D 86 6.03 30.04 -71.25
N TYR D 87 5.65 28.76 -71.14
CA TYR D 87 5.71 28.05 -69.87
C TYR D 87 7.17 27.89 -69.39
N GLY D 88 7.42 28.18 -68.12
CA GLY D 88 8.68 27.89 -67.46
C GLY D 88 8.72 26.42 -67.01
N SER D 89 8.74 26.20 -65.70
CA SER D 89 8.78 24.87 -65.07
C SER D 89 8.17 24.91 -63.68
N GLY D 90 7.75 23.76 -63.13
CA GLY D 90 7.32 23.63 -61.73
C GLY D 90 6.20 24.57 -61.28
N GLY D 91 5.33 25.00 -62.20
CA GLY D 91 4.28 26.00 -61.93
C GLY D 91 4.68 27.47 -62.12
N SER D 92 5.67 27.77 -62.98
CA SER D 92 6.16 29.13 -63.27
C SER D 92 6.03 29.55 -64.74
N LEU D 93 5.74 30.82 -65.00
CA LEU D 93 5.73 31.42 -66.34
C LEU D 93 7.15 31.87 -66.79
N LEU D 94 7.33 32.14 -68.08
CA LEU D 94 8.44 32.93 -68.66
C LEU D 94 7.89 33.99 -69.64
N PHE D 95 8.35 35.24 -69.58
CA PHE D 95 7.73 36.36 -70.29
C PHE D 95 8.75 37.40 -70.83
N GLY D 96 8.47 37.99 -72.00
CA GLY D 96 9.40 38.80 -72.80
C GLY D 96 9.20 40.31 -72.72
N GLY D 97 9.99 41.06 -73.51
CA GLY D 97 10.18 42.50 -73.34
C GLY D 97 9.13 43.44 -73.96
N GLY D 98 8.25 42.95 -74.83
CA GLY D 98 7.30 43.81 -75.57
C GLY D 98 7.89 44.58 -76.76
N THR D 99 7.04 45.16 -77.60
CA THR D 99 7.38 46.14 -78.64
C THR D 99 6.13 46.91 -79.06
N ARG D 100 6.19 48.24 -78.96
CA ARG D 100 5.09 49.16 -79.31
C ARG D 100 4.83 49.25 -80.83
N LEU D 101 5.81 48.87 -81.66
CA LEU D 101 5.78 48.99 -83.13
C LEU D 101 5.44 50.41 -83.63
N THR D 102 5.41 50.60 -84.94
CA THR D 102 4.63 51.66 -85.60
C THR D 102 4.26 51.17 -87.00
N VAL D 103 3.12 51.59 -87.56
CA VAL D 103 2.74 51.23 -88.95
C VAL D 103 3.16 52.37 -89.89
N LEU D 104 4.47 52.67 -89.93
CA LEU D 104 4.98 53.80 -90.71
C LEU D 104 4.75 53.56 -92.22
N GLY D 105 4.18 54.56 -92.89
CA GLY D 105 3.36 54.42 -94.10
C GLY D 105 1.97 55.07 -93.95
N GLN D 106 1.48 55.20 -92.71
CA GLN D 106 0.49 56.21 -92.30
C GLN D 106 0.94 57.64 -92.74
N PRO D 107 0.04 58.63 -92.84
CA PRO D 107 0.42 60.01 -93.15
C PRO D 107 1.47 60.56 -92.17
CA LYS D 109 3.70 61.65 -91.95
C LYS D 109 3.30 62.80 -91.02
N ALA D 110 3.48 62.63 -89.71
CA ALA D 110 3.11 63.63 -88.71
C ALA D 110 4.26 64.62 -88.45
N SER D 111 4.07 65.91 -88.73
CA SER D 111 5.11 66.94 -88.63
C SER D 111 4.47 68.35 -88.48
N PRO D 112 5.13 69.38 -87.89
CA PRO D 112 6.31 69.41 -87.02
C PRO D 112 5.96 70.08 -85.65
N THR D 113 4.83 69.72 -85.04
CA THR D 113 4.08 70.58 -84.08
C THR D 113 4.63 70.61 -82.65
N VAL D 114 5.89 71.04 -82.48
CA VAL D 114 6.31 71.71 -81.23
C VAL D 114 5.70 73.12 -81.17
N THR D 115 5.31 73.61 -79.99
CA THR D 115 4.76 74.96 -79.79
C THR D 115 4.96 75.42 -78.34
N LEU D 116 5.10 76.72 -78.07
CA LEU D 116 5.12 77.25 -76.70
C LEU D 116 3.90 78.13 -76.41
N PHE D 117 3.15 77.79 -75.37
CA PHE D 117 2.22 78.71 -74.69
C PHE D 117 2.93 79.33 -73.48
N PRO D 118 2.96 80.67 -73.35
CA PRO D 118 3.43 81.34 -72.14
C PRO D 118 2.57 81.05 -70.90
N PRO D 119 3.09 81.25 -69.68
CA PRO D 119 2.30 81.24 -68.44
C PRO D 119 1.27 82.37 -68.42
N SER D 120 0.40 82.39 -67.40
CA SER D 120 -0.40 83.56 -67.04
C SER D 120 -0.02 84.03 -65.64
N SER D 121 -0.17 85.31 -65.31
CA SER D 121 0.13 85.82 -63.97
C SER D 121 -0.60 85.04 -62.85
N GLU D 122 -1.82 84.55 -63.11
CA GLU D 122 -2.58 83.70 -62.19
C GLU D 122 -1.90 82.36 -61.88
N GLU D 123 -1.05 81.86 -62.78
CA GLU D 123 -0.35 80.59 -62.57
C GLU D 123 0.58 80.64 -61.34
N LEU D 124 1.11 81.84 -61.01
CA LEU D 124 1.99 82.05 -59.86
C LEU D 124 1.32 81.71 -58.52
N GLN D 125 -0.02 81.70 -58.47
CA GLN D 125 -0.81 81.22 -57.32
C GLN D 125 -0.56 79.71 -57.03
N ALA D 126 -0.30 78.91 -58.07
CA ALA D 126 0.02 77.49 -58.00
C ALA D 126 1.50 77.19 -57.71
N ASN D 127 2.31 78.17 -57.32
CA ASN D 127 3.78 78.08 -57.31
C ASN D 127 4.37 77.72 -58.69
N LYS D 128 3.81 78.23 -59.81
CA LYS D 128 4.30 77.95 -61.17
C LYS D 128 4.22 79.17 -62.10
N ALA D 129 5.06 79.20 -63.12
CA ALA D 129 4.91 80.05 -64.30
C ALA D 129 5.52 79.33 -65.51
N THR D 130 4.98 78.14 -65.78
CA THR D 130 5.52 77.06 -66.61
C THR D 130 5.77 77.48 -68.07
N LEU D 131 6.83 76.95 -68.69
CA LEU D 131 6.86 76.87 -70.15
C LEU D 131 5.85 75.81 -70.59
N VAL D 132 4.70 76.17 -71.17
CA VAL D 132 3.79 75.17 -71.78
C VAL D 132 4.32 74.81 -73.17
N CYS D 133 5.50 74.18 -73.17
CA CYS D 133 6.25 73.65 -74.31
C CYS D 133 5.60 72.33 -74.79
N LEU D 134 4.61 72.49 -75.66
CA LEU D 134 3.75 71.48 -76.27
C LEU D 134 4.50 70.70 -77.37
N ILE D 135 4.25 69.39 -77.48
CA ILE D 135 4.94 68.51 -78.44
C ILE D 135 3.94 67.55 -79.10
N SER D 136 3.60 67.75 -80.36
CA SER D 136 2.83 66.81 -81.17
C SER D 136 3.37 66.78 -82.59
N ASP D 137 2.98 65.78 -83.38
CA ASP D 137 3.28 65.70 -84.80
C ASP D 137 4.80 65.67 -85.06
N PHE D 138 5.40 64.52 -84.76
CA PHE D 138 6.74 64.10 -85.18
C PHE D 138 6.72 62.63 -85.62
N TYR D 139 7.58 62.24 -86.56
CA TYR D 139 7.41 60.96 -87.27
C TYR D 139 8.72 60.29 -87.73
N PRO D 140 9.16 59.20 -87.06
CA PRO D 140 8.75 58.78 -85.73
C PRO D 140 9.09 59.85 -84.66
N GLY D 141 8.52 59.74 -83.46
CA GLY D 141 8.70 60.76 -82.43
C GLY D 141 10.12 60.82 -81.86
N VAL D 142 10.78 61.98 -81.96
CA VAL D 142 12.15 62.22 -81.45
C VAL D 142 12.34 63.68 -80.99
N VAL D 143 13.12 63.84 -79.91
CA VAL D 143 13.61 65.13 -79.36
C VAL D 143 14.98 64.92 -78.72
N LYS D 144 15.78 65.99 -78.65
CA LYS D 144 17.07 66.04 -77.95
C LYS D 144 17.19 67.31 -77.12
N VAL D 145 17.90 67.23 -75.99
CA VAL D 145 18.02 68.29 -74.97
C VAL D 145 18.86 69.48 -75.45
N ALA D 146 18.48 70.70 -75.05
CA ALA D 146 19.28 71.91 -75.25
C ALA D 146 18.96 72.99 -74.19
N TRP D 147 17.78 73.61 -74.28
CA TRP D 147 17.26 74.69 -73.43
C TRP D 147 18.07 76.00 -73.37
N LYS D 148 17.38 77.12 -73.10
CA LYS D 148 18.00 78.43 -72.81
C LYS D 148 17.04 79.37 -72.04
N ALA D 149 17.62 80.38 -71.39
CA ALA D 149 16.90 81.43 -70.66
C ALA D 149 17.63 82.79 -70.76
N ASP D 150 18.09 83.15 -71.96
CA ASP D 150 19.07 84.23 -72.20
C ASP D 150 20.34 84.04 -71.33
N GLY D 151 20.91 85.11 -70.79
CA GLY D 151 22.09 85.06 -69.90
C GLY D 151 21.85 84.50 -68.49
N SER D 152 20.61 84.11 -68.15
CA SER D 152 20.26 83.61 -66.82
C SER D 152 20.84 82.22 -66.51
N ALA D 153 21.14 81.98 -65.23
CA ALA D 153 21.18 80.63 -64.67
C ALA D 153 19.79 79.97 -64.71
N VAL D 154 19.73 78.64 -64.50
CA VAL D 154 18.50 77.84 -64.69
C VAL D 154 18.35 76.70 -63.67
N ASN D 155 17.11 76.21 -63.50
CA ASN D 155 16.77 75.03 -62.70
C ASN D 155 15.70 74.18 -63.41
N ALA D 156 16.04 73.63 -64.57
CA ALA D 156 15.10 73.14 -65.60
C ALA D 156 14.19 71.96 -65.22
N GLY D 157 14.53 71.17 -64.19
CA GLY D 157 13.80 69.94 -63.86
C GLY D 157 14.07 68.80 -64.87
N VAL D 158 13.11 67.89 -65.01
CA VAL D 158 13.21 66.67 -65.82
C VAL D 158 11.91 66.45 -66.61
N GLU D 159 11.38 67.53 -67.19
CA GLU D 159 9.93 67.62 -67.47
C GLU D 159 9.52 67.02 -68.82
N THR D 160 10.48 66.56 -69.63
CA THR D 160 10.25 65.98 -70.96
C THR D 160 9.67 64.55 -70.85
N THR D 161 8.48 64.31 -71.40
CA THR D 161 7.93 62.95 -71.52
C THR D 161 8.57 62.20 -72.70
N THR D 162 8.47 60.88 -72.71
CA THR D 162 8.68 60.09 -73.95
C THR D 162 7.60 60.40 -75.00
N PRO D 163 7.84 60.08 -76.29
CA PRO D 163 6.78 59.97 -77.30
C PRO D 163 5.72 58.95 -76.89
N SER D 164 4.46 59.19 -77.27
CA SER D 164 3.30 58.47 -76.70
C SER D 164 2.08 58.47 -77.64
N LYS D 165 1.10 57.59 -77.33
CA LYS D 165 -0.14 57.36 -78.10
C LYS D 165 -0.93 58.65 -78.37
N GLN D 166 -1.59 58.70 -79.52
CA GLN D 166 -2.39 59.85 -79.98
C GLN D 166 -3.74 59.43 -80.54
N SER D 167 -4.78 60.25 -80.34
CA SER D 167 -6.16 60.00 -80.81
C SER D 167 -6.32 59.83 -82.34
N ASN D 168 -5.39 60.40 -83.13
CA ASN D 168 -5.30 60.27 -84.60
C ASN D 168 -3.95 59.67 -85.08
N ASN D 169 -3.21 59.00 -84.18
CA ASN D 169 -1.87 58.45 -84.40
C ASN D 169 -0.76 59.47 -84.78
N LYS D 170 -1.01 60.78 -84.77
CA LYS D 170 0.04 61.80 -85.00
C LYS D 170 0.86 62.04 -83.72
N TYR D 171 1.89 61.21 -83.54
CA TYR D 171 2.61 60.96 -82.28
C TYR D 171 2.97 62.22 -81.48
N ALA D 172 2.88 62.15 -80.14
CA ALA D 172 2.95 63.32 -79.27
C ALA D 172 3.55 63.07 -77.87
N ALA D 173 3.85 64.15 -77.16
CA ALA D 173 4.53 64.21 -75.87
C ALA D 173 4.26 65.59 -75.21
N SER D 174 5.06 65.96 -74.20
CA SER D 174 5.17 67.35 -73.71
C SER D 174 6.50 67.55 -72.98
N SER D 175 6.90 68.80 -72.74
CA SER D 175 8.08 69.11 -71.94
C SER D 175 7.89 70.36 -71.09
N TYR D 176 6.85 70.36 -70.25
CA TYR D 176 6.37 71.53 -69.53
C TYR D 176 7.33 71.99 -68.41
N LEU D 177 8.31 72.82 -68.77
CA LEU D 177 9.50 73.11 -67.95
C LEU D 177 9.17 73.62 -66.54
N SER D 178 10.05 73.33 -65.58
CA SER D 178 9.85 73.30 -64.12
C SER D 178 9.37 74.57 -63.40
N LEU D 179 9.11 75.66 -64.11
CA LEU D 179 9.26 77.02 -63.60
C LEU D 179 8.37 77.30 -62.37
N THR D 180 8.94 77.37 -61.18
CA THR D 180 8.24 77.76 -59.93
C THR D 180 8.18 79.28 -59.75
N SER D 181 7.40 79.81 -58.79
CA SER D 181 7.25 81.26 -58.64
C SER D 181 8.53 81.98 -58.18
N ASP D 182 9.29 81.40 -57.26
CA ASP D 182 10.62 81.91 -56.86
C ASP D 182 11.66 81.77 -57.98
N GLN D 183 11.67 80.65 -58.71
CA GLN D 183 12.52 80.43 -59.88
C GLN D 183 12.19 81.45 -60.99
N TRP D 184 10.90 81.70 -61.22
CA TRP D 184 10.40 82.72 -62.14
C TRP D 184 10.92 84.11 -61.78
N LYS D 185 10.80 84.51 -60.51
CA LYS D 185 11.34 85.79 -60.00
C LYS D 185 12.87 85.85 -60.08
N SER D 186 13.55 84.71 -60.02
CA SER D 186 15.01 84.62 -60.12
C SER D 186 15.55 84.70 -61.57
N HIS D 187 14.84 84.11 -62.53
CA HIS D 187 15.38 83.80 -63.87
C HIS D 187 14.57 84.38 -65.06
N LYS D 188 13.24 84.49 -64.91
CA LYS D 188 12.25 85.00 -65.88
C LYS D 188 12.28 84.38 -67.30
N SER D 189 13.16 84.84 -68.18
CA SER D 189 13.01 84.73 -69.65
C SER D 189 13.44 83.37 -70.24
N TYR D 190 12.85 82.27 -69.75
CA TYR D 190 13.02 80.93 -70.32
C TYR D 190 12.41 80.78 -71.73
N SER D 191 12.85 79.77 -72.49
CA SER D 191 12.41 79.51 -73.87
C SER D 191 12.41 78.00 -74.23
N CYS D 192 11.51 77.55 -75.12
CA CYS D 192 11.23 76.13 -75.47
C CYS D 192 12.24 75.51 -76.48
N GLN D 193 13.53 75.75 -76.27
CA GLN D 193 14.61 75.30 -77.15
C GLN D 193 14.89 73.78 -77.02
N VAL D 194 14.27 72.97 -77.88
CA VAL D 194 14.51 71.52 -78.04
C VAL D 194 14.30 71.09 -79.49
N THR D 195 15.03 70.07 -79.98
CA THR D 195 15.04 69.69 -81.41
C THR D 195 13.93 68.67 -81.77
N HIS D 196 12.68 69.11 -81.83
CA HIS D 196 11.52 68.34 -82.28
C HIS D 196 11.68 67.87 -83.73
N GLU D 197 12.12 66.62 -83.94
CA GLU D 197 12.50 66.08 -85.26
C GLU D 197 13.37 67.04 -86.10
N GLY D 198 14.27 67.78 -85.45
CA GLY D 198 15.16 68.78 -86.08
C GLY D 198 14.58 70.20 -86.22
N SER D 199 13.42 70.47 -85.60
CA SER D 199 12.75 71.79 -85.58
C SER D 199 12.62 72.32 -84.14
N THR D 200 12.51 73.64 -83.95
CA THR D 200 12.49 74.27 -82.61
C THR D 200 11.76 75.62 -82.63
N VAL D 201 11.39 76.14 -81.45
CA VAL D 201 10.70 77.42 -81.23
C VAL D 201 11.32 78.17 -80.04
N GLU D 202 11.11 79.48 -79.97
CA GLU D 202 11.76 80.35 -78.97
C GLU D 202 10.74 81.01 -78.04
N LYS D 203 10.01 82.02 -78.54
CA LYS D 203 8.90 82.75 -77.90
C LYS D 203 9.11 83.01 -76.38
N THR D 204 10.26 83.56 -76.01
CA THR D 204 10.67 83.73 -74.60
C THR D 204 9.59 84.41 -73.74
N VAL D 205 9.35 83.86 -72.54
CA VAL D 205 8.05 84.04 -71.85
C VAL D 205 7.85 85.36 -71.10
N ALA D 206 6.57 85.71 -70.92
CA ALA D 206 6.03 86.82 -70.12
C ALA D 206 4.68 86.38 -69.47
N PRO D 207 4.23 87.03 -68.36
CA PRO D 207 3.06 86.59 -67.57
C PRO D 207 1.71 87.12 -68.08
CA ALA E 1 7.23 -40.47 -23.40
C ALA E 1 6.98 -39.01 -23.80
N LEU E 2 8.02 -38.30 -24.28
CA LEU E 2 7.86 -36.99 -24.92
C LEU E 2 7.34 -37.15 -26.36
N THR E 3 6.10 -36.75 -26.63
CA THR E 3 5.45 -37.06 -27.91
C THR E 3 6.08 -36.27 -29.06
N GLN E 4 6.32 -36.95 -30.18
CA GLN E 4 6.91 -36.44 -31.42
C GLN E 4 6.39 -37.31 -32.60
N PRO E 5 6.51 -36.89 -33.86
CA PRO E 5 6.02 -37.67 -35.00
C PRO E 5 6.91 -38.89 -35.27
N PRO E 6 6.40 -39.93 -35.92
CA PRO E 6 7.17 -41.16 -36.14
C PRO E 6 8.28 -40.98 -37.19
N SER E 7 7.98 -40.33 -38.30
CA SER E 7 8.88 -40.23 -39.45
C SER E 7 8.66 -38.94 -40.25
N VAL E 8 9.73 -38.43 -40.86
CA VAL E 8 9.81 -37.20 -41.66
C VAL E 8 10.59 -37.48 -42.93
N SER E 9 10.07 -37.01 -44.06
CA SER E 9 10.65 -37.22 -45.38
C SER E 9 10.62 -35.91 -46.16
N LYS E 10 11.75 -35.51 -46.76
CA LYS E 10 11.80 -34.25 -47.52
C LYS E 10 12.93 -34.21 -48.54
N SER E 11 12.83 -33.31 -49.50
CA SER E 11 13.83 -33.09 -50.55
C SER E 11 15.19 -32.66 -49.98
N LEU E 12 16.27 -33.21 -50.52
CA LEU E 12 17.68 -32.98 -50.17
C LEU E 12 18.09 -31.50 -50.04
N GLU E 13 17.45 -30.59 -50.77
CA GLU E 13 17.74 -29.15 -50.69
C GLU E 13 17.06 -28.44 -49.50
N GLN E 14 16.14 -29.10 -48.78
CA GLN E 14 15.14 -28.42 -47.94
C GLN E 14 15.51 -28.45 -46.45
N SER E 15 15.46 -27.28 -45.82
CA SER E 15 15.63 -27.08 -44.38
C SER E 15 14.44 -27.64 -43.58
N VAL E 16 14.50 -28.93 -43.23
CA VAL E 16 13.44 -29.61 -42.47
C VAL E 16 13.29 -29.10 -41.05
N THR E 17 12.05 -28.99 -40.60
CA THR E 17 11.65 -28.67 -39.22
C THR E 17 11.08 -29.91 -38.53
N ILE E 18 11.57 -30.22 -37.34
CA ILE E 18 11.11 -31.30 -36.47
C ILE E 18 10.67 -30.70 -35.14
N SER E 19 9.68 -31.30 -34.50
CA SER E 19 9.26 -30.91 -33.15
C SER E 19 8.86 -32.10 -32.28
N CYS E 20 9.04 -31.93 -30.98
CA CYS E 20 8.62 -32.83 -29.92
C CYS E 20 7.97 -31.98 -28.82
N THR E 21 7.17 -32.57 -27.97
CA THR E 21 6.34 -31.85 -27.00
C THR E 21 6.74 -32.15 -25.57
N GLY E 22 7.07 -31.11 -24.79
CA GLY E 22 7.32 -31.25 -23.35
C GLY E 22 5.99 -31.44 -22.61
N THR E 23 5.81 -32.56 -21.90
CA THR E 23 4.56 -32.85 -21.15
C THR E 23 4.36 -31.91 -19.97
N THR E 24 5.47 -31.47 -19.35
CA THR E 24 5.55 -30.46 -18.28
C THR E 24 6.88 -29.70 -18.40
N THR E 25 6.91 -28.46 -17.90
CA THR E 25 8.05 -27.51 -17.85
C THR E 25 8.77 -27.21 -19.19
N GLY E 26 9.41 -28.20 -19.83
CA GLY E 26 9.87 -28.20 -21.23
C GLY E 26 11.03 -27.27 -21.61
N ASN E 27 11.19 -26.11 -20.97
CA ASN E 27 12.11 -25.04 -21.39
C ASN E 27 13.56 -25.28 -20.94
N SER E 28 14.01 -26.50 -21.17
CA SER E 28 15.36 -27.03 -20.98
C SER E 28 15.59 -28.31 -21.79
N VAL E 29 14.76 -28.59 -22.80
CA VAL E 29 14.89 -29.80 -23.62
C VAL E 29 16.17 -29.76 -24.45
N SER E 30 17.01 -30.75 -24.24
CA SER E 30 18.15 -31.06 -25.10
C SER E 30 17.73 -31.95 -26.26
N TRP E 31 18.60 -32.06 -27.26
CA TRP E 31 18.41 -32.92 -28.41
C TRP E 31 19.60 -33.82 -28.65
N TYR E 32 19.33 -35.00 -29.18
CA TYR E 32 20.31 -36.04 -29.50
C TYR E 32 19.84 -36.77 -30.76
N GLN E 33 20.73 -37.49 -31.45
CA GLN E 33 20.33 -38.35 -32.58
C GLN E 33 20.98 -39.73 -32.57
N CYS E 34 20.35 -40.64 -33.30
CA CYS E 34 20.60 -42.06 -33.36
C CYS E 34 20.70 -42.49 -34.84
N HIS E 35 21.86 -42.31 -35.46
CA HIS E 35 22.24 -43.20 -36.55
C HIS E 35 22.49 -44.59 -35.94
N SER E 36 21.94 -45.63 -36.59
CA SER E 36 21.62 -46.91 -35.94
C SER E 36 22.83 -47.75 -35.50
N GLY E 37 22.59 -48.73 -34.63
CA GLY E 37 23.56 -49.78 -34.25
C GLY E 37 24.78 -49.29 -33.46
N THR E 38 24.73 -48.06 -32.97
CA THR E 38 25.90 -47.28 -32.52
C THR E 38 25.50 -46.35 -31.36
N ALA E 39 26.45 -45.91 -30.54
CA ALA E 39 26.17 -44.93 -29.49
C ALA E 39 25.57 -43.62 -30.07
N PRO E 40 24.59 -43.00 -29.41
CA PRO E 40 23.96 -41.77 -29.89
C PRO E 40 24.90 -40.56 -29.87
N ARG E 41 24.49 -39.46 -30.48
CA ARG E 41 25.27 -38.19 -30.54
C ARG E 41 24.47 -36.97 -30.05
N LEU E 42 25.13 -36.13 -29.25
CA LEU E 42 24.64 -34.85 -28.77
C LEU E 42 24.26 -33.90 -29.91
N LEU E 43 23.15 -33.19 -29.76
CA LEU E 43 22.75 -32.05 -30.57
C LEU E 43 22.58 -30.79 -29.68
N ILE E 44 21.54 -29.98 -29.92
CA ILE E 44 21.28 -28.70 -29.25
C ILE E 44 21.10 -28.85 -27.74
N TYR E 45 21.56 -27.87 -26.96
CA TYR E 45 21.49 -27.86 -25.50
C TYR E 45 20.98 -26.54 -24.92
N ASP E 46 20.84 -26.51 -23.60
CA ASP E 46 20.04 -25.53 -22.85
C ASP E 46 18.65 -25.42 -23.48
N VAL E 47 18.41 -24.32 -24.18
CA VAL E 47 17.50 -24.22 -25.34
C VAL E 47 18.28 -23.41 -26.37
N ASN E 48 18.09 -23.71 -27.66
CA ASN E 48 18.77 -23.07 -28.78
C ASN E 48 20.32 -23.09 -28.80
N LYS E 49 21.03 -23.56 -27.75
CA LYS E 49 22.49 -23.45 -27.65
C LYS E 49 23.23 -24.52 -28.49
N ARG E 50 24.13 -24.06 -29.37
CA ARG E 50 24.91 -24.90 -30.29
C ARG E 50 25.96 -25.73 -29.55
N PRO E 51 26.01 -27.07 -29.71
CA PRO E 51 27.04 -27.92 -29.10
C PRO E 51 28.44 -27.58 -29.63
N SER E 52 29.44 -27.56 -28.75
CA SER E 52 30.77 -27.09 -29.11
C SER E 52 31.47 -28.04 -30.07
N GLY E 53 31.69 -27.60 -31.31
CA GLY E 53 32.61 -28.24 -32.27
C GLY E 53 32.07 -29.40 -33.11
N VAL E 54 30.84 -29.87 -32.88
CA VAL E 54 30.16 -30.87 -33.74
C VAL E 54 29.64 -30.19 -35.04
N SER E 55 29.17 -30.97 -36.03
CA SER E 55 28.74 -30.45 -37.34
C SER E 55 27.78 -29.27 -37.26
N ASP E 56 28.12 -28.19 -37.96
CA ASP E 56 27.47 -26.89 -37.81
C ASP E 56 26.15 -26.73 -38.56
N ARG E 57 25.72 -27.71 -39.35
CA ARG E 57 24.45 -27.66 -40.11
C ARG E 57 23.19 -27.84 -39.25
N PHE E 58 23.30 -28.41 -38.05
CA PHE E 58 22.17 -28.66 -37.14
C PHE E 58 21.80 -27.41 -36.36
N SER E 59 20.52 -27.04 -36.36
CA SER E 59 20.13 -25.64 -36.19
C SER E 59 19.54 -25.32 -34.82
N GLY E 60 20.28 -24.54 -34.03
CA GLY E 60 19.80 -24.02 -32.74
C GLY E 60 18.47 -23.28 -32.90
N SER E 61 17.48 -23.61 -32.07
CA SER E 61 16.10 -23.13 -32.19
C SER E 61 15.31 -23.29 -30.88
N LYS E 62 14.12 -22.68 -30.76
CA LYS E 62 13.28 -22.61 -29.53
C LYS E 62 11.80 -22.80 -29.82
N SER E 63 11.06 -23.38 -28.87
CA SER E 63 9.60 -23.23 -28.72
C SER E 63 9.18 -23.41 -27.25
N HIS E 64 8.04 -22.85 -26.86
CA HIS E 64 7.52 -22.83 -25.48
C HIS E 64 7.04 -24.19 -24.95
N ASN E 65 6.54 -25.07 -25.84
CA ASN E 65 6.10 -26.44 -25.54
C ASN E 65 6.39 -27.41 -26.70
N THR E 66 6.15 -27.00 -27.95
CA THR E 66 6.55 -27.74 -29.17
C THR E 66 8.02 -27.55 -29.45
N ALA E 67 8.86 -27.92 -28.48
CA ALA E 67 10.31 -27.89 -28.59
C ALA E 67 10.76 -28.35 -29.99
N SER E 68 11.59 -27.55 -30.65
CA SER E 68 11.80 -27.63 -32.09
C SER E 68 13.27 -27.73 -32.45
N LEU E 69 13.54 -28.53 -33.47
CA LEU E 69 14.85 -28.84 -34.04
C LEU E 69 14.76 -28.69 -35.57
N THR E 70 15.87 -28.38 -36.23
CA THR E 70 15.89 -28.08 -37.67
C THR E 70 17.28 -28.36 -38.23
N ILE E 71 17.42 -28.50 -39.54
CA ILE E 71 18.72 -28.50 -40.23
C ILE E 71 18.73 -27.33 -41.22
N PHE E 72 19.88 -26.67 -41.39
CA PHE E 72 20.06 -25.62 -42.39
C PHE E 72 20.08 -26.21 -43.81
N GLY E 73 21.26 -26.39 -44.41
CA GLY E 73 21.43 -27.18 -45.62
C GLY E 73 21.33 -28.67 -45.29
N LEU E 74 20.25 -29.31 -45.68
CA LEU E 74 20.07 -30.75 -45.54
C LEU E 74 21.06 -31.51 -46.42
N GLN E 75 21.53 -32.68 -45.96
CA GLN E 75 22.44 -33.54 -46.70
C GLN E 75 22.04 -35.01 -46.58
N ALA E 76 22.42 -35.83 -47.56
CA ALA E 76 22.02 -37.23 -47.65
C ALA E 76 22.34 -38.04 -46.39
N GLU E 77 23.54 -37.85 -45.84
CA GLU E 77 24.04 -38.46 -44.60
C GLU E 77 23.13 -38.25 -43.38
N ASP E 78 22.25 -37.27 -43.38
CA ASP E 78 21.37 -36.93 -42.25
C ASP E 78 20.24 -37.94 -41.99
N GLU E 79 20.02 -38.95 -42.84
CA GLU E 79 19.03 -40.01 -42.56
C GLU E 79 19.37 -40.81 -41.28
N ALA E 80 18.61 -40.57 -40.23
CA ALA E 80 18.81 -41.11 -38.88
C ALA E 80 17.53 -40.92 -38.05
N ASP E 81 17.52 -41.36 -36.79
CA ASP E 81 16.39 -41.18 -35.87
C ASP E 81 16.70 -40.12 -34.80
N TYR E 82 15.81 -39.16 -34.58
CA TYR E 82 16.08 -37.93 -33.82
C TYR E 82 15.26 -37.85 -32.51
N TYR E 83 15.89 -37.45 -31.39
CA TYR E 83 15.30 -37.55 -30.05
C TYR E 83 15.40 -36.26 -29.24
N CYS E 84 14.29 -35.93 -28.58
CA CYS E 84 14.19 -34.94 -27.50
C CYS E 84 14.51 -35.55 -26.13
N GLY E 85 15.19 -34.81 -25.25
CA GLY E 85 15.46 -35.18 -23.87
C GLY E 85 15.21 -34.03 -22.88
N SER E 86 14.70 -34.31 -21.67
CA SER E 86 14.18 -33.29 -20.75
C SER E 86 14.50 -33.57 -19.29
N TYR E 87 14.74 -32.52 -18.49
CA TYR E 87 14.53 -32.58 -17.04
C TYR E 87 13.09 -32.94 -16.72
N GLY E 88 12.85 -33.50 -15.54
CA GLY E 88 11.51 -33.63 -14.97
C GLY E 88 11.57 -33.93 -13.48
N SER E 89 10.40 -33.99 -12.85
CA SER E 89 10.18 -34.06 -11.41
C SER E 89 11.27 -34.83 -10.65
N GLY E 90 12.00 -34.15 -9.76
CA GLY E 90 12.95 -34.81 -8.87
C GLY E 90 14.08 -35.55 -9.59
N GLY E 91 14.43 -35.16 -10.80
CA GLY E 91 15.43 -35.87 -11.59
C GLY E 91 14.84 -36.99 -12.45
N SER E 92 13.52 -37.02 -12.61
CA SER E 92 12.82 -37.85 -13.59
C SER E 92 13.13 -37.38 -15.02
N LEU E 93 14.31 -37.70 -15.53
CA LEU E 93 14.68 -37.33 -16.90
C LEU E 93 13.76 -38.01 -17.91
N LEU E 94 13.20 -37.27 -18.86
CA LEU E 94 12.19 -37.75 -19.80
C LEU E 94 12.69 -37.72 -21.24
N PHE E 95 12.19 -38.62 -22.08
CA PHE E 95 12.69 -38.86 -23.43
C PHE E 95 11.61 -39.19 -24.45
N GLY E 96 11.87 -38.87 -25.72
CA GLY E 96 10.93 -39.08 -26.82
C GLY E 96 10.94 -40.47 -27.45
N GLY E 97 9.96 -40.73 -28.32
CA GLY E 97 9.87 -41.95 -29.10
C GLY E 97 10.81 -42.02 -30.32
N GLY E 98 11.49 -40.91 -30.66
CA GLY E 98 12.28 -40.77 -31.89
C GLY E 98 11.45 -40.23 -33.08
N THR E 99 12.11 -39.69 -34.10
CA THR E 99 11.53 -39.42 -35.42
C THR E 99 12.57 -39.77 -36.47
N ARG E 100 12.26 -40.66 -37.42
CA ARG E 100 13.17 -41.00 -38.53
C ARG E 100 13.19 -39.90 -39.60
N LEU E 101 14.34 -39.66 -40.24
CA LEU E 101 14.50 -38.72 -41.36
C LEU E 101 14.85 -39.44 -42.67
N THR E 102 14.16 -39.12 -43.77
CA THR E 102 14.52 -39.55 -45.14
C THR E 102 14.80 -38.35 -46.05
N VAL E 103 15.83 -38.46 -46.89
CA VAL E 103 16.40 -37.35 -47.67
C VAL E 103 16.21 -37.62 -49.16
N LEU E 104 15.03 -37.22 -49.65
CA LEU E 104 14.52 -37.47 -51.00
C LEU E 104 15.30 -36.67 -52.06
N GLY E 105 15.18 -37.07 -53.32
CA GLY E 105 15.96 -36.53 -54.45
C GLY E 105 17.39 -37.09 -54.53
N GLN E 106 17.87 -37.74 -53.47
CA GLN E 106 19.12 -38.50 -53.43
C GLN E 106 19.11 -39.63 -54.49
N PRO E 107 20.19 -39.80 -55.29
CA PRO E 107 20.19 -40.75 -56.41
C PRO E 107 20.08 -42.21 -55.95
CA LYS E 109 19.07 -44.43 -56.38
C LYS E 109 20.25 -45.30 -56.83
N ALA E 110 21.35 -45.24 -56.06
CA ALA E 110 22.59 -45.96 -56.32
C ALA E 110 22.37 -47.48 -56.48
N SER E 111 22.90 -48.06 -57.55
CA SER E 111 22.81 -49.50 -57.83
C SER E 111 23.74 -50.32 -56.93
N PRO E 112 23.35 -51.54 -56.48
CA PRO E 112 24.17 -52.35 -55.57
C PRO E 112 25.59 -52.69 -56.08
N THR E 113 26.58 -52.54 -55.19
CA THR E 113 27.83 -53.32 -55.22
C THR E 113 27.56 -54.70 -54.62
N VAL E 114 27.98 -55.78 -55.29
CA VAL E 114 27.64 -57.16 -54.92
C VAL E 114 28.88 -58.06 -54.93
N THR E 115 28.92 -59.07 -54.06
CA THR E 115 29.97 -60.11 -54.04
C THR E 115 29.39 -61.44 -53.57
N LEU E 116 29.92 -62.56 -54.08
CA LEU E 116 29.52 -63.91 -53.69
C LEU E 116 30.78 -64.77 -53.45
N PHE E 117 30.76 -65.60 -52.41
CA PHE E 117 31.88 -66.49 -52.05
C PHE E 117 31.43 -67.96 -51.85
N PRO E 118 32.27 -68.94 -52.25
CA PRO E 118 31.95 -70.37 -52.19
C PRO E 118 32.08 -70.96 -50.77
N PRO E 119 31.59 -72.20 -50.54
CA PRO E 119 31.80 -72.95 -49.30
C PRO E 119 33.28 -73.28 -49.02
N SER E 120 33.56 -73.73 -47.80
CA SER E 120 34.93 -73.93 -47.27
C SER E 120 35.22 -75.38 -46.85
N SER E 121 36.48 -75.82 -46.95
CA SER E 121 36.94 -77.19 -46.66
C SER E 121 36.48 -77.72 -45.29
N GLU E 122 36.51 -76.89 -44.25
CA GLU E 122 36.08 -77.28 -42.91
C GLU E 122 34.55 -77.48 -42.81
N GLU E 123 33.76 -76.97 -43.76
CA GLU E 123 32.37 -77.38 -43.95
C GLU E 123 32.30 -78.73 -44.68
N LEU E 124 33.11 -78.91 -45.74
CA LEU E 124 33.14 -80.12 -46.55
C LEU E 124 33.56 -81.37 -45.76
N GLN E 125 34.41 -81.19 -44.74
CA GLN E 125 34.79 -82.22 -43.76
C GLN E 125 33.61 -82.68 -42.87
N ALA E 126 32.53 -81.91 -42.77
CA ALA E 126 31.37 -82.14 -41.91
C ALA E 126 30.06 -82.40 -42.70
N ASN E 127 30.14 -82.70 -44.00
CA ASN E 127 29.02 -82.76 -44.94
C ASN E 127 28.23 -81.43 -45.08
N LYS E 128 28.80 -80.28 -44.70
CA LYS E 128 28.18 -78.94 -44.83
C LYS E 128 28.73 -78.14 -46.02
N ALA E 129 28.06 -77.04 -46.34
CA ALA E 129 28.48 -76.02 -47.30
C ALA E 129 27.64 -74.73 -47.13
N THR E 130 28.26 -73.55 -47.21
CA THR E 130 27.58 -72.25 -47.22
C THR E 130 28.06 -71.40 -48.39
N LEU E 131 27.15 -70.72 -49.10
CA LEU E 131 27.48 -69.68 -50.06
C LEU E 131 27.19 -68.32 -49.40
N VAL E 132 28.16 -67.41 -49.39
CA VAL E 132 28.05 -66.11 -48.71
C VAL E 132 27.82 -65.02 -49.76
N CYS E 133 26.62 -64.44 -49.77
CA CYS E 133 26.24 -63.37 -50.68
C CYS E 133 26.19 -62.03 -49.92
N LEU E 134 26.91 -61.03 -50.43
CA LEU E 134 27.08 -59.71 -49.82
C LEU E 134 26.55 -58.62 -50.77
N ILE E 135 25.67 -57.75 -50.28
CA ILE E 135 24.98 -56.72 -51.04
C ILE E 135 25.25 -55.37 -50.36
N SER E 136 25.64 -54.34 -51.11
CA SER E 136 26.26 -53.13 -50.55
C SER E 136 26.12 -51.93 -51.48
N ASP E 137 26.45 -50.73 -51.00
CA ASP E 137 26.47 -49.48 -51.76
C ASP E 137 25.14 -49.06 -52.45
N PHE E 138 23.99 -49.63 -52.10
CA PHE E 138 22.72 -49.30 -52.77
C PHE E 138 21.94 -48.14 -52.12
N TYR E 139 21.02 -47.51 -52.86
CA TYR E 139 20.03 -46.57 -52.32
C TYR E 139 18.72 -46.64 -53.15
N PRO E 140 17.51 -46.52 -52.56
CA PRO E 140 17.20 -46.33 -51.14
C PRO E 140 17.49 -47.58 -50.29
N GLY E 141 17.17 -47.55 -49.00
CA GLY E 141 17.21 -48.72 -48.11
C GLY E 141 16.12 -49.75 -48.44
N VAL E 142 16.25 -50.41 -49.59
CA VAL E 142 15.33 -51.42 -50.14
C VAL E 142 16.14 -52.63 -50.61
N VAL E 143 15.70 -53.85 -50.30
CA VAL E 143 16.33 -55.08 -50.81
C VAL E 143 15.32 -56.24 -50.81
N LYS E 144 15.57 -57.30 -51.60
CA LYS E 144 14.67 -58.48 -51.70
C LYS E 144 15.41 -59.83 -51.82
N VAL E 145 16.45 -59.90 -52.66
CA VAL E 145 17.36 -61.05 -52.89
C VAL E 145 16.68 -62.31 -53.47
N ALA E 146 17.42 -63.02 -54.33
CA ALA E 146 17.06 -64.27 -54.98
C ALA E 146 18.32 -65.14 -55.21
N TRP E 147 18.14 -66.44 -55.44
CA TRP E 147 19.23 -67.42 -55.55
C TRP E 147 18.94 -68.46 -56.66
N LYS E 148 20.00 -69.03 -57.24
CA LYS E 148 19.95 -70.12 -58.24
C LYS E 148 21.01 -71.20 -57.98
N ALA E 149 20.86 -71.93 -56.87
CA ALA E 149 21.56 -73.18 -56.61
C ALA E 149 20.95 -74.30 -57.49
N ASP E 150 21.43 -74.40 -58.74
CA ASP E 150 20.63 -74.93 -59.86
C ASP E 150 19.21 -74.31 -59.86
N GLY E 151 18.16 -75.09 -60.12
CA GLY E 151 16.76 -74.65 -60.04
C GLY E 151 16.14 -74.71 -58.63
N SER E 152 16.93 -75.03 -57.59
CA SER E 152 16.40 -75.24 -56.23
C SER E 152 16.12 -73.93 -55.47
N ALA E 153 15.14 -73.97 -54.55
CA ALA E 153 14.84 -72.87 -53.63
C ALA E 153 15.89 -72.72 -52.51
N VAL E 154 15.85 -71.61 -51.76
CA VAL E 154 16.81 -71.32 -50.67
C VAL E 154 16.74 -72.39 -49.57
N ASN E 155 17.90 -72.83 -49.07
CA ASN E 155 18.04 -74.05 -48.25
C ASN E 155 18.92 -73.85 -47.00
N ALA E 156 18.63 -74.61 -45.94
CA ALA E 156 19.39 -74.73 -44.69
C ALA E 156 19.76 -73.40 -43.99
N GLY E 157 18.97 -72.35 -44.20
CA GLY E 157 19.16 -71.02 -43.61
C GLY E 157 18.79 -69.90 -44.59
N VAL E 158 17.53 -69.48 -44.59
CA VAL E 158 17.07 -68.34 -45.42
C VAL E 158 17.70 -67.01 -44.98
N GLU E 159 18.05 -66.90 -43.70
CA GLU E 159 19.09 -66.03 -43.10
C GLU E 159 19.56 -64.87 -44.01
N THR E 160 18.75 -63.81 -44.09
CA THR E 160 19.02 -62.63 -44.93
C THR E 160 18.68 -61.35 -44.18
N THR E 161 19.54 -60.33 -44.25
CA THR E 161 19.34 -59.05 -43.55
C THR E 161 18.20 -58.23 -44.16
N THR E 162 17.44 -57.49 -43.34
CA THR E 162 16.72 -56.29 -43.80
C THR E 162 17.74 -55.16 -44.14
N PRO E 163 17.38 -54.13 -44.93
CA PRO E 163 18.31 -53.09 -45.35
C PRO E 163 18.97 -52.34 -44.17
N SER E 164 20.26 -52.06 -44.27
CA SER E 164 21.08 -51.44 -43.22
C SER E 164 22.02 -50.37 -43.78
N LYS E 165 22.21 -49.24 -43.08
CA LYS E 165 23.02 -48.10 -43.55
C LYS E 165 24.53 -48.33 -43.36
N GLN E 166 25.34 -47.91 -44.33
CA GLN E 166 26.82 -47.97 -44.32
C GLN E 166 27.43 -46.76 -43.59
N SER E 167 28.74 -46.51 -43.76
CA SER E 167 29.42 -45.28 -43.31
C SER E 167 28.96 -44.05 -44.12
N ASN E 168 28.89 -44.18 -45.44
CA ASN E 168 28.15 -43.28 -46.33
C ASN E 168 26.63 -43.57 -46.25
N ASN E 169 25.79 -42.69 -46.80
CA ASN E 169 24.33 -42.89 -46.82
C ASN E 169 23.83 -43.97 -47.81
N LYS E 170 24.71 -44.88 -48.23
CA LYS E 170 24.34 -46.06 -49.00
C LYS E 170 23.98 -47.20 -48.05
N TYR E 171 23.38 -48.26 -48.56
CA TYR E 171 22.77 -49.34 -47.79
C TYR E 171 23.32 -50.71 -48.21
N ALA E 172 23.20 -51.67 -47.31
CA ALA E 172 23.79 -53.00 -47.38
C ALA E 172 22.92 -54.09 -46.72
N ALA E 173 23.18 -55.34 -47.09
CA ALA E 173 22.56 -56.57 -46.57
C ALA E 173 23.45 -57.79 -46.94
N SER E 174 23.20 -58.96 -46.33
CA SER E 174 23.87 -60.21 -46.67
C SER E 174 22.91 -61.41 -46.59
N SER E 175 23.27 -62.52 -47.25
CA SER E 175 22.48 -63.74 -47.34
C SER E 175 23.38 -64.99 -47.41
N TYR E 176 22.91 -66.13 -46.90
CA TYR E 176 23.78 -67.27 -46.57
C TYR E 176 23.17 -68.63 -46.99
N LEU E 177 22.82 -68.79 -48.27
CA LEU E 177 22.27 -70.05 -48.78
C LEU E 177 23.20 -71.23 -48.42
N SER E 178 22.62 -72.29 -47.86
CA SER E 178 23.38 -73.37 -47.23
C SER E 178 22.94 -74.73 -47.76
N LEU E 179 23.87 -75.67 -47.85
CA LEU E 179 23.72 -76.96 -48.52
C LEU E 179 24.48 -78.06 -47.75
N THR E 180 24.21 -79.32 -48.05
CA THR E 180 25.21 -80.36 -47.78
C THR E 180 26.36 -80.31 -48.79
N SER E 181 27.49 -80.92 -48.47
CA SER E 181 28.65 -80.93 -49.38
C SER E 181 28.35 -81.69 -50.68
N ASP E 182 27.58 -82.77 -50.61
CA ASP E 182 27.13 -83.51 -51.79
C ASP E 182 26.11 -82.70 -52.61
N GLN E 183 25.22 -81.93 -51.97
CA GLN E 183 24.38 -80.98 -52.70
C GLN E 183 25.23 -79.93 -53.44
N TRP E 184 26.25 -79.36 -52.78
CA TRP E 184 27.21 -78.46 -53.44
C TRP E 184 27.91 -79.12 -54.63
N LYS E 185 28.45 -80.34 -54.47
CA LYS E 185 29.17 -81.07 -55.53
C LYS E 185 28.27 -81.52 -56.69
N SER E 186 27.00 -81.83 -56.41
CA SER E 186 26.04 -82.29 -57.42
C SER E 186 25.35 -81.14 -58.16
N HIS E 187 25.10 -80.00 -57.49
CA HIS E 187 24.74 -78.75 -58.17
C HIS E 187 25.92 -78.20 -58.99
N LYS E 188 25.65 -77.27 -59.92
CA LYS E 188 26.65 -76.62 -60.78
C LYS E 188 26.44 -75.12 -60.97
N SER E 189 25.20 -74.63 -60.94
CA SER E 189 24.90 -73.19 -60.84
C SER E 189 25.02 -72.75 -59.39
N TYR E 190 25.81 -71.71 -59.13
CA TYR E 190 26.15 -71.21 -57.80
C TYR E 190 26.02 -69.68 -57.77
N SER E 191 24.78 -69.16 -57.76
CA SER E 191 24.48 -67.75 -58.09
C SER E 191 23.49 -67.06 -57.15
N CYS E 192 23.70 -65.77 -56.91
CA CYS E 192 22.88 -64.88 -56.07
C CYS E 192 22.54 -63.58 -56.84
N GLN E 193 21.30 -63.10 -56.73
CA GLN E 193 20.79 -61.95 -57.50
C GLN E 193 19.98 -61.01 -56.58
N VAL E 194 20.14 -59.69 -56.70
CA VAL E 194 19.65 -58.75 -55.67
C VAL E 194 18.16 -58.36 -55.82
N THR E 195 17.69 -58.06 -57.03
CA THR E 195 16.35 -57.47 -57.33
C THR E 195 16.04 -56.14 -56.60
N HIS E 196 17.06 -55.39 -56.18
CA HIS E 196 16.92 -54.08 -55.51
C HIS E 196 16.14 -53.09 -56.37
N GLU E 197 15.00 -52.57 -55.88
CA GLU E 197 14.08 -51.69 -56.66
C GLU E 197 13.67 -52.29 -58.03
N GLY E 198 13.69 -53.62 -58.16
CA GLY E 198 13.44 -54.36 -59.40
C GLY E 198 14.62 -54.41 -60.37
N SER E 199 15.76 -53.76 -60.06
CA SER E 199 16.99 -53.81 -60.86
C SER E 199 17.66 -55.18 -60.78
N THR E 200 17.98 -55.78 -61.93
CA THR E 200 18.68 -57.08 -62.00
C THR E 200 20.18 -56.89 -61.80
N VAL E 201 20.74 -57.41 -60.70
CA VAL E 201 22.18 -57.37 -60.40
C VAL E 201 22.60 -58.72 -59.81
N GLU E 202 23.59 -59.39 -60.39
CA GLU E 202 23.91 -60.81 -60.14
C GLU E 202 25.41 -61.06 -59.89
N LYS E 203 25.73 -62.02 -59.01
CA LYS E 203 27.06 -62.62 -58.88
C LYS E 203 26.98 -64.15 -58.83
N THR E 204 28.06 -64.80 -59.27
CA THR E 204 28.19 -66.26 -59.42
C THR E 204 29.61 -66.70 -59.08
N VAL E 205 29.78 -67.91 -58.54
CA VAL E 205 31.10 -68.52 -58.20
C VAL E 205 31.33 -69.81 -58.99
N ALA E 206 32.59 -70.19 -59.19
CA ALA E 206 32.96 -71.44 -59.87
C ALA E 206 34.31 -72.01 -59.36
N PRO E 207 34.50 -73.35 -59.38
CA PRO E 207 35.79 -74.00 -59.13
C PRO E 207 36.92 -73.54 -60.07
CA GLN F 1 40.25 -35.28 -23.58
C GLN F 1 39.33 -36.08 -22.66
N VAL F 2 38.02 -36.07 -22.92
CA VAL F 2 37.01 -36.81 -22.12
C VAL F 2 36.41 -37.96 -22.91
N THR F 3 36.37 -39.16 -22.31
CA THR F 3 35.66 -40.35 -22.81
C THR F 3 35.15 -41.20 -21.63
N LEU F 4 34.05 -41.92 -21.85
CA LEU F 4 33.41 -42.83 -20.90
C LEU F 4 33.43 -44.26 -21.44
N MET F 5 33.50 -45.23 -20.53
CA MET F 5 33.29 -46.65 -20.79
C MET F 5 32.34 -47.27 -19.78
N GLU F 6 31.65 -48.31 -20.23
CA GLU F 6 30.88 -49.24 -19.42
C GLU F 6 31.25 -50.68 -19.75
N SER F 7 31.17 -51.57 -18.78
CA SER F 7 31.38 -52.99 -18.99
C SER F 7 30.76 -53.84 -17.88
N GLY F 8 30.55 -55.12 -18.22
CA GLY F 8 29.85 -56.12 -17.43
C GLY F 8 29.88 -57.47 -18.16
N PRO F 9 28.94 -58.39 -17.88
CA PRO F 9 28.88 -59.68 -18.53
C PRO F 9 28.44 -59.52 -19.99
N ALA F 10 28.83 -60.46 -20.85
CA ALA F 10 28.37 -60.45 -22.24
C ALA F 10 26.98 -61.08 -22.46
N LEU F 11 26.49 -61.87 -21.51
CA LEU F 11 25.19 -62.56 -21.52
C LEU F 11 24.67 -62.71 -20.10
N VAL F 12 23.35 -62.70 -19.92
CA VAL F 12 22.69 -63.07 -18.67
C VAL F 12 21.71 -64.20 -18.93
N LYS F 13 21.57 -65.11 -17.96
CA LYS F 13 20.65 -66.24 -18.08
C LYS F 13 19.21 -65.82 -17.70
N VAL F 14 18.21 -66.47 -18.33
CA VAL F 14 16.78 -66.18 -18.10
C VAL F 14 16.41 -66.36 -16.65
N THR F 15 15.94 -65.29 -16.03
CA THR F 15 15.73 -65.17 -14.59
C THR F 15 16.99 -65.44 -13.77
N GLN F 16 18.11 -64.88 -14.20
CA GLN F 16 19.23 -64.53 -13.33
C GLN F 16 19.29 -63.00 -13.16
N THR F 17 20.41 -62.42 -12.72
CA THR F 17 20.56 -60.97 -12.48
C THR F 17 21.81 -60.37 -13.13
N LEU F 18 21.63 -59.22 -13.77
CA LEU F 18 22.67 -58.41 -14.37
C LEU F 18 23.39 -57.56 -13.31
N ALA F 19 24.68 -57.29 -13.52
CA ALA F 19 25.37 -56.18 -12.89
C ALA F 19 26.42 -55.57 -13.84
N VAL F 20 26.66 -54.26 -13.74
CA VAL F 20 27.45 -53.50 -14.71
C VAL F 20 28.21 -52.36 -14.05
N THR F 21 29.25 -51.88 -14.72
CA THR F 21 30.18 -50.89 -14.17
C THR F 21 30.61 -49.89 -15.24
N CYS F 22 31.04 -48.71 -14.83
CA CYS F 22 31.24 -47.55 -15.69
C CYS F 22 32.38 -46.67 -15.16
N THR F 23 33.43 -46.44 -15.96
CA THR F 23 34.64 -45.66 -15.62
C THR F 23 35.06 -44.82 -16.83
N PHE F 24 35.94 -43.85 -16.62
CA PHE F 24 35.96 -42.64 -17.42
C PHE F 24 37.25 -41.81 -17.28
N SER F 25 37.45 -40.88 -18.20
CA SER F 25 38.23 -39.65 -17.97
C SER F 25 37.49 -38.70 -17.00
N GLY F 26 37.72 -37.38 -17.04
CA GLY F 26 36.85 -36.35 -16.43
C GLY F 26 36.61 -36.55 -14.94
N PHE F 27 37.65 -36.99 -14.24
CA PHE F 27 37.56 -37.81 -13.04
C PHE F 27 36.94 -37.10 -11.82
N SER F 28 35.72 -37.46 -11.46
CA SER F 28 34.97 -36.97 -10.28
C SER F 28 35.01 -35.44 -10.08
N ILE F 29 35.11 -34.68 -11.17
CA ILE F 29 35.03 -33.22 -11.16
C ILE F 29 33.65 -32.83 -10.62
N ARG F 30 33.50 -31.81 -9.77
CA ARG F 30 32.20 -31.45 -9.16
C ARG F 30 31.47 -30.32 -9.90
N ASP F 31 31.49 -30.42 -11.22
CA ASP F 31 31.17 -29.35 -12.19
C ASP F 31 29.66 -29.02 -12.33
N SER F 32 29.34 -28.05 -13.20
CA SER F 32 28.03 -27.65 -13.72
C SER F 32 27.06 -28.83 -13.83
N GLY F 33 26.10 -28.91 -12.90
CA GLY F 33 25.16 -30.02 -12.77
C GLY F 33 25.77 -31.39 -13.03
N LYS F 34 26.99 -31.62 -12.54
CA LYS F 34 27.78 -32.78 -12.90
C LYS F 34 27.26 -34.06 -12.25
N GLY F 35 27.08 -35.07 -13.08
CA GLY F 35 26.70 -36.42 -12.64
C GLY F 35 26.98 -37.48 -13.69
N VAL F 36 26.46 -38.68 -13.47
CA VAL F 36 26.55 -39.82 -14.38
C VAL F 36 25.19 -40.50 -14.40
N ALA F 37 24.85 -41.18 -15.50
CA ALA F 37 23.57 -41.87 -15.71
C ALA F 37 23.74 -43.27 -16.31
N TRP F 38 22.69 -44.07 -16.19
CA TRP F 38 22.47 -45.30 -16.94
C TRP F 38 21.20 -45.18 -17.80
N ILE F 39 21.30 -45.58 -19.07
CA ILE F 39 20.29 -45.51 -20.11
C ILE F 39 20.27 -46.84 -20.86
N ARG F 40 19.11 -47.30 -21.35
CA ARG F 40 19.04 -48.45 -22.27
C ARG F 40 18.10 -48.19 -23.43
N GLN F 41 18.27 -48.97 -24.48
CA GLN F 41 17.37 -48.98 -25.63
C GLN F 41 16.99 -50.43 -25.98
N PRO F 42 15.70 -50.79 -25.98
CA PRO F 42 15.21 -52.11 -26.41
C PRO F 42 15.68 -52.42 -27.84
N PRO F 43 15.68 -53.68 -28.29
CA PRO F 43 16.29 -54.05 -29.57
C PRO F 43 15.66 -53.25 -30.72
N GLY F 44 16.44 -52.34 -31.32
CA GLY F 44 15.98 -51.42 -32.37
C GLY F 44 14.92 -50.39 -31.94
N GLY F 45 14.67 -50.24 -30.64
CA GLY F 45 13.65 -49.35 -30.06
C GLY F 45 14.14 -47.93 -29.73
N ALA F 46 13.33 -47.18 -28.97
CA ALA F 46 13.64 -45.85 -28.45
C ALA F 46 14.63 -45.87 -27.26
N LEU F 47 15.07 -44.70 -26.79
CA LEU F 47 15.88 -44.58 -25.57
C LEU F 47 15.03 -44.63 -24.29
N GLU F 48 15.60 -45.12 -23.19
CA GLU F 48 15.01 -45.15 -21.86
C GLU F 48 16.04 -44.89 -20.76
N TRP F 49 15.93 -43.74 -20.10
CA TRP F 49 16.70 -43.46 -18.89
C TRP F 49 16.30 -44.38 -17.77
N LEU F 50 17.28 -44.87 -17.02
CA LEU F 50 17.02 -45.60 -15.79
C LEU F 50 17.23 -44.72 -14.57
N THR F 51 18.44 -44.20 -14.39
CA THR F 51 18.84 -43.60 -13.12
C THR F 51 20.14 -42.81 -13.26
N SER F 52 20.48 -42.01 -12.26
CA SER F 52 21.63 -41.11 -12.27
C SER F 52 22.05 -40.61 -10.88
N ILE F 53 23.28 -40.10 -10.74
CA ILE F 53 23.92 -39.66 -9.49
C ILE F 53 24.86 -38.47 -9.73
N TYR F 54 25.00 -37.54 -8.77
CA TYR F 54 25.60 -36.22 -9.00
C TYR F 54 26.91 -35.95 -8.22
N TRP F 55 27.32 -34.68 -8.04
CA TRP F 55 28.59 -34.28 -7.37
C TRP F 55 28.67 -34.50 -5.86
N ASP F 56 27.62 -35.05 -5.26
CA ASP F 56 27.65 -35.85 -4.05
C ASP F 56 26.66 -37.00 -4.27
N ASP F 57 26.57 -37.96 -3.37
CA ASP F 57 25.66 -39.10 -3.56
C ASP F 57 24.16 -38.76 -3.38
N THR F 58 23.75 -37.56 -3.77
CA THR F 58 22.39 -37.32 -4.25
C THR F 58 22.13 -38.16 -5.51
N LYS F 59 21.05 -38.95 -5.49
CA LYS F 59 20.76 -40.01 -6.46
C LYS F 59 19.26 -40.18 -6.63
N TYR F 60 18.82 -40.57 -7.83
CA TYR F 60 17.39 -40.51 -8.21
C TYR F 60 16.97 -41.63 -9.18
N HIS F 61 15.69 -41.97 -9.13
CA HIS F 61 15.21 -43.31 -9.44
C HIS F 61 13.88 -43.29 -10.24
N ASP F 62 13.68 -44.22 -11.17
CA ASP F 62 12.42 -44.29 -11.92
C ASP F 62 11.25 -44.84 -11.11
N THR F 63 10.25 -44.00 -10.96
CA THR F 63 8.88 -44.35 -10.62
C THR F 63 8.40 -45.73 -11.07
N SER F 64 8.47 -46.08 -12.36
CA SER F 64 7.76 -47.26 -12.87
C SER F 64 8.48 -48.56 -12.55
N LEU F 65 9.82 -48.51 -12.55
CA LEU F 65 10.66 -49.66 -12.31
C LEU F 65 11.07 -49.83 -10.84
N LYS F 66 10.99 -48.79 -10.00
CA LYS F 66 11.88 -48.59 -8.83
C LYS F 66 12.52 -49.83 -8.21
N PRO F 67 11.79 -50.75 -7.58
CA PRO F 67 12.39 -51.89 -6.89
C PRO F 67 13.28 -52.71 -7.80
N ARG F 68 13.05 -52.69 -9.11
CA ARG F 68 13.84 -53.44 -10.08
C ARG F 68 15.29 -53.02 -10.16
N LEU F 69 15.69 -51.86 -9.62
CA LEU F 69 17.00 -51.24 -9.80
C LEU F 69 17.60 -50.72 -8.48
N THR F 70 18.93 -50.68 -8.37
CA THR F 70 19.65 -49.98 -7.30
C THR F 70 21.03 -49.50 -7.74
N ILE F 71 21.49 -48.37 -7.19
CA ILE F 71 22.64 -47.62 -7.68
C ILE F 71 23.53 -47.10 -6.55
N PHE F 72 24.84 -47.22 -6.75
CA PHE F 72 25.89 -46.83 -5.81
C PHE F 72 27.26 -46.87 -6.50
N ARG F 73 28.31 -46.71 -5.71
CA ARG F 73 29.71 -46.88 -6.10
C ARG F 73 30.55 -47.11 -4.85
N ASP F 74 31.79 -47.54 -5.00
CA ASP F 74 32.83 -47.18 -4.03
C ASP F 74 33.65 -46.06 -4.66
N THR F 75 33.51 -44.82 -4.16
CA THR F 75 34.06 -43.62 -4.81
C THR F 75 35.55 -43.79 -5.12
N SER F 76 36.29 -44.37 -4.16
CA SER F 76 37.72 -44.63 -4.26
C SER F 76 38.09 -45.58 -5.41
N GLN F 77 37.18 -46.47 -5.80
CA GLN F 77 37.38 -47.41 -6.88
C GLN F 77 37.03 -46.81 -8.25
N THR F 78 36.44 -45.60 -8.31
CA THR F 78 36.23 -44.83 -9.55
C THR F 78 35.44 -45.52 -10.66
N GLN F 79 34.62 -46.53 -10.33
CA GLN F 79 33.54 -46.98 -11.18
C GLN F 79 32.20 -46.52 -10.61
N VAL F 80 31.37 -45.91 -11.44
CA VAL F 80 29.93 -45.93 -11.21
C VAL F 80 29.43 -47.36 -11.46
N ILE F 81 28.38 -47.80 -10.76
CA ILE F 81 27.88 -49.17 -10.78
C ILE F 81 26.36 -49.15 -11.01
N LEU F 82 25.76 -50.24 -11.48
CA LEU F 82 24.32 -50.46 -11.38
C LEU F 82 24.03 -51.91 -11.05
N ILE F 83 23.06 -52.14 -10.16
CA ILE F 83 22.60 -53.46 -9.75
C ILE F 83 21.07 -53.55 -9.93
N LEU F 84 20.57 -54.75 -10.23
CA LEU F 84 19.22 -54.99 -10.70
C LEU F 84 18.53 -56.17 -10.00
N THR F 85 17.23 -56.26 -10.19
CA THR F 85 16.44 -57.46 -9.96
C THR F 85 16.82 -58.64 -10.82
N ASN F 86 16.18 -59.76 -10.55
CA ASN F 86 16.11 -60.89 -11.44
C ASN F 86 15.36 -60.51 -12.74
N MET F 87 15.70 -61.18 -13.83
CA MET F 87 15.53 -60.71 -15.22
C MET F 87 14.49 -61.49 -16.06
N ALA F 88 13.52 -60.80 -16.67
CA ALA F 88 12.76 -61.33 -17.80
C ALA F 88 13.50 -60.99 -19.11
N PRO F 89 13.65 -61.90 -20.08
CA PRO F 89 14.55 -61.71 -21.22
C PRO F 89 14.25 -60.49 -22.10
N LEU F 90 13.05 -59.93 -22.01
CA LEU F 90 12.70 -58.62 -22.58
C LEU F 90 13.65 -57.49 -22.14
N ASP F 91 14.29 -57.61 -20.98
CA ASP F 91 15.29 -56.65 -20.50
C ASP F 91 16.60 -56.65 -21.32
N THR F 92 16.79 -57.57 -22.27
CA THR F 92 17.84 -57.49 -23.30
C THR F 92 17.79 -56.14 -23.99
N ALA F 93 18.94 -55.48 -24.15
CA ALA F 93 18.97 -54.18 -24.79
C ALA F 93 20.40 -53.74 -25.13
N THR F 94 20.50 -52.67 -25.91
CA THR F 94 21.71 -51.85 -25.90
C THR F 94 21.72 -51.00 -24.64
N TYR F 95 22.69 -51.17 -23.73
CA TYR F 95 22.80 -50.35 -22.51
C TYR F 95 24.00 -49.43 -22.60
N TYR F 96 23.88 -48.27 -21.99
CA TYR F 96 24.92 -47.23 -21.94
C TYR F 96 24.97 -46.56 -20.58
N CYS F 97 26.16 -46.19 -20.13
CA CYS F 97 26.29 -45.11 -19.16
C CYS F 97 26.68 -43.80 -19.86
N GLY F 98 26.51 -42.68 -19.17
CA GLY F 98 26.77 -41.35 -19.73
C GLY F 98 27.06 -40.32 -18.66
N ARG F 99 27.72 -39.24 -19.04
CA ARG F 99 28.08 -38.10 -18.18
C ARG F 99 27.03 -37.00 -18.28
N ILE F 100 26.77 -36.32 -17.18
CA ILE F 100 25.76 -35.27 -17.05
C ILE F 100 26.47 -33.96 -16.72
N ASN F 101 25.94 -32.83 -17.19
CA ASN F 101 26.49 -31.51 -16.89
C ASN F 101 25.41 -30.39 -16.82
N ASN F 102 24.33 -30.63 -16.06
CA ASN F 102 23.14 -29.77 -16.03
C ASN F 102 23.32 -28.41 -15.31
N GLY F 103 24.09 -27.51 -15.90
CA GLY F 103 24.07 -26.08 -15.59
C GLY F 103 24.26 -25.76 -14.11
N GLY F 104 23.44 -24.86 -13.59
CA GLY F 104 23.37 -24.52 -12.15
C GLY F 104 22.38 -25.37 -11.34
N GLY F 105 21.93 -26.52 -11.86
CA GLY F 105 20.82 -27.33 -11.29
C GLY F 105 19.57 -27.42 -12.18
N TRP F 106 19.72 -27.13 -13.48
CA TRP F 106 18.71 -27.18 -14.55
C TRP F 106 19.43 -27.32 -15.89
N LYS F 107 18.69 -27.33 -17.00
CA LYS F 107 19.21 -27.28 -18.37
C LYS F 107 20.03 -28.52 -18.74
N ASP F 108 19.49 -29.41 -19.56
CA ASP F 108 20.16 -30.68 -19.76
C ASP F 108 21.45 -30.65 -20.57
N HIS F 109 22.50 -31.20 -19.97
CA HIS F 109 23.58 -31.84 -20.69
C HIS F 109 23.68 -33.29 -20.20
N ILE F 110 23.54 -34.25 -21.11
CA ILE F 110 24.19 -35.55 -21.05
C ILE F 110 25.40 -35.46 -21.98
N ASP F 111 26.48 -34.81 -21.55
CA ASP F 111 27.48 -34.28 -22.47
C ASP F 111 28.49 -35.31 -23.00
N PHE F 112 28.47 -36.55 -22.51
CA PHE F 112 29.22 -37.67 -23.10
C PHE F 112 28.47 -39.00 -22.89
N TRP F 113 28.59 -39.93 -23.82
CA TRP F 113 27.93 -41.24 -23.77
C TRP F 113 28.97 -42.32 -24.08
N GLY F 114 28.97 -43.42 -23.34
CA GLY F 114 29.96 -44.50 -23.56
C GLY F 114 29.71 -45.33 -24.83
N PRO F 115 30.66 -46.20 -25.23
CA PRO F 115 30.50 -47.10 -26.38
C PRO F 115 29.43 -48.18 -26.18
N GLY F 116 28.94 -48.39 -24.96
CA GLY F 116 27.82 -49.26 -24.64
C GLY F 116 28.16 -50.71 -24.41
N LEU F 117 27.16 -51.47 -23.95
CA LEU F 117 27.26 -52.89 -23.68
C LEU F 117 26.10 -53.67 -24.28
N LEU F 118 26.41 -54.79 -24.92
CA LEU F 118 25.49 -55.69 -25.60
C LEU F 118 24.78 -56.62 -24.60
N VAL F 119 24.06 -56.03 -23.65
CA VAL F 119 23.33 -56.81 -22.64
C VAL F 119 22.27 -57.67 -23.33
N THR F 120 22.46 -58.97 -23.19
CA THR F 120 21.72 -59.99 -23.93
C THR F 120 21.25 -61.07 -22.98
N VAL F 121 20.06 -61.61 -23.19
CA VAL F 121 19.46 -62.59 -22.28
C VAL F 121 19.00 -63.84 -23.01
N SER F 122 19.28 -65.03 -22.49
CA SER F 122 18.70 -66.30 -22.98
C SER F 122 18.67 -67.38 -21.90
N SER F 123 17.85 -68.42 -22.04
CA SER F 123 17.90 -69.59 -21.15
C SER F 123 19.21 -70.39 -21.36
N ALA F 124 19.78 -70.33 -22.56
CA ALA F 124 21.03 -70.98 -22.92
C ALA F 124 22.26 -70.18 -22.48
N SER F 125 23.41 -70.86 -22.40
CA SER F 125 24.72 -70.24 -22.15
C SER F 125 25.43 -69.81 -23.45
N THR F 126 26.64 -69.30 -23.33
CA THR F 126 27.52 -68.92 -24.46
C THR F 126 27.85 -70.12 -25.36
N LYS F 127 28.14 -69.85 -26.65
CA LYS F 127 28.80 -70.77 -27.59
C LYS F 127 29.88 -70.06 -28.40
N GLY F 128 31.00 -70.72 -28.70
CA GLY F 128 32.16 -70.10 -29.35
C GLY F 128 32.13 -70.10 -30.89
N PRO F 129 32.88 -69.19 -31.54
CA PRO F 129 32.86 -68.99 -33.00
C PRO F 129 33.62 -70.06 -33.80
N SER F 130 33.16 -70.26 -35.03
CA SER F 130 33.89 -70.88 -36.14
C SER F 130 34.18 -69.82 -37.22
N VAL F 131 35.35 -69.86 -37.84
CA VAL F 131 35.84 -68.85 -38.80
C VAL F 131 36.25 -69.51 -40.12
N PHE F 132 35.93 -68.89 -41.26
CA PHE F 132 36.30 -69.39 -42.59
C PHE F 132 36.83 -68.27 -43.51
N PRO F 133 37.95 -68.47 -44.22
CA PRO F 133 38.39 -67.57 -45.29
C PRO F 133 37.51 -67.75 -46.54
N LEU F 134 37.31 -66.68 -47.32
CA LEU F 134 36.30 -66.63 -48.38
C LEU F 134 36.84 -66.51 -49.82
N ALA F 135 38.17 -66.41 -50.02
CA ALA F 135 38.75 -66.17 -51.34
C ALA F 135 38.37 -67.27 -52.37
N PRO F 136 37.85 -66.90 -53.56
CA PRO F 136 37.27 -67.84 -54.51
C PRO F 136 38.30 -68.70 -55.26
N SER F 137 37.85 -69.84 -55.79
CA SER F 137 38.67 -70.83 -56.51
C SER F 137 39.05 -70.39 -57.94
N SER F 138 38.23 -69.56 -58.58
CA SER F 138 38.49 -68.97 -59.91
C SER F 138 38.31 -67.44 -59.89
N ARG F 139 39.13 -66.72 -60.66
CA ARG F 139 39.40 -65.27 -60.50
C ARG F 139 39.59 -64.57 -61.85
N SER F 140 39.28 -63.28 -61.93
CA SER F 140 39.28 -62.52 -63.20
C SER F 140 39.62 -61.02 -63.10
N THR F 141 39.58 -60.40 -61.90
CA THR F 141 39.91 -58.98 -61.72
C THR F 141 41.42 -58.73 -61.74
N SER F 142 41.83 -57.46 -61.90
CA SER F 142 43.23 -57.02 -61.82
C SER F 142 43.35 -55.76 -60.95
N GLU F 143 44.56 -55.43 -60.48
CA GLU F 143 44.84 -54.26 -59.63
C GLU F 143 44.06 -54.25 -58.30
N SER F 144 44.14 -53.16 -57.53
CA SER F 144 43.42 -52.96 -56.25
C SER F 144 41.89 -52.80 -56.38
N THR F 145 41.28 -53.40 -57.41
CA THR F 145 39.82 -53.44 -57.62
C THR F 145 39.11 -54.49 -56.75
N ALA F 146 39.83 -55.48 -56.22
CA ALA F 146 39.27 -56.58 -55.43
C ALA F 146 39.11 -56.23 -53.93
N ALA F 147 38.27 -57.01 -53.25
CA ALA F 147 38.13 -57.01 -51.80
C ALA F 147 37.78 -58.42 -51.28
N LEU F 148 38.30 -58.80 -50.11
CA LEU F 148 38.21 -60.15 -49.54
C LEU F 148 38.06 -60.12 -48.00
N GLY F 149 37.66 -61.22 -47.38
CA GLY F 149 37.53 -61.30 -45.91
C GLY F 149 37.20 -62.70 -45.37
N CYS F 150 36.64 -62.75 -44.16
CA CYS F 150 36.28 -63.98 -43.45
C CYS F 150 34.82 -64.01 -42.98
N LEU F 151 34.20 -65.19 -43.03
CA LEU F 151 32.93 -65.52 -42.37
C LEU F 151 33.18 -65.91 -40.92
N VAL F 152 32.27 -65.53 -40.02
CA VAL F 152 32.18 -66.07 -38.65
C VAL F 152 30.79 -66.66 -38.41
N LYS F 153 30.69 -67.79 -37.71
CA LYS F 153 29.47 -68.61 -37.57
C LYS F 153 29.47 -69.40 -36.25
N ASP F 154 28.34 -69.99 -35.87
CA ASP F 154 28.15 -70.94 -34.76
C ASP F 154 28.31 -70.40 -33.32
N TYR F 155 28.74 -69.15 -33.14
CA TYR F 155 28.81 -68.54 -31.83
C TYR F 155 27.44 -68.08 -31.32
N PHE F 156 27.34 -67.88 -30.01
CA PHE F 156 26.27 -67.11 -29.37
C PHE F 156 26.75 -66.50 -28.05
N PRO F 157 26.28 -65.30 -27.67
CA PRO F 157 25.74 -64.24 -28.52
C PRO F 157 26.88 -63.41 -29.16
N GLU F 158 26.52 -62.26 -29.74
CA GLU F 158 27.43 -61.13 -30.04
C GLU F 158 28.05 -60.51 -28.76
N PRO F 159 29.07 -59.63 -28.86
CA PRO F 159 29.77 -59.21 -30.07
C PRO F 159 30.89 -60.15 -30.50
N VAL F 160 31.10 -60.20 -31.79
CA VAL F 160 32.40 -60.48 -32.42
C VAL F 160 32.79 -59.33 -33.36
N THR F 161 34.07 -58.99 -33.43
CA THR F 161 34.61 -57.95 -34.32
C THR F 161 35.87 -58.46 -35.02
N VAL F 162 36.27 -57.79 -36.10
CA VAL F 162 37.41 -58.17 -36.93
C VAL F 162 38.30 -56.95 -37.20
N SER F 163 39.62 -57.13 -37.20
CA SER F 163 40.58 -56.11 -37.61
C SER F 163 41.56 -56.65 -38.66
N TRP F 164 42.21 -55.75 -39.40
CA TRP F 164 42.99 -56.08 -40.60
C TRP F 164 44.49 -55.84 -40.35
N ASN F 165 45.21 -56.91 -40.04
CA ASN F 165 46.62 -56.91 -39.63
C ASN F 165 46.88 -55.98 -38.43
N SER F 166 46.12 -56.14 -37.34
CA SER F 166 46.15 -55.27 -36.15
C SER F 166 45.95 -53.78 -36.51
N GLY F 167 45.01 -53.51 -37.41
CA GLY F 167 44.72 -52.18 -37.94
C GLY F 167 45.62 -51.74 -39.11
N SER F 168 46.82 -52.30 -39.26
CA SER F 168 47.85 -51.75 -40.17
C SER F 168 47.51 -51.81 -41.66
N LEU F 169 46.62 -52.73 -42.10
CA LEU F 169 46.14 -52.82 -43.50
C LEU F 169 44.66 -52.40 -43.67
N THR F 170 44.09 -51.62 -42.73
CA THR F 170 42.71 -51.11 -42.83
C THR F 170 42.55 -50.10 -43.99
N SER F 171 41.96 -50.53 -45.11
CA SER F 171 41.49 -49.64 -46.18
C SER F 171 40.35 -50.24 -47.01
N GLY F 172 39.47 -49.39 -47.53
CA GLY F 172 38.33 -49.79 -48.39
C GLY F 172 37.49 -50.94 -47.80
N VAL F 173 37.15 -50.84 -46.52
CA VAL F 173 36.44 -51.88 -45.76
C VAL F 173 34.93 -51.84 -46.00
N HIS F 174 34.30 -53.01 -46.01
CA HIS F 174 32.85 -53.17 -45.80
C HIS F 174 32.61 -54.10 -44.63
N THR F 175 31.68 -53.76 -43.74
CA THR F 175 31.22 -54.65 -42.65
C THR F 175 29.70 -54.68 -42.62
N PHE F 176 29.14 -55.86 -42.40
CA PHE F 176 27.71 -56.14 -42.48
C PHE F 176 27.20 -56.46 -41.06
N PRO F 177 26.02 -55.98 -40.64
CA PRO F 177 25.47 -56.34 -39.34
C PRO F 177 25.24 -57.86 -39.28
N ALA F 178 25.55 -58.47 -38.14
CA ALA F 178 25.39 -59.90 -37.95
C ALA F 178 23.93 -60.35 -38.05
N VAL F 179 23.71 -61.62 -38.42
CA VAL F 179 22.38 -62.23 -38.53
C VAL F 179 22.29 -63.50 -37.68
N LEU F 180 21.11 -63.73 -37.09
CA LEU F 180 20.83 -64.95 -36.34
C LEU F 180 20.91 -66.16 -37.28
N GLN F 181 21.81 -67.08 -36.95
CA GLN F 181 21.84 -68.42 -37.52
C GLN F 181 20.65 -69.22 -36.95
N SER F 182 19.79 -69.76 -37.80
CA SER F 182 18.40 -70.15 -37.48
C SER F 182 18.25 -71.29 -36.44
N SER F 183 19.34 -71.96 -36.07
CA SER F 183 19.41 -72.86 -34.91
C SER F 183 19.37 -72.14 -33.55
N GLY F 184 19.43 -70.80 -33.52
CA GLY F 184 19.49 -69.97 -32.31
C GLY F 184 20.90 -69.44 -32.00
N LEU F 185 21.75 -69.32 -33.02
CA LEU F 185 23.15 -68.85 -32.94
C LEU F 185 23.31 -67.56 -33.77
N TYR F 186 24.52 -67.10 -34.02
CA TYR F 186 24.79 -65.90 -34.82
C TYR F 186 25.92 -66.09 -35.83
N SER F 187 25.94 -65.21 -36.83
CA SER F 187 26.92 -65.20 -37.91
C SER F 187 27.20 -63.78 -38.43
N LEU F 188 28.41 -63.54 -38.94
CA LEU F 188 28.95 -62.22 -39.28
C LEU F 188 29.84 -62.25 -40.53
N SER F 189 29.92 -61.13 -41.26
CA SER F 189 30.84 -60.92 -42.38
C SER F 189 31.49 -59.53 -42.33
N SER F 190 32.80 -59.47 -42.63
CA SER F 190 33.56 -58.22 -42.81
C SER F 190 34.65 -58.43 -43.88
N VAL F 191 34.99 -57.37 -44.61
CA VAL F 191 35.74 -57.40 -45.89
C VAL F 191 36.69 -56.20 -45.99
N VAL F 192 37.86 -56.37 -46.61
CA VAL F 192 38.89 -55.34 -46.82
C VAL F 192 39.37 -55.32 -48.28
N THR F 193 39.72 -54.14 -48.81
CA THR F 193 40.20 -53.98 -50.19
C THR F 193 41.63 -54.53 -50.38
N VAL F 194 41.91 -55.20 -51.50
CA VAL F 194 43.18 -55.90 -51.78
C VAL F 194 43.59 -55.83 -53.27
N PRO F 195 44.89 -55.93 -53.59
CA PRO F 195 45.36 -56.12 -54.96
C PRO F 195 45.00 -57.52 -55.49
N SER F 196 44.31 -57.56 -56.65
CA SER F 196 43.77 -58.80 -57.25
C SER F 196 44.83 -59.85 -57.59
N SER F 197 46.04 -59.42 -57.93
CA SER F 197 47.11 -60.26 -58.51
C SER F 197 48.37 -60.35 -57.64
N SER F 198 48.37 -59.77 -56.43
CA SER F 198 49.57 -59.66 -55.57
C SER F 198 49.39 -60.23 -54.16
N LEU F 199 48.41 -61.11 -53.94
CA LEU F 199 48.32 -61.86 -52.69
C LEU F 199 49.54 -62.78 -52.52
N GLY F 200 50.05 -62.92 -51.29
CA GLY F 200 51.23 -63.74 -50.99
C GLY F 200 52.56 -62.99 -51.03
N THR F 201 52.71 -61.91 -51.81
CA THR F 201 53.82 -60.94 -51.64
C THR F 201 53.63 -60.08 -50.39
N GLN F 202 52.38 -59.98 -49.92
CA GLN F 202 51.96 -59.52 -48.59
C GLN F 202 50.82 -60.43 -48.10
N THR F 203 50.66 -60.56 -46.79
CA THR F 203 49.61 -61.35 -46.14
C THR F 203 48.53 -60.45 -45.55
N TYR F 204 47.26 -60.79 -45.79
CA TYR F 204 46.11 -60.05 -45.31
C TYR F 204 45.40 -60.89 -44.24
N VAL F 205 45.20 -60.35 -43.04
CA VAL F 205 44.87 -61.14 -41.85
C VAL F 205 43.54 -60.69 -41.25
N CYS F 206 42.60 -61.64 -41.13
CA CYS F 206 41.40 -61.53 -40.29
C CYS F 206 41.79 -61.70 -38.81
N ASN F 207 41.94 -60.62 -38.06
CA ASN F 207 42.10 -60.66 -36.61
C ASN F 207 40.71 -60.68 -35.92
N VAL F 208 40.11 -61.86 -35.78
CA VAL F 208 38.77 -62.06 -35.21
C VAL F 208 38.81 -62.07 -33.67
N ASN F 209 37.89 -61.38 -32.99
CA ASN F 209 37.73 -61.42 -31.53
C ASN F 209 36.26 -61.54 -31.10
N HIS F 210 35.94 -62.39 -30.10
CA HIS F 210 34.60 -62.68 -29.60
C HIS F 210 34.56 -62.56 -28.08
N LYS F 211 33.99 -61.47 -27.54
CA LYS F 211 34.04 -61.15 -26.11
C LYS F 211 33.44 -62.23 -25.18
N PRO F 212 32.28 -62.86 -25.46
CA PRO F 212 31.66 -63.78 -24.51
C PRO F 212 32.56 -64.97 -24.16
N SER F 213 33.24 -65.56 -25.15
CA SER F 213 34.24 -66.61 -24.92
C SER F 213 35.66 -66.06 -24.68
N ASN F 214 35.84 -64.74 -24.86
CA ASN F 214 37.09 -64.02 -24.99
C ASN F 214 38.04 -64.58 -26.09
N THR F 215 37.50 -65.35 -27.04
CA THR F 215 38.31 -66.00 -28.08
C THR F 215 38.81 -64.98 -29.09
N LYS F 216 40.13 -64.90 -29.27
CA LYS F 216 40.76 -64.06 -30.29
C LYS F 216 41.68 -64.91 -31.17
N VAL F 217 41.50 -64.87 -32.48
CA VAL F 217 42.17 -65.75 -33.45
C VAL F 217 42.53 -64.96 -34.72
N ASP F 218 43.72 -65.20 -35.25
CA ASP F 218 44.23 -64.59 -36.47
C ASP F 218 44.27 -65.61 -37.62
N LYS F 219 43.68 -65.29 -38.78
CA LYS F 219 43.75 -66.15 -39.99
C LYS F 219 44.10 -65.37 -41.25
N ARG F 220 44.90 -65.96 -42.14
CA ARG F 220 45.17 -65.43 -43.48
C ARG F 220 43.89 -65.40 -44.33
N VAL F 221 43.72 -64.35 -45.12
CA VAL F 221 42.68 -64.23 -46.14
C VAL F 221 43.08 -65.02 -47.39
N GLU F 222 44.34 -64.86 -47.84
CA GLU F 222 44.90 -65.58 -48.99
C GLU F 222 45.20 -67.08 -48.73
CA GLN G 1 12.75 -80.34 2.37
C GLN G 1 13.00 -78.90 1.93
N VAL G 2 13.75 -78.11 2.73
CA VAL G 2 14.35 -76.83 2.31
C VAL G 2 15.23 -76.99 1.05
N THR G 3 15.21 -75.99 0.17
CA THR G 3 15.91 -75.97 -1.13
C THR G 3 16.46 -74.58 -1.45
N LEU G 4 17.55 -74.55 -2.21
CA LEU G 4 18.39 -73.39 -2.54
C LEU G 4 19.10 -73.62 -3.87
N MET G 5 19.58 -72.56 -4.52
CA MET G 5 20.43 -72.68 -5.73
C MET G 5 21.45 -71.55 -5.86
N GLU G 6 22.57 -71.84 -6.50
CA GLU G 6 23.72 -70.94 -6.64
C GLU G 6 23.90 -70.55 -8.11
N SER G 7 23.81 -69.25 -8.41
CA SER G 7 23.63 -68.78 -9.79
C SER G 7 24.27 -67.42 -10.06
N GLY G 8 24.66 -67.18 -11.30
CA GLY G 8 25.52 -66.06 -11.72
C GLY G 8 26.56 -66.50 -12.77
N PRO G 9 27.53 -65.65 -13.12
CA PRO G 9 28.52 -65.93 -14.15
C PRO G 9 29.65 -66.82 -13.62
N ALA G 10 30.31 -67.55 -14.51
CA ALA G 10 31.46 -68.37 -14.14
C ALA G 10 32.72 -67.55 -13.82
N LEU G 11 32.85 -66.36 -14.42
CA LEU G 11 33.99 -65.43 -14.27
C LEU G 11 33.57 -63.96 -14.43
N VAL G 12 34.49 -63.03 -14.12
CA VAL G 12 34.36 -61.60 -14.43
C VAL G 12 35.73 -60.96 -14.60
N LYS G 13 35.79 -59.82 -15.29
CA LYS G 13 36.97 -58.96 -15.34
C LYS G 13 37.31 -58.33 -13.99
N VAL G 14 38.59 -58.01 -13.82
CA VAL G 14 39.19 -57.27 -12.70
C VAL G 14 38.49 -55.92 -12.49
N THR G 15 38.56 -55.37 -11.27
CA THR G 15 37.95 -54.09 -10.83
C THR G 15 36.44 -54.05 -10.78
N GLN G 16 35.74 -55.01 -11.38
CA GLN G 16 34.28 -55.02 -11.44
C GLN G 16 33.63 -55.50 -10.12
N THR G 17 32.46 -56.15 -10.21
CA THR G 17 31.66 -56.60 -9.06
C THR G 17 31.27 -58.05 -9.13
N LEU G 18 31.28 -58.76 -8.01
CA LEU G 18 30.55 -60.02 -7.92
C LEU G 18 29.06 -59.72 -7.90
N ALA G 19 28.31 -60.54 -8.61
CA ALA G 19 26.86 -60.55 -8.53
C ALA G 19 26.39 -62.00 -8.65
N VAL G 20 25.92 -62.56 -7.54
CA VAL G 20 25.48 -63.96 -7.47
C VAL G 20 24.26 -64.10 -6.57
N THR G 21 23.50 -65.14 -6.82
CA THR G 21 22.07 -65.14 -6.53
C THR G 21 21.56 -66.51 -6.11
N CYS G 22 20.57 -66.52 -5.23
CA CYS G 22 20.03 -67.70 -4.56
C CYS G 22 18.65 -67.40 -3.93
N THR G 23 17.67 -68.28 -4.08
CA THR G 23 16.29 -68.15 -3.53
C THR G 23 16.03 -69.20 -2.44
N PHE G 24 15.53 -68.77 -1.28
CA PHE G 24 15.05 -69.66 -0.22
C PHE G 24 13.75 -70.37 -0.66
N SER G 25 13.67 -71.68 -0.45
CA SER G 25 12.58 -72.52 -0.94
C SER G 25 12.34 -73.69 0.00
N GLY G 26 11.13 -74.26 -0.01
CA GLY G 26 10.76 -75.40 0.84
C GLY G 26 10.49 -75.04 2.32
N PHE G 27 10.55 -73.76 2.66
CA PHE G 27 10.09 -73.17 3.91
C PHE G 27 9.80 -71.68 3.65
N SER G 28 9.94 -70.75 4.59
CA SER G 28 9.88 -69.31 4.28
C SER G 28 10.84 -68.44 5.11
N ILE G 29 11.20 -67.28 4.55
CA ILE G 29 11.94 -66.23 5.26
C ILE G 29 11.17 -65.63 6.44
N ARG G 30 9.85 -65.81 6.47
CA ARG G 30 9.02 -65.41 7.59
C ARG G 30 9.10 -66.41 8.74
N ASP G 31 9.65 -67.60 8.52
CA ASP G 31 9.76 -68.63 9.55
C ASP G 31 10.77 -68.24 10.63
N SER G 32 10.38 -68.39 11.89
CA SER G 32 11.16 -67.85 13.01
C SER G 32 12.45 -68.61 13.28
N GLY G 33 13.40 -67.94 13.90
CA GLY G 33 14.70 -68.51 14.29
C GLY G 33 15.62 -68.86 13.12
N LYS G 34 15.14 -68.80 11.88
CA LYS G 34 15.92 -69.15 10.69
C LYS G 34 16.64 -67.93 10.10
N GLY G 35 17.45 -68.15 9.07
CA GLY G 35 18.16 -67.12 8.32
C GLY G 35 18.88 -67.67 7.10
N VAL G 36 19.70 -66.87 6.43
CA VAL G 36 20.52 -67.29 5.30
C VAL G 36 21.87 -66.60 5.40
N ALA G 37 22.92 -67.25 4.90
CA ALA G 37 24.31 -66.85 4.95
C ALA G 37 25.05 -67.20 3.65
N TRP G 38 26.32 -66.79 3.55
CA TRP G 38 27.19 -67.15 2.45
C TRP G 38 28.61 -67.55 2.90
N ILE G 39 29.16 -68.56 2.22
CA ILE G 39 30.51 -69.12 2.36
C ILE G 39 31.22 -69.14 1.00
N ARG G 40 32.54 -68.98 0.97
CA ARG G 40 33.39 -69.12 -0.22
C ARG G 40 34.59 -70.04 0.05
N GLN G 41 35.22 -70.57 -0.99
CA GLN G 41 36.42 -71.42 -0.89
C GLN G 41 37.31 -71.28 -2.13
N PRO G 42 38.49 -70.64 -2.04
CA PRO G 42 39.48 -70.64 -3.11
C PRO G 42 39.91 -72.06 -3.51
N PRO G 43 40.39 -72.28 -4.73
CA PRO G 43 40.74 -73.60 -5.21
C PRO G 43 41.87 -74.21 -4.37
N GLY G 44 41.68 -75.43 -3.89
CA GLY G 44 42.66 -76.17 -3.09
C GLY G 44 42.96 -75.60 -1.70
N GLY G 45 42.16 -74.64 -1.20
CA GLY G 45 42.38 -73.93 0.07
C GLY G 45 41.24 -74.05 1.08
N ALA G 46 41.36 -73.32 2.18
CA ALA G 46 40.35 -73.23 3.24
C ALA G 46 39.08 -72.48 2.81
N LEU G 47 38.00 -72.66 3.57
CA LEU G 47 36.71 -71.99 3.36
C LEU G 47 36.60 -70.69 4.19
N GLU G 48 35.65 -69.82 3.84
CA GLU G 48 35.49 -68.50 4.42
C GLU G 48 34.02 -68.04 4.44
N TRP G 49 33.46 -67.83 5.62
CA TRP G 49 32.15 -67.19 5.79
C TRP G 49 32.23 -65.70 5.45
N LEU G 50 31.09 -65.12 5.05
CA LEU G 50 31.00 -63.71 4.68
C LEU G 50 29.97 -62.91 5.49
N THR G 51 28.75 -63.43 5.62
CA THR G 51 27.60 -62.59 5.95
C THR G 51 26.38 -63.40 6.37
N SER G 52 25.36 -62.74 6.91
CA SER G 52 24.10 -63.31 7.36
C SER G 52 22.91 -62.38 7.15
N ILE G 53 21.72 -63.00 7.10
CA ILE G 53 20.40 -62.40 7.24
C ILE G 53 19.56 -63.32 8.12
N TYR G 54 18.81 -62.77 9.06
CA TYR G 54 17.90 -63.51 9.95
C TYR G 54 16.42 -63.19 9.69
N TRP G 55 15.52 -63.91 10.37
CA TRP G 55 14.05 -63.77 10.33
C TRP G 55 13.46 -62.45 10.86
N ASP G 56 14.26 -61.39 10.89
CA ASP G 56 13.84 -60.02 11.16
C ASP G 56 14.58 -58.99 10.28
N ASP G 57 15.24 -59.45 9.21
CA ASP G 57 16.04 -58.62 8.31
C ASP G 57 17.21 -57.89 8.97
N THR G 58 17.63 -58.28 10.16
CA THR G 58 18.91 -57.80 10.71
C THR G 58 20.06 -58.36 9.87
N LYS G 59 20.65 -57.53 9.02
CA LYS G 59 21.83 -57.90 8.22
C LYS G 59 23.09 -57.89 9.08
N TYR G 60 24.07 -58.72 8.76
CA TYR G 60 25.45 -58.50 9.22
C TYR G 60 26.53 -59.19 8.37
N HIS G 61 27.79 -58.85 8.58
CA HIS G 61 28.92 -59.17 7.70
C HIS G 61 30.24 -59.13 8.46
N ASP G 62 31.28 -59.81 7.97
CA ASP G 62 32.64 -59.60 8.48
C ASP G 62 33.14 -58.19 8.12
N THR G 63 33.44 -57.40 9.13
CA THR G 63 33.90 -56.00 8.98
C THR G 63 35.11 -55.87 8.09
N SER G 64 35.97 -56.90 8.00
CA SER G 64 37.17 -56.87 7.16
C SER G 64 36.86 -56.75 5.66
N LEU G 65 35.61 -56.96 5.26
CA LEU G 65 35.12 -56.76 3.89
C LEU G 65 34.08 -55.64 3.76
N LYS G 66 33.69 -54.92 4.83
CA LYS G 66 32.45 -54.11 4.80
C LYS G 66 32.32 -53.09 3.67
N PRO G 67 33.35 -52.30 3.29
CA PRO G 67 33.19 -51.40 2.14
C PRO G 67 33.22 -52.17 0.80
N ARG G 68 33.70 -53.41 0.80
CA ARG G 68 33.82 -54.24 -0.39
C ARG G 68 32.54 -55.02 -0.69
N LEU G 69 31.87 -55.56 0.32
CA LEU G 69 30.64 -56.38 0.22
C LEU G 69 29.34 -55.57 0.39
N THR G 70 28.22 -56.14 -0.06
CA THR G 70 26.88 -55.90 0.51
C THR G 70 25.92 -57.03 0.14
N ILE G 71 24.79 -57.14 0.84
CA ILE G 71 23.82 -58.22 0.71
C ILE G 71 22.41 -57.66 0.67
N PHE G 72 21.57 -58.19 -0.20
CA PHE G 72 20.28 -57.59 -0.49
C PHE G 72 19.28 -58.65 -0.90
N ARG G 73 18.00 -58.35 -0.80
CA ARG G 73 16.94 -59.22 -1.30
C ARG G 73 15.81 -58.42 -1.88
N ASP G 74 15.08 -59.00 -2.82
CA ASP G 74 13.81 -58.45 -3.30
C ASP G 74 12.64 -59.32 -2.88
N THR G 75 11.71 -58.80 -2.08
CA THR G 75 10.45 -59.49 -1.76
C THR G 75 9.71 -59.85 -3.03
N SER G 76 9.68 -58.94 -4.01
CA SER G 76 8.92 -59.12 -5.25
C SER G 76 9.43 -60.27 -6.11
N GLN G 77 10.60 -60.83 -5.77
CA GLN G 77 11.17 -62.03 -6.41
C GLN G 77 11.68 -63.08 -5.40
N THR G 78 11.44 -62.89 -4.10
CA THR G 78 11.85 -63.79 -2.99
C THR G 78 13.24 -64.38 -3.20
N GLN G 79 14.22 -63.51 -3.38
CA GLN G 79 15.54 -63.82 -3.94
C GLN G 79 16.62 -63.06 -3.18
N VAL G 80 17.75 -63.71 -2.85
CA VAL G 80 18.86 -63.13 -2.08
C VAL G 80 20.09 -63.02 -2.96
N ILE G 81 20.60 -61.80 -3.04
CA ILE G 81 21.72 -61.40 -3.87
C ILE G 81 22.92 -61.10 -2.98
N LEU G 82 24.08 -61.62 -3.36
CA LEU G 82 25.36 -61.26 -2.77
C LEU G 82 26.15 -60.35 -3.72
N ILE G 83 26.67 -59.23 -3.21
CA ILE G 83 27.35 -58.17 -3.95
C ILE G 83 28.77 -58.00 -3.42
N LEU G 84 29.78 -57.95 -4.30
CA LEU G 84 31.15 -57.58 -3.96
C LEU G 84 31.67 -56.57 -4.98
N THR G 85 32.65 -55.75 -4.62
CA THR G 85 33.31 -54.74 -5.47
C THR G 85 34.83 -54.90 -5.38
N ASN G 86 35.58 -54.11 -6.13
CA ASN G 86 37.03 -54.26 -6.18
C ASN G 86 37.40 -55.71 -6.54
N MET G 87 36.80 -56.25 -7.61
CA MET G 87 37.06 -57.65 -7.95
C MET G 87 38.53 -57.87 -8.34
N ALA G 88 39.23 -58.77 -7.66
CA ALA G 88 40.66 -59.04 -7.82
C ALA G 88 40.90 -60.55 -7.95
N PRO G 89 41.89 -60.99 -8.74
CA PRO G 89 41.98 -62.37 -9.16
C PRO G 89 42.08 -63.38 -8.01
N LEU G 90 42.69 -63.02 -6.88
CA LEU G 90 42.82 -63.92 -5.72
C LEU G 90 41.47 -64.38 -5.17
N ASP G 91 40.42 -63.57 -5.32
CA ASP G 91 39.07 -63.86 -4.83
C ASP G 91 38.34 -64.96 -5.61
N THR G 92 38.97 -65.50 -6.65
CA THR G 92 38.64 -66.78 -7.29
C THR G 92 38.31 -67.82 -6.24
N ALA G 93 37.11 -68.39 -6.28
CA ALA G 93 36.62 -69.36 -5.31
C ALA G 93 35.30 -70.02 -5.73
N THR G 94 34.95 -71.13 -5.09
CA THR G 94 33.53 -71.49 -4.92
C THR G 94 32.84 -70.46 -4.05
N TYR G 95 31.56 -70.21 -4.29
CA TYR G 95 30.66 -69.39 -3.47
C TYR G 95 29.33 -70.13 -3.28
N TYR G 96 28.73 -69.96 -2.10
CA TYR G 96 27.69 -70.86 -1.60
C TYR G 96 26.80 -70.11 -0.61
N CYS G 97 25.53 -69.89 -0.96
CA CYS G 97 24.54 -69.53 0.04
C CYS G 97 24.29 -70.71 0.98
N GLY G 98 23.62 -70.50 2.12
CA GLY G 98 23.15 -71.57 2.99
C GLY G 98 22.24 -71.07 4.13
N ARG G 99 21.35 -71.90 4.65
CA ARG G 99 20.43 -71.49 5.73
C ARG G 99 21.12 -71.40 7.09
N ILE G 100 20.63 -70.48 7.93
CA ILE G 100 20.95 -70.30 9.36
C ILE G 100 19.74 -70.71 10.22
N ASN G 101 19.98 -71.14 11.45
CA ASN G 101 18.99 -71.59 12.41
C ASN G 101 19.55 -71.42 13.84
N ASN G 102 18.72 -71.47 14.90
CA ASN G 102 19.16 -71.23 16.28
C ASN G 102 18.43 -72.07 17.33
N GLY G 103 19.05 -72.20 18.51
CA GLY G 103 18.43 -72.71 19.73
C GLY G 103 17.60 -71.63 20.43
N GLY G 104 18.04 -71.25 21.62
CA GLY G 104 17.49 -70.12 22.38
C GLY G 104 18.00 -68.74 21.92
N GLY G 105 17.79 -67.73 22.76
CA GLY G 105 18.09 -66.33 22.50
C GLY G 105 19.53 -66.10 22.09
N TRP G 106 19.72 -65.82 20.79
CA TRP G 106 21.02 -65.66 20.12
C TRP G 106 21.96 -66.84 20.39
N LYS G 107 21.70 -67.99 19.73
CA LYS G 107 22.42 -69.27 19.87
C LYS G 107 22.37 -70.06 18.54
N ASP G 108 23.24 -69.72 17.59
CA ASP G 108 22.98 -69.91 16.15
C ASP G 108 23.96 -70.86 15.43
N HIS G 109 23.49 -71.47 14.33
CA HIS G 109 24.15 -72.56 13.58
C HIS G 109 23.62 -72.66 12.14
N ILE G 110 24.27 -73.45 11.26
CA ILE G 110 23.91 -73.58 9.82
C ILE G 110 23.53 -75.02 9.44
N ASP G 111 22.60 -75.22 8.51
CA ASP G 111 21.93 -76.53 8.40
C ASP G 111 21.36 -76.97 7.03
N PHE G 112 21.58 -76.25 5.93
CA PHE G 112 21.11 -76.64 4.60
C PHE G 112 21.89 -75.95 3.47
N TRP G 113 21.75 -76.44 2.24
CA TRP G 113 22.53 -76.02 1.05
C TRP G 113 21.75 -76.18 -0.27
N GLY G 114 22.18 -75.51 -1.34
CA GLY G 114 21.86 -75.85 -2.73
C GLY G 114 23.02 -76.62 -3.40
N PRO G 115 23.02 -76.78 -4.74
CA PRO G 115 24.06 -77.52 -5.47
C PRO G 115 25.52 -77.02 -5.41
N GLY G 116 25.77 -75.76 -5.03
CA GLY G 116 27.09 -75.09 -4.96
C GLY G 116 27.55 -74.49 -6.29
N LEU G 117 28.32 -73.38 -6.27
CA LEU G 117 28.81 -72.72 -7.49
C LEU G 117 30.30 -72.36 -7.44
N LEU G 118 31.03 -72.65 -8.52
CA LEU G 118 32.47 -72.41 -8.68
C LEU G 118 32.74 -71.20 -9.57
N VAL G 119 33.59 -70.28 -9.13
CA VAL G 119 33.83 -68.99 -9.78
C VAL G 119 35.32 -68.69 -9.89
N THR G 120 35.76 -68.23 -11.05
CA THR G 120 37.12 -67.73 -11.24
C THR G 120 37.14 -66.24 -11.48
N VAL G 121 37.89 -65.50 -10.68
CA VAL G 121 38.07 -64.07 -10.81
C VAL G 121 39.39 -63.82 -11.53
N SER G 122 39.35 -62.98 -12.57
CA SER G 122 40.29 -63.14 -13.68
C SER G 122 40.60 -61.85 -14.45
N SER G 123 41.83 -61.76 -14.96
CA SER G 123 42.14 -61.01 -16.19
C SER G 123 41.92 -61.93 -17.41
N ALA G 124 41.63 -61.39 -18.59
CA ALA G 124 41.03 -62.18 -19.68
C ALA G 124 41.93 -62.36 -20.92
N SER G 125 42.18 -63.62 -21.30
CA SER G 125 42.64 -64.01 -22.63
C SER G 125 42.25 -65.43 -22.99
N THR G 126 41.41 -65.56 -24.03
CA THR G 126 41.38 -66.75 -24.89
C THR G 126 42.01 -66.42 -26.26
N LYS G 127 43.11 -65.65 -26.29
CA LYS G 127 43.84 -65.36 -27.54
C LYS G 127 44.68 -66.58 -27.96
N GLY G 128 44.33 -67.21 -29.08
CA GLY G 128 45.02 -68.40 -29.59
C GLY G 128 45.06 -69.55 -28.58
N PRO G 129 43.92 -70.14 -28.17
CA PRO G 129 43.83 -71.16 -27.12
C PRO G 129 44.61 -72.42 -27.50
N SER G 130 45.84 -72.54 -27.02
CA SER G 130 46.76 -73.59 -27.45
C SER G 130 46.59 -74.88 -26.66
N VAL G 131 46.92 -76.00 -27.30
CA VAL G 131 46.84 -77.35 -26.76
C VAL G 131 48.11 -78.11 -27.18
N PHE G 132 49.11 -78.09 -26.32
CA PHE G 132 50.40 -78.75 -26.51
C PHE G 132 50.35 -80.16 -25.92
N PRO G 133 50.79 -81.24 -26.61
CA PRO G 133 50.59 -82.63 -26.18
C PRO G 133 51.52 -83.11 -25.06
N LEU G 134 51.83 -82.22 -24.10
CA LEU G 134 52.86 -82.45 -23.08
C LEU G 134 52.35 -83.46 -22.04
N ALA G 135 52.72 -84.73 -22.21
CA ALA G 135 52.01 -85.83 -21.58
C ALA G 135 52.83 -86.53 -20.47
N PRO G 136 52.33 -86.63 -19.21
CA PRO G 136 52.98 -87.34 -18.11
C PRO G 136 53.00 -88.88 -18.32
N SER G 137 53.78 -89.31 -19.30
CA SER G 137 53.50 -90.53 -20.03
C SER G 137 54.75 -91.30 -20.44
N SER G 138 54.56 -92.31 -21.29
CA SER G 138 55.57 -93.28 -21.66
C SER G 138 56.18 -94.01 -20.44
N ARG G 139 57.25 -94.79 -20.61
CA ARG G 139 57.90 -95.59 -19.55
C ARG G 139 58.65 -94.73 -18.52
N SER G 140 58.54 -93.41 -18.58
CA SER G 140 58.84 -92.44 -17.50
C SER G 140 58.08 -92.66 -16.16
N THR G 141 57.39 -93.79 -16.03
CA THR G 141 56.27 -93.99 -15.12
C THR G 141 56.22 -95.42 -14.60
N SER G 142 55.70 -95.58 -13.39
CA SER G 142 55.57 -96.81 -12.62
C SER G 142 54.35 -96.65 -11.70
N GLU G 143 53.20 -96.35 -12.30
CA GLU G 143 52.13 -95.57 -11.65
C GLU G 143 50.73 -96.21 -11.79
N SER G 144 50.68 -97.44 -12.32
CA SER G 144 49.51 -97.98 -13.06
C SER G 144 48.96 -97.02 -14.15
N THR G 145 49.70 -95.96 -14.49
CA THR G 145 49.46 -95.04 -15.58
C THR G 145 50.77 -94.61 -16.24
N ALA G 146 50.69 -94.24 -17.50
CA ALA G 146 51.59 -93.33 -18.18
C ALA G 146 50.72 -92.22 -18.80
N ALA G 147 49.94 -91.53 -17.95
CA ALA G 147 48.81 -90.76 -18.41
C ALA G 147 49.16 -89.78 -19.54
N LEU G 148 48.42 -89.90 -20.64
CA LEU G 148 48.51 -88.93 -21.71
C LEU G 148 47.94 -87.60 -21.19
N GLY G 149 48.58 -86.48 -21.49
CA GLY G 149 48.20 -85.18 -20.94
C GLY G 149 48.51 -84.06 -21.93
N CYS G 150 47.67 -83.03 -21.91
CA CYS G 150 47.79 -81.87 -22.78
C CYS G 150 47.89 -80.60 -21.91
N LEU G 151 48.66 -79.61 -22.38
CA LEU G 151 49.01 -78.40 -21.65
C LEU G 151 48.65 -77.16 -22.48
N VAL G 152 48.24 -76.10 -21.81
CA VAL G 152 47.45 -75.00 -22.38
C VAL G 152 48.15 -73.65 -22.26
N LYS G 153 47.85 -72.71 -23.16
CA LYS G 153 48.01 -71.27 -22.93
C LYS G 153 46.80 -70.48 -23.44
N ASP G 154 46.45 -69.42 -22.70
CA ASP G 154 45.30 -68.52 -22.92
C ASP G 154 43.96 -69.24 -23.07
N TYR G 155 43.41 -69.71 -21.93
CA TYR G 155 41.97 -69.84 -21.74
C TYR G 155 41.48 -68.76 -20.76
N PHE G 156 40.34 -68.12 -21.06
CA PHE G 156 39.56 -67.36 -20.09
C PHE G 156 38.38 -68.14 -19.47
N PRO G 157 37.44 -68.74 -20.24
CA PRO G 157 36.29 -69.45 -19.68
C PRO G 157 36.61 -70.82 -19.03
N GLU G 158 35.63 -71.36 -18.32
CA GLU G 158 35.66 -72.62 -17.56
C GLU G 158 34.28 -73.31 -17.56
N PRO G 159 34.17 -74.62 -17.25
CA PRO G 159 35.23 -75.53 -16.84
C PRO G 159 36.04 -76.11 -18.02
N VAL G 160 37.22 -76.66 -17.70
CA VAL G 160 38.09 -77.38 -18.64
C VAL G 160 37.74 -78.87 -18.64
N THR G 161 37.66 -79.46 -19.84
CA THR G 161 37.40 -80.90 -20.05
C THR G 161 38.71 -81.67 -20.30
N VAL G 162 38.68 -83.00 -20.33
CA VAL G 162 39.80 -83.81 -20.88
C VAL G 162 39.30 -85.08 -21.58
N SER G 163 39.97 -85.49 -22.67
CA SER G 163 39.77 -86.80 -23.29
C SER G 163 40.99 -87.27 -24.09
N TRP G 164 41.24 -88.59 -24.08
CA TRP G 164 42.19 -89.31 -24.94
C TRP G 164 41.63 -90.71 -25.24
N ASN G 165 41.74 -91.20 -26.48
CA ASN G 165 41.47 -92.59 -26.89
C ASN G 165 40.12 -93.19 -26.39
N SER G 166 39.10 -92.35 -26.18
CA SER G 166 37.82 -92.70 -25.54
C SER G 166 37.94 -93.38 -24.16
N GLY G 167 39.08 -93.19 -23.47
CA GLY G 167 39.40 -93.85 -22.19
C GLY G 167 39.66 -95.37 -22.29
N SER G 168 39.76 -95.93 -23.50
CA SER G 168 39.56 -97.36 -23.78
C SER G 168 40.46 -98.34 -23.03
N LEU G 169 41.71 -97.94 -22.73
CA LEU G 169 42.72 -98.80 -22.09
C LEU G 169 43.04 -98.41 -20.62
N THR G 170 42.31 -97.45 -20.04
CA THR G 170 42.70 -96.77 -18.79
C THR G 170 42.69 -97.63 -17.52
N SER G 171 43.49 -97.24 -16.52
CA SER G 171 43.57 -97.85 -15.18
C SER G 171 44.01 -96.81 -14.13
N GLY G 172 43.84 -97.09 -12.83
CA GLY G 172 44.28 -96.19 -11.74
C GLY G 172 43.61 -94.80 -11.77
N VAL G 173 42.37 -94.72 -12.28
CA VAL G 173 41.86 -93.52 -12.95
C VAL G 173 41.62 -92.33 -12.04
N HIS G 174 42.20 -91.18 -12.42
CA HIS G 174 41.83 -89.82 -12.01
C HIS G 174 42.24 -88.82 -13.12
N THR G 175 41.69 -87.61 -13.16
CA THR G 175 41.95 -86.61 -14.22
C THR G 175 43.19 -85.72 -14.01
N PHE G 176 43.70 -85.64 -12.77
CA PHE G 176 44.86 -84.84 -12.33
C PHE G 176 44.96 -83.41 -12.88
N PRO G 177 44.65 -82.38 -12.08
CA PRO G 177 45.21 -81.05 -12.29
C PRO G 177 46.75 -81.14 -12.19
N ALA G 178 47.45 -81.08 -13.32
CA ALA G 178 48.88 -81.37 -13.41
C ALA G 178 49.77 -80.13 -13.24
N VAL G 179 49.33 -78.97 -13.72
CA VAL G 179 49.91 -77.64 -13.46
C VAL G 179 48.86 -76.57 -13.76
N LEU G 180 48.98 -75.38 -13.17
CA LEU G 180 48.13 -74.23 -13.48
C LEU G 180 48.79 -72.89 -13.11
N GLN G 181 48.63 -71.87 -13.95
CA GLN G 181 49.13 -70.49 -13.78
C GLN G 181 48.15 -69.46 -14.39
N SER G 182 48.16 -68.24 -13.85
CA SER G 182 47.57 -67.01 -14.42
C SER G 182 46.06 -67.04 -14.69
N SER G 183 45.25 -66.74 -13.67
CA SER G 183 43.78 -66.80 -13.69
C SER G 183 43.13 -66.07 -14.88
N GLY G 184 42.50 -66.84 -15.79
CA GLY G 184 41.80 -66.33 -16.99
C GLY G 184 42.69 -65.87 -18.14
N LEU G 185 44.01 -65.90 -17.96
CA LEU G 185 45.03 -65.94 -19.02
C LEU G 185 45.62 -67.35 -19.09
N TYR G 186 44.83 -68.37 -18.74
CA TYR G 186 45.34 -69.60 -18.16
C TYR G 186 46.39 -70.34 -18.98
N SER G 187 47.45 -70.76 -18.30
CA SER G 187 48.20 -71.95 -18.67
C SER G 187 47.91 -73.05 -17.64
N LEU G 188 47.62 -74.27 -18.10
CA LEU G 188 47.19 -75.39 -17.25
C LEU G 188 47.35 -76.73 -17.96
N SER G 189 47.25 -77.86 -17.25
CA SER G 189 47.27 -79.20 -17.87
C SER G 189 46.47 -80.25 -17.09
N SER G 190 45.93 -81.25 -17.79
CA SER G 190 45.20 -82.40 -17.22
C SER G 190 45.32 -83.65 -18.13
N VAL G 191 44.92 -84.83 -17.62
CA VAL G 191 45.41 -86.13 -18.13
C VAL G 191 44.35 -87.24 -18.20
N VAL G 192 44.65 -88.30 -18.96
CA VAL G 192 43.89 -89.57 -18.98
C VAL G 192 44.84 -90.76 -18.77
N THR G 193 44.49 -91.65 -17.84
CA THR G 193 45.40 -92.65 -17.24
C THR G 193 45.47 -93.96 -18.02
N VAL G 194 45.89 -93.91 -19.28
CA VAL G 194 46.40 -95.11 -19.97
C VAL G 194 47.55 -95.75 -19.14
N PRO G 195 47.82 -97.06 -19.23
CA PRO G 195 48.74 -97.78 -18.34
C PRO G 195 50.21 -97.34 -18.46
N SER G 196 51.10 -97.81 -17.58
CA SER G 196 52.52 -97.38 -17.51
C SER G 196 53.44 -97.82 -18.67
N SER G 197 52.90 -98.02 -19.87
CA SER G 197 53.64 -98.35 -21.10
C SER G 197 54.42 -97.15 -21.67
N SER G 198 55.32 -97.42 -22.61
CA SER G 198 55.98 -96.40 -23.45
C SER G 198 55.02 -95.84 -24.51
N LEU G 199 55.02 -94.53 -24.80
CA LEU G 199 53.92 -93.88 -25.53
C LEU G 199 54.31 -92.79 -26.55
N GLY G 200 55.36 -92.01 -26.33
CA GLY G 200 55.59 -90.74 -27.03
C GLY G 200 55.79 -90.81 -28.55
N THR G 201 56.19 -91.95 -29.10
CA THR G 201 56.35 -92.13 -30.55
C THR G 201 55.00 -92.36 -31.26
N GLN G 202 53.93 -92.65 -30.52
CA GLN G 202 52.66 -93.15 -31.05
C GLN G 202 51.68 -92.01 -31.38
N THR G 203 50.72 -92.29 -32.27
CA THR G 203 49.95 -91.28 -33.03
C THR G 203 48.82 -90.56 -32.26
N TYR G 204 48.91 -90.47 -30.94
CA TYR G 204 47.82 -90.02 -30.08
C TYR G 204 47.43 -88.54 -30.25
N VAL G 205 46.13 -88.28 -30.10
CA VAL G 205 45.45 -86.97 -30.16
C VAL G 205 44.58 -86.77 -28.91
N CYS G 206 44.47 -85.53 -28.42
CA CYS G 206 43.73 -85.20 -27.19
C CYS G 206 42.59 -84.19 -27.41
N ASN G 207 41.71 -84.11 -26.41
CA ASN G 207 40.98 -82.87 -26.11
C ASN G 207 41.31 -82.40 -24.68
N VAL G 208 41.44 -81.09 -24.50
CA VAL G 208 41.49 -80.42 -23.19
C VAL G 208 40.81 -79.04 -23.24
N ASN G 209 39.82 -78.85 -24.13
CA ASN G 209 39.14 -77.57 -24.32
C ASN G 209 38.22 -77.19 -23.15
N HIS G 210 37.85 -75.91 -23.07
CA HIS G 210 36.91 -75.39 -22.05
C HIS G 210 35.52 -75.20 -22.64
N LYS G 211 34.49 -75.63 -21.90
CA LYS G 211 33.12 -75.87 -22.43
C LYS G 211 32.49 -74.66 -23.18
N PRO G 212 32.64 -73.39 -22.73
CA PRO G 212 31.99 -72.26 -23.43
C PRO G 212 32.54 -71.90 -24.82
N SER G 213 33.79 -72.24 -25.16
CA SER G 213 34.38 -71.89 -26.48
C SER G 213 34.35 -73.02 -27.51
N ASN G 214 34.39 -74.28 -27.08
CA ASN G 214 34.55 -75.46 -27.94
C ASN G 214 35.73 -75.34 -28.95
N THR G 215 36.79 -74.61 -28.58
CA THR G 215 37.83 -74.13 -29.52
C THR G 215 39.24 -74.36 -28.99
N LYS G 216 40.16 -74.79 -29.87
CA LYS G 216 41.59 -75.04 -29.59
C LYS G 216 42.44 -74.97 -30.86
N VAL G 217 43.76 -74.83 -30.70
CA VAL G 217 44.78 -75.12 -31.73
C VAL G 217 45.82 -76.08 -31.17
N ASP G 218 46.19 -77.12 -31.92
CA ASP G 218 46.73 -78.38 -31.35
C ASP G 218 47.78 -79.10 -32.23
N LYS G 219 48.47 -80.08 -31.65
CA LYS G 219 49.48 -80.94 -32.30
C LYS G 219 49.46 -82.37 -31.73
N ARG G 220 49.78 -83.39 -32.55
CA ARG G 220 49.90 -84.81 -32.15
C ARG G 220 51.06 -85.08 -31.19
N VAL G 221 50.96 -86.15 -30.40
CA VAL G 221 52.03 -86.60 -29.47
C VAL G 221 53.35 -86.91 -30.19
N GLU G 222 53.30 -87.57 -31.34
CA GLU G 222 54.46 -88.09 -32.10
C GLU G 222 55.35 -87.03 -32.81
N ILE G 223 55.62 -85.87 -32.19
CA ILE G 223 56.41 -84.79 -32.81
C ILE G 223 57.86 -85.22 -33.14
N LYS G 224 58.45 -86.11 -32.34
CA LYS G 224 59.81 -86.69 -32.51
C LYS G 224 59.80 -88.20 -32.32
N THR G 225 60.73 -88.92 -32.95
CA THR G 225 60.81 -90.40 -32.91
C THR G 225 61.31 -90.95 -31.56
N CYS G 226 62.09 -90.19 -30.79
CA CYS G 226 62.58 -90.62 -29.47
C CYS G 226 61.51 -90.43 -28.38
N GLY G 227 60.52 -91.32 -28.30
CA GLY G 227 59.46 -91.24 -27.29
C GLY G 227 58.96 -92.58 -26.71
N GLY G 228 59.47 -93.72 -27.20
CA GLY G 228 58.92 -95.04 -26.86
C GLY G 228 57.47 -95.26 -27.31
CA ALA H 1 40.15 -66.75 16.61
C ALA H 1 40.21 -68.26 16.89
N LEU H 2 39.56 -69.08 16.05
CA LEU H 2 39.61 -70.55 16.14
C LEU H 2 41.00 -71.08 15.75
N THR H 3 41.34 -72.29 16.17
CA THR H 3 42.51 -73.07 15.74
C THR H 3 42.25 -74.56 16.01
N GLN H 4 42.87 -75.44 15.23
CA GLN H 4 42.63 -76.88 15.20
C GLN H 4 43.87 -77.59 14.65
N PRO H 5 44.06 -78.90 14.91
CA PRO H 5 45.31 -79.61 14.56
C PRO H 5 45.47 -79.91 13.06
N PRO H 6 46.62 -80.43 12.58
CA PRO H 6 46.83 -80.68 11.15
C PRO H 6 46.07 -81.89 10.57
N SER H 7 46.22 -83.11 11.12
CA SER H 7 45.75 -84.33 10.42
C SER H 7 45.30 -85.54 11.27
N VAL H 8 45.58 -85.58 12.58
CA VAL H 8 45.05 -86.62 13.53
C VAL H 8 45.17 -88.07 13.00
N SER H 9 46.32 -88.40 12.42
CA SER H 9 46.52 -89.58 11.57
C SER H 9 46.53 -90.90 12.36
N LYS H 10 45.48 -91.72 12.20
CA LYS H 10 45.21 -92.93 13.02
C LYS H 10 44.01 -93.75 12.51
N SER H 11 43.76 -94.88 13.17
CA SER H 11 42.44 -95.51 13.34
C SER H 11 41.70 -96.14 12.15
N LEU H 12 40.95 -97.20 12.48
CA LEU H 12 39.77 -97.72 11.77
C LEU H 12 38.51 -97.65 12.65
N GLU H 13 38.66 -97.69 13.97
CA GLU H 13 37.57 -97.62 14.97
C GLU H 13 38.04 -96.98 16.29
N GLN H 14 39.28 -97.25 16.69
CA GLN H 14 39.96 -96.72 17.88
C GLN H 14 39.82 -95.20 17.89
N SER H 15 39.05 -94.62 18.80
CA SER H 15 38.42 -93.35 18.48
C SER H 15 39.42 -92.19 18.41
N VAL H 16 39.54 -91.55 17.24
CA VAL H 16 40.29 -90.31 17.12
C VAL H 16 39.51 -89.16 17.74
N THR H 17 40.23 -88.21 18.32
CA THR H 17 39.68 -87.15 19.17
C THR H 17 40.10 -85.79 18.62
N ILE H 18 39.43 -85.30 17.56
CA ILE H 18 39.77 -83.99 16.98
C ILE H 18 39.35 -82.88 17.95
N SER H 19 40.03 -81.73 17.91
CA SER H 19 39.69 -80.60 18.75
C SER H 19 39.83 -79.27 18.01
N CYS H 20 39.14 -78.26 18.53
CA CYS H 20 39.28 -76.85 18.23
C CYS H 20 39.02 -76.08 19.52
N THR H 21 39.47 -74.82 19.59
CA THR H 21 39.41 -74.00 20.80
C THR H 21 38.73 -72.66 20.53
N GLY H 22 39.44 -71.56 20.35
CA GLY H 22 38.83 -70.24 20.21
C GLY H 22 38.00 -69.89 21.44
N THR H 23 36.70 -69.65 21.26
CA THR H 23 35.78 -69.37 22.37
C THR H 23 35.56 -70.61 23.25
N THR H 24 36.23 -70.68 24.41
CA THR H 24 36.18 -71.83 25.33
C THR H 24 34.79 -72.11 25.93
N THR H 25 33.85 -71.17 25.83
CA THR H 25 32.54 -71.20 26.50
C THR H 25 31.48 -72.11 25.86
N GLY H 26 31.73 -72.75 24.70
CA GLY H 26 30.78 -73.69 24.09
C GLY H 26 29.58 -73.06 23.35
N ASN H 27 29.44 -71.74 23.47
CA ASN H 27 28.54 -70.78 22.83
C ASN H 27 28.11 -71.11 21.39
N SER H 28 27.14 -72.02 21.25
CA SER H 28 26.72 -72.58 19.95
C SER H 28 27.89 -73.08 19.08
N VAL H 29 28.89 -73.68 19.73
CA VAL H 29 30.00 -74.35 19.07
C VAL H 29 29.49 -75.60 18.35
N SER H 30 30.11 -75.95 17.24
CA SER H 30 29.58 -76.86 16.24
C SER H 30 30.70 -77.32 15.31
N TRP H 31 30.44 -78.30 14.45
CA TRP H 31 31.41 -78.82 13.48
C TRP H 31 30.78 -79.20 12.15
N TYR H 32 31.63 -79.17 11.11
CA TYR H 32 31.31 -79.37 9.71
C TYR H 32 32.49 -80.02 8.97
N GLN H 33 32.24 -80.58 7.79
CA GLN H 33 33.22 -81.28 6.97
C GLN H 33 33.22 -80.79 5.50
N CYS H 34 34.39 -80.68 4.89
CA CYS H 34 34.59 -80.38 3.48
C CYS H 34 35.08 -81.63 2.73
N HIS H 35 34.46 -81.90 1.58
CA HIS H 35 34.63 -83.08 0.74
C HIS H 35 34.41 -82.70 -0.73
N SER H 36 34.72 -83.60 -1.68
CA SER H 36 34.88 -83.34 -3.12
C SER H 36 33.73 -82.53 -3.74
N GLY H 37 33.92 -81.20 -3.84
CA GLY H 37 32.92 -80.25 -4.34
C GLY H 37 31.60 -80.20 -3.58
N THR H 38 31.48 -80.83 -2.40
CA THR H 38 30.22 -80.97 -1.67
C THR H 38 29.80 -79.67 -0.98
N ALA H 39 28.58 -79.66 -0.46
CA ALA H 39 28.22 -78.75 0.62
C ALA H 39 29.20 -78.90 1.80
N PRO H 40 29.44 -77.85 2.60
CA PRO H 40 30.06 -77.96 3.91
C PRO H 40 29.15 -78.77 4.85
N ARG H 41 29.30 -80.10 4.88
CA ARG H 41 28.33 -81.03 5.49
C ARG H 41 28.36 -80.98 7.01
N LEU H 42 27.18 -80.95 7.65
CA LEU H 42 27.04 -80.86 9.09
C LEU H 42 27.69 -82.06 9.80
N LEU H 43 28.42 -81.81 10.87
CA LEU H 43 28.89 -82.85 11.80
C LEU H 43 28.22 -82.72 13.17
N ILE H 44 28.21 -81.51 13.75
CA ILE H 44 27.83 -81.27 15.15
C ILE H 44 26.97 -80.01 15.29
N TYR H 45 25.95 -80.07 16.15
CA TYR H 45 24.80 -79.19 16.26
C TYR H 45 24.66 -78.64 17.70
N ASP H 46 23.53 -78.02 18.05
CA ASP H 46 23.21 -77.55 19.41
C ASP H 46 24.31 -76.66 20.03
N VAL H 47 24.37 -76.56 21.37
CA VAL H 47 25.58 -76.16 22.12
C VAL H 47 26.55 -77.34 22.11
N ASN H 48 27.11 -77.63 20.93
CA ASN H 48 28.02 -78.73 20.63
C ASN H 48 27.52 -80.11 21.12
N LYS H 49 26.45 -80.61 20.51
CA LYS H 49 25.92 -81.98 20.64
C LYS H 49 25.52 -82.57 19.28
N ARG H 50 25.30 -83.87 19.25
CA ARG H 50 25.03 -84.62 18.01
C ARG H 50 23.72 -84.17 17.31
N PRO H 51 23.67 -84.02 15.97
CA PRO H 51 22.45 -83.67 15.22
C PRO H 51 21.37 -84.77 15.26
N SER H 52 20.12 -84.42 14.98
CA SER H 52 19.00 -85.38 14.96
C SER H 52 19.06 -86.34 13.78
N GLY H 53 19.43 -85.87 12.60
CA GLY H 53 19.44 -86.65 11.36
C GLY H 53 20.73 -87.42 11.08
N VAL H 54 21.66 -87.52 12.05
CA VAL H 54 23.05 -87.95 11.82
C VAL H 54 23.44 -89.15 12.69
N SER H 55 24.33 -89.99 12.16
CA SER H 55 24.63 -91.34 12.68
C SER H 55 25.59 -91.42 13.86
N ASP H 56 25.70 -92.62 14.43
CA ASP H 56 26.54 -92.99 15.57
C ASP H 56 28.06 -92.84 15.36
N ARG H 57 28.54 -92.74 14.12
CA ARG H 57 29.97 -92.75 13.77
C ARG H 57 30.78 -91.55 14.30
N PHE H 58 30.14 -90.60 14.97
CA PHE H 58 30.76 -89.43 15.58
C PHE H 58 30.08 -89.08 16.92
N SER H 59 30.81 -88.47 17.86
CA SER H 59 30.21 -87.71 18.98
C SER H 59 31.06 -86.50 19.37
N GLY H 60 30.46 -85.31 19.30
CA GLY H 60 31.04 -84.09 19.79
C GLY H 60 30.64 -83.89 21.24
N SER H 61 31.62 -83.70 22.10
CA SER H 61 31.38 -83.37 23.51
C SER H 61 31.07 -81.90 23.67
N LYS H 62 30.27 -81.50 24.67
CA LYS H 62 30.22 -80.08 25.07
C LYS H 62 31.57 -79.64 25.61
N SER H 63 32.10 -80.41 26.57
CA SER H 63 33.46 -80.27 27.11
C SER H 63 33.85 -78.82 27.42
N HIS H 64 35.11 -78.45 27.28
CA HIS H 64 35.61 -77.13 27.67
C HIS H 64 36.47 -76.54 26.54
N ASN H 65 37.74 -76.21 26.81
CA ASN H 65 38.63 -75.59 25.82
C ASN H 65 38.80 -76.46 24.58
N THR H 66 38.68 -77.78 24.73
CA THR H 66 38.41 -78.66 23.59
C THR H 66 36.93 -78.59 23.22
N ALA H 67 36.65 -78.18 21.99
CA ALA H 67 35.37 -78.43 21.33
C ALA H 67 35.25 -79.89 20.84
N SER H 68 35.68 -80.86 21.65
CA SER H 68 36.20 -82.15 21.17
C SER H 68 35.22 -82.99 20.37
N LEU H 69 35.75 -83.71 19.38
CA LEU H 69 35.04 -84.55 18.42
C LEU H 69 35.65 -85.96 18.37
N THR H 70 34.93 -86.93 18.95
CA THR H 70 35.23 -88.36 18.90
C THR H 70 34.64 -88.99 17.64
N ILE H 71 35.35 -89.95 17.03
CA ILE H 71 34.97 -90.57 15.75
C ILE H 71 35.12 -92.10 15.82
N PHE H 72 34.23 -92.85 15.17
CA PHE H 72 34.06 -94.31 15.31
C PHE H 72 33.72 -94.92 13.95
N GLY H 73 34.11 -96.16 13.69
CA GLY H 73 33.78 -96.88 12.45
C GLY H 73 34.26 -96.15 11.17
N LEU H 74 35.51 -95.68 11.17
CA LEU H 74 36.11 -94.85 10.13
C LEU H 74 36.25 -95.60 8.78
N GLN H 75 36.39 -94.86 7.68
CA GLN H 75 36.53 -95.40 6.34
C GLN H 75 37.26 -94.41 5.40
N ALA H 76 37.74 -94.88 4.27
CA ALA H 76 38.56 -94.11 3.32
C ALA H 76 37.95 -92.76 2.87
N GLU H 77 36.64 -92.65 2.68
CA GLU H 77 36.02 -91.37 2.33
C GLU H 77 36.06 -90.36 3.48
N ASP H 78 36.16 -90.85 4.72
CA ASP H 78 36.30 -90.00 5.91
C ASP H 78 37.69 -89.37 6.01
N GLU H 79 38.60 -89.62 5.06
CA GLU H 79 39.76 -88.75 4.78
C GLU H 79 39.35 -87.44 4.06
N ALA H 80 38.20 -86.89 4.46
CA ALA H 80 37.74 -85.54 4.21
C ALA H 80 38.47 -84.51 5.11
N ASP H 81 38.11 -83.23 5.02
CA ASP H 81 38.69 -82.16 5.82
C ASP H 81 37.66 -81.62 6.84
N TYR H 82 38.08 -81.39 8.08
CA TYR H 82 37.19 -81.20 9.23
C TYR H 82 37.30 -79.78 9.82
N TYR H 83 36.19 -79.17 10.20
CA TYR H 83 36.11 -77.75 10.60
C TYR H 83 35.20 -77.51 11.83
N CYS H 84 35.65 -76.65 12.74
CA CYS H 84 34.84 -76.12 13.83
C CYS H 84 34.02 -74.89 13.40
N GLY H 85 33.03 -74.50 14.19
CA GLY H 85 32.33 -73.22 14.06
C GLY H 85 31.53 -72.88 15.31
N SER H 86 31.12 -71.61 15.47
CA SER H 86 30.59 -71.06 16.74
C SER H 86 29.71 -69.82 16.53
N TYR H 87 28.93 -69.43 17.55
CA TYR H 87 28.33 -68.08 17.61
C TYR H 87 29.09 -67.19 18.60
N GLY H 88 29.65 -66.07 18.15
CA GLY H 88 30.47 -65.17 18.97
C GLY H 88 29.66 -64.04 19.62
N SER H 89 30.27 -62.85 19.69
CA SER H 89 29.52 -61.59 19.84
C SER H 89 28.60 -61.35 18.63
N GLY H 90 27.57 -60.50 18.78
CA GLY H 90 26.42 -60.36 17.87
C GLY H 90 26.69 -60.65 16.38
N GLY H 91 26.05 -61.69 15.83
CA GLY H 91 26.16 -62.09 14.43
C GLY H 91 27.47 -62.78 14.00
N SER H 92 28.50 -62.88 14.85
CA SER H 92 29.80 -63.45 14.49
C SER H 92 29.77 -64.97 14.36
N LEU H 93 29.44 -65.49 13.18
CA LEU H 93 29.41 -66.93 12.91
C LEU H 93 30.82 -67.46 12.60
N LEU H 94 31.65 -67.57 13.63
CA LEU H 94 33.03 -68.01 13.53
C LEU H 94 33.12 -69.41 12.93
N PHE H 95 34.22 -69.67 12.22
CA PHE H 95 34.37 -70.80 11.31
C PHE H 95 35.84 -71.25 11.25
N GLY H 96 36.09 -72.55 11.09
CA GLY H 96 37.40 -73.18 11.22
C GLY H 96 38.40 -72.95 10.06
N GLY H 97 39.53 -73.67 10.11
CA GLY H 97 40.62 -73.59 9.14
C GLY H 97 41.10 -74.95 8.58
N GLY H 98 40.55 -76.07 9.06
CA GLY H 98 40.76 -77.41 8.53
C GLY H 98 41.66 -78.33 9.38
N THR H 99 41.44 -79.64 9.25
CA THR H 99 42.21 -80.75 9.79
C THR H 99 41.89 -81.95 8.90
N ARG H 100 42.78 -82.36 7.98
CA ARG H 100 42.48 -83.51 7.11
C ARG H 100 42.78 -84.82 7.83
N LEU H 101 41.75 -85.47 8.36
CA LEU H 101 41.84 -86.77 9.03
C LEU H 101 42.54 -87.79 8.10
N THR H 102 43.57 -88.48 8.60
CA THR H 102 44.18 -89.61 7.89
C THR H 102 43.76 -90.92 8.58
N VAL H 103 43.06 -91.79 7.84
CA VAL H 103 42.37 -93.01 8.31
C VAL H 103 43.30 -94.22 8.14
N LEU H 104 44.33 -94.32 8.98
CA LEU H 104 45.44 -95.28 8.80
C LEU H 104 45.02 -96.75 8.90
N GLY H 105 43.94 -97.06 9.62
CA GLY H 105 43.62 -98.43 10.01
C GLY H 105 42.94 -99.28 8.93
N GLN H 106 42.36 -98.67 7.89
CA GLN H 106 41.91 -99.40 6.70
C GLN H 106 43.14 -99.88 5.89
N PRO H 107 43.15 -101.07 5.27
CA PRO H 107 44.39 -101.68 4.75
C PRO H 107 45.18 -100.79 3.78
CA LYS H 109 47.42 -99.77 3.35
C LYS H 109 47.79 -100.31 1.96
N ALA H 110 48.10 -99.38 1.05
CA ALA H 110 48.58 -99.66 -0.30
C ALA H 110 49.74 -98.71 -0.63
N SER H 111 50.84 -99.22 -1.15
CA SER H 111 52.04 -98.42 -1.44
C SER H 111 51.84 -97.53 -2.68
N PRO H 112 52.37 -96.30 -2.71
CA PRO H 112 52.29 -95.41 -3.88
C PRO H 112 52.83 -96.02 -5.17
N THR H 113 52.28 -95.57 -6.29
CA THR H 113 52.80 -95.80 -7.64
C THR H 113 53.01 -94.41 -8.29
N VAL H 114 54.07 -94.25 -9.09
CA VAL H 114 54.71 -92.94 -9.35
C VAL H 114 55.04 -92.70 -10.83
N THR H 115 54.72 -91.50 -11.33
CA THR H 115 54.97 -90.99 -12.68
C THR H 115 55.84 -89.75 -12.59
N LEU H 116 57.01 -89.74 -13.22
CA LEU H 116 57.64 -88.48 -13.62
C LEU H 116 57.18 -88.13 -15.04
N PHE H 117 57.10 -86.85 -15.37
CA PHE H 117 56.95 -86.44 -16.76
C PHE H 117 58.12 -86.98 -17.61
N PRO H 118 57.86 -87.53 -18.80
CA PRO H 118 58.88 -87.95 -19.73
C PRO H 118 59.70 -86.76 -20.25
N PRO H 119 61.01 -86.97 -20.55
CA PRO H 119 61.83 -86.09 -21.38
C PRO H 119 61.33 -86.08 -22.84
N SER H 120 60.11 -85.61 -23.03
CA SER H 120 59.29 -86.10 -24.13
C SER H 120 59.70 -85.70 -25.52
N SER H 121 59.47 -86.65 -26.42
CA SER H 121 59.34 -86.48 -27.84
C SER H 121 58.55 -85.20 -28.23
N GLU H 122 57.46 -84.82 -27.55
CA GLU H 122 56.86 -83.51 -27.84
C GLU H 122 57.68 -82.35 -27.27
N GLU H 123 58.13 -82.40 -26.03
CA GLU H 123 58.83 -81.28 -25.41
C GLU H 123 60.25 -81.03 -25.96
N LEU H 124 60.88 -82.03 -26.56
CA LEU H 124 62.16 -81.92 -27.26
C LEU H 124 62.04 -81.02 -28.51
N GLN H 125 60.86 -80.97 -29.15
CA GLN H 125 60.57 -79.96 -30.18
C GLN H 125 60.17 -78.60 -29.58
N ALA H 126 59.32 -78.60 -28.55
CA ALA H 126 58.83 -77.38 -27.89
C ALA H 126 59.84 -76.67 -26.95
N ASN H 127 61.05 -77.22 -26.79
CA ASN H 127 62.09 -76.80 -25.83
C ASN H 127 61.63 -76.77 -24.35
N LYS H 128 60.69 -77.61 -23.94
CA LYS H 128 60.18 -77.67 -22.55
C LYS H 128 60.82 -78.81 -21.74
N ALA H 129 60.76 -78.70 -20.41
CA ALA H 129 60.99 -79.78 -19.47
C ALA H 129 59.95 -79.71 -18.34
N THR H 130 58.73 -80.17 -18.60
CA THR H 130 57.59 -80.12 -17.68
C THR H 130 57.73 -81.15 -16.55
N LEU H 131 58.82 -81.09 -15.76
CA LEU H 131 59.28 -82.06 -14.76
C LEU H 131 58.31 -82.38 -13.58
N VAL H 132 57.02 -82.11 -13.73
CA VAL H 132 55.91 -82.46 -12.87
C VAL H 132 55.87 -83.98 -12.59
N CYS H 133 55.40 -84.36 -11.41
CA CYS H 133 55.16 -85.75 -11.02
C CYS H 133 53.68 -86.01 -10.75
N LEU H 134 53.21 -87.18 -11.15
CA LEU H 134 51.88 -87.70 -10.83
C LEU H 134 52.04 -88.99 -10.01
N ILE H 135 51.09 -89.22 -9.11
CA ILE H 135 51.14 -90.29 -8.13
C ILE H 135 49.76 -90.96 -8.06
N SER H 136 49.73 -92.29 -7.93
CA SER H 136 48.53 -93.13 -7.89
C SER H 136 48.61 -94.24 -6.83
N ASP H 137 47.50 -94.94 -6.64
CA ASP H 137 47.35 -96.22 -5.95
C ASP H 137 47.74 -96.25 -4.46
N PHE H 138 47.94 -95.10 -3.80
CA PHE H 138 48.28 -95.06 -2.39
C PHE H 138 47.06 -95.16 -1.47
N TYR H 139 47.23 -95.85 -0.34
CA TYR H 139 46.42 -95.70 0.87
C TYR H 139 47.33 -95.78 2.10
N PRO H 140 47.23 -94.91 3.11
CA PRO H 140 46.26 -93.80 3.28
C PRO H 140 46.36 -92.73 2.19
N GLY H 141 45.29 -91.96 1.99
CA GLY H 141 45.16 -90.94 0.93
C GLY H 141 45.85 -89.61 1.18
N VAL H 142 46.80 -89.54 2.13
CA VAL H 142 47.61 -88.34 2.45
C VAL H 142 49.07 -88.61 2.08
N VAL H 143 49.67 -87.74 1.26
CA VAL H 143 50.97 -87.96 0.61
C VAL H 143 51.76 -86.66 0.42
N LYS H 144 53.10 -86.76 0.35
CA LYS H 144 54.03 -85.65 0.07
C LYS H 144 55.19 -86.15 -0.81
N VAL H 145 55.80 -85.26 -1.58
CA VAL H 145 56.97 -85.56 -2.42
C VAL H 145 58.23 -84.88 -1.87
N ALA H 146 59.25 -85.68 -1.57
CA ALA H 146 60.57 -85.25 -1.10
C ALA H 146 61.58 -85.25 -2.26
N TRP H 147 61.37 -84.35 -3.24
CA TRP H 147 62.08 -84.34 -4.53
C TRP H 147 63.60 -84.46 -4.42
N LYS H 148 64.19 -85.30 -5.28
CA LYS H 148 65.62 -85.31 -5.59
C LYS H 148 65.84 -84.71 -6.97
N ALA H 149 66.77 -83.77 -7.05
CA ALA H 149 67.16 -83.00 -8.24
C ALA H 149 68.52 -82.30 -7.99
N ASP H 150 69.14 -81.75 -9.03
CA ASP H 150 70.37 -80.94 -8.92
C ASP H 150 70.13 -79.51 -8.37
N GLY H 151 69.29 -79.39 -7.33
CA GLY H 151 68.89 -78.12 -6.71
C GLY H 151 67.95 -77.22 -7.55
N SER H 152 67.53 -77.68 -8.73
CA SER H 152 66.82 -76.91 -9.75
C SER H 152 65.30 -76.75 -9.50
N ALA H 153 64.89 -76.45 -8.27
CA ALA H 153 63.50 -76.27 -7.89
C ALA H 153 62.89 -74.98 -8.49
N VAL H 154 62.03 -75.13 -9.51
CA VAL H 154 61.38 -74.04 -10.27
C VAL H 154 59.96 -74.47 -10.67
N ASN H 155 59.02 -73.51 -10.80
CA ASN H 155 57.62 -73.76 -11.14
C ASN H 155 56.89 -74.63 -10.09
N ALA H 156 56.98 -74.21 -8.82
CA ALA H 156 56.29 -74.82 -7.68
C ALA H 156 54.76 -74.63 -7.72
N GLY H 157 54.05 -75.33 -6.83
CA GLY H 157 52.58 -75.28 -6.68
C GLY H 157 52.10 -75.91 -5.37
N VAL H 158 50.85 -75.61 -5.00
CA VAL H 158 50.22 -76.00 -3.72
C VAL H 158 48.82 -76.55 -3.96
N GLU H 159 48.42 -77.60 -3.24
CA GLU H 159 47.10 -78.24 -3.38
C GLU H 159 46.56 -78.78 -2.03
N THR H 160 45.25 -79.04 -1.98
CA THR H 160 44.64 -79.93 -0.97
C THR H 160 44.08 -81.17 -1.68
N THR H 161 44.58 -82.36 -1.33
CA THR H 161 44.41 -83.61 -2.12
C THR H 161 43.08 -84.36 -1.85
N THR H 162 42.18 -83.81 -1.03
CA THR H 162 40.88 -84.42 -0.64
C THR H 162 40.03 -85.02 -1.78
N PRO H 163 39.83 -84.37 -2.94
CA PRO H 163 38.93 -84.89 -3.98
C PRO H 163 39.51 -86.01 -4.86
N SER H 164 40.84 -86.17 -4.94
CA SER H 164 41.51 -87.05 -5.93
C SER H 164 41.61 -88.51 -5.48
N LYS H 165 40.51 -89.09 -5.02
CA LYS H 165 40.33 -90.55 -4.96
C LYS H 165 40.19 -91.10 -6.38
N GLN H 166 40.86 -92.21 -6.67
CA GLN H 166 40.81 -92.87 -7.97
C GLN H 166 39.56 -93.76 -8.12
N SER H 167 39.30 -94.24 -9.35
CA SER H 167 38.29 -95.28 -9.62
C SER H 167 38.53 -96.58 -8.84
N ASN H 168 39.80 -96.95 -8.60
CA ASN H 168 40.21 -98.09 -7.77
C ASN H 168 40.20 -97.82 -6.25
N ASN H 169 39.48 -96.80 -5.78
CA ASN H 169 39.24 -96.41 -4.37
C ASN H 169 40.49 -96.00 -3.54
N LYS H 170 41.70 -96.33 -3.99
CA LYS H 170 42.96 -95.71 -3.57
C LYS H 170 43.04 -94.25 -4.08
N TYR H 171 44.01 -93.48 -3.62
CA TYR H 171 44.13 -92.06 -3.96
C TYR H 171 45.25 -91.77 -4.96
N ALA H 172 45.17 -90.58 -5.56
CA ALA H 172 46.10 -90.04 -6.55
C ALA H 172 46.43 -88.56 -6.26
N ALA H 173 47.55 -88.04 -6.78
CA ALA H 173 48.06 -86.68 -6.50
C ALA H 173 49.01 -86.13 -7.58
N SER H 174 49.24 -84.81 -7.56
CA SER H 174 50.18 -84.10 -8.43
C SER H 174 51.27 -83.39 -7.61
N SER H 175 52.47 -83.24 -8.17
CA SER H 175 53.57 -82.45 -7.58
C SER H 175 54.33 -81.66 -8.66
N TYR H 176 54.73 -80.44 -8.33
CA TYR H 176 54.92 -79.37 -9.33
C TYR H 176 56.40 -78.93 -9.46
N LEU H 177 56.94 -79.02 -10.68
CA LEU H 177 58.34 -78.73 -11.03
C LEU H 177 58.43 -78.58 -12.57
N SER H 178 59.08 -77.55 -13.12
CA SER H 178 59.28 -77.42 -14.59
C SER H 178 60.45 -76.50 -14.98
N LEU H 179 61.06 -76.76 -16.14
CA LEU H 179 62.23 -76.08 -16.73
C LEU H 179 62.12 -76.08 -18.28
N THR H 180 63.19 -75.73 -19.01
CA THR H 180 63.30 -75.92 -20.49
C THR H 180 64.12 -77.16 -20.85
N SER H 181 64.07 -77.59 -22.12
CA SER H 181 64.49 -78.94 -22.52
C SER H 181 66.01 -79.18 -22.40
N ASP H 182 66.81 -78.12 -22.44
CA ASP H 182 68.23 -78.17 -22.11
C ASP H 182 68.46 -78.81 -20.73
N GLN H 183 67.58 -78.54 -19.77
CA GLN H 183 67.65 -79.11 -18.42
C GLN H 183 67.15 -80.56 -18.32
N TRP H 184 66.81 -81.25 -19.42
CA TRP H 184 66.85 -82.72 -19.44
C TRP H 184 68.29 -83.29 -19.55
N LYS H 185 69.28 -82.46 -19.94
CA LYS H 185 70.67 -82.87 -20.23
C LYS H 185 71.73 -82.14 -19.40
N SER H 186 71.60 -80.83 -19.18
CA SER H 186 72.51 -80.06 -18.31
C SER H 186 72.40 -80.43 -16.83
N HIS H 187 71.25 -80.96 -16.43
CA HIS H 187 70.90 -81.44 -15.09
C HIS H 187 70.15 -82.76 -15.23
N LYS H 188 70.36 -83.71 -14.30
CA LYS H 188 70.08 -85.15 -14.53
C LYS H 188 69.62 -85.93 -13.29
N SER H 189 69.88 -85.46 -12.07
CA SER H 189 69.64 -86.21 -10.82
C SER H 189 68.16 -86.25 -10.37
N TYR H 190 67.22 -86.20 -11.30
CA TYR H 190 65.78 -86.15 -11.03
C TYR H 190 65.24 -87.48 -10.48
N SER H 191 64.45 -87.40 -9.40
CA SER H 191 63.57 -88.49 -8.96
C SER H 191 62.40 -87.94 -8.16
N CYS H 192 61.18 -88.31 -8.57
CA CYS H 192 60.00 -88.09 -7.73
C CYS H 192 59.98 -89.12 -6.61
N GLN H 193 60.23 -88.70 -5.38
CA GLN H 193 60.32 -89.55 -4.18
C GLN H 193 59.11 -89.30 -3.28
N VAL H 194 58.31 -90.32 -3.00
CA VAL H 194 56.91 -90.19 -2.57
C VAL H 194 56.65 -90.91 -1.25
N THR H 195 56.29 -90.16 -0.20
CA THR H 195 56.01 -90.69 1.15
C THR H 195 54.54 -90.45 1.53
N HIS H 196 53.80 -91.50 1.91
CA HIS H 196 52.37 -91.44 2.22
C HIS H 196 52.07 -91.83 3.68
N GLU H 197 52.75 -91.17 4.62
CA GLU H 197 53.02 -91.67 5.99
C GLU H 197 53.99 -92.88 6.02
N GLY H 198 54.46 -93.35 4.86
CA GLY H 198 55.40 -94.46 4.71
C GLY H 198 55.88 -94.68 3.27
N SER H 199 56.39 -95.89 3.00
CA SER H 199 56.93 -96.41 1.73
C SER H 199 58.12 -95.67 1.08
N THR H 200 58.02 -94.37 0.85
CA THR H 200 59.08 -93.54 0.22
C THR H 200 59.50 -94.09 -1.16
N VAL H 201 58.52 -94.23 -2.06
CA VAL H 201 58.63 -94.82 -3.40
C VAL H 201 59.31 -93.85 -4.39
N GLU H 202 60.02 -94.33 -5.41
CA GLU H 202 60.72 -93.46 -6.38
C GLU H 202 60.38 -93.72 -7.86
N LYS H 203 60.50 -92.68 -8.70
CA LYS H 203 60.69 -92.83 -10.15
C LYS H 203 61.67 -91.77 -10.69
N THR H 204 62.80 -92.23 -11.22
CA THR H 204 63.83 -91.47 -11.97
C THR H 204 63.48 -91.33 -13.47
N VAL H 205 64.28 -90.59 -14.24
CA VAL H 205 64.19 -90.54 -15.72
C VAL H 205 65.55 -90.61 -16.42
N ALA H 206 65.55 -91.14 -17.66
CA ALA H 206 66.65 -91.06 -18.62
C ALA H 206 66.82 -89.61 -19.16
N PRO H 207 67.90 -89.28 -19.89
CA PRO H 207 68.04 -87.96 -20.54
C PRO H 207 67.10 -87.73 -21.74
N ALA H 208 66.45 -88.78 -22.26
CA ALA H 208 65.50 -88.73 -23.39
C ALA H 208 64.31 -89.68 -23.17
N GLU H 209 63.13 -89.38 -23.70
CA GLU H 209 61.92 -90.17 -23.43
C GLU H 209 61.92 -91.57 -24.04
N CYS H 210 61.48 -92.52 -23.22
CA CYS H 210 60.79 -93.75 -23.61
C CYS H 210 59.63 -94.00 -22.62
CA ALA I 1 -11.68 46.60 64.31
C ALA I 1 -12.30 48.01 64.32
N LEU I 2 -13.60 48.14 64.60
CA LEU I 2 -14.31 49.44 64.66
C LEU I 2 -13.88 50.33 65.86
N THR I 3 -13.14 49.77 66.83
CA THR I 3 -12.68 50.40 68.09
C THR I 3 -13.81 50.79 69.06
N GLN I 4 -13.63 50.49 70.35
CA GLN I 4 -14.56 50.82 71.44
C GLN I 4 -13.82 51.18 72.72
N PRO I 5 -14.39 52.03 73.59
CA PRO I 5 -13.95 52.11 74.98
C PRO I 5 -14.28 50.78 75.69
N PRO I 6 -13.36 50.14 76.42
CA PRO I 6 -13.57 48.78 76.94
C PRO I 6 -14.66 48.69 78.02
N SER I 7 -14.92 49.76 78.78
CA SER I 7 -16.03 49.83 79.72
C SER I 7 -16.45 51.28 80.01
N VAL I 8 -17.72 51.47 80.41
CA VAL I 8 -18.28 52.73 80.93
C VAL I 8 -19.18 52.45 82.13
N SER I 9 -19.45 53.47 82.94
CA SER I 9 -20.14 53.32 84.23
C SER I 9 -21.01 54.55 84.55
N LYS I 10 -22.34 54.38 84.61
CA LYS I 10 -23.30 55.46 84.89
C LYS I 10 -24.62 54.91 85.47
N SER I 11 -25.38 55.76 86.15
CA SER I 11 -26.46 55.35 87.05
C SER I 11 -27.86 55.18 86.43
N LEU I 12 -28.69 54.44 87.16
CA LEU I 12 -30.05 53.92 86.86
C LEU I 12 -31.14 54.97 86.48
N GLU I 13 -30.75 56.14 85.99
CA GLU I 13 -31.66 57.21 85.56
C GLU I 13 -31.04 58.18 84.52
N GLN I 14 -29.78 57.95 84.12
CA GLN I 14 -29.02 58.82 83.22
C GLN I 14 -29.14 58.39 81.73
N SER I 15 -28.27 58.93 80.86
CA SER I 15 -28.05 58.46 79.49
C SER I 15 -26.56 58.25 79.17
N VAL I 16 -26.27 57.25 78.33
CA VAL I 16 -24.92 56.80 77.95
C VAL I 16 -24.83 56.70 76.42
N THR I 17 -23.65 57.00 75.88
CA THR I 17 -23.39 57.19 74.44
C THR I 17 -22.12 56.45 74.00
N ILE I 18 -22.16 55.11 74.03
CA ILE I 18 -20.99 54.27 73.76
C ILE I 18 -20.46 54.59 72.36
N SER I 19 -19.16 54.81 72.23
CA SER I 19 -18.54 55.26 70.99
C SER I 19 -18.02 54.10 70.14
N CYS I 20 -18.16 54.22 68.83
CA CYS I 20 -17.43 53.44 67.85
C CYS I 20 -16.85 54.34 66.75
N THR I 21 -15.68 53.97 66.22
CA THR I 21 -14.83 54.85 65.39
C THR I 21 -14.15 54.06 64.25
N GLY I 22 -14.94 53.34 63.46
CA GLY I 22 -14.47 52.44 62.39
C GLY I 22 -14.34 53.09 61.01
N THR I 23 -15.39 52.98 60.18
CA THR I 23 -15.36 53.23 58.73
C THR I 23 -16.65 53.86 58.23
N THR I 24 -16.60 54.49 57.04
CA THR I 24 -17.73 55.18 56.37
C THR I 24 -18.97 54.30 56.19
N THR I 25 -18.79 52.98 56.10
CA THR I 25 -19.84 51.93 56.15
C THR I 25 -20.80 52.06 57.34
N GLY I 26 -20.40 52.77 58.40
CA GLY I 26 -21.22 53.05 59.56
C GLY I 26 -22.54 53.78 59.28
N ASN I 27 -22.71 54.36 58.08
CA ASN I 27 -24.01 54.84 57.59
C ASN I 27 -25.11 53.75 57.56
N SER I 28 -24.73 52.48 57.64
CA SER I 28 -25.60 51.32 57.82
C SER I 28 -25.08 50.39 58.93
N VAL I 29 -24.55 50.97 60.03
CA VAL I 29 -24.03 50.22 61.18
C VAL I 29 -25.12 49.39 61.87
N SER I 30 -24.72 48.44 62.70
CA SER I 30 -25.58 47.69 63.60
C SER I 30 -24.95 47.51 64.98
N TRP I 31 -25.75 47.21 66.01
CA TRP I 31 -25.33 47.06 67.40
C TRP I 31 -25.97 45.83 68.05
N TYR I 32 -25.23 45.17 68.94
CA TYR I 32 -25.59 43.94 69.65
C TYR I 32 -25.18 43.98 71.13
N GLN I 33 -25.86 43.16 71.95
CA GLN I 33 -25.50 42.89 73.33
C GLN I 33 -24.87 41.50 73.42
N CYS I 34 -23.66 41.39 73.95
CA CYS I 34 -23.10 40.12 74.38
C CYS I 34 -23.66 39.82 75.77
N HIS I 35 -24.49 38.79 75.88
CA HIS I 35 -25.12 38.41 77.14
C HIS I 35 -24.08 37.99 78.18
N SER I 36 -24.42 38.18 79.46
CA SER I 36 -23.56 37.94 80.61
C SER I 36 -23.03 36.49 80.70
N GLY I 37 -23.74 35.51 80.12
CA GLY I 37 -23.34 34.10 80.15
C GLY I 37 -23.91 33.22 79.04
N THR I 38 -24.47 33.79 77.98
CA THR I 38 -25.14 33.05 76.90
C THR I 38 -24.98 33.73 75.52
N ALA I 39 -25.74 33.28 74.52
CA ALA I 39 -25.71 33.82 73.16
C ALA I 39 -26.20 35.29 73.05
N PRO I 40 -25.80 36.06 72.01
CA PRO I 40 -26.10 37.48 71.89
C PRO I 40 -27.57 37.84 71.67
N ARG I 41 -27.87 39.14 71.70
CA ARG I 41 -29.09 39.76 71.14
C ARG I 41 -28.78 40.97 70.27
N LEU I 42 -29.50 41.14 69.18
CA LEU I 42 -29.48 42.34 68.34
C LEU I 42 -30.10 43.54 69.07
N LEU I 43 -29.60 44.75 68.79
CA LEU I 43 -30.09 46.00 69.39
C LEU I 43 -30.51 47.04 68.36
N ILE I 44 -29.71 47.31 67.33
CA ILE I 44 -29.99 48.36 66.34
C ILE I 44 -29.43 47.96 64.96
N TYR I 45 -30.03 48.47 63.89
CA TYR I 45 -29.45 48.53 62.54
C TYR I 45 -29.71 49.89 61.90
N ASP I 46 -28.97 50.25 60.85
CA ASP I 46 -29.10 51.53 60.14
C ASP I 46 -29.10 52.77 61.06
N VAL I 47 -28.05 52.88 61.89
CA VAL I 47 -27.75 54.00 62.82
C VAL I 47 -28.75 54.20 63.96
N ASN I 48 -30.04 53.93 63.76
CA ASN I 48 -31.06 54.14 64.79
C ASN I 48 -32.27 53.20 64.67
N LYS I 49 -32.38 52.38 63.63
CA LYS I 49 -33.58 51.57 63.41
C LYS I 49 -33.67 50.45 64.44
N ARG I 50 -34.86 50.29 65.03
CA ARG I 50 -35.15 49.35 66.12
C ARG I 50 -35.53 47.97 65.55
N PRO I 51 -34.85 46.88 65.92
CA PRO I 51 -35.04 45.56 65.34
C PRO I 51 -36.43 45.03 65.67
N SER I 52 -37.33 45.04 64.69
CA SER I 52 -38.74 44.61 64.85
C SER I 52 -39.47 45.30 66.03
N GLY I 53 -39.04 46.51 66.41
CA GLY I 53 -39.58 47.25 67.56
C GLY I 53 -39.11 46.79 68.95
N VAL I 54 -38.20 45.82 69.06
CA VAL I 54 -37.64 45.32 70.34
C VAL I 54 -36.61 46.29 70.92
N SER I 55 -36.49 46.37 72.25
CA SER I 55 -35.50 47.19 72.98
C SER I 55 -35.68 48.71 72.83
N ASP I 56 -36.75 49.26 73.42
CA ASP I 56 -37.21 50.63 73.17
C ASP I 56 -36.34 51.78 73.71
N ARG I 57 -35.57 51.60 74.79
CA ARG I 57 -34.69 52.65 75.37
C ARG I 57 -33.44 52.96 74.54
N PHE I 58 -33.49 52.69 73.23
CA PHE I 58 -32.32 52.59 72.35
C PHE I 58 -32.61 53.14 70.92
N SER I 59 -31.55 53.67 70.29
CA SER I 59 -31.48 54.40 69.00
C SER I 59 -30.00 54.73 68.73
N GLY I 60 -29.64 55.66 67.85
CA GLY I 60 -28.23 56.04 67.71
C GLY I 60 -27.96 57.19 66.75
N SER I 61 -26.67 57.54 66.60
CA SER I 61 -26.17 58.66 65.78
C SER I 61 -24.82 58.34 65.14
N LYS I 62 -24.50 59.04 64.05
CA LYS I 62 -23.25 58.92 63.29
C LYS I 62 -22.76 60.34 62.97
N SER I 63 -21.49 60.62 63.23
CA SER I 63 -20.85 61.90 62.89
C SER I 63 -19.41 61.65 62.45
N HIS I 64 -18.97 62.38 61.41
CA HIS I 64 -17.70 62.12 60.72
C HIS I 64 -17.54 60.60 60.46
N ASN I 65 -16.40 59.99 60.78
CA ASN I 65 -16.14 58.56 60.69
C ASN I 65 -16.49 57.78 61.97
N THR I 66 -17.48 58.25 62.75
CA THR I 66 -17.77 57.72 64.10
C THR I 66 -19.27 57.60 64.36
N ALA I 67 -19.67 56.79 65.34
CA ALA I 67 -21.08 56.53 65.67
C ALA I 67 -21.28 56.19 67.15
N SER I 68 -22.53 56.25 67.61
CA SER I 68 -22.90 55.86 68.97
C SER I 68 -24.30 55.27 69.09
N LEU I 69 -24.46 54.39 70.08
CA LEU I 69 -25.72 53.81 70.50
C LEU I 69 -26.30 54.64 71.63
N THR I 70 -27.53 55.08 71.46
CA THR I 70 -28.33 55.68 72.54
C THR I 70 -28.58 54.63 73.61
N ILE I 71 -28.28 54.95 74.87
CA ILE I 71 -28.79 54.22 76.04
C ILE I 71 -29.31 55.26 77.05
N PHE I 72 -30.45 55.02 77.70
CA PHE I 72 -31.01 55.93 78.70
C PHE I 72 -31.98 55.20 79.65
N GLY I 73 -32.39 55.88 80.73
CA GLY I 73 -33.42 55.37 81.65
C GLY I 73 -33.00 54.06 82.31
N LEU I 74 -31.70 53.98 82.65
CA LEU I 74 -30.94 52.75 82.86
C LEU I 74 -31.62 51.76 83.83
N GLN I 75 -31.56 50.47 83.48
CA GLN I 75 -32.15 49.35 84.23
C GLN I 75 -31.06 48.34 84.61
N ALA I 76 -31.23 47.59 85.69
CA ALA I 76 -30.21 46.64 86.15
C ALA I 76 -29.82 45.61 85.07
N GLU I 77 -30.76 45.22 84.21
CA GLU I 77 -30.51 44.36 83.04
C GLU I 77 -29.46 44.94 82.06
N ASP I 78 -29.16 46.23 82.13
CA ASP I 78 -28.17 46.88 81.27
C ASP I 78 -26.71 46.51 81.65
N GLU I 79 -26.48 45.77 82.75
CA GLU I 79 -25.18 45.30 83.26
C GLU I 79 -24.34 44.39 82.33
N ALA I 80 -24.75 44.19 81.08
CA ALA I 80 -24.11 43.35 80.07
C ALA I 80 -22.92 44.04 79.35
N ASP I 81 -22.55 43.51 78.18
CA ASP I 81 -21.52 44.03 77.26
C ASP I 81 -22.12 44.33 75.88
N TYR I 82 -21.60 45.31 75.15
CA TYR I 82 -22.21 45.89 73.95
C TYR I 82 -21.21 46.02 72.80
N TYR I 83 -21.60 45.64 71.59
CA TYR I 83 -20.74 45.65 70.39
C TYR I 83 -21.42 46.35 69.23
N CYS I 84 -20.70 47.26 68.58
CA CYS I 84 -21.03 47.69 67.22
C CYS I 84 -20.55 46.67 66.20
N GLY I 85 -21.19 46.64 65.03
CA GLY I 85 -20.93 45.72 63.94
C GLY I 85 -21.29 46.34 62.60
N SER I 86 -20.55 45.97 61.55
CA SER I 86 -20.68 46.55 60.23
C SER I 86 -20.48 45.51 59.13
N TYR I 87 -21.33 45.57 58.11
CA TYR I 87 -20.93 45.13 56.77
C TYR I 87 -19.70 45.95 56.33
N GLY I 88 -18.66 45.31 55.80
CA GLY I 88 -17.34 45.92 55.57
C GLY I 88 -17.10 46.33 54.12
N SER I 89 -15.84 46.53 53.77
CA SER I 89 -15.43 46.72 52.37
C SER I 89 -15.43 45.40 51.58
N GLY I 90 -15.79 45.43 50.29
CA GLY I 90 -15.59 44.30 49.36
C GLY I 90 -16.14 42.94 49.81
N GLY I 91 -17.32 42.92 50.44
CA GLY I 91 -17.93 41.69 50.95
C GLY I 91 -17.41 41.20 52.30
N SER I 92 -16.46 41.91 52.93
CA SER I 92 -16.01 41.60 54.30
C SER I 92 -17.03 42.01 55.38
N LEU I 93 -16.75 41.73 56.65
CA LEU I 93 -17.53 42.14 57.83
C LEU I 93 -16.59 42.50 58.97
N LEU I 94 -16.94 43.49 59.80
CA LEU I 94 -16.07 44.05 60.84
C LEU I 94 -16.88 44.44 62.08
N PHE I 95 -16.26 44.38 63.26
CA PHE I 95 -16.94 44.57 64.55
C PHE I 95 -16.10 45.39 65.54
N GLY I 96 -16.75 45.92 66.57
CA GLY I 96 -16.08 46.65 67.65
C GLY I 96 -15.37 45.75 68.67
N GLY I 97 -14.76 46.38 69.67
CA GLY I 97 -14.01 45.70 70.74
C GLY I 97 -14.83 45.29 71.98
N GLY I 98 -16.13 45.59 72.02
CA GLY I 98 -16.97 45.43 73.20
C GLY I 98 -16.87 46.60 74.19
N THR I 99 -17.88 46.78 75.04
CA THR I 99 -17.95 47.76 76.12
C THR I 99 -18.76 47.19 77.28
N ARG I 100 -18.12 46.88 78.40
CA ARG I 100 -18.80 46.53 79.67
C ARG I 100 -19.52 47.77 80.24
N LEU I 101 -20.81 47.66 80.56
CA LEU I 101 -21.55 48.75 81.23
C LEU I 101 -21.77 48.43 82.71
N THR I 102 -21.41 49.35 83.60
CA THR I 102 -21.76 49.31 85.02
C THR I 102 -22.89 50.29 85.31
N VAL I 103 -23.97 49.82 85.92
CA VAL I 103 -25.26 50.52 86.03
C VAL I 103 -25.45 51.09 87.44
N LEU I 104 -24.69 52.14 87.75
CA LEU I 104 -24.50 52.66 89.10
C LEU I 104 -25.78 52.94 89.88
N GLY I 105 -25.67 52.87 91.21
CA GLY I 105 -26.82 52.98 92.12
C GLY I 105 -27.52 51.65 92.38
N GLN I 106 -26.87 50.53 92.05
CA GLN I 106 -27.32 49.19 92.44
C GLN I 106 -27.49 49.08 93.97
N PRO I 107 -28.44 48.26 94.47
CA PRO I 107 -28.48 47.91 95.88
C PRO I 107 -27.22 47.12 96.27
CA LYS I 109 -25.31 46.91 97.84
C LYS I 109 -25.52 45.56 98.56
N ALA I 110 -26.16 44.62 97.87
CA ALA I 110 -26.61 43.34 98.43
C ALA I 110 -25.45 42.45 98.91
N SER I 111 -25.57 41.95 100.13
CA SER I 111 -24.76 40.83 100.64
C SER I 111 -25.26 39.50 100.05
N PRO I 112 -24.36 38.53 99.78
CA PRO I 112 -24.73 37.29 99.13
C PRO I 112 -25.65 36.41 99.98
N THR I 113 -26.41 35.55 99.30
CA THR I 113 -26.85 34.27 99.86
C THR I 113 -25.64 33.32 99.89
N VAL I 114 -25.43 32.64 101.02
CA VAL I 114 -24.27 31.77 101.27
C VAL I 114 -24.74 30.47 101.94
N THR I 115 -24.15 29.33 101.57
CA THR I 115 -24.39 28.03 102.25
C THR I 115 -23.16 27.13 102.12
N LEU I 116 -22.88 26.34 103.17
CA LEU I 116 -21.80 25.34 103.19
C LEU I 116 -22.38 23.94 103.36
N PHE I 117 -22.20 23.04 102.39
CA PHE I 117 -22.67 21.65 102.47
C PHE I 117 -21.48 20.67 102.53
N PRO I 118 -21.29 19.95 103.64
CA PRO I 118 -20.42 18.77 103.73
C PRO I 118 -20.90 17.57 102.88
N PRO I 119 -20.29 16.38 102.97
CA PRO I 119 -20.69 15.19 102.21
C PRO I 119 -22.16 14.78 102.38
N SER I 120 -22.83 14.45 101.29
CA SER I 120 -24.19 13.88 101.26
C SER I 120 -24.23 12.46 101.82
N SER I 121 -25.44 11.89 102.02
CA SER I 121 -25.64 10.73 102.90
C SER I 121 -24.79 9.48 102.58
N GLU I 122 -24.59 9.13 101.32
CA GLU I 122 -23.72 8.00 100.90
C GLU I 122 -22.29 8.48 100.56
N GLU I 123 -22.14 9.70 100.06
CA GLU I 123 -20.85 10.36 99.83
C GLU I 123 -19.96 10.42 101.10
N LEU I 124 -20.60 10.53 102.26
CA LEU I 124 -20.01 10.42 103.60
C LEU I 124 -19.25 9.09 103.87
N GLN I 125 -19.38 8.09 102.99
CA GLN I 125 -18.60 6.84 103.02
C GLN I 125 -18.10 6.36 101.64
N ALA I 126 -18.30 7.15 100.57
CA ALA I 126 -18.00 6.77 99.19
C ALA I 126 -16.51 6.80 98.80
N ASN I 127 -15.60 6.71 99.78
CA ASN I 127 -14.14 6.95 99.71
C ASN I 127 -13.72 8.38 99.27
N LYS I 128 -14.38 8.99 98.29
CA LYS I 128 -14.22 10.39 97.87
C LYS I 128 -15.50 11.20 98.15
N ALA I 129 -15.32 12.47 98.49
CA ALA I 129 -16.38 13.35 98.97
C ALA I 129 -16.08 14.85 98.73
N THR I 130 -17.03 15.71 99.04
CA THR I 130 -16.97 17.17 98.86
C THR I 130 -17.56 17.93 100.04
N LEU I 131 -17.28 19.23 100.08
CA LEU I 131 -17.61 20.13 101.17
C LEU I 131 -18.03 21.50 100.61
N VAL I 132 -18.76 21.51 99.50
CA VAL I 132 -19.03 22.69 98.66
C VAL I 132 -19.53 23.89 99.47
N CYS I 133 -18.86 25.04 99.32
CA CYS I 133 -19.42 26.33 99.73
C CYS I 133 -19.98 27.05 98.49
N LEU I 134 -21.27 27.36 98.55
CA LEU I 134 -22.07 27.98 97.49
C LEU I 134 -22.34 29.44 97.83
N ILE I 135 -22.13 30.34 96.86
CA ILE I 135 -22.29 31.78 97.02
C ILE I 135 -23.11 32.33 95.85
N SER I 136 -24.11 33.16 96.14
CA SER I 136 -24.98 33.77 95.13
C SER I 136 -25.49 35.14 95.59
N ASP I 137 -25.92 35.97 94.64
CA ASP I 137 -26.58 37.25 94.85
C ASP I 137 -25.75 38.41 95.46
N PHE I 138 -24.41 38.39 95.52
CA PHE I 138 -23.68 39.59 95.99
C PHE I 138 -23.71 40.69 94.94
N TYR I 139 -23.70 41.96 95.35
CA TYR I 139 -23.83 43.11 94.43
C TYR I 139 -23.25 44.41 95.02
N PRO I 140 -22.59 45.28 94.26
CA PRO I 140 -21.94 45.07 92.95
C PRO I 140 -20.83 43.99 92.93
N GLY I 141 -19.89 44.06 91.99
CA GLY I 141 -19.21 42.88 91.44
C GLY I 141 -17.93 42.31 92.08
N VAL I 142 -17.65 42.43 93.39
CA VAL I 142 -16.43 41.83 93.98
C VAL I 142 -16.70 40.92 95.19
N VAL I 143 -16.01 39.76 95.23
CA VAL I 143 -15.76 38.99 96.46
C VAL I 143 -14.35 38.38 96.48
N LYS I 144 -13.89 38.05 97.69
CA LYS I 144 -12.83 37.07 97.99
C LYS I 144 -13.29 36.18 99.16
N VAL I 145 -12.68 35.00 99.28
CA VAL I 145 -13.17 33.88 100.12
C VAL I 145 -12.05 33.35 101.01
N ALA I 146 -12.39 32.84 102.19
CA ALA I 146 -11.47 32.15 103.09
C ALA I 146 -12.06 30.82 103.60
N TRP I 147 -11.17 29.86 103.88
CA TRP I 147 -11.45 28.51 104.33
C TRP I 147 -10.73 28.19 105.64
N LYS I 148 -11.35 27.37 106.51
CA LYS I 148 -10.74 26.77 107.71
C LYS I 148 -11.27 25.36 107.92
N ALA I 149 -10.47 24.49 108.55
CA ALA I 149 -10.92 23.20 109.10
C ALA I 149 -11.01 23.23 110.64
N ASP I 150 -11.25 24.42 111.20
CA ASP I 150 -11.65 24.68 112.60
C ASP I 150 -10.74 24.06 113.69
N GLY I 151 -10.96 22.80 114.09
CA GLY I 151 -10.03 22.05 114.95
C GLY I 151 -8.72 21.62 114.25
N SER I 152 -8.54 21.98 112.97
CA SER I 152 -7.44 21.57 112.10
C SER I 152 -7.15 22.62 111.01
N ALA I 153 -5.97 22.55 110.39
CA ALA I 153 -5.63 23.35 109.20
C ALA I 153 -6.36 22.85 107.94
N VAL I 154 -6.52 23.71 106.92
CA VAL I 154 -7.09 23.33 105.61
C VAL I 154 -6.26 22.25 104.91
N ASN I 155 -6.94 21.31 104.25
CA ASN I 155 -6.40 19.96 104.00
C ASN I 155 -6.97 19.26 102.75
N ALA I 156 -7.44 20.04 101.76
CA ALA I 156 -8.28 19.56 100.66
C ALA I 156 -8.19 20.46 99.40
N GLY I 157 -8.62 19.94 98.25
CA GLY I 157 -8.64 20.69 96.98
C GLY I 157 -9.83 21.65 96.92
N VAL I 158 -9.60 22.96 97.05
CA VAL I 158 -10.66 23.98 97.18
C VAL I 158 -11.56 24.13 95.95
N GLU I 159 -11.02 23.96 94.74
CA GLU I 159 -11.74 24.15 93.46
C GLU I 159 -12.45 25.53 93.37
N THR I 160 -11.70 26.60 93.68
CA THR I 160 -12.18 27.99 93.59
C THR I 160 -12.11 28.52 92.16
N THR I 161 -13.02 29.44 91.80
CA THR I 161 -13.15 30.00 90.44
C THR I 161 -13.47 31.49 90.48
N THR I 162 -13.27 32.19 89.36
CA THR I 162 -13.71 33.59 89.22
C THR I 162 -15.26 33.68 89.29
N PRO I 163 -15.85 34.65 90.00
CA PRO I 163 -17.30 34.87 90.03
C PRO I 163 -17.96 35.16 88.67
N SER I 164 -19.29 35.18 88.60
CA SER I 164 -20.06 35.59 87.41
C SER I 164 -21.41 36.27 87.73
N LYS I 165 -21.91 37.13 86.84
CA LYS I 165 -23.24 37.76 86.93
C LYS I 165 -24.34 36.74 86.64
N GLN I 166 -25.33 36.71 87.51
CA GLN I 166 -26.51 35.84 87.45
C GLN I 166 -27.60 36.42 86.54
N SER I 167 -28.69 35.67 86.35
CA SER I 167 -29.90 36.13 85.64
C SER I 167 -30.61 37.32 86.33
N ASN I 168 -30.51 37.43 87.66
CA ASN I 168 -30.96 38.60 88.44
C ASN I 168 -29.91 39.75 88.50
N ASN I 169 -28.88 39.73 87.64
CA ASN I 169 -27.75 40.68 87.52
C ASN I 169 -26.75 40.70 88.68
N LYS I 170 -27.12 40.27 89.89
CA LYS I 170 -26.21 40.08 91.03
C LYS I 170 -25.22 38.93 90.76
N TYR I 171 -24.16 38.74 91.55
CA TYR I 171 -23.10 37.76 91.25
C TYR I 171 -23.20 36.45 92.05
N ALA I 172 -22.65 35.36 91.47
CA ALA I 172 -22.43 34.05 92.08
C ALA I 172 -20.94 33.65 92.11
N ALA I 173 -20.60 32.75 93.04
CA ALA I 173 -19.29 32.12 93.19
C ALA I 173 -19.43 30.73 93.84
N SER I 174 -18.38 29.90 93.78
CA SER I 174 -18.34 28.60 94.46
C SER I 174 -16.90 28.21 94.82
N SER I 175 -16.76 27.31 95.80
CA SER I 175 -15.57 26.48 96.01
C SER I 175 -16.01 25.09 96.41
N TYR I 176 -15.72 24.09 95.59
CA TYR I 176 -16.32 22.75 95.72
C TYR I 176 -15.66 21.85 96.78
N LEU I 177 -14.42 22.14 97.19
CA LEU I 177 -13.74 21.56 98.36
C LEU I 177 -13.80 20.01 98.40
N SER I 178 -12.99 19.34 97.58
CA SER I 178 -12.99 17.87 97.47
C SER I 178 -11.89 17.19 98.31
N LEU I 179 -12.26 16.09 98.97
CA LEU I 179 -11.48 15.38 99.99
C LEU I 179 -11.97 13.93 100.15
N THR I 180 -11.21 13.05 100.82
CA THR I 180 -11.69 11.68 101.10
C THR I 180 -12.85 11.69 102.11
N SER I 181 -13.72 10.69 102.06
CA SER I 181 -14.88 10.59 102.98
C SER I 181 -14.46 10.53 104.46
N ASP I 182 -13.29 9.94 104.74
CA ASP I 182 -12.65 9.95 106.06
C ASP I 182 -12.22 11.36 106.51
N GLN I 183 -11.63 12.15 105.60
CA GLN I 183 -11.04 13.45 105.92
C GLN I 183 -12.07 14.40 106.58
N TRP I 184 -13.27 14.51 106.01
CA TRP I 184 -14.36 15.30 106.62
C TRP I 184 -14.66 14.87 108.06
N LYS I 185 -14.99 13.59 108.26
CA LYS I 185 -15.46 13.11 109.56
C LYS I 185 -14.36 13.13 110.63
N SER I 186 -13.10 12.89 110.23
CA SER I 186 -11.93 12.93 111.13
C SER I 186 -11.46 14.34 111.49
N HIS I 187 -11.46 15.30 110.54
CA HIS I 187 -11.11 16.70 110.81
C HIS I 187 -12.24 17.51 111.48
N LYS I 188 -13.43 16.91 111.61
CA LYS I 188 -14.47 17.20 112.64
C LYS I 188 -15.21 18.55 112.57
N SER I 189 -14.70 19.60 111.94
CA SER I 189 -15.50 20.78 111.54
C SER I 189 -14.79 21.58 110.45
N TYR I 190 -15.54 22.28 109.62
CA TYR I 190 -15.01 23.15 108.55
C TYR I 190 -15.84 24.43 108.44
N SER I 191 -15.22 25.49 107.92
CA SER I 191 -15.80 26.83 107.84
C SER I 191 -15.46 27.55 106.53
N CYS I 192 -16.42 28.32 106.04
CA CYS I 192 -16.35 29.17 104.84
C CYS I 192 -16.67 30.63 105.21
N GLN I 193 -15.82 31.59 104.82
CA GLN I 193 -16.01 33.03 105.07
C GLN I 193 -15.95 33.81 103.76
N VAL I 194 -16.92 34.71 103.56
CA VAL I 194 -17.06 35.55 102.36
C VAL I 194 -16.80 37.00 102.70
N THR I 195 -16.03 37.71 101.87
CA THR I 195 -15.84 39.16 101.95
C THR I 195 -16.18 39.77 100.60
N HIS I 196 -16.85 40.91 100.61
CA HIS I 196 -17.50 41.62 99.49
C HIS I 196 -17.21 43.13 99.62
N GLU I 197 -17.65 43.98 98.69
CA GLU I 197 -17.68 45.43 98.94
C GLU I 197 -18.35 45.76 100.30
N GLY I 198 -17.60 46.40 101.21
CA GLY I 198 -18.06 46.90 102.51
C GLY I 198 -18.63 45.88 103.51
N SER I 199 -18.49 44.57 103.28
CA SER I 199 -19.21 43.54 104.06
C SER I 199 -18.52 42.16 104.09
N THR I 200 -18.77 41.38 105.14
CA THR I 200 -18.27 40.00 105.30
C THR I 200 -19.17 39.14 106.21
N VAL I 201 -19.19 37.83 106.00
CA VAL I 201 -19.99 36.84 106.77
C VAL I 201 -19.33 35.46 106.73
N GLU I 202 -19.61 34.59 107.72
CA GLU I 202 -19.01 33.26 107.86
C GLU I 202 -20.03 32.20 108.29
N LYS I 203 -19.78 30.92 107.94
CA LYS I 203 -20.48 29.77 108.50
C LYS I 203 -19.56 28.55 108.65
N THR I 204 -19.81 27.75 109.69
CA THR I 204 -19.06 26.54 110.05
C THR I 204 -20.03 25.36 110.28
N VAL I 205 -19.62 24.15 109.94
CA VAL I 205 -20.42 22.92 110.06
C VAL I 205 -19.54 21.74 110.52
N ALA I 206 -20.10 20.88 111.37
CA ALA I 206 -19.47 19.66 111.92
C ALA I 206 -20.34 18.40 111.65
N PRO I 207 -19.76 17.18 111.62
CA PRO I 207 -20.49 15.93 111.41
C PRO I 207 -21.56 15.66 112.47
CA GLN J 1 -40.61 30.15 64.59
C GLN J 1 -39.16 29.88 64.16
N VAL J 2 -38.44 30.91 63.72
CA VAL J 2 -37.09 30.78 63.13
C VAL J 2 -36.00 30.57 64.19
N THR J 3 -35.25 29.48 64.03
CA THR J 3 -34.02 29.14 64.75
C THR J 3 -32.99 28.59 63.77
N LEU J 4 -31.74 28.98 63.93
CA LEU J 4 -30.62 28.12 63.50
C LEU J 4 -30.34 27.07 64.59
N MET J 5 -29.49 26.11 64.29
CA MET J 5 -29.17 25.01 65.20
C MET J 5 -27.80 24.44 64.87
N GLU J 6 -26.83 24.72 65.73
CA GLU J 6 -25.48 24.19 65.62
C GLU J 6 -25.38 22.72 66.06
N SER J 7 -24.37 22.03 65.55
CA SER J 7 -23.95 20.70 66.00
C SER J 7 -22.52 20.41 65.58
N GLY J 8 -21.90 19.42 66.20
CA GLY J 8 -20.52 19.02 65.88
C GLY J 8 -20.03 17.94 66.85
N PRO J 9 -18.72 17.78 67.00
CA PRO J 9 -18.11 16.92 68.01
C PRO J 9 -18.13 17.64 69.36
N ALA J 10 -17.08 17.50 70.15
CA ALA J 10 -16.88 18.30 71.37
C ALA J 10 -15.40 18.63 71.68
N LEU J 11 -14.51 17.69 71.37
CA LEU J 11 -13.09 17.80 71.69
C LEU J 11 -12.25 17.28 70.53
N VAL J 12 -11.09 17.89 70.32
CA VAL J 12 -10.29 17.67 69.14
C VAL J 12 -8.81 17.75 69.52
N LYS J 13 -7.95 16.93 68.91
CA LYS J 13 -6.49 16.99 69.13
C LYS J 13 -5.80 18.00 68.23
N VAL J 14 -4.74 18.64 68.71
CA VAL J 14 -3.94 19.54 67.87
C VAL J 14 -3.50 18.79 66.62
N THR J 15 -3.46 19.48 65.47
CA THR J 15 -3.23 18.94 64.12
C THR J 15 -4.36 18.10 63.51
N GLN J 16 -5.44 17.75 64.24
CA GLN J 16 -6.67 17.27 63.58
C GLN J 16 -7.40 18.44 62.88
N THR J 17 -8.44 18.15 62.10
CA THR J 17 -9.32 19.19 61.52
C THR J 17 -10.68 19.21 62.20
N LEU J 18 -11.11 20.38 62.64
CA LEU J 18 -12.49 20.57 63.01
C LEU J 18 -13.34 20.59 61.75
N ALA J 19 -14.43 19.83 61.76
CA ALA J 19 -15.59 20.09 60.91
C ALA J 19 -16.80 20.34 61.82
N VAL J 20 -17.66 21.28 61.44
CA VAL J 20 -18.73 21.79 62.31
C VAL J 20 -19.95 22.21 61.49
N THR J 21 -21.11 22.23 62.12
CA THR J 21 -22.36 22.00 61.40
C THR J 21 -23.50 22.86 61.87
N CYS J 22 -24.38 23.19 60.94
CA CYS J 22 -25.41 24.19 61.10
C CYS J 22 -26.63 23.80 60.27
N THR J 23 -27.80 24.14 60.77
CA THR J 23 -29.12 23.80 60.23
C THR J 23 -30.09 24.92 60.64
N PHE J 24 -31.24 25.04 59.97
CA PHE J 24 -32.15 26.18 60.16
C PHE J 24 -33.64 25.80 59.99
N SER J 25 -34.53 26.52 60.68
CA SER J 25 -35.99 26.45 60.50
C SER J 25 -36.60 27.66 59.78
N GLY J 26 -35.79 28.67 59.48
CA GLY J 26 -36.13 29.79 58.59
C GLY J 26 -36.07 29.43 57.10
N PHE J 27 -35.97 30.46 56.26
CA PHE J 27 -36.43 30.36 54.87
C PHE J 27 -35.36 30.80 53.86
N SER J 28 -34.11 30.48 54.18
CA SER J 28 -32.88 30.69 53.40
C SER J 28 -32.74 29.77 52.16
N ILE J 29 -33.84 29.56 51.44
CA ILE J 29 -33.78 29.17 50.04
C ILE J 29 -33.01 30.27 49.30
N ARG J 30 -32.29 29.96 48.23
CA ARG J 30 -31.39 30.90 47.51
C ARG J 30 -32.16 32.13 46.99
N ASP J 31 -32.26 33.19 47.78
CA ASP J 31 -33.24 34.26 47.52
C ASP J 31 -32.93 35.63 48.21
N SER J 32 -33.52 36.70 47.69
CA SER J 32 -33.50 38.06 48.26
C SER J 32 -32.09 38.53 48.60
N GLY J 33 -31.77 38.87 49.84
CA GLY J 33 -30.40 39.09 50.30
C GLY J 33 -29.97 38.04 51.31
N LYS J 34 -30.67 36.90 51.37
CA LYS J 34 -30.63 35.95 52.48
C LYS J 34 -29.34 35.15 52.53
N GLY J 35 -28.81 34.89 53.73
CA GLY J 35 -27.58 34.14 53.92
C GLY J 35 -27.28 33.68 55.34
N VAL J 36 -26.14 33.01 55.50
CA VAL J 36 -25.65 32.44 56.75
C VAL J 36 -24.15 32.71 56.89
N ALA J 37 -23.69 32.87 58.11
CA ALA J 37 -22.30 33.15 58.46
C ALA J 37 -21.89 32.42 59.74
N TRP J 38 -20.59 32.42 60.02
CA TRP J 38 -20.03 31.82 61.23
C TRP J 38 -19.16 32.80 62.01
N ILE J 39 -19.23 32.67 63.34
CA ILE J 39 -18.43 33.40 64.32
C ILE J 39 -17.91 32.44 65.38
N ARG J 40 -16.66 32.64 65.81
CA ARG J 40 -15.99 31.89 66.88
C ARG J 40 -15.56 32.82 68.00
N GLN J 41 -15.51 32.34 69.25
CA GLN J 41 -15.23 33.17 70.43
C GLN J 41 -14.54 32.34 71.51
N PRO J 42 -13.31 32.68 71.95
CA PRO J 42 -12.70 32.10 73.14
C PRO J 42 -13.62 32.24 74.35
N PRO J 43 -13.67 31.27 75.27
CA PRO J 43 -14.81 31.07 76.18
C PRO J 43 -15.15 32.30 77.02
N GLY J 44 -16.33 32.88 76.80
CA GLY J 44 -16.80 34.10 77.44
C GLY J 44 -16.07 35.40 77.05
N GLY J 45 -15.14 35.36 76.09
CA GLY J 45 -14.25 36.46 75.70
C GLY J 45 -14.65 37.16 74.38
N ALA J 46 -13.66 37.52 73.56
CA ALA J 46 -13.82 38.25 72.29
C ALA J 46 -14.44 37.42 71.13
N LEU J 47 -15.02 38.10 70.14
CA LEU J 47 -15.70 37.50 68.98
C LEU J 47 -14.89 37.67 67.69
N GLU J 48 -14.86 36.63 66.86
CA GLU J 48 -14.07 36.56 65.63
C GLU J 48 -14.88 35.94 64.46
N TRP J 49 -15.01 36.69 63.37
CA TRP J 49 -16.14 36.58 62.44
C TRP J 49 -15.61 36.15 61.08
N LEU J 50 -16.07 35.02 60.56
CA LEU J 50 -15.21 34.24 59.68
C LEU J 50 -15.45 34.45 58.18
N THR J 51 -16.67 34.23 57.74
CA THR J 51 -17.05 34.13 56.33
C THR J 51 -18.57 33.95 56.22
N SER J 52 -19.15 34.14 55.05
CA SER J 52 -20.58 33.98 54.80
C SER J 52 -20.90 33.57 53.38
N ILE J 53 -22.07 32.97 53.21
CA ILE J 53 -22.75 32.75 51.94
C ILE J 53 -24.14 33.35 52.01
N TYR J 54 -24.55 33.97 50.93
CA TYR J 54 -25.80 34.67 50.78
C TYR J 54 -26.28 34.53 49.33
N TRP J 55 -26.50 33.26 48.92
CA TRP J 55 -26.82 32.73 47.57
C TRP J 55 -25.86 33.09 46.43
N ASP J 56 -25.08 34.14 46.62
CA ASP J 56 -23.99 34.62 45.82
C ASP J 56 -23.08 33.50 45.36
N ASP J 57 -22.84 32.55 46.25
CA ASP J 57 -21.87 31.49 46.11
C ASP J 57 -20.46 32.01 45.73
N THR J 58 -20.13 33.25 46.14
CA THR J 58 -18.78 33.84 46.12
C THR J 58 -18.04 33.68 47.45
N LYS J 59 -18.81 33.48 48.53
CA LYS J 59 -18.43 32.80 49.77
C LYS J 59 -17.27 33.43 50.57
N TYR J 60 -16.95 34.70 50.38
CA TYR J 60 -15.61 35.21 50.72
C TYR J 60 -15.30 35.30 52.24
N HIS J 61 -14.03 35.51 52.57
CA HIS J 61 -13.43 35.10 53.85
C HIS J 61 -12.20 35.96 54.20
N ASP J 62 -11.78 35.95 55.47
CA ASP J 62 -10.68 36.76 55.99
C ASP J 62 -9.35 36.38 55.32
N THR J 63 -8.71 37.33 54.62
CA THR J 63 -7.45 37.08 53.90
C THR J 63 -6.27 36.70 54.80
N SER J 64 -6.38 36.86 56.12
CA SER J 64 -5.39 36.33 57.07
C SER J 64 -5.54 34.82 57.27
N LEU J 65 -6.71 34.27 56.96
CA LEU J 65 -7.13 32.90 57.18
C LEU J 65 -7.23 32.09 55.86
N LYS J 66 -6.61 32.57 54.78
CA LYS J 66 -6.87 32.14 53.39
C LYS J 66 -6.96 30.62 53.18
N PRO J 67 -5.93 29.82 53.52
CA PRO J 67 -6.04 28.37 53.42
C PRO J 67 -6.72 27.77 54.64
N ARG J 68 -6.85 28.53 55.73
CA ARG J 68 -7.25 28.06 57.05
C ARG J 68 -8.70 27.56 57.07
N LEU J 69 -9.57 28.19 56.30
CA LEU J 69 -11.00 27.89 56.30
C LEU J 69 -11.46 27.37 54.93
N THR J 70 -12.47 26.49 54.94
CA THR J 70 -13.27 26.23 53.74
C THR J 70 -14.68 25.86 54.14
N ILE J 71 -15.65 26.19 53.29
CA ILE J 71 -17.07 26.21 53.63
C ILE J 71 -17.87 25.47 52.57
N PHE J 72 -18.94 24.81 52.99
CA PHE J 72 -19.80 24.12 52.08
C PHE J 72 -21.23 24.14 52.55
N ARG J 73 -22.12 24.74 51.76
CA ARG J 73 -23.54 24.41 51.78
C ARG J 73 -23.68 23.03 51.16
N ASP J 74 -24.28 22.09 51.86
CA ASP J 74 -24.95 21.01 51.16
C ASP J 74 -26.32 21.48 50.66
N THR J 75 -26.57 21.44 49.35
CA THR J 75 -27.94 21.58 48.81
C THR J 75 -28.72 20.27 48.93
N SER J 76 -28.06 19.12 48.82
CA SER J 76 -28.71 17.84 48.48
C SER J 76 -29.68 17.34 49.53
N GLN J 77 -29.47 17.67 50.80
CA GLN J 77 -30.48 17.68 51.87
C GLN J 77 -30.42 18.99 52.68
N THR J 78 -29.98 20.09 52.06
CA THR J 78 -30.05 21.47 52.59
C THR J 78 -29.52 21.61 54.02
N GLN J 79 -28.20 21.60 54.20
CA GLN J 79 -27.52 21.78 55.49
C GLN J 79 -26.25 22.61 55.34
N VAL J 80 -25.75 23.20 56.42
CA VAL J 80 -24.60 24.11 56.38
C VAL J 80 -23.41 23.51 57.12
N ILE J 81 -22.22 23.50 56.51
CA ILE J 81 -20.98 22.94 57.09
C ILE J 81 -19.83 23.93 56.99
N LEU J 82 -19.01 24.04 58.04
CA LEU J 82 -17.72 24.73 58.01
C LEU J 82 -16.57 23.75 58.33
N ILE J 83 -15.42 23.94 57.66
CA ILE J 83 -14.21 23.12 57.78
C ILE J 83 -13.00 24.01 58.01
N LEU J 84 -12.07 23.56 58.87
CA LEU J 84 -11.00 24.38 59.41
C LEU J 84 -9.71 23.56 59.42
N THR J 85 -8.74 23.93 58.58
CA THR J 85 -7.61 23.07 58.21
C THR J 85 -6.61 22.91 59.33
N ASN J 86 -6.19 24.00 59.98
CA ASN J 86 -5.70 23.91 61.34
C ASN J 86 -5.80 25.21 62.12
N MET J 87 -5.35 25.12 63.37
CA MET J 87 -5.80 25.95 64.46
C MET J 87 -4.61 26.26 65.38
N ALA J 88 -4.66 27.39 66.10
CA ALA J 88 -3.91 27.50 67.35
C ALA J 88 -4.70 26.76 68.44
N PRO J 89 -4.09 26.13 69.45
CA PRO J 89 -4.87 25.41 70.46
C PRO J 89 -5.84 26.32 71.21
N LEU J 90 -5.46 27.59 71.39
CA LEU J 90 -6.32 28.63 71.96
C LEU J 90 -7.55 28.98 71.11
N ASP J 91 -7.62 28.51 69.86
CA ASP J 91 -8.84 28.54 69.03
C ASP J 91 -9.93 27.58 69.55
N THR J 92 -9.64 26.84 70.62
CA THR J 92 -10.64 26.39 71.59
C THR J 92 -11.64 27.50 71.86
N ALA J 93 -12.91 27.30 71.51
CA ALA J 93 -13.89 28.37 71.43
C ALA J 93 -15.31 27.85 71.42
N THR J 94 -16.25 28.74 71.68
CA THR J 94 -17.60 28.55 71.17
C THR J 94 -17.65 28.95 69.70
N TYR J 95 -18.54 28.32 68.94
CA TYR J 95 -18.83 28.65 67.56
C TYR J 95 -20.34 28.79 67.42
N TYR J 96 -20.79 29.77 66.66
CA TYR J 96 -22.21 29.93 66.29
C TYR J 96 -22.34 30.12 64.79
N CYS J 97 -23.47 29.70 64.24
CA CYS J 97 -23.93 30.15 62.94
C CYS J 97 -25.12 31.11 63.09
N GLY J 98 -25.13 32.16 62.27
CA GLY J 98 -26.12 33.23 62.28
C GLY J 98 -26.65 33.56 60.89
N ARG J 99 -27.90 34.03 60.81
CA ARG J 99 -28.62 34.34 59.56
C ARG J 99 -28.46 35.82 59.18
N ILE J 100 -28.60 36.10 57.89
CA ILE J 100 -28.36 37.37 57.22
C ILE J 100 -29.50 37.59 56.20
N ASN J 101 -29.96 38.81 55.97
CA ASN J 101 -30.78 39.15 54.80
C ASN J 101 -30.74 40.66 54.49
N ASN J 102 -30.05 41.06 53.40
CA ASN J 102 -29.66 42.44 53.11
C ASN J 102 -30.70 43.52 53.45
N GLY J 103 -30.38 44.39 54.40
CA GLY J 103 -31.15 45.59 54.64
C GLY J 103 -31.11 46.58 53.47
N GLY J 104 -29.96 46.71 52.80
CA GLY J 104 -29.74 47.63 51.68
C GLY J 104 -28.81 47.05 50.62
N GLY J 105 -28.61 47.75 49.50
CA GLY J 105 -27.88 47.25 48.32
C GLY J 105 -26.41 46.89 48.60
N TRP J 106 -26.18 45.61 48.94
CA TRP J 106 -24.99 45.14 49.67
C TRP J 106 -24.65 46.05 50.85
N LYS J 107 -25.60 46.12 51.79
CA LYS J 107 -25.40 46.47 53.21
C LYS J 107 -26.25 45.53 54.08
N ASP J 108 -25.70 45.00 55.17
CA ASP J 108 -26.51 44.22 56.11
C ASP J 108 -25.95 44.00 57.53
N HIS J 109 -26.86 43.60 58.41
CA HIS J 109 -26.69 43.09 59.77
C HIS J 109 -26.70 41.54 59.85
N ILE J 110 -26.77 40.97 61.06
CA ILE J 110 -27.08 39.57 61.38
C ILE J 110 -28.46 39.51 62.08
N ASP J 111 -29.39 38.69 61.61
CA ASP J 111 -30.81 38.76 62.03
C ASP J 111 -31.36 37.56 62.82
N PHE J 112 -30.63 36.45 62.91
CA PHE J 112 -30.91 35.36 63.84
C PHE J 112 -29.64 34.64 64.28
N TRP J 113 -29.70 33.98 65.44
CA TRP J 113 -28.58 33.36 66.13
C TRP J 113 -28.93 31.94 66.62
N GLY J 114 -28.02 30.97 66.46
CA GLY J 114 -28.28 29.60 66.88
C GLY J 114 -28.05 29.36 68.38
N PRO J 115 -28.46 28.18 68.90
CA PRO J 115 -28.29 27.73 70.27
C PRO J 115 -26.84 27.57 70.74
N GLY J 116 -25.88 27.51 69.82
CA GLY J 116 -24.47 27.53 70.13
C GLY J 116 -23.88 26.18 70.54
N LEU J 117 -22.55 26.14 70.55
CA LEU J 117 -21.74 24.93 70.66
C LEU J 117 -20.39 25.28 71.31
N LEU J 118 -19.78 24.39 72.10
CA LEU J 118 -18.45 24.60 72.68
C LEU J 118 -17.44 23.56 72.18
N VAL J 119 -16.37 24.02 71.56
CA VAL J 119 -15.32 23.24 70.93
C VAL J 119 -14.00 23.43 71.66
N THR J 120 -13.27 22.36 71.90
CA THR J 120 -12.07 22.34 72.75
C THR J 120 -10.91 21.63 72.09
N VAL J 121 -9.70 22.16 72.23
CA VAL J 121 -8.49 21.69 71.53
C VAL J 121 -7.41 21.32 72.53
N SER J 122 -6.81 20.13 72.41
CA SER J 122 -5.95 19.53 73.45
C SER J 122 -4.87 18.60 72.87
N SER J 123 -4.03 18.05 73.75
CA SER J 123 -3.41 16.74 73.50
C SER J 123 -4.31 15.58 73.98
N ALA J 124 -4.78 15.63 75.23
CA ALA J 124 -5.51 14.53 75.85
C ALA J 124 -6.97 14.44 75.40
N SER J 125 -7.48 13.22 75.24
CA SER J 125 -8.91 12.95 75.00
C SER J 125 -9.74 13.04 76.30
N THR J 126 -11.07 12.94 76.18
CA THR J 126 -12.04 13.27 77.23
C THR J 126 -11.88 12.49 78.52
N LYS J 127 -12.46 13.01 79.61
CA LYS J 127 -12.88 12.22 80.77
C LYS J 127 -14.38 12.41 81.01
N GLY J 128 -15.07 11.34 81.40
CA GLY J 128 -16.47 11.39 81.82
C GLY J 128 -16.64 11.88 83.26
N PRO J 129 -17.86 12.24 83.66
CA PRO J 129 -18.15 12.81 84.97
C PRO J 129 -18.24 11.77 86.08
N SER J 130 -18.18 12.26 87.32
CA SER J 130 -18.85 11.63 88.45
C SER J 130 -19.95 12.60 88.92
N VAL J 131 -21.12 12.05 89.28
CA VAL J 131 -22.34 12.82 89.54
C VAL J 131 -22.83 12.55 90.96
N PHE J 132 -23.14 13.60 91.72
CA PHE J 132 -23.45 13.50 93.15
C PHE J 132 -24.71 14.30 93.55
N PRO J 133 -25.57 13.76 94.42
CA PRO J 133 -26.68 14.48 95.03
C PRO J 133 -26.17 15.42 96.14
N LEU J 134 -25.69 16.61 95.75
CA LEU J 134 -25.10 17.58 96.67
C LEU J 134 -26.06 17.98 97.80
N ALA J 135 -25.73 17.54 99.00
CA ALA J 135 -26.46 17.73 100.23
C ALA J 135 -25.48 17.69 101.41
N PRO J 136 -25.75 18.36 102.55
CA PRO J 136 -24.89 18.31 103.72
C PRO J 136 -24.93 16.93 104.38
N SER J 137 -24.06 16.66 105.36
CA SER J 137 -24.10 15.40 106.12
C SER J 137 -25.31 15.30 107.07
N SER J 138 -25.98 16.42 107.36
CA SER J 138 -27.32 16.45 107.97
C SER J 138 -28.46 16.04 107.01
N ARG J 139 -28.14 15.74 105.74
CA ARG J 139 -28.98 15.39 104.58
C ARG J 139 -30.03 16.46 104.18
N SER J 140 -30.04 16.85 102.91
CA SER J 140 -31.05 17.73 102.31
C SER J 140 -32.41 17.04 102.22
N THR J 141 -32.43 15.71 102.17
CA THR J 141 -33.64 14.89 102.40
C THR J 141 -33.96 14.81 103.91
N SER J 142 -34.05 15.97 104.56
CA SER J 142 -34.51 16.19 105.94
C SER J 142 -34.84 17.67 106.14
N GLU J 143 -35.55 17.98 107.23
CA GLU J 143 -35.87 19.34 107.66
C GLU J 143 -34.64 20.17 108.13
N SER J 144 -33.41 19.64 108.03
CA SER J 144 -32.19 20.36 108.46
C SER J 144 -31.77 21.53 107.56
N THR J 145 -32.26 21.61 106.31
CA THR J 145 -31.98 22.71 105.37
C THR J 145 -33.12 22.91 104.36
N ALA J 146 -33.29 24.14 103.83
CA ALA J 146 -34.26 24.48 102.79
C ALA J 146 -33.80 24.12 101.35
N ALA J 147 -32.53 23.74 101.17
CA ALA J 147 -31.89 23.62 99.85
C ALA J 147 -31.46 22.17 99.50
N LEU J 148 -31.58 21.83 98.22
CA LEU J 148 -31.32 20.51 97.65
C LEU J 148 -30.46 20.68 96.38
N GLY J 149 -29.36 19.95 96.25
CA GLY J 149 -28.34 20.20 95.22
C GLY J 149 -28.00 19.01 94.33
N CYS J 150 -27.42 19.33 93.17
CA CYS J 150 -26.96 18.38 92.16
C CYS J 150 -25.57 18.83 91.68
N LEU J 151 -24.60 17.91 91.61
CA LEU J 151 -23.17 18.20 91.50
C LEU J 151 -22.49 17.30 90.48
N VAL J 152 -21.57 17.89 89.71
CA VAL J 152 -20.82 17.22 88.66
C VAL J 152 -19.33 17.49 88.86
N LYS J 153 -18.51 16.45 88.73
CA LYS J 153 -17.05 16.49 88.95
C LYS J 153 -16.32 15.67 87.91
N ASP J 154 -15.00 15.82 87.81
CA ASP J 154 -14.08 14.90 87.15
C ASP J 154 -14.22 14.72 85.62
N TYR J 155 -15.23 15.32 84.99
CA TYR J 155 -15.32 15.32 83.54
C TYR J 155 -14.22 16.18 82.93
N PHE J 156 -13.92 15.96 81.65
CA PHE J 156 -13.01 16.80 80.90
C PHE J 156 -13.37 16.81 79.42
N PRO J 157 -13.37 17.97 78.76
CA PRO J 157 -13.64 19.31 79.31
C PRO J 157 -15.15 19.62 79.39
N GLU J 158 -15.50 20.89 79.61
CA GLU J 158 -16.84 21.46 79.44
C GLU J 158 -17.37 21.33 77.99
N PRO J 159 -18.70 21.42 77.75
CA PRO J 159 -19.78 21.72 78.70
C PRO J 159 -20.31 20.47 79.40
N VAL J 160 -21.27 20.65 80.29
CA VAL J 160 -22.04 19.58 80.93
C VAL J 160 -23.45 20.10 81.27
N THR J 161 -24.47 19.24 81.35
CA THR J 161 -25.86 19.69 81.53
C THR J 161 -26.51 19.02 82.72
N VAL J 162 -27.10 19.83 83.60
CA VAL J 162 -27.84 19.42 84.81
C VAL J 162 -29.31 19.82 84.68
N SER J 163 -30.22 18.98 85.19
CA SER J 163 -31.67 19.20 85.14
C SER J 163 -32.37 18.51 86.31
N TRP J 164 -33.60 18.95 86.61
CA TRP J 164 -34.37 18.51 87.77
C TRP J 164 -35.71 17.88 87.39
N ASN J 165 -35.94 16.65 87.85
CA ASN J 165 -37.19 15.89 87.67
C ASN J 165 -37.67 15.86 86.20
N SER J 166 -36.74 15.70 85.26
CA SER J 166 -36.99 15.72 83.80
C SER J 166 -37.72 16.99 83.32
N GLY J 167 -37.46 18.14 83.96
CA GLY J 167 -38.13 19.42 83.66
C GLY J 167 -39.44 19.61 84.43
N SER J 168 -39.45 19.30 85.72
CA SER J 168 -40.63 19.45 86.60
C SER J 168 -40.22 19.67 88.07
N LEU J 169 -41.19 19.96 88.95
CA LEU J 169 -40.99 20.08 90.42
C LEU J 169 -39.78 20.94 90.82
N THR J 170 -39.58 22.05 90.10
CA THR J 170 -38.38 22.91 90.20
C THR J 170 -38.73 24.27 90.79
N SER J 171 -38.04 24.67 91.86
CA SER J 171 -38.27 25.93 92.59
C SER J 171 -36.96 26.48 93.18
N GLY J 172 -36.85 27.80 93.31
CA GLY J 172 -35.65 28.46 93.84
C GLY J 172 -34.35 28.14 93.08
N VAL J 173 -34.46 27.81 91.78
CA VAL J 173 -33.38 27.18 91.02
C VAL J 173 -32.18 28.12 90.79
N HIS J 174 -30.95 27.62 90.95
CA HIS J 174 -29.73 28.37 90.64
C HIS J 174 -28.54 27.47 90.28
N THR J 175 -27.90 27.75 89.14
CA THR J 175 -26.72 27.03 88.65
C THR J 175 -25.48 27.88 88.81
N PHE J 176 -24.44 27.31 89.42
CA PHE J 176 -23.21 28.00 89.84
C PHE J 176 -22.13 28.01 88.74
N PRO J 177 -21.05 28.80 88.87
CA PRO J 177 -20.00 28.87 87.87
C PRO J 177 -19.21 27.56 87.71
N ALA J 178 -18.75 27.29 86.48
CA ALA J 178 -17.82 26.20 86.19
C ALA J 178 -16.40 26.50 86.75
N VAL J 179 -15.59 25.46 86.93
CA VAL J 179 -14.20 25.58 87.37
C VAL J 179 -13.30 24.52 86.75
N LEU J 180 -12.07 24.90 86.39
CA LEU J 180 -10.98 23.98 86.10
C LEU J 180 -10.56 23.27 87.40
N GLN J 181 -10.96 22.02 87.58
CA GLN J 181 -10.51 21.15 88.66
C GLN J 181 -9.01 20.84 88.46
N SER J 182 -8.20 20.97 89.51
CA SER J 182 -6.74 21.05 89.44
C SER J 182 -6.03 19.84 88.82
N SER J 183 -6.69 18.68 88.78
CA SER J 183 -6.27 17.46 88.06
C SER J 183 -6.45 17.53 86.54
N GLY J 184 -6.77 18.70 85.97
CA GLY J 184 -7.00 18.90 84.53
C GLY J 184 -8.41 18.51 84.10
N LEU J 185 -9.36 18.56 85.02
CA LEU J 185 -10.77 18.17 84.85
C LEU J 185 -11.67 19.39 85.10
N TYR J 186 -12.99 19.24 85.19
CA TYR J 186 -13.91 20.33 85.50
C TYR J 186 -15.00 19.92 86.50
N SER J 187 -15.61 20.93 87.15
CA SER J 187 -16.68 20.77 88.14
C SER J 187 -17.78 21.83 88.00
N LEU J 188 -19.00 21.46 88.41
CA LEU J 188 -20.23 22.29 88.36
C LEU J 188 -21.20 21.91 89.50
N SER J 189 -22.09 22.81 89.91
CA SER J 189 -23.32 22.43 90.64
C SER J 189 -24.52 23.32 90.32
N SER J 190 -25.71 22.83 90.67
CA SER J 190 -26.97 23.58 90.69
C SER J 190 -27.82 23.19 91.90
N VAL J 191 -28.74 24.06 92.30
CA VAL J 191 -29.57 23.92 93.51
C VAL J 191 -31.03 24.24 93.21
N VAL J 192 -31.93 23.68 94.01
CA VAL J 192 -33.35 24.04 94.12
C VAL J 192 -33.72 24.12 95.60
N THR J 193 -34.79 24.84 95.95
CA THR J 193 -35.15 25.10 97.35
C THR J 193 -36.65 25.06 97.60
N VAL J 194 -37.04 24.76 98.85
CA VAL J 194 -38.42 24.80 99.35
C VAL J 194 -38.42 25.16 100.84
N PRO J 195 -39.41 25.91 101.38
CA PRO J 195 -39.27 26.48 102.74
C PRO J 195 -39.22 25.48 103.89
N SER J 196 -39.97 24.37 103.84
CA SER J 196 -40.10 23.44 104.98
C SER J 196 -40.69 22.04 104.69
N SER J 197 -41.51 21.89 103.64
CA SER J 197 -42.47 20.76 103.54
C SER J 197 -41.88 19.43 103.07
N SER J 198 -41.97 19.11 101.77
CA SER J 198 -41.94 17.74 101.24
C SER J 198 -40.51 17.18 101.02
N LEU J 199 -39.70 17.23 102.07
CA LEU J 199 -38.27 16.86 102.10
C LEU J 199 -38.04 15.35 102.36
N GLY J 200 -39.07 14.51 102.24
CA GLY J 200 -39.07 13.06 102.48
C GLY J 200 -38.99 12.21 101.20
N THR J 201 -39.85 11.20 101.06
CA THR J 201 -39.84 10.25 99.92
C THR J 201 -40.06 10.89 98.54
N GLN J 202 -40.67 12.08 98.47
CA GLN J 202 -40.81 12.87 97.23
C GLN J 202 -39.51 13.60 96.82
N THR J 203 -38.40 13.45 97.57
CA THR J 203 -37.13 14.19 97.35
C THR J 203 -36.65 14.14 95.90
N TYR J 204 -36.25 15.29 95.38
CA TYR J 204 -36.14 15.53 93.95
C TYR J 204 -34.99 14.76 93.28
N VAL J 205 -35.10 14.55 91.96
CA VAL J 205 -34.14 13.77 91.17
C VAL J 205 -33.28 14.68 90.29
N CYS J 206 -31.97 14.55 90.47
CA CYS J 206 -30.88 15.15 89.72
C CYS J 206 -30.68 14.34 88.42
N ASN J 207 -31.08 14.89 87.27
CA ASN J 207 -30.97 14.28 85.95
C ASN J 207 -29.91 15.02 85.12
N VAL J 208 -28.93 14.30 84.57
CA VAL J 208 -27.65 14.90 84.13
C VAL J 208 -27.13 14.22 82.86
N ASN J 209 -26.34 14.93 82.06
CA ASN J 209 -25.56 14.31 80.98
C ASN J 209 -24.22 15.03 80.78
N HIS J 210 -23.17 14.30 80.40
CA HIS J 210 -21.95 14.87 79.79
C HIS J 210 -21.90 14.58 78.29
N LYS J 211 -22.25 15.58 77.49
CA LYS J 211 -22.52 15.48 76.05
C LYS J 211 -21.39 14.88 75.19
N PRO J 212 -20.08 15.01 75.48
CA PRO J 212 -19.01 14.49 74.61
C PRO J 212 -19.01 12.97 74.43
N SER J 213 -19.11 12.20 75.52
CA SER J 213 -19.43 10.77 75.49
C SER J 213 -20.94 10.52 75.44
N ASN J 214 -21.73 11.56 75.71
CA ASN J 214 -23.18 11.59 75.89
C ASN J 214 -23.67 10.75 77.09
N THR J 215 -22.83 10.59 78.11
CA THR J 215 -23.12 9.78 79.30
C THR J 215 -24.26 10.37 80.11
N LYS J 216 -25.39 9.64 80.23
CA LYS J 216 -26.64 10.06 80.87
C LYS J 216 -26.77 9.43 82.27
N VAL J 217 -27.12 10.24 83.26
CA VAL J 217 -27.10 9.88 84.69
C VAL J 217 -28.34 10.41 85.43
N ASP J 218 -28.89 9.65 86.37
CA ASP J 218 -30.02 10.05 87.23
C ASP J 218 -29.77 9.65 88.70
N LYS J 219 -30.03 10.53 89.67
CA LYS J 219 -29.86 10.23 91.12
C LYS J 219 -30.83 11.01 92.01
N ARG J 220 -31.32 10.41 93.11
CA ARG J 220 -32.17 11.08 94.12
C ARG J 220 -31.34 11.94 95.09
N VAL J 221 -31.85 13.08 95.53
CA VAL J 221 -31.19 13.88 96.58
C VAL J 221 -31.21 13.15 97.94
N GLU J 222 -30.15 13.31 98.73
CA GLU J 222 -29.95 12.68 100.05
C GLU J 222 -29.17 13.58 101.03
CA GLN K 1 9.44 5.34 56.66
C GLN K 1 7.90 5.29 56.77
N VAL K 2 7.32 4.56 57.71
CA VAL K 2 5.87 4.33 57.81
C VAL K 2 5.13 5.57 58.36
N THR K 3 5.05 6.62 57.56
CA THR K 3 4.45 7.92 57.93
C THR K 3 2.93 7.93 57.78
N LEU K 4 2.27 6.89 58.28
CA LEU K 4 0.84 6.62 58.05
C LEU K 4 0.04 6.90 59.33
N MET K 5 -0.99 7.74 59.25
CA MET K 5 -1.53 8.46 60.41
C MET K 5 -3.04 8.73 60.35
N GLU K 6 -3.90 7.73 60.16
CA GLU K 6 -5.35 7.97 60.27
C GLU K 6 -5.75 8.50 61.65
N SER K 7 -6.48 9.62 61.72
CA SER K 7 -7.04 10.12 62.98
C SER K 7 -8.32 10.92 62.79
N GLY K 8 -9.15 10.89 63.83
CA GLY K 8 -10.51 11.42 63.85
C GLY K 8 -11.27 10.98 65.11
N PRO K 9 -12.57 11.32 65.23
CA PRO K 9 -13.39 10.96 66.36
C PRO K 9 -13.76 9.47 66.34
N ALA K 10 -14.19 8.92 67.47
CA ALA K 10 -14.66 7.54 67.54
C ALA K 10 -16.14 7.36 67.16
N LEU K 11 -16.99 8.37 67.39
CA LEU K 11 -18.43 8.31 67.12
C LEU K 11 -19.01 9.64 66.65
N VAL K 12 -20.10 9.57 65.89
CA VAL K 12 -20.80 10.74 65.32
C VAL K 12 -22.32 10.60 65.41
N LYS K 13 -23.02 11.67 65.79
CA LYS K 13 -24.49 11.73 65.85
C LYS K 13 -25.11 11.65 64.45
N VAL K 14 -26.14 10.80 64.28
CA VAL K 14 -26.52 10.21 62.98
C VAL K 14 -26.73 11.18 61.82
N THR K 15 -27.24 12.38 62.05
CA THR K 15 -27.51 13.32 60.98
C THR K 15 -26.23 13.90 60.38
N GLN K 16 -25.23 14.25 61.19
CA GLN K 16 -24.21 15.23 60.80
C GLN K 16 -23.02 14.63 60.05
N THR K 17 -22.24 15.49 59.39
CA THR K 17 -21.04 15.11 58.64
C THR K 17 -20.00 14.36 59.46
N LEU K 18 -19.25 13.51 58.79
CA LEU K 18 -18.06 12.81 59.27
C LEU K 18 -16.80 13.30 58.52
N ALA K 19 -15.76 13.69 59.25
CA ALA K 19 -14.48 14.16 58.71
C ALA K 19 -13.29 13.44 59.36
N VAL K 20 -12.26 13.10 58.58
CA VAL K 20 -11.11 12.28 59.00
C VAL K 20 -9.80 12.73 58.34
N THR K 21 -8.66 12.32 58.90
CA THR K 21 -7.35 12.88 58.52
C THR K 21 -6.25 11.83 58.47
N CYS K 22 -5.23 12.06 57.65
CA CYS K 22 -4.05 11.22 57.44
C CYS K 22 -2.89 12.15 56.96
N THR K 23 -1.82 11.68 56.33
CA THR K 23 -0.71 12.58 55.93
C THR K 23 0.10 12.16 54.71
N PHE K 24 0.07 12.95 53.63
CA PHE K 24 0.91 12.66 52.44
C PHE K 24 2.38 12.99 52.71
N SER K 25 3.23 11.97 52.74
CA SER K 25 4.47 12.01 53.52
C SER K 25 5.38 10.80 53.26
N GLY K 26 6.58 10.79 53.86
CA GLY K 26 7.51 9.65 53.84
C GLY K 26 8.33 9.50 52.56
N PHE K 27 7.89 10.16 51.50
CA PHE K 27 8.47 10.17 50.17
C PHE K 27 8.28 11.56 49.56
N SER K 28 8.98 11.87 48.47
CA SER K 28 8.80 13.13 47.73
C SER K 28 7.46 13.14 46.99
N ILE K 29 6.37 13.34 47.72
CA ILE K 29 5.00 13.12 47.24
C ILE K 29 4.58 14.01 46.08
N ARG K 30 5.38 15.00 45.70
CA ARG K 30 5.20 15.74 44.44
C ARG K 30 5.59 14.92 43.20
N ASP K 31 6.06 13.68 43.37
CA ASP K 31 6.31 12.70 42.33
C ASP K 31 5.02 12.09 41.78
N SER K 32 4.72 12.27 40.48
CA SER K 32 3.59 11.62 39.82
C SER K 32 3.69 10.09 39.75
N GLY K 33 4.86 9.51 40.02
CA GLY K 33 5.09 8.09 40.23
C GLY K 33 4.55 7.56 41.56
N LYS K 34 4.04 8.42 42.44
CA LYS K 34 3.43 8.06 43.74
C LYS K 34 2.14 8.86 43.96
N GLY K 35 1.31 8.43 44.92
CA GLY K 35 0.09 9.13 45.30
C GLY K 35 -0.55 8.52 46.55
N VAL K 36 -1.77 8.92 46.90
CA VAL K 36 -2.44 8.44 48.12
C VAL K 36 -3.94 8.25 47.90
N ALA K 37 -4.56 7.36 48.64
CA ALA K 37 -5.93 6.88 48.42
C ALA K 37 -6.72 6.68 49.72
N TRP K 38 -8.03 6.46 49.59
CA TRP K 38 -8.95 6.16 50.70
C TRP K 38 -9.83 4.91 50.46
N ILE K 39 -10.00 4.16 51.54
CA ILE K 39 -10.45 2.77 51.62
C ILE K 39 -11.40 2.63 52.81
N ARG K 40 -12.31 1.67 52.76
CA ARG K 40 -13.47 1.55 53.65
C ARG K 40 -13.82 0.08 53.88
N GLN K 41 -14.41 -0.29 55.02
CA GLN K 41 -15.15 -1.55 55.18
C GLN K 41 -16.01 -1.55 56.44
N PRO K 42 -17.29 -1.93 56.36
CA PRO K 42 -18.10 -2.18 57.53
C PRO K 42 -17.85 -3.60 58.05
N PRO K 43 -18.21 -3.90 59.31
CA PRO K 43 -18.17 -5.26 59.81
C PRO K 43 -18.92 -6.19 58.85
N GLY K 44 -18.27 -7.26 58.41
CA GLY K 44 -18.89 -8.29 57.56
C GLY K 44 -19.24 -7.85 56.12
N GLY K 45 -18.87 -6.65 55.68
CA GLY K 45 -19.09 -6.21 54.28
C GLY K 45 -17.98 -6.60 53.30
N ALA K 46 -18.26 -6.51 52.00
CA ALA K 46 -17.23 -6.56 50.97
C ALA K 46 -16.35 -5.31 51.04
N LEU K 47 -15.03 -5.49 51.20
CA LEU K 47 -14.06 -4.42 51.47
C LEU K 47 -13.99 -3.44 50.28
N GLU K 48 -13.73 -2.15 50.53
CA GLU K 48 -14.24 -1.07 49.67
C GLU K 48 -13.27 0.11 49.52
N TRP K 49 -13.52 0.94 48.52
CA TRP K 49 -12.72 2.08 48.10
C TRP K 49 -13.59 3.33 47.91
N LEU K 50 -12.99 4.53 47.92
CA LEU K 50 -13.69 5.81 47.74
C LEU K 50 -13.10 6.70 46.64
N THR K 51 -11.84 7.08 46.81
CA THR K 51 -11.26 8.27 46.16
C THR K 51 -9.75 8.31 46.37
N SER K 52 -9.03 9.12 45.59
CA SER K 52 -7.58 9.30 45.70
C SER K 52 -7.16 10.70 45.29
N ILE K 53 -6.02 11.15 45.81
CA ILE K 53 -5.27 12.26 45.24
C ILE K 53 -3.88 11.80 44.85
N TYR K 54 -3.40 12.30 43.73
CA TYR K 54 -2.06 12.08 43.24
C TYR K 54 -1.16 13.29 43.61
N TRP K 55 0.01 13.37 42.98
CA TRP K 55 1.06 14.37 43.19
C TRP K 55 0.55 15.81 43.34
N ASP K 56 -0.33 16.28 42.45
CA ASP K 56 -1.14 17.47 42.67
C ASP K 56 -2.43 17.44 41.86
N ASP K 57 -3.44 18.10 42.40
CA ASP K 57 -4.77 18.39 41.86
C ASP K 57 -5.27 17.45 40.77
N THR K 58 -5.17 16.15 41.02
CA THR K 58 -5.54 15.11 40.09
C THR K 58 -6.31 14.10 40.90
N LYS K 59 -7.63 14.09 40.75
CA LYS K 59 -8.56 13.49 41.70
C LYS K 59 -9.67 12.73 41.01
N TYR K 60 -10.21 11.75 41.70
CA TYR K 60 -11.20 10.82 41.18
C TYR K 60 -12.11 10.32 42.30
N HIS K 61 -13.31 9.88 41.99
CA HIS K 61 -14.29 9.44 42.99
C HIS K 61 -15.05 8.23 42.49
N ASP K 62 -15.52 7.38 43.40
CA ASP K 62 -16.61 6.48 43.07
C ASP K 62 -17.84 7.31 42.71
N THR K 63 -18.25 7.29 41.44
CA THR K 63 -19.38 8.10 40.97
C THR K 63 -20.67 7.82 41.72
N SER K 64 -20.84 6.62 42.30
CA SER K 64 -22.03 6.28 43.09
C SER K 64 -22.13 7.04 44.40
N LEU K 65 -21.06 7.70 44.83
CA LEU K 65 -21.01 8.45 46.08
C LEU K 65 -20.64 9.91 45.89
N LYS K 66 -20.31 10.36 44.68
CA LYS K 66 -19.73 11.68 44.39
C LYS K 66 -20.29 12.84 45.22
N PRO K 67 -21.59 13.15 45.20
CA PRO K 67 -22.10 14.31 45.90
C PRO K 67 -22.02 14.17 47.42
N ARG K 68 -21.88 12.96 47.97
CA ARG K 68 -21.74 12.76 49.42
C ARG K 68 -20.41 13.22 49.98
N LEU K 69 -19.38 13.36 49.16
CA LEU K 69 -17.98 13.24 49.59
C LEU K 69 -17.11 14.41 49.13
N THR K 70 -16.06 14.71 49.88
CA THR K 70 -15.00 15.60 49.39
C THR K 70 -13.63 15.28 49.99
N ILE K 71 -12.58 15.77 49.34
CA ILE K 71 -11.21 15.25 49.39
C ILE K 71 -10.20 16.32 48.98
N PHE K 72 -9.28 16.67 49.88
CA PHE K 72 -8.23 17.67 49.63
C PHE K 72 -7.16 17.60 50.72
N ARG K 73 -6.12 18.43 50.59
CA ARG K 73 -5.08 18.61 51.61
C ARG K 73 -4.60 20.06 51.66
N ASP K 74 -4.08 20.49 52.81
CA ASP K 74 -3.54 21.84 53.01
C ASP K 74 -2.03 21.80 53.20
N THR K 75 -1.28 22.44 52.30
CA THR K 75 0.18 22.45 52.31
C THR K 75 0.76 23.00 53.60
N SER K 76 0.08 23.94 54.26
CA SER K 76 0.55 24.57 55.50
C SER K 76 0.55 23.60 56.69
N GLN K 77 -0.20 22.50 56.64
CA GLN K 77 0.01 21.35 57.54
C GLN K 77 0.76 20.20 56.86
N THR K 78 0.54 19.99 55.56
CA THR K 78 1.01 18.81 54.83
C THR K 78 0.53 17.51 55.50
N GLN K 79 -0.79 17.30 55.41
CA GLN K 79 -1.54 16.15 55.92
C GLN K 79 -2.30 15.48 54.75
N VAL K 80 -3.48 14.90 54.95
CA VAL K 80 -4.53 14.77 53.92
C VAL K 80 -5.89 14.54 54.58
N ILE K 81 -6.99 14.93 53.92
CA ILE K 81 -8.31 15.00 54.53
C ILE K 81 -9.32 14.25 53.68
N LEU K 82 -10.28 13.58 54.34
CA LEU K 82 -11.46 12.96 53.73
C LEU K 82 -12.71 13.37 54.54
N ILE K 83 -13.81 13.72 53.86
CA ILE K 83 -15.06 14.15 54.50
C ILE K 83 -16.26 13.58 53.75
N LEU K 84 -17.32 13.20 54.48
CA LEU K 84 -18.64 12.94 53.92
C LEU K 84 -19.74 13.70 54.68
N THR K 85 -20.69 14.25 53.94
CA THR K 85 -21.59 15.28 54.46
C THR K 85 -22.91 14.75 54.97
N ASN K 86 -23.60 13.94 54.18
CA ASN K 86 -24.98 13.56 54.42
C ASN K 86 -25.01 12.08 54.72
N MET K 87 -25.43 11.71 55.92
CA MET K 87 -24.93 10.49 56.56
C MET K 87 -26.04 9.54 57.03
N ALA K 88 -25.71 8.26 57.16
CA ALA K 88 -26.61 7.18 57.59
C ALA K 88 -25.87 6.22 58.54
N PRO K 89 -26.56 5.54 59.48
CA PRO K 89 -25.87 4.78 60.52
C PRO K 89 -25.02 3.68 59.93
N LEU K 90 -25.50 3.10 58.82
CA LEU K 90 -24.82 2.08 58.01
C LEU K 90 -23.46 2.50 57.46
N ASP K 91 -23.12 3.80 57.45
CA ASP K 91 -21.77 4.26 57.14
C ASP K 91 -20.74 3.92 58.24
N THR K 92 -21.17 3.42 59.41
CA THR K 92 -20.29 2.92 60.49
C THR K 92 -19.34 1.83 59.98
N ALA K 93 -18.03 2.06 60.06
CA ALA K 93 -17.02 1.26 59.39
C ALA K 93 -15.58 1.53 59.88
N THR K 94 -14.64 0.68 59.51
CA THR K 94 -13.23 1.09 59.45
C THR K 94 -13.01 1.90 58.18
N TYR K 95 -12.22 2.95 58.29
CA TYR K 95 -11.73 3.73 57.16
C TYR K 95 -10.19 3.72 57.18
N TYR K 96 -9.59 3.79 55.99
CA TYR K 96 -8.16 3.61 55.76
C TYR K 96 -7.67 4.57 54.68
N CYS K 97 -6.59 5.29 54.90
CA CYS K 97 -5.88 5.94 53.80
C CYS K 97 -4.86 4.96 53.21
N GLY K 98 -3.91 5.42 52.40
CA GLY K 98 -2.70 4.67 52.07
C GLY K 98 -1.99 5.12 50.80
N ARG K 99 -0.68 4.90 50.68
CA ARG K 99 0.09 5.21 49.47
C ARG K 99 -0.29 4.27 48.32
N ILE K 100 -0.42 4.85 47.14
CA ILE K 100 -0.55 4.19 45.85
C ILE K 100 0.71 4.48 45.03
N ASN K 101 1.13 3.50 44.23
CA ASN K 101 2.47 3.42 43.64
C ASN K 101 2.37 2.96 42.17
N ASN K 102 3.27 3.47 41.32
CA ASN K 102 3.16 3.36 39.86
C ASN K 102 4.12 2.32 39.26
N GLY K 103 3.56 1.45 38.44
CA GLY K 103 4.31 0.55 37.55
C GLY K 103 4.43 1.03 36.10
N GLY K 104 3.63 2.00 35.67
CA GLY K 104 3.70 2.57 34.32
C GLY K 104 2.44 3.33 33.89
N GLY K 105 2.30 3.66 32.61
CA GLY K 105 1.13 4.36 32.08
C GLY K 105 -0.17 3.63 32.40
N TRP K 106 -1.06 4.26 33.18
CA TRP K 106 -2.27 3.63 33.73
C TRP K 106 -2.00 2.29 34.47
N LYS K 107 -0.83 2.11 35.09
CA LYS K 107 -0.46 0.96 35.92
C LYS K 107 -0.08 1.44 37.32
N ASP K 108 -0.98 1.35 38.29
CA ASP K 108 -0.72 1.64 39.71
C ASP K 108 -1.36 0.58 40.63
N HIS K 109 -0.98 0.58 41.92
CA HIS K 109 -1.49 -0.33 42.97
C HIS K 109 -1.29 0.31 44.35
N ILE K 110 -2.09 -0.05 45.36
CA ILE K 110 -1.74 0.28 46.76
C ILE K 110 -0.59 -0.61 47.21
N ASP K 111 0.32 -0.11 48.06
CA ASP K 111 1.31 -0.97 48.71
C ASP K 111 1.68 -0.56 50.14
N PHE K 112 0.81 0.18 50.83
CA PHE K 112 0.94 0.49 52.27
C PHE K 112 -0.44 0.72 52.91
N TRP K 113 -0.53 0.58 54.23
CA TRP K 113 -1.74 0.79 55.02
C TRP K 113 -1.35 1.17 56.45
N GLY K 114 -1.90 2.24 57.01
CA GLY K 114 -1.56 2.73 58.37
C GLY K 114 -2.21 1.99 59.55
N PRO K 115 -2.39 2.64 60.71
CA PRO K 115 -3.21 2.09 61.79
C PRO K 115 -4.68 1.90 61.38
N GLY K 116 -5.18 2.65 60.40
CA GLY K 116 -6.61 2.70 60.08
C GLY K 116 -7.45 3.31 61.20
N LEU K 117 -8.77 3.41 61.00
CA LEU K 117 -9.67 3.93 62.03
C LEU K 117 -11.08 3.36 61.93
N LEU K 118 -11.49 2.60 62.94
CA LEU K 118 -12.89 2.30 63.20
C LEU K 118 -13.62 3.57 63.60
N VAL K 119 -14.77 3.82 63.01
CA VAL K 119 -15.64 4.93 63.38
C VAL K 119 -17.10 4.47 63.38
N THR K 120 -17.95 5.16 64.13
CA THR K 120 -19.28 4.65 64.47
C THR K 120 -20.36 5.73 64.49
N VAL K 121 -21.62 5.35 64.28
CA VAL K 121 -22.74 6.27 64.10
C VAL K 121 -23.96 5.80 64.87
N SER K 122 -24.69 6.68 65.56
CA SER K 122 -25.97 6.34 66.22
C SER K 122 -26.84 7.56 66.52
N SER K 123 -28.12 7.33 66.82
CA SER K 123 -29.01 8.29 67.48
C SER K 123 -28.91 8.25 69.02
N ALA K 124 -28.37 7.17 69.60
CA ALA K 124 -28.55 6.84 71.01
C ALA K 124 -27.71 7.68 71.98
N SER K 125 -28.25 7.88 73.18
CA SER K 125 -27.53 8.44 74.34
C SER K 125 -26.84 7.32 75.14
N THR K 126 -25.77 7.63 75.87
CA THR K 126 -24.91 6.63 76.53
C THR K 126 -25.38 6.33 77.96
N LYS K 127 -25.94 5.13 78.20
CA LYS K 127 -26.48 4.71 79.52
C LYS K 127 -26.33 3.20 79.75
N GLY K 128 -26.13 2.79 81.01
CA GLY K 128 -25.70 1.45 81.40
C GLY K 128 -26.83 0.41 81.57
N PRO K 129 -26.47 -0.86 81.85
CA PRO K 129 -27.40 -1.99 81.78
C PRO K 129 -28.24 -2.20 83.06
N SER K 130 -29.56 -2.18 82.95
CA SER K 130 -30.51 -2.66 83.97
C SER K 130 -30.73 -4.19 83.85
N VAL K 131 -29.82 -4.98 84.40
CA VAL K 131 -29.59 -6.41 84.08
C VAL K 131 -30.79 -7.35 84.28
N PHE K 132 -31.04 -8.25 83.33
CA PHE K 132 -31.88 -9.45 83.48
C PHE K 132 -31.05 -10.66 83.98
N PRO K 133 -31.60 -11.60 84.77
CA PRO K 133 -30.80 -12.58 85.56
C PRO K 133 -30.15 -13.76 84.80
N LEU K 134 -29.87 -13.65 83.50
CA LEU K 134 -29.71 -14.84 82.64
C LEU K 134 -28.34 -15.54 82.81
N ALA K 135 -28.37 -16.68 83.51
CA ALA K 135 -27.29 -17.63 83.72
C ALA K 135 -27.90 -19.05 83.76
N PRO K 136 -27.14 -20.15 83.62
CA PRO K 136 -27.70 -21.40 83.11
C PRO K 136 -28.68 -22.03 84.10
N SER K 137 -29.95 -22.05 83.69
CA SER K 137 -31.16 -22.38 84.44
C SER K 137 -31.01 -23.51 85.47
N SER K 138 -31.07 -23.18 86.77
CA SER K 138 -30.95 -24.10 87.91
C SER K 138 -29.87 -25.19 87.68
N ARG K 139 -30.24 -26.47 87.66
CA ARG K 139 -29.32 -27.60 87.44
C ARG K 139 -28.94 -27.79 85.96
N SER K 140 -28.49 -26.71 85.33
CA SER K 140 -27.87 -26.69 84.00
C SER K 140 -26.63 -25.78 83.94
N THR K 141 -26.07 -25.39 85.08
CA THR K 141 -24.77 -24.70 85.14
C THR K 141 -23.59 -25.56 84.68
N SER K 142 -23.76 -26.87 84.46
CA SER K 142 -22.90 -27.68 83.58
C SER K 142 -23.45 -27.74 82.15
N GLU K 143 -22.65 -27.33 81.17
CA GLU K 143 -23.03 -27.33 79.74
C GLU K 143 -21.84 -27.58 78.78
N SER K 144 -20.67 -27.99 79.30
CA SER K 144 -19.31 -27.72 78.77
C SER K 144 -18.93 -26.23 78.88
N THR K 145 -19.88 -25.34 78.61
CA THR K 145 -19.90 -23.96 79.10
C THR K 145 -20.60 -23.86 80.47
N ALA K 146 -20.60 -22.66 81.04
CA ALA K 146 -21.50 -22.24 82.11
C ALA K 146 -21.93 -20.79 81.84
N ALA K 147 -22.52 -20.56 80.68
CA ALA K 147 -22.59 -19.30 79.95
C ALA K 147 -23.41 -18.19 80.63
N LEU K 148 -23.09 -16.93 80.32
CA LEU K 148 -23.60 -15.77 81.06
C LEU K 148 -24.08 -14.66 80.10
N GLY K 149 -25.25 -14.11 80.42
CA GLY K 149 -25.86 -13.00 79.69
C GLY K 149 -26.59 -12.07 80.65
N CYS K 150 -25.93 -11.00 81.08
CA CYS K 150 -26.54 -9.89 81.84
C CYS K 150 -27.45 -9.03 80.94
N LEU K 151 -28.38 -9.68 80.24
CA LEU K 151 -29.12 -9.16 79.10
C LEU K 151 -30.01 -7.97 79.49
N VAL K 152 -30.16 -7.00 78.58
CA VAL K 152 -31.07 -5.85 78.70
C VAL K 152 -31.53 -5.46 77.29
N LYS K 153 -32.75 -4.94 77.10
CA LYS K 153 -33.15 -4.41 75.78
C LYS K 153 -32.38 -3.12 75.46
N ASP K 154 -31.50 -3.17 74.47
CA ASP K 154 -30.90 -1.99 73.80
C ASP K 154 -30.28 -0.94 74.75
N TYR K 155 -29.26 -1.30 75.53
CA TYR K 155 -28.37 -0.30 76.15
C TYR K 155 -27.37 0.25 75.11
N PHE K 156 -26.66 1.34 75.43
CA PHE K 156 -25.67 1.91 74.50
C PHE K 156 -24.51 2.66 75.19
N PRO K 157 -23.32 2.73 74.58
CA PRO K 157 -22.79 1.86 73.52
C PRO K 157 -22.06 0.65 74.14
N GLU K 158 -21.38 -0.13 73.31
CA GLU K 158 -20.18 -0.88 73.75
C GLU K 158 -18.95 0.05 73.78
N PRO K 159 -17.87 -0.24 74.53
CA PRO K 159 -17.57 -1.49 75.24
C PRO K 159 -18.35 -1.71 76.55
N VAL K 160 -18.25 -2.92 77.09
CA VAL K 160 -18.68 -3.31 78.44
C VAL K 160 -17.65 -4.26 79.06
N THR K 161 -17.58 -4.31 80.38
CA THR K 161 -16.81 -5.32 81.13
C THR K 161 -17.64 -5.79 82.34
N VAL K 162 -17.33 -6.95 82.90
CA VAL K 162 -18.04 -7.48 84.07
C VAL K 162 -17.07 -8.20 85.02
N SER K 163 -17.30 -8.05 86.33
CA SER K 163 -16.43 -8.65 87.36
C SER K 163 -16.96 -10.01 87.79
N TRP K 164 -16.14 -11.05 87.63
CA TRP K 164 -16.39 -12.42 88.12
C TRP K 164 -15.15 -12.93 88.86
N ASN K 165 -15.35 -13.60 90.01
CA ASN K 165 -14.32 -14.30 90.79
C ASN K 165 -12.96 -13.58 90.85
N SER K 166 -12.98 -12.31 91.31
CA SER K 166 -11.84 -11.40 91.48
C SER K 166 -10.97 -11.15 90.23
N GLY K 167 -11.46 -11.49 89.04
CA GLY K 167 -10.68 -11.50 87.80
C GLY K 167 -9.63 -12.60 87.73
N SER K 168 -9.59 -13.51 88.70
CA SER K 168 -8.62 -14.61 88.78
C SER K 168 -8.92 -15.76 87.80
N LEU K 169 -10.18 -15.92 87.41
CA LEU K 169 -10.66 -17.02 86.58
C LEU K 169 -10.69 -16.63 85.10
N THR K 170 -9.58 -16.83 84.38
CA THR K 170 -9.42 -16.37 82.97
C THR K 170 -10.46 -16.97 82.01
N SER K 171 -10.90 -18.21 82.24
CA SER K 171 -12.01 -18.87 81.51
C SER K 171 -13.37 -18.18 81.65
N GLY K 172 -13.52 -17.30 82.65
CA GLY K 172 -14.67 -16.40 82.82
C GLY K 172 -14.44 -14.99 82.28
N VAL K 173 -13.20 -14.48 82.33
CA VAL K 173 -12.81 -13.18 81.74
C VAL K 173 -12.88 -13.23 80.20
N HIS K 174 -12.49 -14.35 79.59
CA HIS K 174 -12.54 -14.57 78.14
C HIS K 174 -13.93 -15.06 77.71
N THR K 175 -14.85 -14.11 77.50
CA THR K 175 -16.30 -14.33 77.23
C THR K 175 -16.66 -14.60 75.75
N PHE K 176 -15.67 -14.82 74.89
CA PHE K 176 -15.80 -14.66 73.43
C PHE K 176 -16.52 -15.82 72.71
N PRO K 177 -17.39 -15.53 71.72
CA PRO K 177 -17.83 -14.21 71.29
C PRO K 177 -18.97 -13.64 72.15
N ALA K 178 -18.99 -12.32 72.34
CA ALA K 178 -20.16 -11.57 72.80
C ALA K 178 -20.97 -11.02 71.61
N VAL K 179 -22.25 -10.63 71.82
CA VAL K 179 -23.14 -10.11 70.76
C VAL K 179 -23.94 -8.89 71.19
N LEU K 180 -24.12 -7.92 70.27
CA LEU K 180 -24.99 -6.75 70.39
C LEU K 180 -26.50 -7.09 70.33
N GLN K 181 -27.36 -6.09 70.16
CA GLN K 181 -28.79 -6.29 69.95
C GLN K 181 -29.30 -5.76 68.59
N SER K 182 -29.87 -6.65 67.78
CA SER K 182 -30.27 -6.37 66.39
C SER K 182 -31.46 -5.42 66.22
N SER K 183 -32.26 -5.18 67.26
CA SER K 183 -33.30 -4.13 67.25
C SER K 183 -32.72 -2.70 67.27
N GLY K 184 -31.42 -2.55 67.57
CA GLY K 184 -30.67 -1.35 67.19
C GLY K 184 -29.33 -1.17 67.89
N LEU K 185 -29.25 -1.49 69.19
CA LEU K 185 -28.15 -1.08 70.07
C LEU K 185 -27.47 -2.32 70.68
N TYR K 186 -27.31 -2.40 72.01
CA TYR K 186 -26.47 -3.40 72.65
C TYR K 186 -27.13 -4.11 73.82
N SER K 187 -26.61 -5.30 74.12
CA SER K 187 -27.03 -6.15 75.23
C SER K 187 -25.87 -7.05 75.67
N LEU K 188 -25.84 -7.50 76.93
CA LEU K 188 -24.76 -8.37 77.41
C LEU K 188 -25.17 -9.83 77.26
N SER K 189 -24.51 -10.51 76.32
CA SER K 189 -24.90 -11.83 75.82
C SER K 189 -23.64 -12.52 75.30
N SER K 190 -23.17 -13.56 76.00
CA SER K 190 -21.79 -14.09 75.85
C SER K 190 -21.65 -15.57 76.22
N VAL K 191 -20.42 -16.12 76.15
CA VAL K 191 -20.11 -17.53 76.45
C VAL K 191 -18.84 -17.69 77.28
N VAL K 192 -18.83 -18.60 78.26
CA VAL K 192 -17.67 -18.86 79.14
C VAL K 192 -17.50 -20.35 79.44
N THR K 193 -16.25 -20.78 79.62
CA THR K 193 -15.86 -22.19 79.89
C THR K 193 -15.64 -22.49 81.37
N VAL K 194 -16.03 -21.59 82.27
CA VAL K 194 -15.92 -21.78 83.73
C VAL K 194 -16.66 -23.03 84.22
N PRO K 195 -16.18 -23.72 85.28
CA PRO K 195 -16.85 -24.90 85.81
C PRO K 195 -18.17 -24.54 86.51
N SER K 196 -19.08 -25.50 86.60
CA SER K 196 -20.47 -25.29 87.04
C SER K 196 -20.61 -24.67 88.44
N SER K 197 -19.75 -25.07 89.39
CA SER K 197 -19.72 -24.56 90.76
C SER K 197 -19.22 -23.11 90.91
N SER K 198 -18.59 -22.53 89.87
CA SER K 198 -17.89 -21.24 89.96
C SER K 198 -18.79 -20.00 90.01
N LEU K 199 -20.07 -20.11 89.60
CA LEU K 199 -21.03 -19.01 89.45
C LEU K 199 -21.58 -18.44 90.79
N GLY K 200 -20.75 -18.46 91.84
CA GLY K 200 -21.10 -18.08 93.21
C GLY K 200 -19.91 -17.92 94.17
N THR K 201 -18.65 -17.89 93.69
CA THR K 201 -17.46 -17.67 94.55
C THR K 201 -17.31 -16.19 94.92
N GLN K 202 -17.25 -15.29 93.94
CA GLN K 202 -17.74 -13.91 94.11
C GLN K 202 -19.28 -13.94 94.21
N THR K 203 -19.91 -12.89 94.75
CA THR K 203 -21.38 -12.79 94.91
C THR K 203 -22.17 -13.12 93.63
N TYR K 204 -21.60 -12.87 92.44
CA TYR K 204 -22.11 -13.26 91.12
C TYR K 204 -23.49 -12.67 90.74
N VAL K 205 -24.02 -11.75 91.56
CA VAL K 205 -24.90 -10.68 91.07
C VAL K 205 -24.09 -9.85 90.05
N CYS K 206 -24.66 -9.49 88.90
CA CYS K 206 -23.86 -9.03 87.77
C CYS K 206 -23.24 -7.63 87.99
N ASN K 207 -21.98 -7.61 88.43
CA ASN K 207 -21.15 -6.42 88.62
C ASN K 207 -20.64 -5.89 87.26
N VAL K 208 -21.55 -5.39 86.43
CA VAL K 208 -21.28 -4.96 85.04
C VAL K 208 -20.66 -3.55 84.98
N ASN K 209 -19.33 -3.48 84.98
CA ASN K 209 -18.54 -2.27 84.79
C ASN K 209 -18.59 -1.77 83.32
N HIS K 210 -19.72 -1.15 82.97
CA HIS K 210 -19.95 -0.47 81.69
C HIS K 210 -19.14 0.82 81.58
N LYS K 211 -17.86 0.75 81.17
CA LYS K 211 -16.94 1.91 81.07
C LYS K 211 -17.53 3.20 80.47
N PRO K 212 -18.43 3.18 79.45
CA PRO K 212 -19.04 4.39 78.91
C PRO K 212 -20.00 5.15 79.86
N SER K 213 -20.48 4.53 80.95
CA SER K 213 -21.39 5.21 81.90
C SER K 213 -21.34 4.72 83.36
N ASN K 214 -21.16 3.41 83.57
CA ASN K 214 -21.35 2.70 84.84
C ASN K 214 -22.74 2.93 85.50
N THR K 215 -23.76 3.39 84.77
CA THR K 215 -25.15 3.52 85.26
C THR K 215 -25.91 2.18 85.15
N LYS K 216 -25.30 1.14 85.73
CA LYS K 216 -25.80 -0.24 85.82
C LYS K 216 -26.82 -0.44 86.95
N VAL K 217 -27.53 -1.57 86.91
CA VAL K 217 -28.16 -2.20 88.09
C VAL K 217 -27.80 -3.69 88.10
N ASP K 218 -27.16 -4.17 89.17
CA ASP K 218 -26.81 -5.59 89.33
C ASP K 218 -28.06 -6.45 89.59
N LYS K 219 -28.14 -7.64 88.96
CA LYS K 219 -29.21 -8.63 89.16
C LYS K 219 -28.65 -10.07 89.18
N ARG K 220 -29.44 -11.05 89.62
CA ARG K 220 -29.05 -12.45 89.93
C ARG K 220 -28.60 -13.30 88.72
N VAL K 221 -27.48 -12.95 88.10
CA VAL K 221 -26.80 -13.74 87.05
C VAL K 221 -25.91 -14.84 87.67
N GLU K 222 -26.24 -15.26 88.90
CA GLU K 222 -25.53 -16.28 89.68
C GLU K 222 -25.97 -17.71 89.32
N ILE K 223 -25.54 -18.68 90.15
CA ILE K 223 -25.79 -20.14 90.09
C ILE K 223 -27.28 -20.58 90.12
N LYS K 224 -28.23 -19.68 89.84
CA LYS K 224 -29.67 -19.93 89.70
C LYS K 224 -30.29 -20.55 90.96
N THR K 225 -29.91 -20.07 92.15
CA THR K 225 -30.27 -20.61 93.47
C THR K 225 -29.70 -22.00 93.81
N CYS K 226 -29.66 -22.94 92.85
CA CYS K 226 -29.09 -24.28 93.01
C CYS K 226 -28.47 -24.77 91.70
N GLY K 227 -27.16 -25.01 91.71
CA GLY K 227 -26.37 -25.38 90.53
C GLY K 227 -26.41 -26.88 90.18
N GLY K 228 -26.04 -27.18 88.94
CA GLY K 228 -25.88 -28.52 88.38
C GLY K 228 -25.14 -28.45 87.07
CA ALA L 1 -18.15 -5.79 39.09
C ALA L 1 -17.14 -6.92 39.31
N LEU L 2 -15.93 -6.61 39.78
CA LEU L 2 -14.94 -7.62 40.15
C LEU L 2 -15.51 -8.52 41.27
N THR L 3 -15.31 -9.84 41.15
CA THR L 3 -16.08 -10.90 41.88
C THR L 3 -15.15 -11.97 42.45
N GLN L 4 -15.60 -12.72 43.46
CA GLN L 4 -14.86 -13.84 44.04
C GLN L 4 -15.79 -14.99 44.44
N PRO L 5 -15.29 -16.24 44.47
CA PRO L 5 -15.93 -17.31 45.22
C PRO L 5 -15.89 -16.99 46.73
N PRO L 6 -16.98 -17.18 47.49
CA PRO L 6 -16.99 -17.02 48.95
C PRO L 6 -16.02 -17.93 49.74
N SER L 7 -16.20 -17.93 51.08
CA SER L 7 -15.49 -18.75 52.08
C SER L 7 -15.20 -20.20 51.68
N VAL L 8 -14.01 -20.72 51.99
CA VAL L 8 -13.61 -22.08 51.61
C VAL L 8 -12.48 -22.64 52.50
N SER L 9 -12.27 -23.96 52.50
CA SER L 9 -11.40 -24.68 53.45
C SER L 9 -10.29 -25.52 52.79
N LYS L 10 -9.14 -25.72 53.46
CA LYS L 10 -7.95 -26.41 52.92
C LYS L 10 -7.14 -27.21 53.96
N SER L 11 -6.46 -28.26 53.49
CA SER L 11 -5.79 -29.34 54.22
C SER L 11 -4.42 -29.02 54.83
N LEU L 12 -4.19 -27.80 55.30
CA LEU L 12 -2.94 -27.32 55.95
C LEU L 12 -1.66 -27.27 55.10
N GLU L 13 -1.48 -28.05 54.03
CA GLU L 13 -0.18 -28.14 53.33
C GLU L 13 -0.18 -27.75 51.84
N GLN L 14 -1.33 -27.69 51.18
CA GLN L 14 -1.43 -27.63 49.72
C GLN L 14 -0.92 -26.29 49.15
N SER L 15 -0.32 -26.31 47.95
CA SER L 15 0.11 -25.10 47.22
C SER L 15 -1.09 -24.34 46.67
N VAL L 16 -1.73 -23.55 47.53
CA VAL L 16 -3.03 -22.91 47.28
C VAL L 16 -3.04 -22.14 45.98
N THR L 17 -4.06 -22.38 45.17
CA THR L 17 -4.32 -21.57 43.99
C THR L 17 -5.82 -21.47 43.73
N ILE L 18 -6.36 -20.24 43.78
CA ILE L 18 -7.79 -19.91 43.83
C ILE L 18 -8.04 -18.68 42.96
N SER L 19 -9.21 -18.62 42.32
CA SER L 19 -9.55 -17.58 41.35
C SER L 19 -10.47 -16.53 41.94
N CYS L 20 -10.07 -15.27 41.80
CA CYS L 20 -10.95 -14.11 41.69
C CYS L 20 -11.49 -14.07 40.24
N THR L 21 -12.61 -13.41 40.00
CA THR L 21 -13.42 -13.65 38.80
C THR L 21 -14.14 -12.40 38.30
N GLY L 22 -14.50 -12.40 37.01
CA GLY L 22 -15.20 -11.31 36.35
C GLY L 22 -14.33 -10.10 36.03
N THR L 23 -14.70 -9.36 34.99
CA THR L 23 -14.11 -8.07 34.60
C THR L 23 -12.57 -8.07 34.62
N THR L 24 -11.94 -8.70 33.61
CA THR L 24 -10.47 -8.76 33.45
C THR L 24 -9.79 -7.43 33.74
N THR L 25 -10.31 -6.34 33.16
CA THR L 25 -9.84 -4.97 33.39
C THR L 25 -8.34 -4.83 33.08
N GLY L 26 -7.90 -5.42 31.98
CA GLY L 26 -6.51 -5.39 31.51
C GLY L 26 -5.50 -6.03 32.46
N ASN L 27 -4.28 -5.50 32.44
CA ASN L 27 -3.12 -6.03 33.15
C ASN L 27 -3.25 -6.02 34.67
N SER L 28 -3.63 -4.88 35.22
CA SER L 28 -3.25 -4.43 36.56
C SER L 28 -3.92 -5.10 37.77
N VAL L 29 -4.21 -6.39 37.74
CA VAL L 29 -4.64 -7.12 38.93
C VAL L 29 -3.46 -7.37 39.89
N SER L 30 -3.77 -7.35 41.18
CA SER L 30 -2.84 -7.40 42.31
C SER L 30 -3.55 -8.01 43.53
N TRP L 31 -2.82 -8.40 44.59
CA TRP L 31 -3.39 -9.09 45.75
C TRP L 31 -2.89 -8.58 47.09
N TYR L 32 -3.79 -8.60 48.06
CA TYR L 32 -3.53 -8.28 49.44
C TYR L 32 -4.10 -9.39 50.32
N GLN L 33 -3.38 -9.81 51.35
CA GLN L 33 -3.90 -10.73 52.37
C GLN L 33 -4.74 -9.92 53.37
N CYS L 34 -5.86 -10.46 53.84
CA CYS L 34 -6.70 -9.83 54.86
C CYS L 34 -6.70 -10.69 56.12
N HIS L 35 -6.21 -10.15 57.24
CA HIS L 35 -6.18 -10.89 58.50
C HIS L 35 -7.36 -10.42 59.38
N SER L 36 -8.34 -11.31 59.57
CA SER L 36 -9.71 -10.93 59.97
C SER L 36 -9.79 -10.12 61.28
N GLY L 37 -10.58 -9.05 61.27
CA GLY L 37 -10.69 -8.08 62.37
C GLY L 37 -9.51 -7.10 62.48
N THR L 38 -8.55 -7.15 61.56
CA THR L 38 -7.34 -6.29 61.53
C THR L 38 -7.03 -5.81 60.11
N ALA L 39 -5.97 -5.02 59.97
CA ALA L 39 -5.50 -4.48 58.69
C ALA L 39 -5.20 -5.56 57.63
N PRO L 40 -5.25 -5.21 56.33
CA PRO L 40 -4.67 -6.02 55.28
C PRO L 40 -3.13 -6.06 55.36
N ARG L 41 -2.53 -6.96 54.58
CA ARG L 41 -1.09 -7.11 54.33
C ARG L 41 -0.85 -7.18 52.84
N LEU L 42 0.24 -6.57 52.37
CA LEU L 42 0.63 -6.62 50.97
C LEU L 42 1.04 -8.05 50.60
N LEU L 43 0.45 -8.59 49.53
CA LEU L 43 0.83 -9.89 48.98
C LEU L 43 1.78 -9.69 47.78
N ILE L 44 1.25 -9.16 46.69
CA ILE L 44 1.92 -9.04 45.38
C ILE L 44 1.26 -7.94 44.56
N TYR L 45 1.98 -7.36 43.60
CA TYR L 45 1.37 -6.44 42.64
C TYR L 45 1.89 -6.57 41.23
N ASP L 46 1.18 -5.94 40.29
CA ASP L 46 1.41 -6.02 38.86
C ASP L 46 1.50 -7.49 38.41
N VAL L 47 0.51 -8.28 38.79
CA VAL L 47 0.34 -9.70 38.49
C VAL L 47 1.39 -10.66 39.10
N ASN L 48 2.66 -10.27 39.26
CA ASN L 48 3.72 -11.21 39.64
C ASN L 48 4.80 -10.66 40.59
N LYS L 49 4.82 -9.36 40.92
CA LYS L 49 5.90 -8.79 41.75
C LYS L 49 5.75 -9.20 43.21
N ARG L 50 6.67 -10.03 43.71
CA ARG L 50 6.86 -10.21 45.15
C ARG L 50 7.45 -8.92 45.75
N PRO L 51 6.95 -8.44 46.90
CA PRO L 51 7.48 -7.23 47.54
C PRO L 51 8.92 -7.38 48.04
N SER L 52 9.63 -6.26 48.12
CA SER L 52 10.95 -6.18 48.75
C SER L 52 10.92 -6.66 50.21
N GLY L 53 11.78 -7.62 50.55
CA GLY L 53 11.92 -8.18 51.90
C GLY L 53 10.81 -9.16 52.34
N VAL L 54 9.81 -9.45 51.50
CA VAL L 54 8.75 -10.42 51.80
C VAL L 54 9.12 -11.81 51.30
N SER L 55 8.82 -12.85 52.08
CA SER L 55 9.30 -14.23 51.90
C SER L 55 8.90 -14.86 50.57
N ASP L 56 9.80 -15.63 49.95
CA ASP L 56 9.63 -16.21 48.61
C ASP L 56 8.62 -17.36 48.48
N ARG L 57 7.82 -17.63 49.53
CA ARG L 57 6.77 -18.65 49.48
C ARG L 57 5.64 -18.26 48.52
N PHE L 58 5.41 -16.95 48.35
CA PHE L 58 4.44 -16.40 47.40
C PHE L 58 4.98 -16.39 45.97
N SER L 59 4.13 -16.63 44.97
CA SER L 59 4.50 -16.57 43.55
C SER L 59 3.29 -16.18 42.70
N GLY L 60 3.10 -14.87 42.47
CA GLY L 60 1.94 -14.32 41.78
C GLY L 60 1.77 -14.85 40.36
N SER L 61 0.52 -15.00 39.92
CA SER L 61 0.15 -15.74 38.70
C SER L 61 -0.87 -15.01 37.83
N LYS L 62 -0.64 -15.03 36.51
CA LYS L 62 -1.45 -14.41 35.45
C LYS L 62 -2.57 -15.34 34.99
N SER L 63 -3.81 -14.85 34.94
CA SER L 63 -4.97 -15.63 34.46
C SER L 63 -6.21 -14.78 34.14
N HIS L 64 -6.00 -13.57 33.63
CA HIS L 64 -7.02 -12.65 33.06
C HIS L 64 -8.36 -12.58 33.82
N ASN L 65 -9.50 -12.92 33.20
CA ASN L 65 -10.83 -12.83 33.82
C ASN L 65 -10.92 -13.67 35.11
N THR L 66 -10.26 -14.82 35.10
CA THR L 66 -10.07 -15.73 36.23
C THR L 66 -8.79 -15.41 37.00
N ALA L 67 -8.56 -14.14 37.34
CA ALA L 67 -7.36 -13.73 38.02
C ALA L 67 -7.15 -14.59 39.28
N SER L 68 -6.06 -15.34 39.35
CA SER L 68 -5.93 -16.41 40.31
C SER L 68 -4.64 -16.30 41.08
N LEU L 69 -4.75 -16.50 42.38
CA LEU L 69 -3.62 -16.51 43.29
C LEU L 69 -2.81 -17.80 43.12
N THR L 70 -1.51 -17.77 43.39
CA THR L 70 -0.69 -18.98 43.54
C THR L 70 0.35 -18.79 44.66
N ILE L 71 0.52 -19.80 45.50
CA ILE L 71 1.52 -19.83 46.58
C ILE L 71 2.08 -21.26 46.63
N PHE L 72 3.32 -21.44 47.11
CA PHE L 72 3.80 -22.76 47.52
C PHE L 72 3.00 -23.31 48.73
N GLY L 73 3.31 -24.52 49.20
CA GLY L 73 2.48 -25.23 50.19
C GLY L 73 2.06 -24.40 51.41
N LEU L 74 0.77 -24.45 51.75
CA LEU L 74 0.14 -23.79 52.89
C LEU L 74 0.86 -24.05 54.24
N GLN L 75 0.73 -23.13 55.20
CA GLN L 75 1.24 -23.25 56.57
C GLN L 75 0.23 -22.72 57.59
N ALA L 76 0.35 -23.15 58.86
CA ALA L 76 -0.66 -22.91 59.90
C ALA L 76 -0.93 -21.42 60.17
N GLU L 77 0.10 -20.57 60.14
CA GLU L 77 -0.02 -19.12 60.36
C GLU L 77 -0.77 -18.38 59.23
N ASP L 78 -1.08 -19.03 58.12
CA ASP L 78 -1.70 -18.42 56.94
C ASP L 78 -3.21 -18.15 57.09
N GLU L 79 -3.79 -18.34 58.27
CA GLU L 79 -5.19 -18.02 58.57
C GLU L 79 -5.52 -16.57 58.19
N ALA L 80 -6.30 -16.42 57.11
CA ALA L 80 -6.61 -15.15 56.48
C ALA L 80 -7.75 -15.30 55.47
N ASP L 81 -8.28 -14.17 55.03
CA ASP L 81 -8.95 -14.02 53.73
C ASP L 81 -7.97 -13.38 52.72
N TYR L 82 -8.30 -13.36 51.44
CA TYR L 82 -7.47 -12.77 50.40
C TYR L 82 -8.31 -11.93 49.45
N TYR L 83 -7.80 -10.76 49.10
CA TYR L 83 -8.49 -9.84 48.21
C TYR L 83 -7.63 -9.50 47.00
N CYS L 84 -8.18 -9.85 45.85
CA CYS L 84 -7.77 -9.32 44.56
C CYS L 84 -8.19 -7.86 44.46
N GLY L 85 -7.42 -7.06 43.72
CA GLY L 85 -7.86 -5.76 43.22
C GLY L 85 -7.14 -5.36 41.95
N SER L 86 -7.65 -4.35 41.25
CA SER L 86 -6.97 -3.80 40.07
C SER L 86 -7.16 -2.31 39.90
N TYR L 87 -6.23 -1.73 39.14
CA TYR L 87 -6.42 -0.42 38.52
C TYR L 87 -7.59 -0.42 37.53
N GLY L 88 -7.99 0.74 37.07
CA GLY L 88 -9.03 0.91 36.06
C GLY L 88 -9.16 2.33 35.54
N SER L 89 -10.01 2.49 34.53
CA SER L 89 -10.34 3.79 33.92
C SER L 89 -10.96 4.76 34.95
N GLY L 90 -10.99 6.05 34.63
CA GLY L 90 -11.46 7.08 35.55
C GLY L 90 -10.65 7.14 36.85
N GLY L 91 -9.38 6.72 36.80
CA GLY L 91 -8.50 6.60 37.98
C GLY L 91 -8.99 5.65 39.06
N SER L 92 -9.97 4.80 38.76
CA SER L 92 -10.66 4.00 39.75
C SER L 92 -9.81 2.87 40.31
N LEU L 93 -10.02 2.56 41.59
CA LEU L 93 -9.57 1.31 42.19
C LEU L 93 -10.76 0.36 42.27
N LEU L 94 -10.52 -0.92 42.03
CA LEU L 94 -11.56 -1.93 41.95
C LEU L 94 -11.17 -3.14 42.78
N PHE L 95 -12.04 -3.65 43.65
CA PHE L 95 -11.75 -4.77 44.56
C PHE L 95 -12.72 -5.94 44.37
N GLY L 96 -12.25 -7.18 44.60
CA GLY L 96 -13.10 -8.37 44.65
C GLY L 96 -13.24 -8.91 46.06
N GLY L 97 -14.48 -9.09 46.52
CA GLY L 97 -14.90 -9.22 47.92
C GLY L 97 -14.57 -10.50 48.74
N GLY L 98 -13.44 -11.14 48.49
CA GLY L 98 -12.89 -12.19 49.37
C GLY L 98 -13.41 -13.62 49.15
N THR L 99 -12.74 -14.58 49.78
CA THR L 99 -12.96 -16.04 49.64
C THR L 99 -12.69 -16.85 50.92
N ARG L 100 -12.33 -16.20 52.03
CA ARG L 100 -12.02 -16.74 53.39
C ARG L 100 -11.54 -18.19 53.38
N LEU L 101 -10.28 -18.35 52.96
CA LEU L 101 -9.47 -19.55 53.18
C LEU L 101 -9.57 -19.98 54.65
N THR L 102 -9.59 -21.29 54.91
CA THR L 102 -9.79 -21.82 56.26
C THR L 102 -8.91 -23.06 56.46
N VAL L 103 -7.90 -22.98 57.33
CA VAL L 103 -7.00 -24.13 57.56
C VAL L 103 -7.70 -25.23 58.37
N LEU L 104 -7.49 -26.49 57.98
CA LEU L 104 -8.13 -27.67 58.61
C LEU L 104 -7.21 -28.50 59.53
N GLY L 105 -6.12 -27.89 60.04
CA GLY L 105 -5.02 -28.58 60.72
C GLY L 105 -5.32 -29.22 62.08
N GLN L 106 -6.19 -28.64 62.91
CA GLN L 106 -6.49 -29.20 64.25
C GLN L 106 -7.38 -30.46 64.17
N PRO L 107 -7.48 -31.27 65.24
CA PRO L 107 -8.53 -32.29 65.38
C PRO L 107 -9.94 -31.70 65.21
CA LYS L 109 -12.13 -31.91 64.03
C LYS L 109 -13.09 -32.23 65.19
N ALA L 110 -14.09 -31.38 65.39
CA ALA L 110 -15.05 -31.47 66.50
C ALA L 110 -16.40 -30.85 66.13
N SER L 111 -17.46 -31.66 66.19
CA SER L 111 -18.85 -31.19 66.11
C SER L 111 -19.22 -30.33 67.33
N PRO L 112 -20.05 -29.27 67.20
CA PRO L 112 -20.38 -28.38 68.31
C PRO L 112 -21.08 -29.05 69.49
N THR L 113 -20.80 -28.55 70.70
CA THR L 113 -21.71 -28.64 71.84
C THR L 113 -22.77 -27.54 71.76
N VAL L 114 -23.95 -27.79 72.31
CA VAL L 114 -25.11 -26.89 72.26
C VAL L 114 -25.74 -26.78 73.66
N THR L 115 -26.29 -25.61 74.02
CA THR L 115 -27.00 -25.41 75.29
C THR L 115 -28.19 -24.44 75.14
N LEU L 116 -29.19 -24.59 76.02
CA LEU L 116 -30.37 -23.72 76.15
C LEU L 116 -30.68 -23.52 77.64
N PHE L 117 -31.36 -22.41 77.97
CA PHE L 117 -31.78 -22.02 79.31
C PHE L 117 -33.28 -22.30 79.51
N PRO L 118 -33.69 -23.50 79.99
CA PRO L 118 -35.09 -23.81 80.33
C PRO L 118 -35.59 -22.87 81.44
N PRO L 119 -36.47 -21.89 81.17
CA PRO L 119 -36.56 -20.66 81.97
C PRO L 119 -36.82 -20.90 83.47
N SER L 120 -35.98 -20.33 84.35
CA SER L 120 -35.76 -20.85 85.69
C SER L 120 -35.34 -19.86 86.77
N SER L 121 -35.77 -20.20 88.00
CA SER L 121 -35.36 -19.76 89.34
C SER L 121 -35.41 -18.27 89.64
N GLU L 122 -34.80 -17.43 88.81
CA GLU L 122 -34.90 -15.97 88.85
C GLU L 122 -35.07 -15.38 87.44
N GLU L 123 -34.51 -16.02 86.40
CA GLU L 123 -34.51 -15.43 85.05
C GLU L 123 -35.89 -15.50 84.36
N LEU L 124 -36.68 -16.54 84.59
CA LEU L 124 -38.10 -16.55 84.22
C LEU L 124 -38.91 -15.57 85.09
N GLN L 125 -38.65 -15.62 86.40
CA GLN L 125 -39.39 -14.92 87.44
C GLN L 125 -39.24 -13.38 87.32
N ALA L 126 -38.17 -12.90 86.69
CA ALA L 126 -37.99 -11.52 86.23
C ALA L 126 -38.86 -11.12 85.00
N ASN L 127 -39.92 -11.88 84.69
CA ASN L 127 -40.87 -11.68 83.59
C ASN L 127 -40.23 -11.80 82.18
N LYS L 128 -39.26 -12.71 82.00
CA LYS L 128 -38.59 -12.99 80.72
C LYS L 128 -38.76 -14.44 80.27
N ALA L 129 -39.09 -14.66 79.00
CA ALA L 129 -38.96 -15.95 78.31
C ALA L 129 -37.47 -16.18 77.96
N THR L 130 -36.72 -16.81 78.87
CA THR L 130 -35.25 -16.86 78.84
C THR L 130 -34.67 -17.49 77.58
N LEU L 131 -34.89 -18.79 77.34
CA LEU L 131 -34.53 -19.52 76.11
C LEU L 131 -33.01 -19.66 75.85
N VAL L 132 -32.31 -18.60 75.43
CA VAL L 132 -30.84 -18.52 75.21
C VAL L 132 -30.20 -19.79 74.59
N CYS L 133 -30.41 -20.02 73.30
CA CYS L 133 -29.62 -21.00 72.55
C CYS L 133 -28.18 -20.52 72.30
N LEU L 134 -27.20 -21.42 72.43
CA LEU L 134 -25.77 -21.14 72.34
C LEU L 134 -24.99 -22.34 71.78
N ILE L 135 -23.89 -22.07 71.07
CA ILE L 135 -23.09 -23.06 70.33
C ILE L 135 -21.60 -22.92 70.68
N SER L 136 -20.89 -24.03 70.88
CA SER L 136 -19.53 -24.05 71.43
C SER L 136 -18.71 -25.29 71.03
N ASP L 137 -17.42 -25.25 71.32
CA ASP L 137 -16.44 -26.33 71.23
C ASP L 137 -16.15 -26.89 69.82
N PHE L 138 -16.60 -26.25 68.73
CA PHE L 138 -16.44 -26.80 67.38
C PHE L 138 -15.06 -26.50 66.74
N TYR L 139 -14.61 -27.40 65.86
CA TYR L 139 -13.53 -27.13 64.90
C TYR L 139 -13.76 -27.91 63.59
N PRO L 140 -13.51 -27.33 62.39
CA PRO L 140 -13.23 -25.92 62.15
C PRO L 140 -14.39 -25.02 62.59
N GLY L 141 -14.19 -23.70 62.55
CA GLY L 141 -15.16 -22.67 62.95
C GLY L 141 -16.36 -22.52 61.99
N VAL L 142 -16.96 -23.64 61.59
CA VAL L 142 -18.05 -23.75 60.62
C VAL L 142 -19.31 -24.30 61.30
N VAL L 143 -20.38 -23.51 61.35
CA VAL L 143 -21.73 -23.94 61.76
C VAL L 143 -22.82 -23.13 61.03
N LYS L 144 -24.03 -23.68 60.97
CA LYS L 144 -25.27 -22.94 60.65
C LYS L 144 -26.36 -23.29 61.66
N VAL L 145 -27.33 -22.39 61.85
CA VAL L 145 -28.33 -22.48 62.94
C VAL L 145 -29.72 -22.08 62.45
N ALA L 146 -30.75 -22.78 62.94
CA ALA L 146 -32.16 -22.38 62.82
C ALA L 146 -32.86 -22.46 64.19
N TRP L 147 -33.40 -21.35 64.68
CA TRP L 147 -33.99 -21.28 66.02
C TRP L 147 -35.34 -22.02 66.15
N LYS L 148 -36.08 -22.15 65.06
CA LYS L 148 -37.39 -22.84 64.95
C LYS L 148 -38.33 -22.54 66.13
N ALA L 149 -38.70 -21.27 66.26
CA ALA L 149 -39.58 -20.76 67.32
C ALA L 149 -40.93 -21.50 67.37
N ASP L 150 -41.47 -21.88 66.22
CA ASP L 150 -42.73 -22.62 66.01
C ASP L 150 -44.02 -21.87 66.40
N GLY L 151 -43.90 -20.70 67.05
CA GLY L 151 -44.95 -19.68 67.15
C GLY L 151 -45.04 -18.76 65.92
N SER L 152 -44.14 -18.92 64.95
CA SER L 152 -44.11 -18.19 63.68
C SER L 152 -43.51 -19.07 62.56
N ALA L 153 -43.94 -18.89 61.31
CA ALA L 153 -43.39 -19.59 60.15
C ALA L 153 -42.01 -19.06 59.73
N VAL L 154 -41.73 -17.78 60.03
CA VAL L 154 -40.44 -17.10 59.81
C VAL L 154 -39.83 -16.72 61.17
N ASN L 155 -38.60 -17.14 61.44
CA ASN L 155 -37.87 -16.76 62.66
C ASN L 155 -37.35 -15.31 62.56
N ALA L 156 -37.53 -14.52 63.63
CA ALA L 156 -37.15 -13.11 63.71
C ALA L 156 -36.84 -12.70 65.17
N GLY L 157 -36.09 -11.61 65.35
CA GLY L 157 -35.61 -11.19 66.68
C GLY L 157 -34.42 -12.01 67.21
N VAL L 158 -33.73 -12.73 66.31
CA VAL L 158 -32.59 -13.62 66.63
C VAL L 158 -31.27 -12.85 66.44
N GLU L 159 -30.39 -12.90 67.43
CA GLU L 159 -29.01 -12.40 67.31
C GLU L 159 -28.10 -13.42 66.61
N THR L 160 -27.02 -12.96 65.99
CA THR L 160 -26.07 -13.83 65.26
C THR L 160 -24.63 -13.33 65.39
N THR L 161 -23.66 -14.24 65.32
CA THR L 161 -22.22 -13.92 65.37
C THR L 161 -21.46 -14.73 64.33
N THR L 162 -20.48 -14.12 63.67
CA THR L 162 -19.34 -14.87 63.13
C THR L 162 -18.66 -15.62 64.29
N PRO L 163 -18.39 -16.93 64.21
CA PRO L 163 -17.70 -17.65 65.26
C PRO L 163 -16.32 -17.06 65.60
N SER L 164 -15.86 -17.24 66.83
CA SER L 164 -14.51 -16.85 67.27
C SER L 164 -13.89 -17.94 68.13
N LYS L 165 -12.57 -17.89 68.33
CA LYS L 165 -11.89 -18.71 69.33
C LYS L 165 -12.50 -18.45 70.71
N GLN L 166 -13.13 -19.47 71.24
CA GLN L 166 -13.70 -19.55 72.59
C GLN L 166 -12.57 -19.63 73.62
N SER L 167 -12.90 -19.49 74.90
CA SER L 167 -12.02 -19.78 76.05
C SER L 167 -11.64 -21.27 76.25
N ASN L 168 -11.43 -21.98 75.13
CA ASN L 168 -10.77 -23.29 75.00
C ASN L 168 -10.14 -23.51 73.59
N ASN L 169 -9.79 -22.42 72.87
CA ASN L 169 -9.20 -22.38 71.51
C ASN L 169 -10.04 -22.96 70.35
N LYS L 170 -11.01 -23.84 70.63
CA LYS L 170 -12.08 -24.22 69.69
C LYS L 170 -13.05 -23.05 69.51
N TYR L 171 -14.03 -23.20 68.61
CA TYR L 171 -14.94 -22.10 68.23
C TYR L 171 -16.27 -22.13 68.99
N ALA L 172 -16.82 -20.93 69.22
CA ALA L 172 -18.18 -20.70 69.72
C ALA L 172 -18.91 -19.64 68.89
N ALA L 173 -20.24 -19.66 68.95
CA ALA L 173 -21.12 -18.65 68.36
C ALA L 173 -22.29 -18.35 69.31
N SER L 174 -22.56 -17.07 69.55
CA SER L 174 -23.49 -16.58 70.60
C SER L 174 -24.79 -16.06 70.00
N SER L 175 -25.50 -16.90 69.25
CA SER L 175 -26.74 -16.54 68.54
C SER L 175 -27.98 -16.47 69.45
N TYR L 176 -27.95 -15.56 70.42
CA TYR L 176 -28.97 -15.38 71.47
C TYR L 176 -30.38 -15.05 70.93
N LEU L 177 -31.41 -15.45 71.69
CA LEU L 177 -32.76 -14.88 71.66
C LEU L 177 -33.37 -15.00 73.07
N SER L 178 -34.13 -13.98 73.49
CA SER L 178 -35.00 -13.98 74.66
C SER L 178 -36.11 -12.93 74.49
N LEU L 179 -37.25 -13.09 75.17
CA LEU L 179 -38.47 -12.27 74.96
C LEU L 179 -39.16 -11.90 76.29
N THR L 180 -40.09 -10.95 76.28
CA THR L 180 -40.96 -10.67 77.44
C THR L 180 -41.92 -11.84 77.74
N SER L 181 -42.18 -12.13 79.03
CA SER L 181 -43.21 -13.09 79.44
C SER L 181 -44.65 -12.65 79.12
N ASP L 182 -44.87 -11.42 78.65
CA ASP L 182 -46.19 -10.97 78.18
C ASP L 182 -46.75 -11.82 77.03
N GLN L 183 -45.92 -12.20 76.06
CA GLN L 183 -46.31 -12.97 74.88
C GLN L 183 -46.12 -14.50 75.04
N TRP L 184 -45.53 -14.94 76.15
CA TRP L 184 -45.11 -16.33 76.45
C TRP L 184 -46.27 -17.35 76.52
N LYS L 185 -47.52 -16.87 76.59
CA LYS L 185 -48.77 -17.64 76.43
C LYS L 185 -49.04 -18.20 75.01
N SER L 186 -48.26 -17.80 74.02
CA SER L 186 -48.44 -18.22 72.61
C SER L 186 -48.11 -19.70 72.37
N HIS L 187 -48.59 -20.28 71.28
CA HIS L 187 -48.05 -21.55 70.76
C HIS L 187 -46.58 -21.39 70.36
N LYS L 188 -45.75 -22.43 70.61
CA LYS L 188 -44.29 -22.34 70.64
C LYS L 188 -43.59 -23.71 70.63
N SER L 189 -42.29 -23.71 70.34
CA SER L 189 -41.39 -24.84 70.59
C SER L 189 -39.93 -24.41 70.79
N TYR L 190 -39.46 -23.39 70.06
CA TYR L 190 -38.06 -22.91 70.15
C TYR L 190 -37.03 -24.06 69.98
N SER L 191 -37.24 -24.86 68.94
CA SER L 191 -36.49 -26.07 68.63
C SER L 191 -35.15 -25.76 67.96
N CYS L 192 -34.26 -25.11 68.71
CA CYS L 192 -33.00 -24.60 68.19
C CYS L 192 -32.13 -25.73 67.63
N GLN L 193 -31.92 -25.69 66.32
CA GLN L 193 -31.18 -26.67 65.53
C GLN L 193 -29.83 -26.07 65.10
N VAL L 194 -28.75 -26.81 65.30
CA VAL L 194 -27.38 -26.47 64.90
C VAL L 194 -26.86 -27.52 63.94
N THR L 195 -26.16 -27.10 62.88
CA THR L 195 -25.56 -27.99 61.88
C THR L 195 -24.08 -27.65 61.66
N HIS L 196 -23.26 -28.69 61.48
CA HIS L 196 -21.82 -28.63 61.25
C HIS L 196 -21.48 -29.60 60.10
N GLU L 197 -21.34 -29.08 58.88
CA GLU L 197 -21.10 -29.85 57.65
C GLU L 197 -22.05 -31.05 57.47
N GLY L 198 -23.36 -30.79 57.56
CA GLY L 198 -24.43 -31.77 57.42
C GLY L 198 -24.74 -32.60 58.67
N SER L 199 -23.79 -32.77 59.60
CA SER L 199 -24.07 -33.32 60.93
C SER L 199 -24.88 -32.31 61.76
N THR L 200 -25.82 -32.74 62.60
CA THR L 200 -26.80 -31.82 63.22
C THR L 200 -27.27 -32.23 64.62
N VAL L 201 -27.67 -31.24 65.42
CA VAL L 201 -28.21 -31.34 66.79
C VAL L 201 -29.41 -30.42 66.92
N GLU L 202 -30.46 -30.82 67.62
CA GLU L 202 -31.57 -29.93 68.02
C GLU L 202 -31.97 -30.14 69.48
N LYS L 203 -32.33 -29.05 70.16
CA LYS L 203 -32.90 -29.10 71.52
C LYS L 203 -34.02 -28.08 71.70
N THR L 204 -35.02 -28.45 72.50
CA THR L 204 -36.29 -27.74 72.72
C THR L 204 -36.51 -27.55 74.23
N VAL L 205 -36.89 -26.34 74.68
CA VAL L 205 -37.07 -26.02 76.12
C VAL L 205 -38.39 -25.29 76.47
N ALA L 206 -39.31 -25.14 75.52
CA ALA L 206 -40.52 -24.32 75.69
C ALA L 206 -41.43 -24.65 76.92
N PRO L 207 -41.69 -25.91 77.30
CA PRO L 207 -42.51 -26.22 78.49
C PRO L 207 -41.72 -26.21 79.82
N ALA L 208 -40.39 -26.08 79.78
CA ALA L 208 -39.50 -26.39 80.91
C ALA L 208 -39.33 -25.23 81.91
N GLU L 209 -40.40 -24.90 82.62
CA GLU L 209 -40.39 -23.98 83.78
C GLU L 209 -39.59 -24.56 84.96
N CYS L 210 -38.72 -23.76 85.60
CA CYS L 210 -37.95 -24.14 86.80
C CYS L 210 -37.54 -22.91 87.65
N ALA M 1 15.05 -9.21 -6.74
CA ALA M 1 16.31 -8.46 -6.71
C ALA M 1 17.45 -9.26 -6.07
N VAL M 2 17.45 -9.43 -4.74
CA VAL M 2 18.52 -10.07 -3.92
C VAL M 2 17.90 -10.84 -2.74
N GLY M 3 18.59 -11.87 -2.22
CA GLY M 3 18.18 -12.66 -1.04
C GLY M 3 18.34 -11.94 0.32
N ILE M 4 18.45 -12.70 1.42
CA ILE M 4 18.41 -12.20 2.80
C ILE M 4 19.51 -12.78 3.72
N GLY M 5 20.10 -11.92 4.57
CA GLY M 5 21.10 -12.25 5.59
C GLY M 5 20.62 -11.81 6.98
N ALA M 6 19.73 -12.60 7.57
CA ALA M 6 18.83 -12.26 8.67
C ALA M 6 17.85 -11.10 8.35
N VAL M 7 18.34 -10.03 7.75
CA VAL M 7 17.62 -8.79 7.40
C VAL M 7 18.05 -8.33 6.00
N PHE M 8 17.20 -7.59 5.27
CA PHE M 8 17.50 -7.16 3.90
C PHE M 8 18.64 -6.11 3.83
N LEU M 9 19.10 -5.67 4.99
CA LEU M 9 20.29 -4.86 5.26
C LEU M 9 21.00 -5.46 6.50
N GLY M 10 22.27 -5.12 6.73
CA GLY M 10 23.03 -5.57 7.91
C GLY M 10 23.60 -6.99 7.78
N PHE M 11 22.88 -7.89 7.14
CA PHE M 11 23.45 -9.08 6.53
C PHE M 11 24.20 -10.00 7.51
N LEU M 12 23.59 -10.27 8.66
CA LEU M 12 24.05 -11.32 9.57
C LEU M 12 23.93 -12.67 8.88
N GLY M 13 24.95 -13.50 9.02
CA GLY M 13 24.90 -14.89 8.58
C GLY M 13 26.30 -15.46 8.47
N ALA M 14 27.23 -14.66 7.97
CA ALA M 14 28.65 -14.88 8.13
C ALA M 14 29.08 -14.54 9.57
N ALA M 15 28.49 -15.21 10.55
CA ALA M 15 28.73 -14.94 11.96
C ALA M 15 30.23 -15.02 12.30
N GLY M 16 31.00 -15.83 11.60
CA GLY M 16 32.45 -15.94 11.75
C GLY M 16 32.91 -16.59 13.05
N SER M 17 32.03 -16.64 14.07
CA SER M 17 32.30 -17.08 15.43
C SER M 17 33.44 -16.28 16.06
N THR M 18 34.71 -16.63 15.83
CA THR M 18 35.83 -15.79 16.25
C THR M 18 35.73 -14.44 15.58
N MET M 19 35.79 -13.39 16.40
CA MET M 19 35.76 -12.01 15.92
C MET M 19 36.95 -11.69 15.01
N GLY M 20 38.05 -12.44 15.12
CA GLY M 20 39.27 -12.19 14.37
C GLY M 20 39.04 -12.31 12.88
N ALA M 21 38.72 -13.52 12.41
CA ALA M 21 38.44 -13.72 11.00
C ALA M 21 37.30 -12.82 10.51
N ALA M 22 36.26 -12.62 11.31
CA ALA M 22 35.13 -11.80 10.92
C ALA M 22 35.57 -10.35 10.66
N SER M 23 36.25 -9.73 11.61
CA SER M 23 36.75 -8.35 11.44
C SER M 23 37.74 -8.27 10.29
N MET M 24 38.69 -9.20 10.21
CA MET M 24 39.70 -9.25 9.14
C MET M 24 39.13 -9.55 7.74
N THR M 25 37.81 -9.75 7.62
CA THR M 25 37.12 -9.92 6.33
C THR M 25 35.80 -9.16 6.27
N LEU M 26 35.60 -8.16 7.12
CA LEU M 26 34.33 -7.44 7.22
C LEU M 26 33.90 -6.78 5.90
N THR M 27 34.84 -6.34 5.07
CA THR M 27 34.54 -5.70 3.78
C THR M 27 33.71 -6.62 2.87
N VAL M 28 34.18 -7.84 2.59
CA VAL M 28 33.48 -8.78 1.69
C VAL M 28 32.10 -9.20 2.22
N GLN M 29 31.89 -9.15 3.53
CA GLN M 29 30.61 -9.43 4.17
C GLN M 29 29.51 -8.42 3.84
N ALA M 30 29.82 -7.34 3.10
CA ALA M 30 28.81 -6.50 2.44
C ALA M 30 29.18 -6.09 1.01
N ARG M 31 30.49 -6.01 0.67
CA ARG M 31 31.00 -5.65 -0.66
C ARG M 31 30.58 -6.64 -1.75
N ASN M 32 30.12 -7.84 -1.37
CA ASN M 32 29.46 -8.75 -2.27
C ASN M 32 28.25 -8.10 -2.97
N LEU M 33 27.60 -7.14 -2.32
CA LEU M 33 26.67 -6.20 -2.94
C LEU M 33 27.43 -4.99 -3.52
N GLN M 52 -12.05 -12.61 -5.24
CA GLN M 52 -11.16 -11.45 -5.14
C GLN M 52 -9.94 -11.48 -6.09
N HIS M 53 -9.67 -12.59 -6.76
CA HIS M 53 -8.57 -12.86 -7.71
C HIS M 53 -7.15 -12.59 -7.16
N LEU M 54 -6.73 -11.33 -7.02
CA LEU M 54 -5.55 -10.93 -6.23
C LEU M 54 -5.70 -9.59 -5.49
N LEU M 55 -6.92 -9.06 -5.30
CA LEU M 55 -7.11 -7.76 -4.64
C LEU M 55 -6.47 -7.69 -3.24
N LYS M 56 -6.40 -8.80 -2.48
CA LYS M 56 -5.71 -8.83 -1.17
C LYS M 56 -4.17 -8.75 -1.26
N LEU M 57 -3.59 -8.85 -2.45
CA LEU M 57 -2.17 -8.53 -2.70
C LEU M 57 -1.84 -7.07 -2.36
N THR M 58 -2.85 -6.19 -2.29
CA THR M 58 -2.71 -4.88 -1.64
C THR M 58 -2.23 -5.02 -0.18
N VAL M 59 -2.97 -5.71 0.67
CA VAL M 59 -2.62 -5.92 2.09
C VAL M 59 -1.29 -6.68 2.22
N TRP M 60 -1.14 -7.75 1.43
CA TRP M 60 0.10 -8.55 1.34
C TRP M 60 1.23 -7.88 0.53
N GLY M 61 1.10 -6.58 0.28
CA GLY M 61 2.18 -5.66 -0.05
C GLY M 61 2.35 -4.62 1.04
N ILE M 62 1.24 -4.05 1.54
CA ILE M 62 1.23 -2.99 2.54
C ILE M 62 2.06 -3.36 3.76
N LYS M 63 1.76 -4.50 4.40
CA LYS M 63 2.28 -4.72 5.75
C LYS M 63 3.79 -4.96 5.76
N GLN M 64 4.34 -5.77 4.85
CA GLN M 64 5.80 -5.86 4.73
C GLN M 64 6.41 -4.60 4.13
N LEU M 65 5.70 -3.85 3.29
CA LEU M 65 6.21 -2.56 2.84
C LEU M 65 6.48 -1.68 4.05
N GLN M 66 5.53 -1.59 5.00
CA GLN M 66 5.74 -0.79 6.22
C GLN M 66 7.05 -1.19 6.89
N ALA M 67 7.22 -2.48 7.17
CA ALA M 67 8.43 -2.94 7.79
C ALA M 67 9.65 -2.57 6.96
N ARG M 68 9.59 -2.79 5.64
CA ARG M 68 10.70 -2.55 4.73
C ARG M 68 11.15 -1.10 4.82
N VAL M 69 10.20 -0.18 4.79
CA VAL M 69 10.49 1.26 4.95
C VAL M 69 11.07 1.54 6.33
N LEU M 70 10.46 1.01 7.39
CA LEU M 70 10.89 1.32 8.74
C LEU M 70 12.26 0.69 9.03
N ALA M 71 12.63 -0.37 8.33
CA ALA M 71 13.98 -0.90 8.39
C ALA M 71 14.99 0.09 7.81
N VAL M 72 14.68 0.71 6.67
CA VAL M 72 15.52 1.78 6.14
C VAL M 72 15.61 2.94 7.14
N GLU M 73 14.51 3.29 7.80
CA GLU M 73 14.55 4.31 8.85
C GLU M 73 15.47 3.89 10.01
N ARG M 74 15.44 2.62 10.43
CA ARG M 74 16.39 2.10 11.42
C ARG M 74 17.81 2.26 10.91
N TYR M 75 18.05 1.87 9.68
CA TYR M 75 19.37 2.00 9.07
C TYR M 75 19.82 3.47 9.08
N LEU M 76 18.93 4.42 8.85
CA LEU M 76 19.23 5.85 8.96
C LEU M 76 19.54 6.29 10.40
N ARG M 77 18.87 5.74 11.43
CA ARG M 77 19.29 5.99 12.81
C ARG M 77 20.76 5.63 12.97
N ASP M 78 21.16 4.46 12.48
CA ASP M 78 22.56 4.08 12.55
C ASP M 78 23.45 5.10 11.83
N GLN M 79 23.09 5.50 10.62
CA GLN M 79 23.91 6.45 9.87
C GLN M 79 24.05 7.76 10.66
N GLN M 80 23.00 8.18 11.38
CA GLN M 80 23.08 9.37 12.21
C GLN M 80 24.16 9.22 13.29
N LEU M 81 24.17 8.11 14.03
CA LEU M 81 25.22 7.90 15.04
C LEU M 81 26.61 7.92 14.41
N LEU M 82 26.79 7.25 13.28
CA LEU M 82 28.08 7.22 12.59
C LEU M 82 28.54 8.62 12.18
N GLY M 83 27.61 9.46 11.73
CA GLY M 83 27.89 10.86 11.48
C GLY M 83 28.28 11.59 12.76
N ILE M 84 27.55 11.35 13.83
CA ILE M 84 27.82 11.95 15.13
C ILE M 84 29.24 11.62 15.60
N TRP M 85 29.75 10.40 15.41
CA TRP M 85 31.12 10.06 15.77
C TRP M 85 32.16 10.47 14.73
N GLY M 86 31.77 11.16 13.67
CA GLY M 86 32.73 11.54 12.62
C GLY M 86 33.28 10.34 11.86
N CYS M 87 32.43 9.34 11.60
CA CYS M 87 32.76 8.12 10.86
C CYS M 87 31.87 7.91 9.62
N SER M 88 31.31 8.98 9.04
CA SER M 88 30.46 8.91 7.86
C SER M 88 31.06 8.04 6.75
N GLY M 89 30.32 7.03 6.29
CA GLY M 89 30.73 6.16 5.19
C GLY M 89 31.89 5.20 5.49
N LYS M 90 32.60 5.36 6.61
CA LYS M 90 33.67 4.45 7.03
C LYS M 90 33.06 3.06 7.36
N LEU M 91 33.88 1.99 7.36
CA LEU M 91 33.45 0.64 7.77
C LEU M 91 34.23 0.07 8.95
N ILE M 92 35.52 0.39 9.02
CA ILE M 92 36.29 0.39 10.27
C ILE M 92 36.57 1.86 10.59
N CYS M 93 36.47 2.27 11.85
CA CYS M 93 36.78 3.65 12.21
C CYS M 93 37.40 3.77 13.60
N CYS M 94 38.17 4.82 13.85
CA CYS M 94 38.62 5.21 15.19
C CYS M 94 38.79 6.73 15.29
N THR M 95 39.02 7.23 16.49
CA THR M 95 39.05 8.66 16.85
C THR M 95 40.21 8.91 17.83
N ASN M 96 40.10 9.85 18.78
CA ASN M 96 41.14 10.09 19.78
C ASN M 96 41.09 9.16 20.98
N VAL M 97 39.92 8.64 21.35
CA VAL M 97 39.69 8.16 22.72
C VAL M 97 40.54 6.92 23.06
N PRO M 98 41.27 6.92 24.19
CA PRO M 98 42.00 5.76 24.66
C PRO M 98 41.08 4.68 25.23
N TRP M 99 41.53 3.44 25.18
CA TRP M 99 40.98 2.38 26.01
C TRP M 99 41.68 2.41 27.38
N ASN M 100 41.30 3.32 28.29
CA ASN M 100 42.11 3.69 29.49
C ASN M 100 42.03 2.69 30.68
N SER M 101 42.56 1.47 30.49
CA SER M 101 42.91 0.47 31.52
C SER M 101 41.78 -0.25 32.27
N SER M 102 40.77 0.42 32.84
CA SER M 102 39.79 -0.27 33.69
C SER M 102 38.77 -1.11 32.94
N TRP M 103 38.74 -1.06 31.60
CA TRP M 103 37.83 -1.87 30.77
C TRP M 103 38.30 -3.32 30.63
N SER M 104 38.03 -4.12 31.65
CA SER M 104 38.06 -5.60 31.72
C SER M 104 39.39 -6.33 31.49
N ASN M 105 40.42 -5.68 30.93
CA ASN M 105 41.78 -6.23 30.79
C ASN M 105 41.88 -7.54 29.99
N ARG M 106 40.87 -7.90 29.20
CA ARG M 106 40.85 -9.13 28.38
C ARG M 106 42.01 -9.23 27.39
N ASN M 107 42.63 -8.10 27.05
CA ASN M 107 43.82 -7.90 26.21
C ASN M 107 43.72 -8.34 24.75
N LEU M 108 44.38 -7.60 23.86
CA LEU M 108 44.28 -7.74 22.41
C LEU M 108 44.50 -9.18 21.96
N SER M 109 45.69 -9.72 22.28
CA SER M 109 46.09 -11.09 21.97
C SER M 109 45.29 -12.17 22.70
N GLU M 110 44.33 -11.78 23.53
CA GLU M 110 43.51 -12.66 24.35
C GLU M 110 42.00 -12.35 24.21
N ILE M 111 41.59 -11.55 23.22
CA ILE M 111 40.17 -11.35 22.85
C ILE M 111 39.78 -12.19 21.64
N TRP M 112 40.16 -11.72 20.45
CA TRP M 112 39.60 -12.16 19.17
C TRP M 112 39.76 -13.67 18.96
N ASP M 113 40.89 -14.20 19.38
CA ASP M 113 41.28 -15.59 19.14
C ASP M 113 40.59 -16.57 20.10
N ASN M 114 39.91 -16.07 21.15
CA ASN M 114 39.32 -16.91 22.19
C ASN M 114 37.90 -16.48 22.61
N MET M 115 37.30 -15.50 21.93
CA MET M 115 35.94 -15.02 22.19
C MET M 115 35.16 -14.73 20.90
N THR M 116 33.85 -14.56 21.02
CA THR M 116 32.90 -14.31 19.92
C THR M 116 32.22 -12.98 20.10
N TRP M 117 31.67 -12.40 19.02
CA TRP M 117 30.97 -11.11 19.10
C TRP M 117 29.86 -11.16 20.13
N LEU M 118 29.07 -12.24 20.16
CA LEU M 118 28.03 -12.38 21.17
C LEU M 118 28.60 -12.46 22.58
N GLN M 119 29.71 -13.16 22.79
CA GLN M 119 30.37 -13.11 24.09
C GLN M 119 30.85 -11.71 24.42
N TRP M 120 31.50 -11.02 23.49
CA TRP M 120 32.06 -9.71 23.74
C TRP M 120 30.97 -8.71 24.15
N ASP M 121 29.78 -8.77 23.56
CA ASP M 121 28.67 -7.95 24.05
C ASP M 121 28.27 -8.33 25.48
N LYS M 122 28.14 -9.63 25.74
CA LYS M 122 27.77 -10.16 27.07
C LYS M 122 28.82 -9.82 28.14
N GLU M 123 30.08 -9.61 27.76
CA GLU M 123 31.06 -8.95 28.61
C GLU M 123 30.75 -7.45 28.70
N ILE M 124 30.76 -6.73 27.59
CA ILE M 124 30.93 -5.28 27.54
C ILE M 124 29.65 -4.46 27.82
N SER M 125 28.49 -5.09 27.87
CA SER M 125 27.18 -4.42 27.95
C SER M 125 27.03 -3.29 28.98
N ASN M 126 27.77 -3.34 30.10
CA ASN M 126 27.74 -2.29 31.12
C ASN M 126 28.05 -0.90 30.55
N TYR M 127 29.15 -0.77 29.81
CA TYR M 127 29.79 0.53 29.62
C TYR M 127 29.25 1.35 28.44
N THR M 128 28.24 0.84 27.73
CA THR M 128 27.85 1.28 26.39
C THR M 128 27.59 2.78 26.31
N GLN M 129 26.65 3.29 27.09
CA GLN M 129 26.34 4.70 27.06
C GLN M 129 27.56 5.54 27.43
N ILE M 130 28.38 5.06 28.36
CA ILE M 130 29.57 5.79 28.80
C ILE M 130 30.57 5.89 27.65
N ILE M 131 30.81 4.80 26.94
CA ILE M 131 31.68 4.83 25.76
C ILE M 131 31.11 5.79 24.73
N TYR M 132 29.80 5.74 24.47
CA TYR M 132 29.18 6.62 23.49
C TYR M 132 29.35 8.10 23.88
N GLY M 133 29.18 8.42 25.16
CA GLY M 133 29.39 9.77 25.67
C GLY M 133 30.85 10.20 25.52
N LEU M 134 31.79 9.31 25.79
CA LEU M 134 33.21 9.59 25.60
C LEU M 134 33.52 9.89 24.14
N LEU M 135 32.94 9.13 23.20
CA LEU M 135 33.03 9.49 21.80
C LEU M 135 32.45 10.87 21.55
N GLU M 136 31.22 11.13 21.98
CA GLU M 136 30.58 12.42 21.73
C GLU M 136 31.45 13.58 22.18
N GLU M 137 31.92 13.52 23.41
CA GLU M 137 32.75 14.57 23.98
C GLU M 137 34.00 14.74 23.13
N SER M 138 34.71 13.64 22.85
CA SER M 138 35.98 13.72 22.15
C SER M 138 35.84 14.32 20.76
N GLN M 139 34.82 13.91 20.01
CA GLN M 139 34.54 14.47 18.70
C GLN M 139 34.30 15.97 18.79
N ASN M 140 33.44 16.38 19.72
CA ASN M 140 33.13 17.78 19.88
C ASN M 140 34.36 18.60 20.31
N GLN M 141 35.25 18.05 21.14
CA GLN M 141 36.52 18.70 21.45
C GLN M 141 37.45 18.75 20.24
N GLN M 142 37.61 17.64 19.50
CA GLN M 142 38.51 17.54 18.35
C GLN M 142 38.24 18.62 17.30
N GLU M 143 36.98 19.00 17.11
CA GLU M 143 36.62 20.10 16.22
C GLU M 143 37.30 21.40 16.65
N LYS M 144 37.00 21.89 17.86
CA LYS M 144 37.51 23.17 18.36
C LYS M 144 39.00 23.15 18.70
N ASN M 145 39.56 22.00 19.03
CA ASN M 145 40.99 21.87 19.32
C ASN M 145 41.88 22.41 18.18
N GLU M 146 41.44 22.31 16.93
CA GLU M 146 42.22 22.84 15.80
C GLU M 146 42.36 24.37 15.83
N GLN M 147 41.43 25.07 16.50
CA GLN M 147 41.54 26.52 16.69
C GLN M 147 42.72 26.91 17.60
N ASP M 148 43.28 25.98 18.38
CA ASP M 148 44.54 26.23 19.11
C ASP M 148 45.69 26.60 18.17
N LEU M 149 45.63 26.14 16.92
CA LEU M 149 46.52 26.57 15.84
C LEU M 149 45.89 27.68 14.98
N LEU M 150 44.60 27.57 14.66
CA LEU M 150 43.95 28.36 13.60
C LEU M 150 43.25 29.67 14.05
N ALA M 151 43.11 29.95 15.35
CA ALA M 151 42.52 31.19 15.87
C ALA M 151 43.46 32.42 15.75
N LEU M 152 43.92 32.70 14.53
CA LEU M 152 44.85 33.81 14.22
C LEU M 152 44.18 35.19 14.17
N ASP M 153 42.84 35.25 14.21
CA ASP M 153 42.02 36.48 14.24
C ASP M 153 40.71 36.28 15.03
N GLU N 1 53.64 0.71 23.78
CA GLU N 1 52.38 0.85 23.04
C GLU N 1 51.24 1.32 23.95
N ASN N 2 50.14 1.80 23.36
CA ASN N 2 48.90 2.10 24.07
C ASN N 2 47.68 1.86 23.16
N LEU N 3 46.49 1.80 23.74
CA LEU N 3 45.28 1.28 23.10
C LEU N 3 44.14 2.29 23.08
N TRP N 4 43.24 2.16 22.10
CA TRP N 4 42.23 3.17 21.76
C TRP N 4 40.91 2.53 21.35
N VAL N 5 39.84 3.33 21.39
CA VAL N 5 38.50 2.95 20.94
C VAL N 5 38.45 2.84 19.43
N THR N 6 37.94 1.72 18.91
CA THR N 6 37.62 1.55 17.49
C THR N 6 36.30 0.83 17.31
N VAL N 7 35.64 1.12 16.18
CA VAL N 7 34.26 0.73 15.90
C VAL N 7 34.16 0.11 14.52
N TYR N 8 33.17 -0.76 14.39
CA TYR N 8 32.82 -1.52 13.20
C TYR N 8 31.30 -1.46 13.00
N TYR N 9 30.84 -1.67 11.76
CA TYR N 9 29.43 -1.63 11.39
C TYR N 9 29.04 -2.83 10.50
N GLY N 10 27.76 -3.22 10.52
CA GLY N 10 27.32 -4.52 10.01
C GLY N 10 27.80 -5.70 10.88
N VAL N 11 28.09 -5.44 12.15
CA VAL N 11 28.66 -6.42 13.09
C VAL N 11 27.61 -7.45 13.54
N PRO N 12 27.94 -8.75 13.63
CA PRO N 12 27.01 -9.76 14.10
C PRO N 12 26.84 -9.75 15.62
N VAL N 13 25.88 -8.97 16.13
CA VAL N 13 25.55 -8.87 17.57
C VAL N 13 24.03 -8.84 17.80
N TRP N 14 23.56 -9.46 18.88
CA TRP N 14 22.14 -9.61 19.20
C TRP N 14 21.73 -8.90 20.49
N LYS N 15 20.43 -8.65 20.64
CA LYS N 15 19.75 -8.59 21.93
C LYS N 15 18.52 -9.49 21.89
N GLU N 16 18.19 -10.09 23.02
CA GLU N 16 16.98 -10.90 23.13
C GLU N 16 15.77 -10.00 22.93
N ALA N 17 14.91 -10.36 21.99
CA ALA N 17 13.80 -9.49 21.60
C ALA N 17 12.62 -9.55 22.58
N LYS N 18 11.77 -8.53 22.47
CA LYS N 18 10.38 -8.52 22.92
C LYS N 18 9.64 -7.61 21.97
N THR N 19 8.69 -8.16 21.23
CA THR N 19 7.99 -7.43 20.18
C THR N 19 6.69 -8.15 19.81
N THR N 20 5.78 -7.47 19.11
CA THR N 20 4.66 -8.12 18.42
C THR N 20 5.16 -8.64 17.08
N LEU N 21 5.25 -9.96 16.95
CA LEU N 21 5.73 -10.62 15.74
C LEU N 21 4.70 -10.43 14.60
N PHE N 22 5.10 -10.53 13.33
CA PHE N 22 4.19 -10.24 12.22
C PHE N 22 3.54 -11.53 11.63
N CYS N 23 2.22 -11.54 11.46
CA CYS N 23 1.47 -12.74 11.09
C CYS N 23 1.49 -13.04 9.57
N ALA N 24 1.15 -14.28 9.21
CA ALA N 24 0.78 -14.74 7.87
C ALA N 24 -0.29 -15.83 7.96
N SER N 25 -0.93 -16.21 6.86
CA SER N 25 -2.03 -17.19 6.85
C SER N 25 -1.97 -18.17 5.67
N ASP N 26 -3.04 -18.44 4.93
CA ASP N 26 -3.15 -19.58 3.99
C ASP N 26 -2.80 -19.22 2.54
N ALA N 27 -2.57 -20.22 1.69
CA ALA N 27 -2.29 -20.03 0.26
C ALA N 27 -3.56 -19.64 -0.54
N LYS N 28 -4.65 -20.40 -0.39
CA LYS N 28 -5.96 -20.15 -1.01
C LYS N 28 -7.09 -20.81 -0.21
N ALA N 29 -7.53 -20.13 0.85
CA ALA N 29 -8.42 -20.72 1.86
C ALA N 29 -9.85 -21.00 1.37
N TYR N 30 -10.48 -20.05 0.65
CA TYR N 30 -11.92 -20.09 0.31
C TYR N 30 -12.31 -19.29 -0.95
N GLU N 31 -11.49 -18.30 -1.36
CA GLU N 31 -11.71 -17.31 -2.44
C GLU N 31 -13.02 -16.48 -2.32
N LYS N 32 -14.17 -17.09 -2.58
CA LYS N 32 -15.52 -16.48 -2.56
C LYS N 32 -16.66 -17.42 -2.11
N GLU N 33 -16.38 -18.63 -1.63
CA GLU N 33 -17.45 -19.59 -1.27
C GLU N 33 -18.34 -19.13 -0.09
N VAL N 34 -17.83 -18.24 0.76
CA VAL N 34 -18.52 -17.57 1.87
C VAL N 34 -18.01 -16.11 1.94
N HIS N 35 -18.86 -15.15 2.28
CA HIS N 35 -18.47 -13.73 2.42
C HIS N 35 -17.86 -13.41 3.79
N ASN N 36 -16.91 -12.47 3.84
CA ASN N 36 -16.33 -11.90 5.07
C ASN N 36 -15.81 -12.95 6.09
N VAL N 37 -15.10 -13.96 5.59
CA VAL N 37 -14.38 -14.96 6.38
C VAL N 37 -13.23 -14.29 7.13
N TRP N 38 -12.67 -14.89 8.19
CA TRP N 38 -11.42 -14.36 8.79
C TRP N 38 -10.26 -14.28 7.80
N ALA N 39 -10.20 -15.21 6.84
CA ALA N 39 -9.27 -15.14 5.71
C ALA N 39 -9.53 -13.94 4.77
N THR N 40 -10.77 -13.44 4.68
CA THR N 40 -11.11 -12.17 4.01
C THR N 40 -10.60 -10.98 4.84
N HIS N 41 -10.90 -10.99 6.13
CA HIS N 41 -10.52 -9.99 7.14
C HIS N 41 -9.03 -10.11 7.54
N ALA N 42 -8.62 -9.42 8.60
CA ALA N 42 -7.41 -9.71 9.38
C ALA N 42 -6.11 -9.98 8.57
N CYS N 43 -5.43 -11.11 8.82
CA CYS N 43 -4.04 -11.37 8.40
C CYS N 43 -3.84 -11.56 6.88
N VAL N 44 -2.64 -11.28 6.38
CA VAL N 44 -2.19 -11.59 5.00
C VAL N 44 -2.11 -13.11 4.74
N PRO N 45 -2.14 -13.57 3.47
CA PRO N 45 -1.92 -14.97 3.06
C PRO N 45 -0.61 -15.62 3.53
N THR N 46 -0.37 -16.85 3.06
CA THR N 46 0.84 -17.65 3.23
C THR N 46 2.09 -16.94 2.69
N ASP N 47 3.25 -17.22 3.28
CA ASP N 47 4.57 -17.01 2.65
C ASP N 47 4.81 -18.03 1.51
N PRO N 48 4.91 -17.62 0.24
CA PRO N 48 5.15 -18.55 -0.86
C PRO N 48 6.54 -19.21 -0.84
N ASN N 49 7.53 -18.65 -0.12
CA ASN N 49 8.93 -19.04 -0.17
C ASN N 49 9.64 -18.99 1.21
N PRO N 50 9.22 -19.78 2.20
CA PRO N 50 9.96 -19.94 3.44
C PRO N 50 11.37 -20.46 3.18
N GLN N 51 12.34 -19.94 3.93
CA GLN N 51 13.77 -20.14 3.71
C GLN N 51 14.53 -20.03 5.03
N GLU N 52 15.71 -20.62 5.11
CA GLU N 52 16.50 -20.74 6.32
C GLU N 52 18.00 -20.68 6.02
N MET N 53 18.83 -20.35 7.01
CA MET N 53 20.27 -20.55 6.91
C MET N 53 20.93 -20.96 8.24
N VAL N 54 21.88 -21.89 8.17
CA VAL N 54 22.62 -22.39 9.32
C VAL N 54 23.59 -21.36 9.84
N LEU N 55 23.88 -21.40 11.13
CA LEU N 55 25.15 -20.89 11.64
C LEU N 55 26.23 -21.96 11.43
N LYS N 56 27.50 -21.58 11.28
CA LYS N 56 28.58 -22.57 11.14
C LYS N 56 28.64 -23.50 12.35
N ASN N 57 28.80 -22.89 13.52
CA ASN N 57 29.31 -23.55 14.72
C ASN N 57 28.92 -22.79 15.99
N VAL N 58 27.87 -21.97 15.94
CA VAL N 58 27.59 -21.00 16.99
C VAL N 58 26.42 -21.49 17.84
N THR N 59 26.64 -21.56 19.15
CA THR N 59 25.66 -22.01 20.16
C THR N 59 24.71 -20.90 20.58
N GLU N 60 23.50 -21.25 21.01
CA GLU N 60 22.61 -20.34 21.76
C GLU N 60 21.91 -21.09 22.90
N ASN N 61 21.75 -20.45 24.05
CA ASN N 61 20.91 -20.97 25.11
C ASN N 61 19.45 -20.59 24.87
N PHE N 62 18.54 -21.49 25.21
CA PHE N 62 17.10 -21.28 25.14
C PHE N 62 16.46 -21.45 26.52
N ASN N 63 15.35 -20.73 26.70
CA ASN N 63 14.43 -20.90 27.81
C ASN N 63 13.04 -20.85 27.21
N MET N 64 12.44 -22.03 26.97
CA MET N 64 11.13 -22.07 26.35
C MET N 64 10.09 -21.33 27.21
N TRP N 65 10.11 -21.60 28.51
CA TRP N 65 9.07 -21.13 29.40
C TRP N 65 8.98 -19.61 29.48
N LYS N 66 10.09 -18.89 29.41
CA LYS N 66 10.12 -17.42 29.40
C LYS N 66 9.51 -16.80 28.14
N ASN N 67 9.59 -17.46 26.98
CA ASN N 67 9.41 -16.78 25.71
C ASN N 67 7.96 -16.32 25.42
N ASP N 68 7.86 -15.16 24.75
CA ASP N 68 6.63 -14.39 24.55
C ASP N 68 5.81 -14.79 23.32
N MET N 69 6.33 -15.62 22.42
CA MET N 69 5.66 -15.94 21.17
C MET N 69 4.30 -16.61 21.40
N VAL N 70 4.13 -17.27 22.55
CA VAL N 70 2.87 -17.89 22.99
C VAL N 70 1.74 -16.86 23.16
N ASP N 71 2.09 -15.61 23.47
CA ASP N 71 1.11 -14.53 23.61
C ASP N 71 0.32 -14.36 22.32
N GLN N 72 1.04 -14.46 21.20
CA GLN N 72 0.62 -14.20 19.82
C GLN N 72 -0.40 -15.21 19.28
N MET N 73 -1.14 -15.90 20.16
CA MET N 73 -2.37 -16.59 19.78
C MET N 73 -3.45 -16.56 20.86
N HIS N 74 -3.11 -16.48 22.15
CA HIS N 74 -4.16 -16.52 23.16
C HIS N 74 -5.05 -15.28 23.12
N GLU N 75 -4.55 -14.14 22.64
CA GLU N 75 -5.42 -13.01 22.26
C GLU N 75 -5.81 -13.04 20.78
N ASP N 76 -4.94 -13.49 19.88
CA ASP N 76 -5.17 -13.38 18.45
C ASP N 76 -6.33 -14.27 18.02
N VAL N 77 -6.38 -15.51 18.49
CA VAL N 77 -7.53 -16.37 18.23
C VAL N 77 -8.76 -15.85 18.97
N ILE N 78 -8.58 -15.21 20.12
CA ILE N 78 -9.67 -14.48 20.78
C ILE N 78 -10.22 -13.40 19.84
N SER N 79 -9.37 -12.71 19.06
CA SER N 79 -9.87 -11.72 18.11
C SER N 79 -10.68 -12.39 16.99
N LEU N 80 -10.31 -13.60 16.56
CA LEU N 80 -11.14 -14.39 15.64
C LEU N 80 -12.49 -14.72 16.30
N TRP N 81 -12.49 -15.10 17.57
CA TRP N 81 -13.73 -15.31 18.32
C TRP N 81 -14.54 -14.00 18.42
N ASP N 82 -13.90 -12.85 18.61
CA ASP N 82 -14.56 -11.55 18.60
C ASP N 82 -15.19 -11.21 17.25
N GLN N 83 -14.50 -11.47 16.14
CA GLN N 83 -15.08 -11.32 14.80
C GLN N 83 -16.30 -12.25 14.61
N SER N 84 -16.27 -13.42 15.26
CA SER N 84 -17.33 -14.43 15.19
C SER N 84 -18.59 -14.08 16.01
N LEU N 85 -18.57 -13.04 16.85
CA LEU N 85 -19.74 -12.66 17.66
C LEU N 85 -20.94 -12.20 16.81
N LYS N 86 -22.14 -12.46 17.33
CA LYS N 86 -23.45 -12.17 16.72
C LYS N 86 -24.49 -11.77 17.77
N PRO N 87 -25.56 -11.06 17.41
CA PRO N 87 -26.63 -10.67 18.33
C PRO N 87 -27.43 -11.87 18.86
N CYS N 88 -28.23 -11.63 19.90
CA CYS N 88 -29.25 -12.57 20.38
C CYS N 88 -30.46 -12.62 19.42
N VAL N 89 -31.32 -13.64 19.55
CA VAL N 89 -32.63 -13.69 18.87
C VAL N 89 -33.74 -13.24 19.83
N LYS N 90 -34.58 -12.31 19.37
CA LYS N 90 -35.42 -11.40 20.19
C LYS N 90 -36.16 -12.04 21.37
N LEU N 91 -36.68 -13.25 21.18
CA LEU N 91 -37.50 -13.97 22.18
C LEU N 91 -36.68 -14.52 23.38
N THR N 92 -35.35 -14.45 23.36
CA THR N 92 -34.48 -15.27 24.25
C THR N 92 -33.31 -14.59 25.00
N PRO N 93 -33.04 -13.27 24.98
CA PRO N 93 -31.93 -12.71 25.76
C PRO N 93 -32.18 -12.78 27.29
N LEU N 94 -33.44 -12.72 27.70
CA LEU N 94 -33.91 -12.90 29.09
C LEU N 94 -33.87 -14.37 29.54
N CYS N 95 -34.02 -14.59 30.85
CA CYS N 95 -34.08 -15.91 31.48
C CYS N 95 -35.41 -16.65 31.19
N VAL N 96 -35.62 -17.07 29.94
CA VAL N 96 -36.80 -17.85 29.52
C VAL N 96 -36.89 -19.20 30.21
N THR N 97 -38.10 -19.77 30.23
CA THR N 97 -38.38 -21.11 30.74
C THR N 97 -39.07 -21.97 29.69
N LEU N 98 -38.84 -23.29 29.77
CA LEU N 98 -39.50 -24.31 28.96
C LEU N 98 -40.02 -25.40 29.89
N ASN N 99 -41.31 -25.77 29.80
CA ASN N 99 -41.97 -26.52 30.87
C ASN N 99 -42.72 -27.75 30.32
N CYS N 100 -42.10 -28.93 30.35
CA CYS N 100 -42.80 -30.20 30.11
C CYS N 100 -42.14 -31.37 30.88
N THR N 101 -42.92 -32.38 31.24
CA THR N 101 -42.45 -33.50 32.10
C THR N 101 -41.59 -34.51 31.33
N ASN N 102 -41.94 -34.78 30.08
CA ASN N 102 -41.31 -35.78 29.22
C ASN N 102 -41.26 -35.31 27.74
N ALA N 103 -40.39 -35.92 26.93
CA ALA N 103 -40.06 -35.46 25.58
C ALA N 103 -41.28 -35.32 24.64
N THR N 104 -41.29 -34.27 23.84
CA THR N 104 -42.21 -34.08 22.69
C THR N 104 -41.84 -34.89 21.43
N ALA N 105 -40.78 -35.71 21.47
CA ALA N 105 -40.31 -36.54 20.36
C ALA N 105 -41.28 -37.70 19.99
N SER N 106 -41.19 -38.20 18.76
CA SER N 106 -42.08 -39.24 18.20
C SER N 106 -41.94 -40.63 18.85
N ASN N 107 -40.79 -40.92 19.46
CA ASN N 107 -40.55 -42.09 20.32
C ASN N 107 -39.44 -41.76 21.33
N SER N 108 -39.34 -42.54 22.41
CA SER N 108 -38.32 -42.35 23.46
C SER N 108 -36.91 -42.63 22.92
N SER N 109 -36.03 -41.62 22.95
CA SER N 109 -34.61 -41.74 22.54
C SER N 109 -33.74 -42.35 23.66
N ILE N 110 -32.52 -42.78 23.31
CA ILE N 110 -31.55 -43.38 24.26
C ILE N 110 -31.17 -42.40 25.39
N ILE N 111 -30.93 -41.13 25.07
CA ILE N 111 -30.42 -40.13 26.01
C ILE N 111 -31.56 -39.48 26.81
N GLU N 112 -31.67 -39.81 28.09
CA GLU N 112 -32.78 -39.39 28.96
C GLU N 112 -32.84 -37.87 29.25
N GLY N 113 -31.75 -37.13 29.01
CA GLY N 113 -31.71 -35.67 29.16
C GLY N 113 -32.46 -34.90 28.05
N MET N 114 -32.79 -35.53 26.92
CA MET N 114 -33.32 -34.85 25.73
C MET N 114 -34.85 -34.66 25.77
N LYS N 115 -35.39 -34.19 26.90
CA LYS N 115 -36.84 -34.07 27.16
C LYS N 115 -37.46 -32.80 26.55
N ASN N 116 -37.33 -32.65 25.23
CA ASN N 116 -37.65 -31.45 24.44
C ASN N 116 -39.05 -30.86 24.71
N CYS N 117 -39.15 -29.54 24.87
CA CYS N 117 -40.40 -28.80 25.16
C CYS N 117 -40.49 -27.48 24.38
N SER N 118 -41.70 -26.91 24.27
CA SER N 118 -41.83 -25.48 23.93
C SER N 118 -41.37 -24.57 25.06
N PHE N 119 -41.22 -23.28 24.74
CA PHE N 119 -41.07 -22.27 25.78
C PHE N 119 -42.38 -22.02 26.55
N ASN N 120 -42.24 -21.30 27.65
CA ASN N 120 -43.30 -20.83 28.52
C ASN N 120 -43.05 -19.35 28.86
N ILE N 121 -42.20 -19.03 29.86
CA ILE N 121 -41.84 -17.62 30.10
C ILE N 121 -41.04 -17.10 28.90
N THR N 122 -41.67 -16.25 28.08
CA THR N 122 -41.16 -15.87 26.74
C THR N 122 -41.63 -14.46 26.37
N THR N 123 -40.80 -13.44 26.66
CA THR N 123 -41.01 -12.00 26.38
C THR N 123 -42.42 -11.45 26.68
N GLU N 124 -43.31 -11.44 25.70
CA GLU N 124 -44.69 -10.93 25.80
C GLU N 124 -45.59 -11.82 26.68
N LEU N 125 -45.20 -13.09 26.87
CA LEU N 125 -46.06 -14.18 27.37
C LEU N 125 -47.37 -14.30 26.55
N ARG N 126 -47.24 -14.07 25.24
CA ARG N 126 -48.26 -14.33 24.20
C ARG N 126 -47.92 -15.64 23.51
N ASP N 127 -48.92 -16.49 23.26
CA ASP N 127 -48.73 -17.88 22.81
C ASP N 127 -47.85 -17.98 21.55
N LYS N 128 -47.96 -17.01 20.63
CA LYS N 128 -47.12 -16.88 19.43
C LYS N 128 -45.61 -16.96 19.72
N ARG N 129 -45.17 -16.43 20.87
CA ARG N 129 -43.78 -16.47 21.34
C ARG N 129 -43.45 -17.80 22.01
N GLU N 130 -44.34 -18.27 22.89
CA GLU N 130 -44.10 -19.46 23.72
C GLU N 130 -44.11 -20.78 22.93
N LYS N 131 -44.99 -20.90 21.92
CA LYS N 131 -45.40 -22.17 21.30
C LYS N 131 -44.28 -22.97 20.60
N LYS N 132 -43.21 -22.32 20.14
CA LYS N 132 -42.12 -22.97 19.38
C LYS N 132 -41.39 -24.02 20.23
N ASN N 133 -41.20 -25.23 19.70
CA ASN N 133 -40.50 -26.33 20.36
C ASN N 133 -38.97 -26.17 20.34
N ALA N 134 -38.25 -26.74 21.31
CA ALA N 134 -36.79 -26.63 21.42
C ALA N 134 -36.10 -27.95 21.85
N LEU N 135 -34.93 -28.20 21.28
CA LEU N 135 -34.07 -29.37 21.51
C LEU N 135 -33.19 -29.20 22.76
N PHE N 136 -33.05 -30.26 23.55
CA PHE N 136 -32.19 -30.33 24.73
C PHE N 136 -31.14 -31.44 24.60
N TYR N 137 -29.97 -31.25 25.20
CA TYR N 137 -28.95 -32.28 25.41
C TYR N 137 -28.71 -32.52 26.92
N LYS N 138 -28.38 -31.45 27.66
CA LYS N 138 -27.93 -31.50 29.07
C LYS N 138 -27.94 -30.13 29.76
N LEU N 139 -27.16 -29.17 29.25
CA LEU N 139 -26.97 -27.83 29.84
C LEU N 139 -28.10 -26.86 29.42
N ASP N 140 -29.33 -27.29 29.66
CA ASP N 140 -30.54 -26.69 29.11
C ASP N 140 -31.77 -27.09 29.94
N ILE N 141 -31.88 -28.38 30.30
CA ILE N 141 -32.84 -28.92 31.30
C ILE N 141 -32.53 -28.51 32.76
N VAL N 142 -31.86 -27.37 32.99
CA VAL N 142 -31.50 -26.89 34.33
C VAL N 142 -32.75 -26.52 35.12
N GLN N 143 -32.88 -27.11 36.31
CA GLN N 143 -34.13 -27.19 37.09
C GLN N 143 -34.60 -25.82 37.62
N LEU N 144 -35.91 -25.60 37.61
CA LEU N 144 -36.58 -24.55 38.39
C LEU N 144 -38.02 -24.99 38.76
N ASP N 145 -38.52 -24.53 39.91
CA ASP N 145 -39.86 -24.86 40.44
C ASP N 145 -40.12 -26.37 40.62
N GLY N 146 -41.39 -26.80 40.68
CA GLY N 146 -41.80 -28.18 40.96
C GLY N 146 -41.82 -29.11 39.73
N ASN N 147 -42.78 -30.04 39.71
CA ASN N 147 -43.02 -30.96 38.59
C ASN N 147 -43.34 -30.22 37.28
N SER N 148 -43.04 -30.83 36.13
CA SER N 148 -42.97 -30.14 34.81
C SER N 148 -42.03 -28.92 34.87
N SER N 149 -40.84 -29.14 35.44
CA SER N 149 -39.89 -28.10 35.85
C SER N 149 -39.61 -27.06 34.77
N GLN N 150 -39.45 -25.80 35.20
CA GLN N 150 -39.25 -24.64 34.35
C GLN N 150 -37.82 -24.58 33.80
N TYR N 151 -37.46 -25.47 32.88
CA TYR N 151 -36.11 -25.61 32.36
C TYR N 151 -35.52 -24.26 31.91
N ARG N 152 -34.37 -23.91 32.48
CA ARG N 152 -33.90 -22.54 32.61
C ARG N 152 -32.78 -22.21 31.62
N LEU N 153 -32.92 -21.16 30.82
CA LEU N 153 -31.85 -20.69 29.91
C LEU N 153 -30.74 -19.95 30.68
N ILE N 154 -29.80 -20.71 31.24
CA ILE N 154 -28.74 -20.20 32.15
C ILE N 154 -27.89 -19.08 31.51
N ASN N 155 -27.72 -19.10 30.19
CA ASN N 155 -26.97 -18.10 29.41
C ASN N 155 -27.46 -16.64 29.65
N CYS N 156 -28.68 -16.42 30.16
CA CYS N 156 -29.13 -15.08 30.55
C CYS N 156 -28.26 -14.42 31.65
N ASN N 157 -27.43 -15.19 32.37
CA ASN N 157 -26.52 -14.68 33.39
C ASN N 157 -25.26 -13.97 32.84
N THR N 158 -25.11 -13.85 31.52
CA THR N 158 -23.92 -13.28 30.86
C THR N 158 -24.27 -12.42 29.64
N SER N 159 -23.35 -11.54 29.24
CA SER N 159 -23.56 -10.51 28.21
C SER N 159 -23.70 -11.09 26.80
N VAL N 160 -22.82 -12.02 26.41
CA VAL N 160 -22.91 -12.71 25.11
C VAL N 160 -23.88 -13.89 25.21
N ILE N 161 -24.92 -13.85 24.38
CA ILE N 161 -25.97 -14.86 24.27
C ILE N 161 -26.43 -14.91 22.81
N THR N 162 -26.02 -15.95 22.08
CA THR N 162 -26.19 -16.04 20.61
C THR N 162 -26.10 -17.48 20.11
N GLN N 163 -26.40 -17.72 18.83
CA GLN N 163 -26.26 -19.02 18.17
C GLN N 163 -25.36 -18.89 16.92
N ALA N 164 -24.43 -19.83 16.72
CA ALA N 164 -23.52 -19.84 15.58
C ALA N 164 -24.25 -20.04 14.24
N CYS N 165 -23.64 -19.61 13.13
CA CYS N 165 -24.21 -19.68 11.78
C CYS N 165 -23.18 -20.24 10.76
N PRO N 166 -23.58 -21.01 9.72
CA PRO N 166 -22.66 -21.57 8.73
C PRO N 166 -21.78 -20.58 7.95
N LYS N 167 -22.09 -19.27 8.02
CA LYS N 167 -21.26 -18.16 7.52
C LYS N 167 -19.91 -18.01 8.27
N VAL N 168 -19.71 -18.73 9.37
CA VAL N 168 -18.46 -18.77 10.15
C VAL N 168 -18.20 -20.20 10.66
N SER N 169 -16.92 -20.56 10.82
CA SER N 169 -16.52 -21.95 11.10
C SER N 169 -15.22 -22.04 11.91
N PHE N 170 -15.05 -23.15 12.64
CA PHE N 170 -13.71 -23.68 12.92
C PHE N 170 -13.00 -23.93 11.58
N ASP N 171 -11.86 -23.30 11.37
CA ASP N 171 -11.04 -23.47 10.16
C ASP N 171 -9.61 -22.98 10.42
N PRO N 172 -8.88 -23.57 11.39
CA PRO N 172 -7.55 -23.13 11.76
C PRO N 172 -6.60 -23.35 10.60
N ILE N 173 -6.17 -22.25 10.00
CA ILE N 173 -5.10 -22.22 9.01
C ILE N 173 -3.80 -22.67 9.69
N PRO N 174 -2.83 -23.26 8.97
CA PRO N 174 -1.47 -23.46 9.46
C PRO N 174 -0.72 -22.11 9.58
N ILE N 175 -1.14 -21.30 10.55
CA ILE N 175 -0.65 -19.96 10.85
C ILE N 175 0.87 -19.98 11.04
N HIS N 176 1.56 -19.00 10.47
CA HIS N 176 2.98 -18.83 10.65
C HIS N 176 3.31 -17.37 10.98
N TYR N 177 4.31 -17.17 11.84
CA TYR N 177 4.73 -15.86 12.34
C TYR N 177 6.16 -15.56 11.92
N CYS N 178 6.37 -14.35 11.41
CA CYS N 178 7.58 -13.99 10.67
C CYS N 178 8.21 -12.72 11.24
N ALA N 179 9.52 -12.57 11.07
CA ALA N 179 10.26 -11.45 11.62
C ALA N 179 9.93 -10.15 10.89
N PRO N 180 9.43 -9.10 11.58
CA PRO N 180 9.49 -7.74 11.05
C PRO N 180 10.95 -7.31 11.04
N ALA N 181 11.43 -6.84 9.91
CA ALA N 181 12.86 -6.69 9.62
C ALA N 181 13.62 -5.91 10.71
N GLY N 182 14.89 -6.27 10.93
CA GLY N 182 15.71 -5.76 12.03
C GLY N 182 15.63 -6.67 13.27
N TYR N 183 14.48 -7.26 13.52
CA TYR N 183 14.41 -8.51 14.27
C TYR N 183 14.75 -9.70 13.37
N ALA N 184 14.95 -10.88 13.97
CA ALA N 184 15.05 -12.16 13.27
C ALA N 184 14.62 -13.32 14.19
N ILE N 185 14.30 -14.48 13.61
CA ILE N 185 14.00 -15.69 14.36
C ILE N 185 15.20 -16.62 14.31
N LEU N 186 15.57 -17.12 15.48
CA LEU N 186 16.54 -18.19 15.61
C LEU N 186 15.79 -19.50 15.82
N LYS N 187 16.18 -20.55 15.09
CA LYS N 187 15.69 -21.92 15.24
C LYS N 187 16.79 -22.79 15.80
N CYS N 188 16.51 -23.48 16.91
CA CYS N 188 17.36 -24.58 17.34
C CYS N 188 16.96 -25.85 16.61
N ASN N 189 17.93 -26.70 16.31
CA ASN N 189 17.74 -27.94 15.59
C ASN N 189 18.74 -29.00 16.09
N ASN N 190 18.85 -29.17 17.40
CA ASN N 190 19.86 -30.01 18.06
C ASN N 190 19.51 -31.50 18.09
N LYS N 191 20.42 -32.32 17.57
CA LYS N 191 20.45 -33.79 17.71
C LYS N 191 20.28 -34.24 19.16
N THR N 192 20.81 -33.44 20.07
CA THR N 192 20.45 -33.43 21.48
C THR N 192 19.10 -32.70 21.62
N PHE N 193 17.98 -33.39 21.37
CA PHE N 193 16.64 -32.78 21.17
C PHE N 193 15.93 -32.20 22.42
N THR N 194 16.66 -31.76 23.44
CA THR N 194 16.07 -31.28 24.69
C THR N 194 15.45 -29.88 24.59
N GLY N 195 16.06 -28.97 23.85
CA GLY N 195 15.72 -27.55 23.91
C GLY N 195 16.34 -26.84 25.12
N THR N 196 15.51 -26.43 26.09
CA THR N 196 15.87 -25.52 27.21
C THR N 196 17.20 -25.85 27.88
N GLY N 197 18.04 -24.84 28.12
CA GLY N 197 19.48 -25.02 28.22
C GLY N 197 20.18 -24.77 26.88
N PRO N 198 21.38 -25.30 26.62
CA PRO N 198 22.15 -24.98 25.42
C PRO N 198 21.64 -25.68 24.15
N CYS N 199 21.82 -25.04 22.99
CA CYS N 199 21.65 -25.63 21.66
C CYS N 199 22.94 -25.58 20.84
N ASN N 200 23.35 -26.71 20.26
CA ASN N 200 24.58 -26.77 19.48
C ASN N 200 24.36 -26.54 17.98
N ASN N 201 23.31 -27.10 17.39
CA ASN N 201 23.04 -27.01 15.96
C ASN N 201 21.89 -26.01 15.75
N VAL N 202 22.20 -24.87 15.13
CA VAL N 202 21.42 -23.62 15.19
C VAL N 202 21.28 -22.99 13.82
N SER N 203 20.11 -22.44 13.54
CA SER N 203 19.76 -21.87 12.24
C SER N 203 18.98 -20.57 12.40
N THR N 204 18.87 -19.85 11.30
CA THR N 204 18.31 -18.50 11.20
C THR N 204 17.19 -18.51 10.18
N VAL N 205 16.06 -17.88 10.48
CA VAL N 205 14.80 -18.15 9.79
C VAL N 205 13.99 -16.89 9.60
N GLN N 206 13.31 -16.76 8.45
CA GLN N 206 12.41 -15.63 8.24
C GLN N 206 11.04 -15.85 8.90
N CYS N 207 10.49 -17.06 8.80
CA CYS N 207 9.21 -17.38 9.40
C CYS N 207 9.10 -18.84 9.82
N THR N 208 8.33 -19.14 10.88
CA THR N 208 8.07 -20.54 11.30
C THR N 208 7.33 -21.31 10.22
N HIS N 209 7.46 -22.64 10.21
CA HIS N 209 6.49 -23.49 9.52
C HIS N 209 5.09 -23.30 10.14
N GLY N 210 4.06 -23.73 9.42
CA GLY N 210 2.68 -23.45 9.80
C GLY N 210 2.16 -24.27 10.98
N ILE N 211 1.35 -23.65 11.84
CA ILE N 211 0.80 -24.23 13.07
C ILE N 211 -0.69 -23.97 13.13
N LYS N 212 -1.49 -24.98 13.47
CA LYS N 212 -2.95 -24.93 13.42
C LYS N 212 -3.50 -24.90 14.85
N PRO N 213 -4.20 -23.84 15.28
CA PRO N 213 -4.76 -23.77 16.62
C PRO N 213 -5.85 -24.80 16.91
N VAL N 214 -5.92 -25.28 18.15
CA VAL N 214 -7.08 -26.01 18.69
C VAL N 214 -7.12 -25.93 20.22
N VAL N 215 -8.31 -25.74 20.78
CA VAL N 215 -8.56 -25.62 22.23
C VAL N 215 -8.65 -27.01 22.89
N SER N 216 -7.57 -27.78 22.82
CA SER N 216 -7.51 -29.13 23.41
C SER N 216 -7.65 -29.13 24.94
N THR N 217 -8.28 -30.16 25.54
CA THR N 217 -8.62 -30.20 26.97
C THR N 217 -7.99 -31.30 27.81
N GLN N 218 -7.39 -32.35 27.23
CA GLN N 218 -6.48 -33.25 27.96
C GLN N 218 -5.26 -33.65 27.11
N LEU N 219 -5.48 -34.10 25.87
CA LEU N 219 -4.44 -34.57 24.94
C LEU N 219 -3.73 -33.43 24.19
N LEU N 220 -2.83 -33.78 23.28
CA LEU N 220 -2.40 -32.94 22.18
C LEU N 220 -2.61 -33.73 20.87
N LEU N 221 -3.00 -33.05 19.79
CA LEU N 221 -3.51 -33.67 18.56
C LEU N 221 -3.35 -32.77 17.34
N ASN N 222 -3.44 -33.36 16.14
CA ASN N 222 -3.18 -32.75 14.82
C ASN N 222 -1.79 -32.12 14.60
N GLY N 223 -1.00 -31.84 15.64
CA GLY N 223 0.33 -31.24 15.55
C GLY N 223 1.43 -32.18 15.04
N SER N 224 2.68 -31.76 15.22
CA SER N 224 3.89 -32.40 14.64
C SER N 224 4.45 -33.56 15.47
N LEU N 225 5.31 -34.38 14.86
CA LEU N 225 6.03 -35.48 15.51
C LEU N 225 7.54 -35.24 15.60
N ALA N 226 8.10 -35.44 16.77
CA ALA N 226 9.52 -35.24 17.04
C ALA N 226 10.45 -36.27 16.38
N GLU N 227 11.74 -35.99 16.41
CA GLU N 227 12.80 -36.88 15.95
C GLU N 227 13.11 -38.01 16.94
N GLY N 228 13.27 -39.24 16.44
CA GLY N 228 14.04 -40.34 17.04
C GLY N 228 13.52 -41.08 18.30
N GLU N 229 12.84 -40.40 19.23
CA GLU N 229 12.33 -40.99 20.48
C GLU N 229 11.09 -40.24 21.00
N ILE N 230 10.59 -40.59 22.18
CA ILE N 230 9.64 -39.73 22.89
C ILE N 230 10.38 -38.50 23.41
N ILE N 231 9.76 -37.34 23.34
CA ILE N 231 10.26 -36.13 24.01
C ILE N 231 9.52 -35.91 25.32
N ILE N 232 10.29 -35.60 26.35
CA ILE N 232 9.83 -35.12 27.66
C ILE N 232 10.19 -33.63 27.80
N ARG N 233 9.28 -32.82 28.35
CA ARG N 233 9.55 -31.39 28.68
C ARG N 233 8.97 -31.04 30.05
N SER N 234 9.71 -30.28 30.86
CA SER N 234 9.21 -29.64 32.09
C SER N 234 9.97 -28.36 32.40
N GLU N 235 9.33 -27.45 33.14
CA GLU N 235 10.01 -26.35 33.80
C GLU N 235 11.09 -26.89 34.73
N ASN N 236 10.72 -27.84 35.61
CA ASN N 236 11.65 -28.53 36.50
C ASN N 236 11.12 -29.93 36.86
N ILE N 237 12.03 -30.82 37.23
CA ILE N 237 11.72 -32.10 37.89
C ILE N 237 11.48 -31.87 39.39
N THR N 238 12.13 -30.89 40.02
CA THR N 238 11.93 -30.61 41.46
C THR N 238 10.48 -30.25 41.76
N ASN N 239 9.86 -29.40 40.94
CA ASN N 239 8.48 -28.94 41.13
C ASN N 239 7.48 -30.06 40.76
N ASN N 240 6.39 -30.13 41.52
CA ASN N 240 5.32 -31.10 41.32
C ASN N 240 4.08 -30.45 40.68
N VAL N 241 3.72 -29.22 41.10
CA VAL N 241 2.46 -28.56 40.76
C VAL N 241 2.38 -28.09 39.30
N LYS N 242 3.48 -27.61 38.72
CA LYS N 242 3.51 -27.14 37.31
C LYS N 242 3.35 -28.29 36.31
N THR N 243 2.86 -27.96 35.11
CA THR N 243 2.56 -28.94 34.06
C THR N 243 3.83 -29.56 33.47
N ILE N 244 3.92 -30.88 33.50
CA ILE N 244 4.88 -31.68 32.73
C ILE N 244 4.27 -31.99 31.36
N ILE N 245 5.07 -32.19 30.31
CA ILE N 245 4.58 -32.49 28.95
C ILE N 245 5.33 -33.67 28.36
N VAL N 246 4.61 -34.54 27.65
CA VAL N 246 5.17 -35.67 26.92
C VAL N 246 4.66 -35.71 25.49
N HIS N 247 5.57 -35.90 24.54
CA HIS N 247 5.37 -35.72 23.10
C HIS N 247 5.88 -36.98 22.41
N LEU N 248 5.08 -37.54 21.52
CA LEU N 248 5.17 -38.95 21.18
C LEU N 248 6.00 -39.24 19.91
N ASN N 249 6.82 -40.30 19.97
CA ASN N 249 7.73 -40.74 18.90
C ASN N 249 7.03 -41.05 17.57
N GLU N 250 5.74 -41.35 17.60
CA GLU N 250 4.85 -41.50 16.45
C GLU N 250 3.44 -41.04 16.85
N SER N 251 2.56 -40.79 15.87
CA SER N 251 1.14 -40.47 16.14
C SER N 251 0.28 -41.73 16.32
N VAL N 252 -0.89 -41.56 16.94
CA VAL N 252 -1.89 -42.61 17.15
C VAL N 252 -3.30 -42.04 16.89
N LYS N 253 -4.22 -42.84 16.34
CA LYS N 253 -5.58 -42.39 15.94
C LYS N 253 -6.49 -42.05 17.13
N ILE N 254 -7.53 -41.26 16.87
CA ILE N 254 -8.78 -41.29 17.62
C ILE N 254 -9.89 -41.77 16.70
N GLU N 255 -10.53 -42.86 17.07
CA GLU N 255 -11.43 -43.59 16.20
C GLU N 255 -12.89 -43.06 16.26
N CYS N 256 -13.19 -41.89 15.67
CA CYS N 256 -14.56 -41.57 15.26
C CYS N 256 -14.73 -40.36 14.33
N THR N 257 -15.76 -40.44 13.48
CA THR N 257 -16.43 -39.30 12.83
C THR N 257 -17.53 -38.73 13.73
N ARG N 258 -18.25 -37.69 13.30
CA ARG N 258 -19.40 -37.10 14.03
C ARG N 258 -20.72 -37.36 13.31
N PRO N 259 -21.43 -38.47 13.61
CA PRO N 259 -22.63 -38.87 12.89
C PRO N 259 -23.94 -38.26 13.42
N ASN N 260 -23.91 -37.34 14.40
CA ASN N 260 -25.08 -36.93 15.17
C ASN N 260 -26.09 -36.07 14.38
N ASN N 261 -26.92 -36.73 13.56
CA ASN N 261 -27.98 -36.11 12.77
C ASN N 261 -29.06 -35.47 13.67
N LYS N 262 -29.42 -34.22 13.38
CA LYS N 262 -30.70 -33.60 13.76
C LYS N 262 -31.29 -32.92 12.51
N THR N 263 -32.58 -33.10 12.24
CA THR N 263 -33.23 -32.64 10.99
C THR N 263 -33.37 -31.11 10.92
N ARG N 264 -33.34 -30.55 9.71
CA ARG N 264 -33.17 -29.12 9.35
C ARG N 264 -34.38 -28.20 9.66
N THR N 265 -35.12 -28.45 10.74
CA THR N 265 -36.27 -27.61 11.18
C THR N 265 -35.85 -26.29 11.85
N SER N 266 -35.14 -25.42 11.13
CA SER N 266 -34.92 -24.02 11.55
C SER N 266 -36.21 -23.19 11.45
N ILE N 267 -36.32 -22.13 12.26
CA ILE N 267 -37.53 -21.29 12.42
C ILE N 267 -37.12 -19.81 12.32
N ARG N 268 -38.00 -18.97 11.76
CA ARG N 268 -37.83 -17.51 11.59
C ARG N 268 -37.99 -16.73 12.91
N ILE N 269 -37.28 -17.14 13.96
CA ILE N 269 -37.35 -16.52 15.28
C ILE N 269 -36.66 -15.15 15.26
N GLY N 270 -37.40 -14.10 15.60
CA GLY N 270 -36.95 -12.71 15.59
C GLY N 270 -37.08 -12.02 14.22
N PRO N 271 -37.34 -10.70 14.18
CA PRO N 271 -37.47 -9.95 12.93
C PRO N 271 -36.13 -9.87 12.20
N GLY N 272 -36.10 -10.31 10.94
CA GLY N 272 -34.86 -10.39 10.16
C GLY N 272 -33.86 -11.45 10.67
N GLN N 273 -34.34 -12.46 11.41
CA GLN N 273 -33.51 -13.47 12.09
C GLN N 273 -34.02 -14.90 11.87
N TRP N 274 -33.19 -15.88 12.27
CA TRP N 274 -33.42 -17.32 12.17
C TRP N 274 -32.85 -18.02 13.41
N PHE N 275 -33.39 -19.18 13.76
CA PHE N 275 -32.92 -20.02 14.85
C PHE N 275 -33.03 -21.52 14.51
N TYR N 276 -32.05 -22.31 14.93
CA TYR N 276 -31.98 -23.74 14.67
C TYR N 276 -32.78 -24.55 15.70
N ALA N 277 -34.11 -24.54 15.58
CA ALA N 277 -35.01 -25.46 16.27
C ALA N 277 -34.98 -26.89 15.66
N THR N 278 -33.80 -27.35 15.25
CA THR N 278 -33.57 -28.66 14.64
C THR N 278 -33.85 -29.81 15.63
N GLY N 279 -34.17 -31.00 15.14
CA GLY N 279 -34.57 -32.11 16.01
C GLY N 279 -35.10 -33.33 15.27
N GLN N 280 -36.16 -33.94 15.82
CA GLN N 280 -36.85 -35.15 15.34
C GLN N 280 -35.99 -36.43 15.40
N VAL N 281 -36.66 -37.58 15.32
CA VAL N 281 -36.08 -38.92 15.60
C VAL N 281 -35.18 -39.48 14.49
N ILE N 282 -35.22 -38.91 13.27
CA ILE N 282 -34.43 -39.37 12.12
C ILE N 282 -32.92 -39.24 12.43
N GLY N 283 -32.21 -40.37 12.44
CA GLY N 283 -30.78 -40.45 12.78
C GLY N 283 -30.44 -39.97 14.20
N ASP N 284 -31.40 -39.94 15.11
CA ASP N 284 -31.25 -39.24 16.39
C ASP N 284 -30.20 -39.89 17.32
N ILE N 285 -30.18 -41.22 17.39
CA ILE N 285 -29.32 -42.01 18.29
C ILE N 285 -27.82 -42.02 17.93
N ARG N 286 -27.44 -41.28 16.88
CA ARG N 286 -26.09 -41.27 16.28
C ARG N 286 -25.08 -40.49 17.13
N GLU N 287 -24.79 -40.98 18.33
CA GLU N 287 -23.60 -40.60 19.08
C GLU N 287 -22.32 -40.94 18.28
N ALA N 288 -21.17 -40.36 18.62
CA ALA N 288 -19.92 -40.69 17.97
C ALA N 288 -19.52 -42.17 18.13
N TYR N 289 -19.87 -42.85 19.23
CA TYR N 289 -19.50 -44.25 19.50
C TYR N 289 -18.00 -44.51 19.21
N CYS N 290 -17.11 -43.66 19.73
CA CYS N 290 -15.69 -43.71 19.37
C CYS N 290 -15.02 -44.99 19.87
N ASN N 291 -14.12 -45.54 19.08
CA ASN N 291 -13.59 -46.87 19.33
C ASN N 291 -12.24 -46.88 20.04
N ILE N 292 -11.84 -48.08 20.47
CA ILE N 292 -10.61 -48.38 21.19
C ILE N 292 -10.05 -49.69 20.61
N ASN N 293 -9.17 -49.59 19.63
CA ASN N 293 -8.18 -50.63 19.33
C ASN N 293 -7.11 -50.57 20.42
N GLU N 294 -7.24 -51.33 21.50
CA GLU N 294 -6.39 -51.12 22.68
C GLU N 294 -4.89 -51.14 22.32
N SER N 295 -4.52 -52.05 21.41
CA SER N 295 -3.17 -52.32 20.90
C SER N 295 -2.38 -51.12 20.38
N LYS N 296 -3.02 -49.97 20.12
CA LYS N 296 -2.30 -48.75 19.73
C LYS N 296 -2.11 -47.74 20.87
N TRP N 297 -2.85 -47.88 21.96
CA TRP N 297 -2.93 -46.87 23.02
C TRP N 297 -2.09 -47.27 24.24
N ASN N 298 -2.23 -48.49 24.77
CA ASN N 298 -1.44 -48.94 25.92
C ASN N 298 0.04 -49.00 25.52
N GLU N 299 0.27 -49.40 24.27
CA GLU N 299 1.44 -49.18 23.43
C GLU N 299 2.15 -47.86 23.70
N THR N 300 1.44 -46.76 23.84
CA THR N 300 2.09 -45.47 24.12
C THR N 300 2.73 -45.49 25.51
N LEU N 301 1.97 -45.82 26.53
CA LEU N 301 2.43 -45.76 27.91
C LEU N 301 3.60 -46.72 28.14
N GLN N 302 3.60 -47.89 27.51
CA GLN N 302 4.69 -48.85 27.67
C GLN N 302 6.00 -48.39 27.04
N ARG N 303 5.98 -47.39 26.14
CA ARG N 303 7.20 -46.65 25.81
C ARG N 303 7.57 -45.68 26.95
N VAL N 304 6.60 -44.90 27.42
CA VAL N 304 6.81 -43.84 28.41
C VAL N 304 7.40 -44.38 29.70
N SER N 305 6.83 -45.47 30.20
CA SER N 305 7.16 -46.06 31.50
C SER N 305 8.66 -46.33 31.65
N LYS N 306 9.27 -46.82 30.58
CA LYS N 306 10.72 -47.02 30.50
C LYS N 306 11.43 -45.68 30.63
N LYS N 307 11.10 -44.73 29.76
CA LYS N 307 11.87 -43.47 29.60
C LYS N 307 11.73 -42.48 30.75
N LEU N 308 10.74 -42.62 31.63
CA LEU N 308 10.75 -41.85 32.87
C LEU N 308 11.95 -42.18 33.78
N LYS N 309 12.63 -43.31 33.59
CA LYS N 309 13.78 -43.71 34.42
C LYS N 309 15.01 -42.79 34.36
N GLU N 310 15.03 -41.84 33.42
CA GLU N 310 16.03 -40.76 33.47
C GLU N 310 15.59 -39.67 34.46
N TYR N 311 14.38 -39.14 34.28
CA TYR N 311 13.91 -37.92 34.96
C TYR N 311 13.28 -38.19 36.33
N PHE N 312 13.12 -39.46 36.68
CA PHE N 312 12.91 -39.94 38.04
C PHE N 312 13.81 -41.16 38.30
N PRO N 313 14.11 -41.50 39.57
CA PRO N 313 14.98 -42.62 39.94
C PRO N 313 14.46 -44.03 39.56
N HIS N 314 15.15 -45.06 40.06
CA HIS N 314 14.87 -46.49 39.86
C HIS N 314 13.54 -46.99 40.48
N LYS N 315 12.56 -46.10 40.69
CA LYS N 315 11.19 -46.45 41.11
C LYS N 315 10.44 -47.16 39.98
N ASN N 316 9.28 -47.70 40.30
CA ASN N 316 8.19 -47.92 39.36
C ASN N 316 7.21 -46.74 39.35
N ILE N 317 6.16 -46.77 38.51
CA ILE N 317 5.32 -45.59 38.19
C ILE N 317 3.82 -45.88 38.36
N THR N 318 2.96 -44.86 38.48
CA THR N 318 1.49 -44.95 38.40
C THR N 318 0.89 -43.84 37.53
N PHE N 319 -0.12 -44.19 36.72
CA PHE N 319 -1.11 -43.24 36.24
C PHE N 319 -2.39 -43.37 37.09
N GLN N 320 -2.91 -42.27 37.62
CA GLN N 320 -4.21 -42.21 38.30
C GLN N 320 -5.17 -41.38 37.46
N PRO N 321 -6.44 -41.82 37.33
CA PRO N 321 -7.35 -41.27 36.35
C PRO N 321 -7.76 -39.84 36.69
N SER N 322 -8.34 -39.15 35.71
CA SER N 322 -8.57 -37.71 35.74
C SER N 322 -9.27 -37.25 37.02
N SER N 323 -8.72 -36.23 37.68
CA SER N 323 -9.36 -35.57 38.83
C SER N 323 -10.71 -34.94 38.44
N GLY N 324 -11.49 -34.51 39.43
CA GLY N 324 -12.83 -33.94 39.25
C GLY N 324 -12.85 -32.51 38.68
N GLY N 325 -13.50 -31.59 39.38
CA GLY N 325 -13.78 -30.25 38.87
C GLY N 325 -14.84 -30.26 37.76
N ASP N 326 -14.89 -29.19 36.97
CA ASP N 326 -15.85 -29.07 35.87
C ASP N 326 -15.61 -30.13 34.78
N LEU N 327 -16.60 -30.39 33.93
CA LEU N 327 -16.52 -31.41 32.89
C LEU N 327 -15.34 -31.17 31.96
N GLU N 328 -15.13 -29.94 31.49
CA GLU N 328 -13.97 -29.57 30.70
C GLU N 328 -12.62 -29.62 31.47
N ILE N 329 -12.61 -29.86 32.78
CA ILE N 329 -11.38 -30.17 33.54
C ILE N 329 -11.13 -31.69 33.59
N THR N 330 -12.17 -32.49 33.82
CA THR N 330 -12.03 -33.96 33.94
C THR N 330 -12.05 -34.71 32.60
N THR N 331 -12.78 -34.21 31.59
CA THR N 331 -12.95 -34.83 30.26
C THR N 331 -11.96 -34.30 29.22
N HIS N 332 -11.59 -35.13 28.25
CA HIS N 332 -11.22 -34.62 26.93
C HIS N 332 -12.53 -34.33 26.19
N SER N 333 -12.59 -33.24 25.43
CA SER N 333 -13.88 -32.59 25.17
C SER N 333 -14.04 -31.97 23.77
N PHE N 334 -13.14 -32.29 22.85
CA PHE N 334 -12.82 -31.39 21.73
C PHE N 334 -13.97 -31.09 20.76
N ASN N 335 -14.03 -29.86 20.28
CA ASN N 335 -14.88 -29.45 19.17
C ASN N 335 -14.30 -29.97 17.85
N CYS N 336 -15.15 -30.55 17.01
CA CYS N 336 -14.95 -30.60 15.57
C CYS N 336 -16.33 -30.55 14.91
N GLY N 337 -16.46 -29.95 13.72
CA GLY N 337 -17.76 -29.82 13.05
C GLY N 337 -18.82 -29.02 13.82
N GLY N 338 -18.44 -28.29 14.87
CA GLY N 338 -19.35 -27.64 15.81
C GLY N 338 -19.90 -28.56 16.91
N GLU N 339 -19.50 -29.83 16.96
CA GLU N 339 -19.95 -30.81 17.96
C GLU N 339 -18.79 -31.17 18.92
N PHE N 340 -19.03 -31.01 20.23
CA PHE N 340 -17.99 -31.07 21.26
C PHE N 340 -18.04 -32.41 21.97
N PHE N 341 -16.97 -33.19 21.82
CA PHE N 341 -16.87 -34.60 22.24
C PHE N 341 -16.42 -34.72 23.71
N TYR N 342 -17.30 -34.41 24.66
CA TYR N 342 -17.06 -34.62 26.10
C TYR N 342 -17.07 -36.10 26.45
N CYS N 343 -15.93 -36.70 26.81
CA CYS N 343 -15.92 -38.09 27.26
C CYS N 343 -15.05 -38.38 28.47
N ASN N 344 -15.38 -39.51 29.07
CA ASN N 344 -14.82 -40.04 30.30
C ASN N 344 -13.34 -40.39 30.14
N THR N 345 -12.44 -39.42 30.29
CA THR N 345 -10.99 -39.66 30.33
C THR N 345 -10.68 -40.77 31.33
N SER N 346 -11.38 -40.74 32.47
CA SER N 346 -11.25 -41.71 33.57
C SER N 346 -11.73 -43.13 33.23
N SER N 347 -12.19 -43.39 32.00
CA SER N 347 -12.21 -44.75 31.45
C SER N 347 -10.79 -45.31 31.24
N LEU N 348 -9.76 -44.45 31.28
CA LEU N 348 -8.36 -44.75 31.06
C LEU N 348 -7.48 -44.04 32.10
N PHE N 349 -6.17 -44.25 32.02
CA PHE N 349 -5.13 -43.62 32.87
C PHE N 349 -5.11 -44.09 34.34
N ASN N 350 -5.15 -45.41 34.58
CA ASN N 350 -5.22 -45.99 35.93
C ASN N 350 -4.21 -47.14 36.23
N ARG N 351 -3.22 -47.42 35.37
CA ARG N 351 -2.24 -48.53 35.53
C ARG N 351 -0.96 -48.14 36.29
N THR N 352 -0.21 -49.12 36.81
CA THR N 352 0.88 -48.92 37.79
C THR N 352 2.22 -49.58 37.46
N TYR N 353 2.49 -49.76 36.18
CA TYR N 353 3.82 -49.79 35.57
C TYR N 353 5.00 -50.25 36.45
N MET N 354 5.07 -51.56 36.68
CA MET N 354 6.26 -52.24 37.23
C MET N 354 7.26 -52.52 36.10
N ALA N 355 8.49 -52.00 36.21
CA ALA N 355 9.47 -52.01 35.11
C ALA N 355 10.94 -52.01 35.57
N ASN N 356 11.25 -51.48 36.76
CA ASN N 356 12.61 -51.26 37.24
C ASN N 356 13.48 -52.53 37.40
N SER N 357 12.84 -53.69 37.60
CA SER N 357 13.44 -55.02 37.58
C SER N 357 12.39 -56.06 37.18
N THR N 358 11.67 -55.79 36.07
CA THR N 358 10.38 -56.41 35.73
C THR N 358 10.22 -56.63 34.23
N ASP N 359 9.41 -57.61 33.82
CA ASP N 359 9.23 -58.02 32.42
C ASP N 359 7.75 -58.25 32.03
N MET N 360 6.83 -57.59 32.74
CA MET N 360 5.37 -57.70 32.62
C MET N 360 4.68 -56.44 33.20
N ALA N 361 3.36 -56.46 33.41
CA ALA N 361 2.60 -55.46 34.16
C ALA N 361 2.68 -53.99 33.65
N ASN N 362 2.75 -53.81 32.32
CA ASN N 362 2.67 -52.51 31.64
C ASN N 362 1.40 -52.32 30.79
N SER N 363 0.84 -53.39 30.20
CA SER N 363 -0.32 -53.29 29.28
C SER N 363 -1.20 -54.55 29.24
N THR N 364 -2.48 -54.38 28.86
CA THR N 364 -3.54 -55.42 28.86
C THR N 364 -4.03 -55.84 27.46
N GLU N 365 -3.39 -55.36 26.39
CA GLU N 365 -3.93 -55.37 25.01
C GLU N 365 -4.13 -56.77 24.40
N THR N 366 -3.47 -57.81 24.95
CA THR N 366 -3.72 -59.23 24.62
C THR N 366 -3.55 -59.55 23.11
N ASN N 367 -2.70 -58.80 22.41
CA ASN N 367 -2.26 -59.01 21.01
C ASN N 367 -3.38 -59.32 19.98
N SER N 368 -4.58 -58.75 20.15
CA SER N 368 -5.79 -59.16 19.40
C SER N 368 -6.79 -58.03 19.11
N THR N 369 -6.39 -56.77 19.26
CA THR N 369 -7.14 -55.52 18.99
C THR N 369 -8.37 -55.24 19.86
N ARG N 370 -9.12 -56.27 20.29
CA ARG N 370 -10.29 -56.24 21.20
C ARG N 370 -11.51 -55.42 20.76
N THR N 371 -11.36 -54.51 19.80
CA THR N 371 -12.44 -53.81 19.06
C THR N 371 -13.53 -53.19 19.96
N ILE N 372 -13.09 -52.47 21.00
CA ILE N 372 -13.96 -51.83 22.01
C ILE N 372 -14.57 -50.53 21.46
N THR N 373 -15.76 -50.15 21.92
CA THR N 373 -16.42 -48.86 21.63
C THR N 373 -16.88 -48.15 22.91
N ILE N 374 -16.81 -46.81 22.94
CA ILE N 374 -17.23 -45.99 24.07
C ILE N 374 -18.21 -44.88 23.63
N HIS N 375 -19.26 -44.69 24.43
CA HIS N 375 -20.36 -43.74 24.20
C HIS N 375 -20.21 -42.53 25.13
N CYS N 376 -20.41 -41.33 24.60
CA CYS N 376 -19.89 -40.09 25.18
C CYS N 376 -20.91 -38.93 25.19
N ARG N 377 -20.64 -37.91 26.00
CA ARG N 377 -21.49 -36.73 26.19
C ARG N 377 -21.22 -35.68 25.12
N ILE N 378 -22.20 -34.82 24.84
CA ILE N 378 -22.02 -33.61 24.02
C ILE N 378 -22.71 -32.42 24.70
N LYS N 379 -22.10 -31.24 24.62
CA LYS N 379 -22.63 -29.97 25.14
C LYS N 379 -23.03 -29.05 23.97
N GLN N 380 -24.32 -28.73 23.83
CA GLN N 380 -24.84 -27.94 22.68
C GLN N 380 -24.77 -26.42 22.88
N ILE N 381 -24.87 -25.95 24.13
CA ILE N 381 -24.70 -24.54 24.51
C ILE N 381 -23.44 -24.45 25.38
N ILE N 382 -22.47 -23.64 24.96
CA ILE N 382 -21.08 -23.74 25.42
C ILE N 382 -20.62 -22.40 25.98
N ASN N 383 -19.86 -22.41 27.08
CA ASN N 383 -18.99 -21.31 27.49
C ASN N 383 -17.87 -21.16 26.43
N MET N 384 -18.19 -20.44 25.36
CA MET N 384 -17.53 -20.50 24.05
C MET N 384 -16.03 -20.16 24.06
N TRP N 385 -15.57 -19.44 25.09
CA TRP N 385 -14.17 -19.39 25.49
C TRP N 385 -14.09 -19.60 27.00
N GLN N 386 -13.28 -20.57 27.46
CA GLN N 386 -13.14 -20.85 28.90
C GLN N 386 -12.40 -19.73 29.63
N GLU N 387 -12.53 -19.66 30.96
CA GLU N 387 -12.16 -18.51 31.82
C GLU N 387 -12.95 -17.21 31.56
N VAL N 388 -13.20 -16.86 30.30
CA VAL N 388 -14.08 -15.75 29.87
C VAL N 388 -15.55 -16.10 30.13
N GLY N 389 -16.40 -15.10 30.39
CA GLY N 389 -17.80 -15.31 30.80
C GLY N 389 -18.82 -15.59 29.69
N ARG N 390 -18.44 -15.48 28.40
CA ARG N 390 -19.34 -15.57 27.23
C ARG N 390 -19.92 -16.97 27.01
N ALA N 391 -21.10 -17.07 26.40
CA ALA N 391 -21.64 -18.35 25.94
C ALA N 391 -22.47 -18.25 24.64
N MET N 392 -22.49 -19.37 23.90
CA MET N 392 -23.13 -19.48 22.58
C MET N 392 -23.69 -20.89 22.34
N TYR N 393 -24.74 -20.99 21.53
CA TYR N 393 -25.34 -22.25 21.08
C TYR N 393 -24.71 -22.65 19.73
N ALA N 394 -24.14 -23.84 19.62
CA ALA N 394 -23.74 -24.43 18.33
C ALA N 394 -24.95 -25.19 17.70
N PRO N 395 -25.41 -24.82 16.50
CA PRO N 395 -26.63 -25.38 15.92
C PRO N 395 -26.48 -26.88 15.54
N PRO N 396 -27.32 -27.78 16.07
CA PRO N 396 -27.31 -29.21 15.67
C PRO N 396 -27.84 -29.40 14.25
N ILE N 397 -27.19 -30.24 13.44
CA ILE N 397 -27.37 -30.33 11.97
C ILE N 397 -27.39 -31.81 11.51
N ALA N 398 -27.91 -32.06 10.30
CA ALA N 398 -28.09 -33.40 9.74
C ALA N 398 -26.79 -34.10 9.27
N GLY N 399 -26.88 -35.39 8.95
CA GLY N 399 -25.80 -36.17 8.30
C GLY N 399 -24.63 -36.58 9.20
N ASN N 400 -23.57 -37.10 8.58
CA ASN N 400 -22.33 -37.56 9.23
C ASN N 400 -21.12 -36.73 8.75
N ILE N 401 -20.32 -36.21 9.69
CA ILE N 401 -19.28 -35.20 9.45
C ILE N 401 -17.88 -35.84 9.53
N THR N 402 -17.06 -35.61 8.50
CA THR N 402 -15.84 -36.41 8.18
C THR N 402 -14.64 -36.24 9.13
N CYS N 403 -14.73 -35.38 10.15
CA CYS N 403 -13.65 -35.16 11.10
C CYS N 403 -13.33 -36.43 11.92
N ILE N 404 -12.22 -37.08 11.58
CA ILE N 404 -11.52 -38.13 12.33
C ILE N 404 -10.03 -37.76 12.39
N SER N 405 -9.34 -38.06 13.49
CA SER N 405 -8.09 -37.36 13.82
C SER N 405 -7.02 -38.27 14.45
N ASN N 406 -5.82 -37.73 14.67
CA ASN N 406 -4.72 -38.41 15.34
C ASN N 406 -3.95 -37.48 16.31
N ILE N 407 -3.24 -38.13 17.24
CA ILE N 407 -2.81 -37.61 18.56
C ILE N 407 -1.28 -37.55 18.63
N THR N 408 -0.74 -36.66 19.46
CA THR N 408 0.68 -36.29 19.50
C THR N 408 1.29 -36.21 20.89
N GLY N 409 0.51 -36.00 21.95
CA GLY N 409 1.09 -35.82 23.29
C GLY N 409 0.10 -35.66 24.43
N LEU N 410 0.65 -35.45 25.61
CA LEU N 410 -0.05 -35.27 26.87
C LEU N 410 0.55 -34.12 27.68
N LEU N 411 -0.31 -33.32 28.30
CA LEU N 411 0.01 -32.58 29.53
C LEU N 411 -0.15 -33.51 30.73
N LEU N 412 0.69 -33.36 31.76
CA LEU N 412 0.79 -34.30 32.88
C LEU N 412 1.10 -33.55 34.18
N THR N 413 0.65 -34.08 35.32
CA THR N 413 0.98 -33.57 36.66
C THR N 413 1.41 -34.72 37.58
N ARG N 414 2.20 -34.40 38.61
CA ARG N 414 2.77 -35.33 39.61
C ARG N 414 1.99 -35.34 40.94
N ASP N 415 0.85 -34.64 40.97
CA ASP N 415 -0.25 -34.75 41.96
C ASP N 415 0.11 -34.91 43.45
N GLY N 416 1.19 -34.26 43.90
CA GLY N 416 1.68 -34.37 45.28
C GLY N 416 2.18 -35.77 45.71
N GLY N 417 2.41 -36.70 44.78
CA GLY N 417 2.85 -38.08 45.09
C GLY N 417 4.22 -38.17 45.78
N LYS N 418 4.44 -39.23 46.57
CA LYS N 418 5.63 -39.39 47.45
C LYS N 418 6.31 -40.78 47.44
N ASN N 419 5.71 -41.82 46.85
CA ASN N 419 6.15 -43.21 47.05
C ASN N 419 6.03 -44.10 45.80
N ASN N 420 6.72 -45.25 45.83
CA ASN N 420 6.93 -46.17 44.72
C ASN N 420 5.64 -46.58 43.99
N THR N 421 5.77 -46.93 42.71
CA THR N 421 4.72 -46.74 41.70
C THR N 421 4.34 -45.27 41.61
N GLU N 422 5.35 -44.39 41.44
CA GLU N 422 5.28 -42.93 41.55
C GLU N 422 4.21 -42.35 40.63
N THR N 423 3.27 -41.59 41.20
CA THR N 423 1.98 -41.37 40.56
C THR N 423 1.85 -40.06 39.82
N PHE N 424 1.16 -40.09 38.69
CA PHE N 424 0.93 -38.95 37.80
C PHE N 424 -0.47 -39.01 37.20
N ARG N 425 -0.94 -37.89 36.67
CA ARG N 425 -2.23 -37.79 35.97
C ARG N 425 -2.13 -36.97 34.69
N PRO N 426 -2.89 -37.28 33.62
CA PRO N 426 -2.92 -36.51 32.39
C PRO N 426 -3.74 -35.23 32.53
N GLY N 427 -3.72 -34.42 31.48
CA GLY N 427 -4.59 -33.25 31.37
C GLY N 427 -4.31 -32.23 32.46
N GLY N 428 -5.34 -31.49 32.86
CA GLY N 428 -5.18 -30.29 33.69
C GLY N 428 -4.54 -29.16 32.88
N GLY N 429 -3.49 -28.53 33.43
CA GLY N 429 -2.77 -27.45 32.76
C GLY N 429 -3.64 -26.24 32.45
N ASN N 430 -3.32 -25.50 31.39
CA ASN N 430 -4.06 -24.31 30.97
C ASN N 430 -4.12 -24.18 29.45
N MET N 431 -5.15 -23.52 28.94
CA MET N 431 -5.44 -23.43 27.50
C MET N 431 -4.19 -23.03 26.69
N LYS N 432 -3.52 -21.95 27.11
CA LYS N 432 -2.27 -21.44 26.50
C LYS N 432 -1.25 -22.54 26.27
N ASP N 433 -1.03 -23.33 27.31
CA ASP N 433 0.11 -24.24 27.35
C ASP N 433 -0.15 -25.55 26.59
N ASN N 434 -1.28 -25.71 25.89
CA ASN N 434 -1.32 -26.63 24.76
C ASN N 434 -0.22 -26.30 23.74
N TRP N 435 0.01 -25.01 23.53
CA TRP N 435 0.60 -24.54 22.28
C TRP N 435 2.11 -24.34 22.33
N ARG N 436 2.75 -24.67 23.46
CA ARG N 436 4.23 -24.78 23.52
C ARG N 436 4.76 -25.79 22.51
N SER N 437 3.94 -26.80 22.22
CA SER N 437 4.17 -28.02 21.45
C SER N 437 4.62 -27.86 19.98
N GLU N 438 5.09 -26.70 19.56
CA GLU N 438 6.00 -26.52 18.42
C GLU N 438 6.83 -25.26 18.62
N LEU N 439 6.28 -24.25 19.29
CA LEU N 439 6.96 -23.00 19.57
C LEU N 439 8.31 -23.19 20.24
N TYR N 440 8.53 -24.30 20.96
CA TYR N 440 9.84 -24.64 21.53
C TYR N 440 10.99 -24.58 20.51
N LYS N 441 10.71 -24.76 19.22
CA LYS N 441 11.68 -24.71 18.14
C LYS N 441 12.28 -23.32 17.91
N TYR N 442 11.62 -22.25 18.34
CA TYR N 442 11.93 -20.88 17.92
C TYR N 442 12.12 -19.87 19.06
N LYS N 443 12.90 -18.82 18.84
CA LYS N 443 12.94 -17.58 19.65
C LYS N 443 13.28 -16.37 18.78
N VAL N 444 13.18 -15.15 19.30
CA VAL N 444 13.41 -13.89 18.53
C VAL N 444 14.52 -13.02 19.14
N VAL N 445 15.33 -12.40 18.29
CA VAL N 445 16.35 -11.42 18.68
C VAL N 445 16.26 -10.20 17.80
N LYS N 446 16.80 -9.08 18.29
CA LYS N 446 17.01 -7.85 17.51
C LYS N 446 18.48 -7.76 17.16
N ILE N 447 18.79 -7.39 15.92
CA ILE N 447 20.17 -7.17 15.53
C ILE N 447 20.60 -5.79 16.00
N GLU N 448 21.83 -5.66 16.54
CA GLU N 448 22.45 -4.38 16.86
C GLU N 448 23.70 -4.18 15.98
N PRO N 449 23.61 -3.55 14.81
CA PRO N 449 24.64 -3.65 13.78
C PRO N 449 26.00 -3.02 14.07
N LEU N 450 26.21 -2.44 15.25
CA LEU N 450 27.40 -1.66 15.56
C LEU N 450 28.11 -2.20 16.80
N GLY N 451 29.45 -2.20 16.79
CA GLY N 451 30.25 -2.82 17.84
C GLY N 451 31.65 -2.24 17.95
N VAL N 452 32.23 -2.32 19.14
CA VAL N 452 33.39 -1.51 19.57
C VAL N 452 34.41 -2.37 20.28
N ALA N 453 35.69 -2.11 20.09
CA ALA N 453 36.79 -2.90 20.66
C ALA N 453 38.03 -2.04 20.87
N PRO N 454 39.03 -2.52 21.64
CA PRO N 454 40.36 -1.92 21.67
C PRO N 454 41.16 -2.19 20.38
N THR N 455 42.02 -1.26 19.97
CA THR N 455 43.10 -1.52 18.99
C THR N 455 44.28 -0.58 19.22
N ARG N 456 45.44 -0.89 18.62
CA ARG N 456 46.67 -0.05 18.73
C ARG N 456 46.59 1.25 17.94
N CYS N 457 45.94 1.26 16.79
CA CYS N 457 45.81 2.47 15.97
C CYS N 457 44.90 3.51 16.62
N LYS N 458 45.09 4.76 16.18
CA LYS N 458 44.38 5.97 16.61
C LYS N 458 44.16 6.84 15.37
N ARG N 459 43.18 7.75 15.37
CA ARG N 459 42.94 8.65 14.23
C ARG N 459 44.15 9.53 13.95
N ARG N 460 44.41 9.78 12.68
CA ARG N 460 45.41 10.75 12.19
C ARG N 460 45.02 12.16 12.64
N VAL N 461 45.52 12.57 13.80
CA VAL N 461 45.37 13.94 14.33
C VAL N 461 46.02 14.99 13.44
N ALA O 1 7.96 17.62 -4.15
CA ALA O 1 9.14 18.30 -4.70
C ALA O 1 8.84 18.92 -6.07
N VAL O 2 8.89 18.15 -7.17
CA VAL O 2 8.59 18.62 -8.55
C VAL O 2 8.12 17.46 -9.43
N GLY O 3 7.40 17.75 -10.52
CA GLY O 3 7.05 16.77 -11.55
C GLY O 3 8.28 16.21 -12.28
N ILE O 4 8.24 14.94 -12.71
CA ILE O 4 9.42 14.23 -13.23
C ILE O 4 9.89 14.78 -14.59
N GLY O 5 11.15 15.24 -14.65
CA GLY O 5 11.81 15.71 -15.87
C GLY O 5 12.30 14.54 -16.73
N ALA O 6 11.36 13.67 -17.15
CA ALA O 6 11.56 12.35 -17.75
C ALA O 6 12.33 11.30 -16.91
N VAL O 7 13.33 11.69 -16.12
CA VAL O 7 14.14 10.78 -15.26
C VAL O 7 14.19 11.29 -13.81
N PHE O 8 14.07 10.37 -12.86
CA PHE O 8 14.06 10.58 -11.41
C PHE O 8 15.50 10.78 -10.87
N LEU O 9 15.87 10.16 -9.76
CA LEU O 9 17.27 9.97 -9.37
C LEU O 9 18.10 9.45 -10.56
N GLY O 10 19.37 9.87 -10.62
CA GLY O 10 20.23 9.73 -11.81
C GLY O 10 20.01 10.85 -12.83
N PHE O 11 18.81 11.41 -12.90
CA PHE O 11 18.50 12.74 -13.47
C PHE O 11 18.98 12.89 -14.94
N LEU O 12 18.98 11.80 -15.71
CA LEU O 12 19.64 11.74 -17.01
C LEU O 12 19.03 12.70 -18.03
N GLY O 13 19.82 13.63 -18.54
CA GLY O 13 19.37 14.64 -19.52
C GLY O 13 20.47 15.36 -20.26
N ALA O 14 21.69 15.44 -19.71
CA ALA O 14 22.88 15.84 -20.45
C ALA O 14 23.39 14.74 -21.40
N ALA O 15 22.59 13.69 -21.63
CA ALA O 15 22.97 12.44 -22.28
C ALA O 15 23.81 12.67 -23.54
N GLY O 16 24.99 12.06 -23.58
CA GLY O 16 25.91 12.11 -24.72
C GLY O 16 26.38 13.49 -25.19
N SER O 17 26.20 14.55 -24.42
CA SER O 17 27.14 15.67 -24.51
C SER O 17 28.55 15.21 -24.11
N THR O 18 29.59 15.99 -24.39
CA THR O 18 30.99 15.59 -24.12
C THR O 18 31.18 15.28 -22.65
N MET O 19 32.03 14.30 -22.31
CA MET O 19 32.32 14.00 -20.92
C MET O 19 32.89 15.22 -20.18
N GLY O 20 33.81 15.94 -20.81
CA GLY O 20 34.38 17.16 -20.25
C GLY O 20 33.29 18.16 -19.89
N ALA O 21 32.39 18.42 -20.82
CA ALA O 21 31.22 19.27 -20.60
C ALA O 21 30.29 18.71 -19.51
N ALA O 22 30.09 17.40 -19.51
CA ALA O 22 29.15 16.75 -18.61
C ALA O 22 29.49 17.06 -17.15
N SER O 23 30.76 17.14 -16.77
CA SER O 23 31.16 17.44 -15.39
C SER O 23 30.53 18.74 -14.87
N MET O 24 30.51 19.80 -15.69
CA MET O 24 29.79 21.03 -15.35
C MET O 24 28.29 20.75 -15.25
N THR O 25 27.69 20.12 -16.27
CA THR O 25 26.23 19.88 -16.24
C THR O 25 25.82 19.07 -15.02
N LEU O 26 26.62 18.08 -14.65
CA LEU O 26 26.38 17.16 -13.56
C LEU O 26 26.46 17.89 -12.25
N THR O 27 27.55 18.62 -12.02
CA THR O 27 27.71 19.40 -10.80
C THR O 27 26.56 20.39 -10.68
N VAL O 28 26.13 21.04 -11.76
CA VAL O 28 24.93 21.89 -11.75
C VAL O 28 23.66 21.07 -11.44
N GLN O 29 23.47 19.91 -12.06
CA GLN O 29 22.32 19.05 -11.82
C GLN O 29 22.31 18.46 -10.42
N ALA O 30 23.43 18.51 -9.71
CA ALA O 30 23.43 18.43 -8.26
C ALA O 30 23.03 19.77 -7.62
N ARG O 31 23.78 20.85 -7.90
CA ARG O 31 23.78 22.13 -7.18
C ARG O 31 22.40 22.76 -6.98
N ASN O 32 21.50 22.57 -7.94
CA ASN O 32 20.12 23.05 -7.87
C ASN O 32 19.25 22.38 -6.79
N LEU O 33 19.52 21.12 -6.44
CA LEU O 33 18.50 20.23 -5.89
C LEU O 33 17.97 20.68 -4.53
N GLN O 52 -14.64 2.59 -12.21
CA GLN O 52 -14.27 1.92 -10.97
C GLN O 52 -14.12 2.89 -9.77
N HIS O 53 -14.40 4.18 -9.97
CA HIS O 53 -14.22 5.29 -9.03
C HIS O 53 -12.89 5.23 -8.23
N LEU O 54 -12.87 4.69 -7.02
CA LEU O 54 -11.70 4.56 -6.16
C LEU O 54 -10.87 3.28 -6.36
N LEU O 55 -11.49 2.19 -6.84
CA LEU O 55 -11.01 0.82 -6.60
C LEU O 55 -9.61 0.53 -7.19
N LYS O 56 -9.51 0.12 -8.45
CA LYS O 56 -8.21 -0.33 -9.00
C LYS O 56 -7.19 0.81 -9.12
N LEU O 57 -7.61 2.07 -9.14
CA LEU O 57 -6.66 3.19 -9.04
C LEU O 57 -6.02 3.31 -7.65
N THR O 58 -6.70 2.93 -6.55
CA THR O 58 -6.00 2.81 -5.26
C THR O 58 -5.15 1.55 -5.19
N VAL O 59 -5.56 0.45 -5.85
CA VAL O 59 -4.69 -0.73 -5.98
C VAL O 59 -3.37 -0.35 -6.64
N TRP O 60 -3.45 0.32 -7.78
CA TRP O 60 -2.28 0.83 -8.50
C TRP O 60 -1.38 1.66 -7.61
N GLY O 61 -1.97 2.47 -6.72
CA GLY O 61 -1.30 3.34 -5.76
C GLY O 61 -0.29 2.67 -4.83
N ILE O 62 -0.10 1.36 -4.89
CA ILE O 62 1.04 0.70 -4.28
C ILE O 62 2.24 0.63 -5.23
N LYS O 63 2.05 0.19 -6.47
CA LYS O 63 3.17 -0.32 -7.30
C LYS O 63 4.24 0.73 -7.55
N GLN O 64 3.84 1.93 -7.96
CA GLN O 64 4.75 3.05 -8.15
C GLN O 64 5.41 3.45 -6.83
N LEU O 65 4.70 3.40 -5.71
CA LEU O 65 5.36 3.68 -4.43
C LEU O 65 6.37 2.59 -4.11
N GLN O 66 6.04 1.32 -4.34
CA GLN O 66 6.98 0.22 -4.19
C GLN O 66 8.20 0.46 -5.08
N ALA O 67 8.01 0.94 -6.30
CA ALA O 67 9.11 1.32 -7.17
C ALA O 67 9.92 2.49 -6.58
N ARG O 68 9.23 3.48 -6.00
CA ARG O 68 9.86 4.62 -5.33
C ARG O 68 10.79 4.13 -4.22
N VAL O 69 10.33 3.15 -3.45
CA VAL O 69 11.15 2.50 -2.42
C VAL O 69 12.32 1.73 -3.05
N LEU O 70 12.11 0.93 -4.10
CA LEU O 70 13.19 0.21 -4.78
C LEU O 70 14.26 1.15 -5.33
N ALA O 71 13.89 2.33 -5.81
CA ALA O 71 14.85 3.33 -6.23
C ALA O 71 15.73 3.75 -5.06
N VAL O 72 15.13 4.04 -3.92
CA VAL O 72 15.87 4.33 -2.68
C VAL O 72 16.74 3.15 -2.28
N GLU O 73 16.22 1.92 -2.33
CA GLU O 73 17.01 0.74 -2.01
C GLU O 73 18.27 0.67 -2.89
N ARG O 74 18.12 0.80 -4.21
CA ARG O 74 19.25 0.81 -5.14
C ARG O 74 20.21 1.94 -4.82
N TYR O 75 19.71 3.16 -4.68
CA TYR O 75 20.55 4.31 -4.41
C TYR O 75 21.38 4.13 -3.14
N LEU O 76 20.78 3.65 -2.05
CA LEU O 76 21.49 3.44 -0.79
C LEU O 76 22.45 2.24 -0.88
N ARG O 77 22.02 1.11 -1.46
CA ARG O 77 22.89 -0.06 -1.69
C ARG O 77 24.13 0.34 -2.45
N ASP O 78 23.96 1.15 -3.47
CA ASP O 78 25.04 1.56 -4.33
C ASP O 78 25.87 2.69 -3.69
N GLN O 79 25.28 3.59 -2.91
CA GLN O 79 25.99 4.59 -2.11
C GLN O 79 26.98 3.95 -1.13
N GLN O 80 26.60 2.82 -0.50
CA GLN O 80 27.47 2.12 0.45
C GLN O 80 28.84 1.77 -0.16
N LEU O 81 28.86 1.41 -1.44
CA LEU O 81 30.07 1.10 -2.18
C LEU O 81 31.06 2.28 -2.14
N LEU O 82 30.56 3.50 -2.33
CA LEU O 82 31.37 4.72 -2.27
C LEU O 82 32.01 4.88 -0.88
N GLY O 83 31.27 4.53 0.16
CA GLY O 83 31.81 4.46 1.52
C GLY O 83 33.03 3.54 1.59
N ILE O 84 32.95 2.35 0.99
CA ILE O 84 34.08 1.42 0.94
C ILE O 84 35.26 2.04 0.20
N TRP O 85 35.02 2.76 -0.89
CA TRP O 85 36.05 3.52 -1.59
C TRP O 85 36.50 4.78 -0.85
N GLY O 86 35.97 5.07 0.33
CA GLY O 86 36.34 6.25 1.08
C GLY O 86 35.91 7.54 0.37
N CYS O 87 34.66 7.59 -0.07
CA CYS O 87 34.07 8.74 -0.76
C CYS O 87 32.63 8.99 -0.29
N SER O 88 32.24 10.26 -0.18
CA SER O 88 31.10 10.69 0.64
C SER O 88 29.93 11.27 -0.15
N GLY O 89 29.86 11.00 -1.44
CA GLY O 89 29.02 11.77 -2.37
C GLY O 89 29.67 13.07 -2.83
N LYS O 90 30.79 13.46 -2.20
CA LYS O 90 31.78 14.40 -2.73
C LYS O 90 32.15 13.96 -4.14
N LEU O 91 31.61 14.66 -5.14
CA LEU O 91 31.32 14.06 -6.44
C LEU O 91 32.53 13.83 -7.36
N ILE O 92 33.72 14.22 -6.95
CA ILE O 92 34.96 14.13 -7.76
C ILE O 92 36.06 13.42 -6.93
N CYS O 93 35.72 12.29 -6.31
CA CYS O 93 36.67 11.60 -5.44
C CYS O 93 37.87 11.09 -6.27
N CYS O 94 39.09 11.26 -5.77
CA CYS O 94 40.32 10.89 -6.48
C CYS O 94 41.27 10.07 -5.60
N THR O 95 42.20 9.34 -6.20
CA THR O 95 42.93 8.25 -5.53
C THR O 95 44.18 7.87 -6.31
N ASN O 96 45.34 7.73 -5.65
CA ASN O 96 46.63 7.51 -6.31
C ASN O 96 46.88 6.05 -6.76
N VAL O 97 45.80 5.34 -7.08
CA VAL O 97 45.84 4.26 -8.07
C VAL O 97 46.04 4.93 -9.43
N PRO O 98 46.85 4.41 -10.35
CA PRO O 98 47.43 5.27 -11.39
C PRO O 98 46.58 5.49 -12.65
N TRP O 99 45.63 4.60 -12.95
CA TRP O 99 44.95 4.51 -14.25
C TRP O 99 45.86 4.07 -15.43
N ASN O 100 47.09 4.57 -15.50
CA ASN O 100 48.23 4.06 -16.29
C ASN O 100 47.96 3.63 -17.75
N SER O 101 47.16 4.41 -18.47
CA SER O 101 47.03 4.49 -19.95
C SER O 101 46.64 3.24 -20.74
N SER O 102 47.40 2.16 -20.63
CA SER O 102 47.42 1.02 -21.54
C SER O 102 46.18 0.12 -21.47
N TRP O 103 45.10 0.60 -22.09
CA TRP O 103 43.86 -0.10 -22.48
C TRP O 103 43.13 0.71 -23.57
N SER O 104 42.98 2.03 -23.40
CA SER O 104 42.46 2.92 -24.44
C SER O 104 43.36 4.15 -24.72
N ASN O 105 44.30 4.47 -23.82
CA ASN O 105 45.52 5.26 -24.08
C ASN O 105 45.35 6.71 -24.57
N ARG O 106 44.13 7.24 -24.69
CA ARG O 106 43.82 8.39 -25.57
C ARG O 106 44.58 9.68 -25.24
N ASN O 107 44.99 9.87 -24.00
CA ASN O 107 45.35 11.16 -23.40
C ASN O 107 44.16 12.12 -23.21
N LEU O 108 44.32 13.09 -22.32
CA LEU O 108 43.25 13.69 -21.53
C LEU O 108 42.12 14.31 -22.35
N SER O 109 42.43 15.27 -23.21
CA SER O 109 41.44 16.01 -24.00
C SER O 109 40.75 15.10 -25.00
N GLU O 110 41.52 14.16 -25.52
CA GLU O 110 41.16 13.17 -26.50
C GLU O 110 40.20 12.13 -25.92
N ILE O 111 40.12 12.01 -24.58
CA ILE O 111 38.95 11.44 -23.93
C ILE O 111 37.85 12.50 -23.92
N TRP O 112 37.99 13.50 -23.05
CA TRP O 112 36.86 14.25 -22.53
C TRP O 112 36.12 15.08 -23.58
N ASP O 113 36.77 15.42 -24.68
CA ASP O 113 36.18 16.18 -25.78
C ASP O 113 35.57 15.30 -26.89
N ASN O 114 35.85 13.99 -26.90
CA ASN O 114 35.34 13.08 -27.93
C ASN O 114 34.09 12.31 -27.48
N MET O 115 34.27 11.30 -26.63
CA MET O 115 33.25 10.28 -26.39
C MET O 115 32.05 10.81 -25.62
N THR O 116 31.00 10.00 -25.61
CA THR O 116 30.06 9.95 -24.50
C THR O 116 30.52 8.94 -23.45
N TRP O 117 30.03 9.05 -22.22
CA TRP O 117 30.18 7.98 -21.24
C TRP O 117 29.59 6.67 -21.78
N LEU O 118 28.52 6.77 -22.58
CA LEU O 118 27.97 5.69 -23.40
C LEU O 118 28.85 5.25 -24.59
N GLN O 119 30.14 5.60 -24.62
CA GLN O 119 31.15 4.77 -25.27
C GLN O 119 32.31 4.44 -24.34
N TRP O 120 32.56 5.24 -23.30
CA TRP O 120 33.62 4.93 -22.35
C TRP O 120 33.45 3.55 -21.70
N ASP O 121 32.20 3.08 -21.58
CA ASP O 121 31.86 1.71 -21.20
C ASP O 121 32.31 0.65 -22.23
N LYS O 122 32.22 0.97 -23.51
CA LYS O 122 32.57 0.06 -24.60
C LYS O 122 34.06 0.10 -24.88
N GLU O 123 34.72 1.20 -24.53
CA GLU O 123 36.17 1.23 -24.39
C GLU O 123 36.60 0.35 -23.22
N ILE O 124 35.94 0.49 -22.06
CA ILE O 124 36.30 -0.19 -20.83
C ILE O 124 35.04 -0.61 -20.09
N SER O 125 34.80 -1.91 -20.03
CA SER O 125 34.05 -2.51 -18.93
C SER O 125 35.02 -3.43 -18.21
N ASN O 126 34.67 -4.69 -17.98
CA ASN O 126 35.58 -5.79 -17.65
C ASN O 126 36.62 -5.52 -16.55
N TYR O 127 37.72 -4.83 -16.86
CA TYR O 127 38.79 -4.44 -15.93
C TYR O 127 38.26 -3.72 -14.69
N THR O 128 37.08 -3.13 -14.81
CA THR O 128 36.23 -2.64 -13.72
C THR O 128 36.25 -3.56 -12.51
N GLN O 129 36.09 -4.86 -12.73
CA GLN O 129 36.03 -5.83 -11.66
C GLN O 129 37.36 -6.00 -10.93
N ILE O 130 38.49 -5.58 -11.52
CA ILE O 130 39.78 -5.45 -10.84
C ILE O 130 39.92 -4.06 -10.23
N ILE O 131 39.44 -3.04 -10.94
CA ILE O 131 39.52 -1.66 -10.49
C ILE O 131 38.81 -1.45 -9.16
N TYR O 132 37.66 -2.08 -8.91
CA TYR O 132 37.04 -1.97 -7.60
C TYR O 132 37.99 -2.43 -6.49
N GLY O 133 38.71 -3.52 -6.75
CA GLY O 133 39.71 -4.06 -5.84
C GLY O 133 40.87 -3.10 -5.64
N LEU O 134 41.38 -2.47 -6.72
CA LEU O 134 42.39 -1.44 -6.58
C LEU O 134 41.91 -0.32 -5.67
N LEU O 135 40.66 0.12 -5.84
CA LEU O 135 40.08 1.15 -5.00
C LEU O 135 39.94 0.69 -3.55
N GLU O 136 39.55 -0.56 -3.30
CA GLU O 136 39.54 -1.11 -1.95
C GLU O 136 40.93 -1.14 -1.33
N GLU O 137 41.85 -1.89 -1.93
CA GLU O 137 43.15 -2.12 -1.32
C GLU O 137 43.95 -0.82 -1.21
N SER O 138 43.85 0.09 -2.18
CA SER O 138 44.48 1.40 -2.04
C SER O 138 43.86 2.21 -0.92
N GLN O 139 42.54 2.18 -0.74
CA GLN O 139 41.94 2.88 0.39
C GLN O 139 42.41 2.28 1.71
N ASN O 140 42.48 0.96 1.81
CA ASN O 140 43.09 0.33 2.97
C ASN O 140 44.58 0.70 3.11
N GLN O 141 45.34 0.82 2.03
CA GLN O 141 46.72 1.30 2.13
C GLN O 141 46.77 2.73 2.67
N GLN O 142 45.90 3.63 2.21
CA GLN O 142 45.94 5.04 2.64
C GLN O 142 45.58 5.22 4.12
N GLU O 143 45.00 4.22 4.80
CA GLU O 143 45.00 4.16 6.27
C GLU O 143 46.21 3.39 6.82
N LYS O 144 46.51 2.17 6.32
CA LYS O 144 47.59 1.32 6.82
C LYS O 144 48.94 2.03 6.83
N ASN O 145 49.27 2.74 5.75
CA ASN O 145 50.56 3.38 5.54
C ASN O 145 50.77 4.60 6.45
N GLU O 146 49.72 5.12 7.08
CA GLU O 146 49.84 6.04 8.21
C GLU O 146 49.80 5.27 9.55
N GLN O 147 48.86 4.33 9.67
CA GLN O 147 48.65 3.52 10.87
C GLN O 147 49.91 2.82 11.34
N ASP O 148 50.67 2.17 10.46
CA ASP O 148 51.91 1.48 10.85
C ASP O 148 53.01 2.42 11.37
N LEU O 149 53.05 3.68 10.89
CA LEU O 149 54.00 4.68 11.39
C LEU O 149 53.57 5.24 12.75
N LEU O 150 52.27 5.29 13.05
CA LEU O 150 51.78 5.52 14.40
C LEU O 150 51.99 4.30 15.31
N ALA O 151 51.87 3.08 14.77
CA ALA O 151 52.13 1.82 15.47
C ALA O 151 53.62 1.50 15.71
N LEU O 152 54.54 2.46 15.51
CA LEU O 152 55.90 2.38 16.03
C LEU O 152 55.94 2.44 17.57
N ASP O 153 54.89 2.97 18.21
CA ASP O 153 54.65 2.90 19.67
C ASP O 153 53.14 2.95 20.02
N GLU P 1 55.23 14.09 -16.43
CA GLU P 1 53.75 14.09 -16.40
C GLU P 1 53.22 12.68 -16.13
N ASN P 2 52.10 12.54 -15.44
CA ASN P 2 51.53 11.26 -15.00
C ASN P 2 50.02 11.37 -14.72
N LEU P 3 49.33 10.27 -14.45
CA LEU P 3 47.90 10.24 -14.15
C LEU P 3 47.55 9.35 -12.95
N TRP P 4 46.31 9.50 -12.48
CA TRP P 4 45.75 8.81 -11.33
C TRP P 4 44.25 8.55 -11.53
N VAL P 5 43.64 7.69 -10.71
CA VAL P 5 42.22 7.30 -10.76
C VAL P 5 41.30 8.31 -10.09
N THR P 6 40.12 8.51 -10.69
CA THR P 6 39.02 9.24 -10.08
C THR P 6 37.67 8.66 -10.49
N VAL P 7 36.66 8.85 -9.64
CA VAL P 7 35.33 8.27 -9.75
C VAL P 7 34.26 9.38 -9.72
N TYR P 8 33.17 9.14 -10.43
CA TYR P 8 32.05 10.07 -10.58
C TYR P 8 30.73 9.35 -10.39
N TYR P 9 29.75 10.06 -9.83
CA TYR P 9 28.39 9.58 -9.59
C TYR P 9 27.37 10.48 -10.29
N GLY P 10 26.27 9.93 -10.76
CA GLY P 10 25.31 10.61 -11.63
C GLY P 10 25.74 10.62 -13.11
N VAL P 11 26.83 9.93 -13.45
CA VAL P 11 27.36 9.77 -14.82
C VAL P 11 26.27 9.28 -15.76
N PRO P 12 26.08 9.89 -16.93
CA PRO P 12 24.98 9.52 -17.81
C PRO P 12 25.31 8.22 -18.56
N VAL P 13 24.90 7.06 -18.03
CA VAL P 13 25.12 5.75 -18.67
C VAL P 13 24.11 4.67 -18.29
N TRP P 14 23.83 3.76 -19.22
CA TRP P 14 22.93 2.61 -19.09
C TRP P 14 23.46 1.43 -19.90
N LYS P 15 22.91 0.24 -19.65
CA LYS P 15 23.19 -0.97 -20.44
C LYS P 15 21.91 -1.76 -20.67
N GLU P 16 21.81 -2.40 -21.84
CA GLU P 16 20.65 -3.21 -22.23
C GLU P 16 20.53 -4.45 -21.35
N ALA P 17 19.31 -4.79 -20.92
CA ALA P 17 19.11 -5.79 -19.87
C ALA P 17 17.75 -6.50 -19.97
N LYS P 18 17.77 -7.84 -19.94
CA LYS P 18 16.55 -8.64 -19.78
C LYS P 18 15.93 -8.33 -18.42
N THR P 19 14.63 -8.16 -18.36
CA THR P 19 13.89 -8.01 -17.09
C THR P 19 12.41 -8.25 -17.32
N THR P 20 11.65 -8.47 -16.26
CA THR P 20 10.21 -8.20 -16.31
C THR P 20 9.91 -6.70 -16.31
N LEU P 21 8.69 -6.35 -16.69
CA LEU P 21 8.08 -5.02 -16.68
C LEU P 21 6.63 -5.15 -16.17
N PHE P 22 6.02 -4.04 -15.73
CA PHE P 22 4.63 -4.04 -15.23
C PHE P 22 3.75 -3.11 -16.06
N CYS P 23 2.48 -3.44 -16.12
CA CYS P 23 1.57 -2.97 -17.16
C CYS P 23 0.45 -2.06 -16.65
N ALA P 24 0.26 -0.91 -17.31
CA ALA P 24 -0.98 -0.15 -17.27
C ALA P 24 -1.98 -0.65 -18.35
N SER P 25 -3.29 -0.40 -18.16
CA SER P 25 -4.41 -0.96 -18.94
C SER P 25 -5.68 -0.09 -18.86
N ASP P 26 -6.68 -0.32 -19.70
CA ASP P 26 -7.90 0.50 -19.74
C ASP P 26 -8.69 0.52 -18.41
N ALA P 27 -9.14 1.71 -17.98
CA ALA P 27 -9.76 1.95 -16.68
C ALA P 27 -11.25 1.53 -16.55
N LYS P 28 -11.97 1.25 -17.64
CA LYS P 28 -13.42 0.98 -17.64
C LYS P 28 -13.86 -0.23 -18.47
N ALA P 29 -13.03 -0.71 -19.41
CA ALA P 29 -13.31 -1.89 -20.23
C ALA P 29 -13.55 -3.18 -19.39
N TYR P 30 -13.03 -3.21 -18.16
CA TYR P 30 -13.49 -4.05 -17.07
C TYR P 30 -13.90 -3.17 -15.87
N GLU P 31 -14.89 -3.63 -15.09
CA GLU P 31 -15.46 -2.93 -13.92
C GLU P 31 -16.23 -3.95 -13.06
N LYS P 32 -17.01 -3.52 -12.06
CA LYS P 32 -17.86 -4.39 -11.22
C LYS P 32 -18.90 -5.23 -11.99
N GLU P 33 -19.14 -4.93 -13.27
CA GLU P 33 -19.91 -5.78 -14.20
C GLU P 33 -19.26 -7.14 -14.53
N VAL P 34 -17.95 -7.34 -14.22
CA VAL P 34 -17.18 -8.56 -14.56
C VAL P 34 -16.33 -9.05 -13.38
N HIS P 35 -17.01 -9.53 -12.32
CA HIS P 35 -16.39 -10.14 -11.12
C HIS P 35 -15.42 -11.27 -11.48
N ASN P 36 -14.22 -11.27 -10.87
CA ASN P 36 -13.21 -12.34 -10.96
C ASN P 36 -12.67 -12.68 -12.38
N VAL P 37 -13.11 -11.96 -13.44
CA VAL P 37 -12.71 -12.21 -14.83
C VAL P 37 -11.21 -11.93 -15.07
N TRP P 38 -10.54 -12.73 -15.90
CA TRP P 38 -9.10 -12.63 -16.12
C TRP P 38 -8.65 -11.26 -16.68
N ALA P 39 -9.44 -10.62 -17.55
CA ALA P 39 -9.14 -9.25 -18.00
C ALA P 39 -9.20 -8.23 -16.84
N THR P 40 -10.06 -8.45 -15.83
CA THR P 40 -10.15 -7.64 -14.61
C THR P 40 -8.92 -7.80 -13.70
N HIS P 41 -8.23 -8.94 -13.79
CA HIS P 41 -7.10 -9.33 -12.95
C HIS P 41 -5.87 -8.40 -13.05
N ALA P 42 -4.92 -8.57 -12.14
CA ALA P 42 -3.55 -8.07 -12.24
C ALA P 42 -3.41 -6.60 -12.70
N CYS P 43 -2.77 -6.34 -13.84
CA CYS P 43 -2.24 -5.04 -14.25
C CYS P 43 -3.22 -3.83 -14.25
N VAL P 44 -2.65 -2.65 -14.00
CA VAL P 44 -3.30 -1.46 -13.40
C VAL P 44 -4.07 -0.59 -14.41
N PRO P 45 -4.77 0.49 -14.00
CA PRO P 45 -5.41 1.46 -14.91
C PRO P 45 -4.41 2.23 -15.81
N THR P 46 -4.89 3.24 -16.56
CA THR P 46 -4.13 3.92 -17.63
C THR P 46 -3.39 5.16 -17.11
N ASP P 47 -2.18 5.44 -17.62
CA ASP P 47 -1.43 6.65 -17.31
C ASP P 47 -1.48 7.65 -18.48
N PRO P 48 -2.05 8.86 -18.29
CA PRO P 48 -2.07 9.90 -19.31
C PRO P 48 -0.74 10.62 -19.58
N ASN P 49 0.29 10.42 -18.76
CA ASN P 49 1.37 11.41 -18.60
C ASN P 49 2.73 11.18 -19.32
N PRO P 50 2.97 10.22 -20.24
CA PRO P 50 4.33 9.84 -20.62
C PRO P 50 5.09 10.97 -21.30
N GLN P 51 6.02 11.57 -20.57
CA GLN P 51 6.88 12.68 -20.98
C GLN P 51 8.07 12.21 -21.83
N GLU P 52 8.90 13.13 -22.31
CA GLU P 52 10.20 12.81 -22.92
C GLU P 52 11.20 13.93 -22.71
N MET P 53 12.49 13.60 -22.74
CA MET P 53 13.56 14.54 -23.07
C MET P 53 14.35 14.03 -24.27
N VAL P 54 14.81 14.96 -25.10
CA VAL P 54 15.47 14.66 -26.37
C VAL P 54 16.91 14.23 -26.17
N LEU P 55 17.35 13.30 -27.00
CA LEU P 55 18.74 12.92 -27.10
C LEU P 55 19.46 13.82 -28.10
N LYS P 56 19.55 15.13 -27.81
CA LYS P 56 20.23 16.09 -28.69
C LYS P 56 21.62 15.59 -29.05
N ASN P 57 21.99 15.66 -30.32
CA ASN P 57 23.22 15.09 -30.89
C ASN P 57 23.41 13.57 -30.69
N VAL P 58 22.42 12.81 -30.21
CA VAL P 58 22.66 11.48 -29.61
C VAL P 58 21.72 10.35 -30.08
N THR P 59 22.32 9.19 -30.35
CA THR P 59 21.77 8.08 -31.17
C THR P 59 22.06 6.72 -30.53
N GLU P 60 21.29 5.67 -30.88
CA GLU P 60 21.41 4.34 -30.26
C GLU P 60 21.03 3.17 -31.18
N ASN P 61 21.61 2.01 -30.91
CA ASN P 61 21.41 0.72 -31.55
C ASN P 61 20.04 0.10 -31.21
N PHE P 62 19.40 -0.57 -32.15
CA PHE P 62 18.16 -1.33 -31.93
C PHE P 62 18.15 -2.65 -32.71
N ASN P 63 17.37 -3.63 -32.26
CA ASN P 63 17.06 -4.84 -33.01
C ASN P 63 15.77 -5.49 -32.46
N MET P 64 14.68 -5.33 -33.20
CA MET P 64 13.36 -5.86 -32.84
C MET P 64 13.35 -7.39 -32.73
N TRP P 65 14.14 -8.10 -33.51
CA TRP P 65 14.20 -9.54 -33.43
C TRP P 65 14.90 -10.02 -32.16
N LYS P 66 15.93 -9.29 -31.71
CA LYS P 66 16.71 -9.64 -30.51
C LYS P 66 15.98 -9.32 -29.21
N ASN P 67 15.18 -8.25 -29.19
CA ASN P 67 14.57 -7.76 -27.96
C ASN P 67 13.69 -8.80 -27.23
N ASP P 68 13.75 -8.80 -25.90
CA ASP P 68 13.08 -9.78 -25.05
C ASP P 68 11.58 -9.54 -24.82
N MET P 69 11.05 -8.35 -25.13
CA MET P 69 9.67 -8.02 -24.74
C MET P 69 8.65 -8.91 -25.42
N VAL P 70 8.95 -9.40 -26.62
CA VAL P 70 8.14 -10.40 -27.30
C VAL P 70 7.87 -11.56 -26.37
N ASP P 71 8.90 -12.09 -25.73
CA ASP P 71 8.69 -13.16 -24.75
C ASP P 71 8.00 -12.64 -23.50
N GLN P 72 8.38 -11.47 -22.98
CA GLN P 72 7.78 -10.91 -21.76
C GLN P 72 6.24 -10.94 -21.80
N MET P 73 5.65 -10.54 -22.93
CA MET P 73 4.21 -10.52 -23.11
C MET P 73 3.66 -11.63 -24.02
N HIS P 74 4.49 -12.56 -24.49
CA HIS P 74 3.99 -13.86 -24.93
C HIS P 74 3.70 -14.71 -23.70
N GLU P 75 4.61 -14.64 -22.73
CA GLU P 75 4.28 -14.90 -21.34
C GLU P 75 3.31 -13.83 -20.81
N ASP P 76 2.84 -14.02 -19.57
CA ASP P 76 1.63 -13.41 -19.02
C ASP P 76 0.36 -13.80 -19.78
N VAL P 77 0.21 -13.33 -21.00
CA VAL P 77 -1.11 -13.09 -21.59
C VAL P 77 -1.88 -14.38 -21.90
N ILE P 78 -1.19 -15.43 -22.35
CA ILE P 78 -1.85 -16.67 -22.80
C ILE P 78 -2.52 -17.40 -21.63
N SER P 79 -2.17 -17.06 -20.39
CA SER P 79 -2.84 -17.58 -19.20
C SER P 79 -4.35 -17.32 -19.15
N LEU P 80 -4.90 -16.43 -19.98
CA LEU P 80 -6.34 -16.39 -20.20
C LEU P 80 -6.88 -17.76 -20.61
N TRP P 81 -6.22 -18.45 -21.54
CA TRP P 81 -6.65 -19.78 -21.98
C TRP P 81 -6.44 -20.83 -20.88
N ASP P 82 -5.38 -20.73 -20.07
CA ASP P 82 -5.20 -21.58 -18.89
C ASP P 82 -6.35 -21.40 -17.87
N GLN P 83 -6.81 -20.17 -17.65
CA GLN P 83 -7.99 -19.89 -16.82
C GLN P 83 -9.29 -20.41 -17.45
N SER P 84 -9.35 -20.50 -18.78
CA SER P 84 -10.51 -20.92 -19.56
C SER P 84 -10.72 -22.43 -19.68
N LEU P 85 -9.83 -23.28 -19.13
CA LEU P 85 -9.89 -24.74 -19.26
C LEU P 85 -11.00 -25.39 -18.41
N LYS P 86 -12.27 -25.07 -18.68
CA LYS P 86 -13.45 -25.68 -18.04
C LYS P 86 -13.51 -27.19 -18.32
N PRO P 87 -14.03 -28.02 -17.40
CA PRO P 87 -14.05 -29.47 -17.57
C PRO P 87 -14.95 -29.92 -18.72
N CYS P 88 -14.69 -31.12 -19.25
CA CYS P 88 -15.57 -31.77 -20.22
C CYS P 88 -16.94 -32.12 -19.59
N VAL P 89 -18.02 -32.03 -20.36
CA VAL P 89 -19.34 -32.51 -19.92
C VAL P 89 -19.34 -34.03 -19.77
N LYS P 90 -20.10 -34.54 -18.79
CA LYS P 90 -20.17 -35.96 -18.39
C LYS P 90 -20.45 -36.93 -19.55
N LEU P 91 -21.18 -36.47 -20.57
CA LEU P 91 -21.58 -37.25 -21.74
C LEU P 91 -20.41 -37.54 -22.71
N THR P 92 -19.36 -36.71 -22.78
CA THR P 92 -18.42 -36.69 -23.93
C THR P 92 -16.91 -36.70 -23.65
N PRO P 93 -16.35 -37.15 -22.50
CA PRO P 93 -14.90 -37.30 -22.39
C PRO P 93 -14.36 -38.42 -23.30
N LEU P 94 -15.18 -39.47 -23.48
CA LEU P 94 -15.01 -40.53 -24.46
C LEU P 94 -15.47 -40.12 -25.87
N CYS P 95 -14.97 -40.83 -26.88
CA CYS P 95 -15.29 -40.62 -28.30
C CYS P 95 -16.70 -41.13 -28.66
N VAL P 96 -17.76 -40.44 -28.21
CA VAL P 96 -19.16 -40.81 -28.50
C VAL P 96 -19.48 -40.82 -29.99
N THR P 97 -20.46 -41.63 -30.38
CA THR P 97 -21.06 -41.52 -31.72
C THR P 97 -22.23 -40.53 -31.74
N LEU P 98 -22.60 -40.08 -32.93
CA LEU P 98 -23.80 -39.30 -33.20
C LEU P 98 -24.57 -39.83 -34.41
N ASN P 99 -25.92 -39.84 -34.36
CA ASN P 99 -26.77 -40.32 -35.47
C ASN P 99 -27.62 -39.20 -36.09
N CYS P 100 -27.50 -39.01 -37.40
CA CYS P 100 -28.30 -38.10 -38.24
C CYS P 100 -28.01 -38.39 -39.73
N THR P 101 -28.84 -37.88 -40.65
CA THR P 101 -28.57 -37.88 -42.11
C THR P 101 -28.92 -36.53 -42.71
N ASN P 102 -30.19 -36.13 -42.65
CA ASN P 102 -30.57 -34.72 -42.58
C ASN P 102 -30.42 -34.23 -41.11
N ALA P 103 -30.59 -32.93 -40.85
CA ALA P 103 -30.49 -32.39 -39.50
C ALA P 103 -31.61 -32.88 -38.55
N THR P 104 -31.33 -32.92 -37.24
CA THR P 104 -32.34 -33.03 -36.18
C THR P 104 -33.22 -31.78 -36.05
N ALA P 105 -32.68 -30.60 -36.40
CA ALA P 105 -33.43 -29.37 -36.62
C ALA P 105 -34.33 -29.44 -37.87
N SER P 106 -35.24 -28.49 -38.05
CA SER P 106 -36.29 -28.52 -39.08
C SER P 106 -35.78 -28.62 -40.53
N ASN P 107 -34.55 -28.16 -40.81
CA ASN P 107 -33.82 -28.42 -42.06
C ASN P 107 -32.30 -28.42 -41.80
N SER P 108 -31.52 -29.09 -42.65
CA SER P 108 -30.09 -28.80 -42.80
C SER P 108 -29.90 -27.44 -43.48
N SER P 109 -28.89 -26.68 -43.07
CA SER P 109 -28.79 -25.25 -43.45
C SER P 109 -28.54 -25.02 -44.94
N ILE P 110 -28.77 -23.78 -45.39
CA ILE P 110 -28.70 -23.36 -46.80
C ILE P 110 -27.28 -23.53 -47.38
N ILE P 111 -26.23 -23.55 -46.55
CA ILE P 111 -24.83 -23.71 -46.97
C ILE P 111 -24.14 -24.87 -46.21
N GLU P 112 -23.46 -25.74 -46.96
CA GLU P 112 -22.60 -26.87 -46.52
C GLU P 112 -23.20 -27.84 -45.47
N GLY P 113 -22.35 -28.67 -44.85
CA GLY P 113 -22.69 -29.83 -44.01
C GLY P 113 -23.29 -29.53 -42.62
N MET P 114 -24.05 -28.45 -42.44
CA MET P 114 -24.80 -28.20 -41.20
C MET P 114 -25.99 -29.16 -41.07
N LYS P 115 -25.71 -30.37 -40.60
CA LYS P 115 -26.66 -31.49 -40.45
C LYS P 115 -26.68 -31.95 -38.98
N ASN P 116 -27.30 -31.13 -38.12
CA ASN P 116 -27.25 -31.27 -36.65
C ASN P 116 -27.66 -32.66 -36.15
N CYS P 117 -27.07 -33.10 -35.03
CA CYS P 117 -26.99 -34.52 -34.68
C CYS P 117 -27.11 -34.76 -33.17
N SER P 118 -27.81 -35.82 -32.76
CA SER P 118 -27.86 -36.31 -31.37
C SER P 118 -26.64 -37.16 -31.02
N PHE P 119 -26.19 -37.14 -29.76
CA PHE P 119 -25.33 -38.22 -29.27
C PHE P 119 -26.09 -39.55 -29.28
N ASN P 120 -25.43 -40.67 -29.57
CA ASN P 120 -26.09 -41.98 -29.51
C ASN P 120 -25.32 -43.04 -28.72
N ILE P 121 -24.18 -43.55 -29.17
CA ILE P 121 -23.32 -44.35 -28.27
C ILE P 121 -22.70 -43.38 -27.24
N THR P 122 -23.38 -43.27 -26.10
CA THR P 122 -23.25 -42.16 -25.13
C THR P 122 -23.32 -42.74 -23.72
N THR P 123 -22.17 -43.15 -23.17
CA THR P 123 -21.98 -43.70 -21.80
C THR P 123 -22.97 -44.80 -21.40
N GLU P 124 -24.12 -44.42 -20.83
CA GLU P 124 -25.21 -45.31 -20.39
C GLU P 124 -26.08 -45.85 -21.55
N LEU P 125 -26.01 -45.25 -22.75
CA LEU P 125 -26.88 -45.51 -23.91
C LEU P 125 -28.37 -45.39 -23.50
N ARG P 126 -28.73 -44.19 -23.06
CA ARG P 126 -29.93 -43.85 -22.27
C ARG P 126 -30.47 -42.50 -22.70
N ASP P 127 -31.80 -42.31 -22.60
CA ASP P 127 -32.49 -41.11 -23.10
C ASP P 127 -31.93 -39.79 -22.53
N LYS P 128 -31.64 -39.75 -21.22
CA LYS P 128 -31.04 -38.57 -20.54
C LYS P 128 -29.75 -38.09 -21.22
N ARG P 129 -29.00 -39.01 -21.85
CA ARG P 129 -27.74 -38.74 -22.57
C ARG P 129 -28.00 -38.54 -24.08
N GLU P 130 -28.69 -39.48 -24.71
CA GLU P 130 -28.90 -39.49 -26.17
C GLU P 130 -29.88 -38.43 -26.69
N LYS P 131 -30.74 -37.86 -25.82
CA LYS P 131 -31.61 -36.73 -26.20
C LYS P 131 -30.80 -35.47 -26.53
N LYS P 132 -29.59 -35.32 -25.99
CA LYS P 132 -28.74 -34.13 -26.17
C LYS P 132 -28.03 -34.14 -27.54
N ASN P 133 -27.80 -32.96 -28.09
CA ASN P 133 -27.64 -32.71 -29.53
C ASN P 133 -26.72 -31.51 -29.82
N ALA P 134 -26.07 -31.47 -30.98
CA ALA P 134 -25.09 -30.42 -31.33
C ALA P 134 -25.31 -29.79 -32.72
N LEU P 135 -24.91 -28.52 -32.84
CA LEU P 135 -24.75 -27.81 -34.11
C LEU P 135 -23.64 -28.45 -34.96
N PHE P 136 -23.86 -28.57 -36.26
CA PHE P 136 -22.94 -29.23 -37.22
C PHE P 136 -22.49 -28.24 -38.30
N TYR P 137 -21.36 -28.52 -38.94
CA TYR P 137 -20.87 -27.84 -40.14
C TYR P 137 -20.01 -28.76 -41.03
N LYS P 138 -18.98 -29.41 -40.46
CA LYS P 138 -17.81 -29.89 -41.23
C LYS P 138 -17.03 -31.02 -40.56
N LEU P 139 -16.16 -30.72 -39.59
CA LEU P 139 -15.32 -31.73 -38.91
C LEU P 139 -16.16 -32.69 -38.05
N ASP P 140 -17.33 -32.23 -37.62
CA ASP P 140 -18.33 -32.98 -36.86
C ASP P 140 -18.89 -34.24 -37.57
N ILE P 141 -18.80 -34.36 -38.91
CA ILE P 141 -19.22 -35.59 -39.65
C ILE P 141 -18.09 -36.61 -39.89
N VAL P 142 -16.94 -36.47 -39.22
CA VAL P 142 -15.80 -37.42 -39.36
C VAL P 142 -16.20 -38.87 -39.02
N GLN P 143 -15.63 -39.82 -39.77
CA GLN P 143 -16.08 -41.20 -39.80
C GLN P 143 -15.82 -41.96 -38.48
N LEU P 144 -16.85 -42.67 -38.01
CA LEU P 144 -16.82 -43.66 -36.92
C LEU P 144 -17.90 -44.74 -37.16
N ASP P 145 -17.72 -45.93 -36.58
CA ASP P 145 -18.34 -47.18 -37.03
C ASP P 145 -17.90 -47.54 -38.47
N GLY P 146 -18.81 -47.93 -39.36
CA GLY P 146 -18.53 -48.26 -40.78
C GLY P 146 -19.14 -47.26 -41.76
N ASN P 147 -19.52 -47.75 -42.95
CA ASN P 147 -20.43 -47.04 -43.84
C ASN P 147 -21.81 -46.84 -43.17
N SER P 148 -22.55 -45.79 -43.54
CA SER P 148 -23.67 -45.25 -42.75
C SER P 148 -23.22 -44.86 -41.32
N SER P 149 -22.09 -44.17 -41.24
CA SER P 149 -21.35 -43.85 -40.01
C SER P 149 -22.22 -43.24 -38.90
N GLN P 150 -22.01 -43.68 -37.66
CA GLN P 150 -22.40 -42.90 -36.50
C GLN P 150 -21.20 -42.03 -36.10
N TYR P 151 -21.28 -40.73 -36.38
CA TYR P 151 -20.12 -39.88 -36.56
C TYR P 151 -19.29 -39.66 -35.29
N ARG P 152 -18.00 -39.40 -35.47
CA ARG P 152 -16.99 -39.26 -34.40
C ARG P 152 -17.07 -37.92 -33.67
N LEU P 153 -17.20 -37.94 -32.35
CA LEU P 153 -16.77 -36.81 -31.51
C LEU P 153 -15.23 -36.75 -31.48
N ILE P 154 -14.63 -35.99 -32.39
CA ILE P 154 -13.16 -35.93 -32.55
C ILE P 154 -12.41 -35.31 -31.35
N ASN P 155 -13.08 -34.50 -30.51
CA ASN P 155 -12.45 -33.74 -29.43
C ASN P 155 -11.82 -34.63 -28.33
N CYS P 156 -12.20 -35.90 -28.23
CA CYS P 156 -11.72 -36.85 -27.22
C CYS P 156 -10.21 -37.19 -27.34
N ASN P 157 -9.63 -37.14 -28.54
CA ASN P 157 -8.34 -37.80 -28.84
C ASN P 157 -7.08 -36.96 -28.51
N THR P 158 -7.23 -35.80 -27.87
CA THR P 158 -6.14 -34.87 -27.55
C THR P 158 -6.11 -34.54 -26.06
N SER P 159 -4.94 -34.16 -25.54
CA SER P 159 -4.66 -34.10 -24.10
C SER P 159 -5.62 -33.22 -23.29
N VAL P 160 -6.15 -32.14 -23.86
CA VAL P 160 -7.18 -31.31 -23.21
C VAL P 160 -8.43 -31.19 -24.08
N ILE P 161 -9.57 -31.62 -23.53
CA ILE P 161 -10.92 -31.40 -24.03
C ILE P 161 -11.63 -30.39 -23.13
N THR P 162 -12.11 -29.28 -23.70
CA THR P 162 -12.61 -28.13 -22.93
C THR P 162 -13.49 -27.20 -23.79
N GLN P 163 -14.21 -26.27 -23.17
CA GLN P 163 -14.82 -25.14 -23.86
C GLN P 163 -14.65 -23.84 -23.07
N ALA P 164 -14.23 -22.76 -23.75
CA ALA P 164 -14.28 -21.41 -23.21
C ALA P 164 -15.69 -20.83 -23.40
N CYS P 165 -16.58 -21.06 -22.44
CA CYS P 165 -17.99 -20.67 -22.52
C CYS P 165 -18.19 -19.14 -22.61
N PRO P 166 -19.33 -18.64 -23.14
CA PRO P 166 -19.51 -17.22 -23.52
C PRO P 166 -19.35 -16.16 -22.41
N LYS P 167 -19.34 -16.54 -21.13
CA LYS P 167 -19.01 -15.63 -20.01
C LYS P 167 -17.57 -15.09 -20.07
N VAL P 168 -16.65 -15.84 -20.68
CA VAL P 168 -15.24 -15.44 -20.87
C VAL P 168 -15.13 -14.30 -21.89
N SER P 169 -14.23 -13.34 -21.65
CA SER P 169 -14.01 -12.16 -22.50
C SER P 169 -12.63 -12.18 -23.18
N PHE P 170 -12.57 -11.66 -24.41
CA PHE P 170 -11.39 -11.68 -25.29
C PHE P 170 -11.09 -10.29 -25.89
N ASP P 171 -11.53 -9.22 -25.23
CA ASP P 171 -11.40 -7.86 -25.75
C ASP P 171 -9.93 -7.40 -25.84
N PRO P 172 -9.41 -7.00 -27.02
CA PRO P 172 -8.01 -6.58 -27.21
C PRO P 172 -7.63 -5.23 -26.57
N ILE P 173 -7.70 -5.14 -25.25
CA ILE P 173 -7.37 -3.92 -24.49
C ILE P 173 -5.94 -3.44 -24.79
N PRO P 174 -5.72 -2.13 -24.92
CA PRO P 174 -4.38 -1.56 -25.03
C PRO P 174 -3.61 -1.62 -23.70
N ILE P 175 -2.57 -2.44 -23.64
CA ILE P 175 -1.61 -2.38 -22.53
C ILE P 175 -0.63 -1.24 -22.79
N HIS P 176 -0.12 -0.64 -21.71
CA HIS P 176 0.86 0.43 -21.73
C HIS P 176 2.01 0.03 -20.79
N TYR P 177 3.05 -0.65 -21.30
CA TYR P 177 4.13 -1.18 -20.46
C TYR P 177 5.07 -0.09 -19.92
N CYS P 178 5.44 -0.18 -18.65
CA CYS P 178 6.42 0.71 -18.04
C CYS P 178 7.53 -0.12 -17.36
N ALA P 179 8.79 0.30 -17.47
CA ALA P 179 9.93 -0.41 -16.89
C ALA P 179 10.08 -0.12 -15.39
N PRO P 180 10.67 -1.03 -14.59
CA PRO P 180 10.85 -0.79 -13.17
C PRO P 180 11.78 0.40 -12.91
N ALA P 181 11.76 0.98 -11.71
CA ALA P 181 12.63 2.11 -11.39
C ALA P 181 14.12 1.77 -11.61
N GLY P 182 14.89 2.75 -12.08
CA GLY P 182 16.29 2.58 -12.50
C GLY P 182 16.45 1.88 -13.86
N TYR P 183 15.50 1.08 -14.30
CA TYR P 183 15.37 0.82 -15.73
C TYR P 183 14.73 2.03 -16.43
N ALA P 184 14.83 2.07 -17.76
CA ALA P 184 14.17 3.06 -18.62
C ALA P 184 13.85 2.47 -19.99
N ILE P 185 12.87 3.04 -20.70
CA ILE P 185 12.49 2.62 -22.04
C ILE P 185 12.94 3.69 -23.03
N LEU P 186 13.67 3.28 -24.06
CA LEU P 186 14.13 4.15 -25.13
C LEU P 186 13.32 3.86 -26.39
N LYS P 187 12.88 4.93 -27.06
CA LYS P 187 12.03 4.91 -28.24
C LYS P 187 12.81 5.43 -29.45
N CYS P 188 12.97 4.60 -30.49
CA CYS P 188 13.57 5.00 -31.76
C CYS P 188 12.59 5.77 -32.65
N ASN P 189 13.06 6.85 -33.27
CA ASN P 189 12.36 7.52 -34.36
C ASN P 189 13.36 7.96 -35.46
N ASN P 190 12.97 7.84 -36.73
CA ASN P 190 13.38 8.65 -37.89
C ASN P 190 12.46 8.26 -39.03
N LYS P 191 12.27 9.10 -40.04
CA LYS P 191 11.65 8.67 -41.31
C LYS P 191 12.23 7.34 -41.84
N THR P 192 13.52 7.07 -41.63
CA THR P 192 14.14 5.75 -41.87
C THR P 192 13.73 4.71 -40.79
N PHE P 193 12.43 4.45 -40.60
CA PHE P 193 11.83 3.63 -39.51
C PHE P 193 12.14 2.10 -39.59
N THR P 194 13.37 1.72 -39.91
CA THR P 194 13.78 0.36 -40.24
C THR P 194 13.69 -0.63 -39.08
N GLY P 195 13.96 -0.19 -37.86
CA GLY P 195 13.82 -1.02 -36.66
C GLY P 195 14.97 -1.99 -36.37
N THR P 196 16.14 -1.84 -37.02
CA THR P 196 17.38 -2.52 -36.62
C THR P 196 18.63 -1.70 -37.01
N GLY P 197 19.73 -1.84 -36.27
CA GLY P 197 20.93 -1.03 -36.46
C GLY P 197 20.87 0.30 -35.70
N PRO P 198 21.64 1.32 -36.10
CA PRO P 198 21.58 2.64 -35.48
C PRO P 198 20.26 3.38 -35.73
N CYS P 199 19.86 4.24 -34.80
CA CYS P 199 18.70 5.12 -34.90
C CYS P 199 19.04 6.54 -34.44
N ASN P 200 18.56 7.56 -35.14
CA ASN P 200 19.00 8.94 -34.95
C ASN P 200 18.13 9.73 -33.95
N ASN P 201 16.85 10.00 -34.23
CA ASN P 201 15.98 10.79 -33.35
C ASN P 201 15.40 9.94 -32.22
N VAL P 202 16.29 9.27 -31.47
CA VAL P 202 15.96 8.41 -30.33
C VAL P 202 15.56 9.25 -29.13
N SER P 203 14.63 8.72 -28.34
CA SER P 203 13.79 9.47 -27.42
C SER P 203 13.52 8.65 -26.17
N THR P 204 13.07 9.29 -25.10
CA THR P 204 13.05 8.71 -23.75
C THR P 204 11.65 8.71 -23.17
N VAL P 205 11.23 7.66 -22.47
CA VAL P 205 9.90 7.62 -21.82
C VAL P 205 9.93 6.84 -20.53
N GLN P 206 9.00 7.16 -19.62
CA GLN P 206 8.69 6.30 -18.46
C GLN P 206 7.80 5.12 -18.85
N CYS P 207 7.00 5.25 -19.90
CA CYS P 207 6.06 4.21 -20.31
C CYS P 207 5.73 4.32 -21.81
N THR P 208 5.39 3.21 -22.49
CA THR P 208 4.86 3.27 -23.87
C THR P 208 3.41 3.73 -23.88
N HIS P 209 2.98 4.41 -24.95
CA HIS P 209 1.55 4.51 -25.30
C HIS P 209 0.93 3.13 -25.55
N GLY P 210 -0.40 3.07 -25.63
CA GLY P 210 -1.13 1.80 -25.68
C GLY P 210 -0.85 0.97 -26.93
N ILE P 211 -0.68 -0.34 -26.76
CA ILE P 211 -0.56 -1.30 -27.85
C ILE P 211 -1.44 -2.52 -27.53
N LYS P 212 -2.03 -3.12 -28.57
CA LYS P 212 -3.19 -4.02 -28.45
C LYS P 212 -2.89 -5.43 -28.96
N PRO P 213 -3.47 -6.48 -28.34
CA PRO P 213 -3.43 -7.85 -28.85
C PRO P 213 -3.95 -8.00 -30.27
N VAL P 214 -3.49 -9.03 -30.99
CA VAL P 214 -4.03 -9.46 -32.29
C VAL P 214 -3.77 -10.96 -32.51
N VAL P 215 -4.62 -11.62 -33.29
CA VAL P 215 -4.71 -13.09 -33.33
C VAL P 215 -4.86 -13.61 -34.76
N SER P 216 -3.98 -13.15 -35.66
CA SER P 216 -4.05 -13.40 -37.10
C SER P 216 -2.99 -14.38 -37.60
N THR P 217 -3.37 -15.22 -38.56
CA THR P 217 -2.44 -16.06 -39.34
C THR P 217 -1.74 -15.34 -40.48
N GLN P 218 -2.32 -14.28 -41.07
CA GLN P 218 -1.76 -13.70 -42.30
C GLN P 218 -1.88 -12.17 -42.43
N LEU P 219 -3.00 -11.56 -42.03
CA LEU P 219 -3.21 -10.11 -42.18
C LEU P 219 -3.37 -9.47 -40.80
N LEU P 220 -2.47 -8.58 -40.39
CA LEU P 220 -2.57 -7.88 -39.11
C LEU P 220 -3.56 -6.73 -39.25
N LEU P 221 -4.22 -6.36 -38.16
CA LEU P 221 -5.43 -5.57 -38.23
C LEU P 221 -5.77 -4.84 -36.94
N ASN P 222 -6.67 -3.87 -37.04
CA ASN P 222 -7.33 -3.21 -35.92
C ASN P 222 -6.39 -2.51 -34.93
N GLY P 223 -5.33 -1.87 -35.41
CA GLY P 223 -4.30 -1.30 -34.54
C GLY P 223 -3.33 -0.32 -35.22
N SER P 224 -2.09 -0.28 -34.72
CA SER P 224 -1.14 0.81 -34.93
C SER P 224 -0.85 1.12 -36.40
N LEU P 225 -1.38 2.24 -36.86
CA LEU P 225 -1.23 2.75 -38.20
C LEU P 225 0.21 3.25 -38.43
N ALA P 226 0.69 3.17 -39.66
CA ALA P 226 2.05 3.60 -39.99
C ALA P 226 2.23 5.13 -40.00
N GLU P 227 3.46 5.58 -40.20
CA GLU P 227 3.84 6.98 -40.07
C GLU P 227 3.55 7.86 -41.31
N GLY P 228 3.33 7.29 -42.50
CA GLY P 228 3.02 8.08 -43.69
C GLY P 228 3.33 7.48 -45.08
N GLU P 229 3.76 6.22 -45.17
CA GLU P 229 3.87 5.46 -46.43
C GLU P 229 3.70 3.96 -46.11
N ILE P 230 4.41 3.06 -46.80
CA ILE P 230 4.48 1.63 -46.49
C ILE P 230 5.95 1.22 -46.35
N ILE P 231 6.23 0.19 -45.55
CA ILE P 231 7.59 -0.30 -45.30
C ILE P 231 7.59 -1.81 -45.06
N ILE P 232 8.74 -2.45 -45.25
CA ILE P 232 8.95 -3.89 -45.04
C ILE P 232 10.00 -4.14 -43.96
N ARG P 233 9.82 -5.18 -43.16
CA ARG P 233 10.76 -5.57 -42.09
C ARG P 233 11.06 -7.07 -42.18
N SER P 234 12.30 -7.45 -41.88
CA SER P 234 12.81 -8.82 -41.88
C SER P 234 13.98 -8.95 -40.92
N GLU P 235 14.20 -10.11 -40.33
CA GLU P 235 15.58 -10.45 -39.98
C GLU P 235 16.29 -10.77 -41.29
N ASN P 236 17.49 -10.25 -41.50
CA ASN P 236 18.31 -10.37 -42.73
C ASN P 236 17.48 -10.45 -44.04
N ILE P 237 17.06 -9.31 -44.60
CA ILE P 237 16.31 -9.26 -45.86
C ILE P 237 17.02 -9.95 -47.06
N THR P 238 18.33 -10.21 -47.00
CA THR P 238 19.03 -10.98 -48.03
C THR P 238 18.59 -12.44 -48.09
N ASN P 239 17.99 -12.98 -47.03
CA ASN P 239 17.61 -14.39 -46.93
C ASN P 239 16.66 -14.86 -48.04
N ASN P 240 16.73 -16.15 -48.38
CA ASN P 240 15.86 -16.76 -49.39
C ASN P 240 14.37 -16.62 -49.05
N VAL P 241 13.93 -17.02 -47.85
CA VAL P 241 12.51 -17.29 -47.55
C VAL P 241 12.06 -16.97 -46.11
N LYS P 242 13.00 -16.73 -45.17
CA LYS P 242 12.75 -16.36 -43.76
C LYS P 242 11.80 -15.16 -43.62
N THR P 243 10.92 -15.20 -42.61
CA THR P 243 9.65 -14.42 -42.59
C THR P 243 9.83 -12.90 -42.74
N ILE P 244 8.95 -12.28 -43.53
CA ILE P 244 8.91 -10.84 -43.85
C ILE P 244 7.57 -10.25 -43.43
N ILE P 245 7.57 -8.99 -42.99
CA ILE P 245 6.38 -8.27 -42.53
C ILE P 245 6.28 -6.90 -43.23
N VAL P 246 5.07 -6.46 -43.54
CA VAL P 246 4.82 -5.21 -44.28
C VAL P 246 3.83 -4.34 -43.50
N HIS P 247 4.10 -3.04 -43.37
CA HIS P 247 3.38 -2.10 -42.50
C HIS P 247 2.75 -0.94 -43.29
N LEU P 248 1.48 -0.59 -43.05
CA LEU P 248 0.59 0.10 -44.02
C LEU P 248 0.15 1.53 -43.65
N ASN P 249 0.10 2.39 -44.67
CA ASN P 249 -0.26 3.82 -44.60
C ASN P 249 -1.72 4.10 -44.20
N GLU P 250 -2.62 3.26 -44.69
CA GLU P 250 -4.02 3.57 -44.86
C GLU P 250 -4.81 2.28 -44.66
N SER P 251 -5.64 2.20 -43.63
CA SER P 251 -6.23 0.93 -43.16
C SER P 251 -7.32 0.40 -44.08
N VAL P 252 -6.97 -0.37 -45.11
CA VAL P 252 -7.96 -1.02 -45.98
C VAL P 252 -8.86 -1.95 -45.18
N LYS P 253 -10.17 -1.90 -45.42
CA LYS P 253 -11.22 -2.56 -44.62
C LYS P 253 -11.45 -4.01 -45.06
N ILE P 254 -11.99 -4.83 -44.17
CA ILE P 254 -12.68 -6.08 -44.50
C ILE P 254 -14.12 -5.98 -44.02
N GLU P 255 -15.07 -6.26 -44.92
CA GLU P 255 -16.40 -5.68 -44.86
C GLU P 255 -17.49 -6.68 -44.45
N CYS P 256 -17.15 -7.74 -43.70
CA CYS P 256 -18.05 -8.90 -43.56
C CYS P 256 -18.19 -9.56 -42.18
N THR P 257 -19.35 -10.19 -42.01
CA THR P 257 -19.78 -11.05 -40.91
C THR P 257 -20.62 -12.20 -41.46
N ARG P 258 -20.82 -13.24 -40.65
CA ARG P 258 -21.51 -14.49 -41.00
C ARG P 258 -22.75 -14.67 -40.10
N PRO P 259 -23.80 -13.87 -40.31
CA PRO P 259 -24.89 -13.68 -39.35
C PRO P 259 -25.92 -14.83 -39.29
N ASN P 260 -25.54 -16.05 -39.64
CA ASN P 260 -26.45 -17.19 -39.67
C ASN P 260 -26.95 -17.50 -38.26
N ASN P 261 -28.25 -17.30 -38.03
CA ASN P 261 -28.80 -17.34 -36.68
C ASN P 261 -29.04 -18.78 -36.19
N LYS P 262 -28.68 -19.05 -34.93
CA LYS P 262 -29.11 -20.20 -34.12
C LYS P 262 -29.45 -19.72 -32.71
N THR P 263 -30.55 -20.22 -32.15
CA THR P 263 -31.16 -19.69 -30.91
C THR P 263 -30.39 -20.08 -29.65
N ARG P 264 -30.59 -19.30 -28.56
CA ARG P 264 -29.87 -19.37 -27.27
C ARG P 264 -30.22 -20.59 -26.39
N THR P 265 -30.46 -21.76 -26.97
CA THR P 265 -30.81 -23.01 -26.27
C THR P 265 -29.60 -23.66 -25.58
N SER P 266 -29.01 -22.98 -24.59
CA SER P 266 -28.08 -23.57 -23.64
C SER P 266 -28.82 -24.45 -22.61
N ILE P 267 -28.10 -25.41 -22.01
CA ILE P 267 -28.65 -26.48 -21.18
C ILE P 267 -27.76 -26.65 -19.93
N ARG P 268 -28.37 -26.76 -18.74
CA ARG P 268 -27.68 -27.15 -17.50
C ARG P 268 -27.46 -28.68 -17.47
N ILE P 269 -26.55 -29.14 -18.33
CA ILE P 269 -26.41 -30.55 -18.73
C ILE P 269 -25.96 -31.48 -17.59
N GLY P 270 -26.38 -32.75 -17.65
CA GLY P 270 -25.84 -33.83 -16.82
C GLY P 270 -25.95 -33.54 -15.31
N PRO P 271 -24.87 -33.67 -14.53
CA PRO P 271 -24.87 -33.48 -13.07
C PRO P 271 -24.83 -32.00 -12.64
N GLY P 272 -25.48 -31.09 -13.38
CA GLY P 272 -25.47 -29.65 -13.10
C GLY P 272 -24.32 -28.86 -13.73
N GLN P 273 -23.78 -29.38 -14.84
CA GLN P 273 -22.82 -28.69 -15.71
C GLN P 273 -23.55 -27.72 -16.68
N TRP P 274 -22.86 -27.11 -17.65
CA TRP P 274 -23.46 -26.27 -18.68
C TRP P 274 -22.96 -26.61 -20.11
N PHE P 275 -23.85 -26.48 -21.10
CA PHE P 275 -23.58 -26.73 -22.52
C PHE P 275 -24.42 -25.80 -23.42
N TYR P 276 -24.01 -25.60 -24.67
CA TYR P 276 -24.56 -24.59 -25.58
C TYR P 276 -25.12 -25.20 -26.87
N ALA P 277 -26.16 -26.03 -26.72
CA ALA P 277 -26.86 -26.75 -27.78
C ALA P 277 -27.79 -25.86 -28.64
N THR P 278 -27.26 -24.80 -29.25
CA THR P 278 -28.04 -23.79 -30.00
C THR P 278 -28.79 -24.39 -31.20
N GLY P 279 -30.13 -24.24 -31.24
CA GLY P 279 -31.02 -24.86 -32.24
C GLY P 279 -31.96 -23.89 -32.98
N GLN P 280 -32.95 -24.46 -33.68
CA GLN P 280 -33.97 -23.78 -34.52
C GLN P 280 -33.42 -23.05 -35.76
N VAL P 281 -34.31 -22.76 -36.73
CA VAL P 281 -33.93 -22.40 -38.13
C VAL P 281 -34.42 -21.00 -38.58
N ILE P 282 -34.83 -20.14 -37.65
CA ILE P 282 -35.10 -18.72 -37.95
C ILE P 282 -33.78 -18.04 -38.31
N GLY P 283 -33.70 -17.30 -39.44
CA GLY P 283 -32.47 -16.62 -39.89
C GLY P 283 -31.37 -17.55 -40.42
N ASP P 284 -31.73 -18.74 -40.90
CA ASP P 284 -30.82 -19.81 -41.34
C ASP P 284 -30.21 -19.63 -42.74
N ILE P 285 -30.68 -18.65 -43.52
CA ILE P 285 -30.36 -18.49 -44.96
C ILE P 285 -29.02 -17.79 -45.28
N ARG P 286 -28.14 -17.59 -44.29
CA ARG P 286 -27.10 -16.54 -44.32
C ARG P 286 -25.67 -17.09 -44.28
N GLU P 287 -24.72 -16.33 -44.83
CA GLU P 287 -23.35 -16.75 -45.11
C GLU P 287 -22.38 -15.56 -44.93
N ALA P 288 -21.06 -15.81 -44.84
CA ALA P 288 -20.02 -14.79 -44.72
C ALA P 288 -19.96 -13.80 -45.91
N TYR P 289 -20.16 -14.24 -47.15
CA TYR P 289 -20.32 -13.36 -48.34
C TYR P 289 -19.30 -12.18 -48.43
N CYS P 290 -18.02 -12.42 -48.16
CA CYS P 290 -17.09 -11.33 -47.81
C CYS P 290 -16.69 -10.39 -48.97
N ASN P 291 -16.33 -9.14 -48.65
CA ASN P 291 -16.05 -8.08 -49.64
C ASN P 291 -14.92 -7.13 -49.20
N ILE P 292 -14.24 -6.53 -50.19
CA ILE P 292 -13.18 -5.53 -50.03
C ILE P 292 -13.24 -4.46 -51.16
N ASN P 293 -13.05 -3.19 -50.81
CA ASN P 293 -12.83 -2.08 -51.75
C ASN P 293 -11.51 -2.23 -52.53
N GLU P 294 -11.58 -2.95 -53.65
CA GLU P 294 -10.42 -3.43 -54.41
C GLU P 294 -9.30 -2.41 -54.60
N SER P 295 -9.59 -1.18 -55.02
CA SER P 295 -8.55 -0.18 -55.28
C SER P 295 -7.65 0.01 -54.05
N LYS P 296 -8.27 0.03 -52.86
CA LYS P 296 -7.58 0.24 -51.59
C LYS P 296 -6.70 -0.94 -51.19
N TRP P 297 -6.91 -2.11 -51.80
CA TRP P 297 -5.93 -3.20 -51.81
C TRP P 297 -4.90 -2.97 -52.92
N ASN P 298 -5.34 -2.72 -54.15
CA ASN P 298 -4.53 -2.64 -55.37
C ASN P 298 -3.32 -1.70 -55.24
N GLU P 299 -3.55 -0.52 -54.65
CA GLU P 299 -2.52 0.48 -54.34
C GLU P 299 -1.31 -0.13 -53.64
N THR P 300 -1.55 -0.99 -52.66
CA THR P 300 -0.42 -1.55 -51.90
C THR P 300 0.49 -2.36 -52.81
N LEU P 301 -0.03 -3.38 -53.50
CA LEU P 301 0.78 -4.24 -54.35
C LEU P 301 1.48 -3.43 -55.43
N GLN P 302 0.76 -2.51 -56.07
CA GLN P 302 1.32 -1.73 -57.16
C GLN P 302 2.43 -0.77 -56.68
N ARG P 303 2.42 -0.34 -55.42
CA ARG P 303 3.57 0.36 -54.80
C ARG P 303 4.66 -0.62 -54.39
N VAL P 304 4.24 -1.73 -53.81
CA VAL P 304 5.12 -2.73 -53.20
C VAL P 304 6.12 -3.26 -54.22
N SER P 305 5.74 -3.46 -55.49
CA SER P 305 6.71 -3.91 -56.48
C SER P 305 7.87 -2.94 -56.62
N LYS P 306 7.64 -1.62 -56.59
CA LYS P 306 8.73 -0.63 -56.56
C LYS P 306 9.60 -0.88 -55.33
N LYS P 307 9.00 -1.04 -54.15
CA LYS P 307 9.77 -1.30 -52.93
C LYS P 307 10.62 -2.56 -53.08
N LEU P 308 10.04 -3.63 -53.58
CA LEU P 308 10.78 -4.85 -53.82
C LEU P 308 11.88 -4.66 -54.86
N LYS P 309 11.74 -3.77 -55.85
CA LYS P 309 12.81 -3.47 -56.83
C LYS P 309 14.09 -2.97 -56.16
N GLU P 310 13.98 -2.35 -54.99
CA GLU P 310 15.15 -1.95 -54.19
C GLU P 310 15.85 -3.15 -53.56
N TYR P 311 15.11 -4.21 -53.19
CA TYR P 311 15.65 -5.41 -52.54
C TYR P 311 16.05 -6.51 -53.52
N PHE P 312 15.40 -6.60 -54.68
CA PHE P 312 15.60 -7.64 -55.70
C PHE P 312 15.58 -7.02 -57.13
N PRO P 313 16.75 -6.57 -57.64
CA PRO P 313 16.82 -5.71 -58.82
C PRO P 313 16.30 -6.33 -60.12
N HIS P 314 15.59 -5.51 -60.92
CA HIS P 314 15.17 -5.69 -62.33
C HIS P 314 14.25 -6.88 -62.66
N LYS P 315 14.32 -7.98 -61.91
CA LYS P 315 13.53 -9.22 -62.10
C LYS P 315 12.04 -8.92 -62.19
N ASN P 316 11.30 -9.72 -62.96
CA ASN P 316 9.87 -9.82 -62.71
C ASN P 316 9.67 -10.35 -61.30
N ILE P 317 8.62 -9.91 -60.63
CA ILE P 317 8.33 -10.23 -59.22
C ILE P 317 6.91 -10.80 -59.11
N THR P 318 6.58 -11.59 -58.08
CA THR P 318 5.28 -12.28 -57.97
C THR P 318 4.83 -12.50 -56.54
N PHE P 319 3.52 -12.42 -56.31
CA PHE P 319 2.84 -13.10 -55.22
C PHE P 319 2.03 -14.26 -55.80
N GLN P 320 1.89 -15.32 -55.02
CA GLN P 320 0.98 -16.42 -55.25
C GLN P 320 0.06 -16.58 -54.02
N PRO P 321 -1.08 -17.27 -54.14
CA PRO P 321 -1.91 -17.54 -52.99
C PRO P 321 -1.17 -18.29 -51.88
N SER P 322 -1.68 -18.23 -50.65
CA SER P 322 -1.04 -18.78 -49.46
C SER P 322 -0.70 -20.28 -49.55
N SER P 323 0.32 -20.73 -48.82
CA SER P 323 0.78 -22.11 -48.83
C SER P 323 -0.28 -23.10 -48.33
N GLY P 324 -0.17 -24.37 -48.74
CA GLY P 324 -1.07 -25.46 -48.32
C GLY P 324 -0.82 -26.02 -46.91
N GLY P 325 -1.45 -27.16 -46.60
CA GLY P 325 -1.50 -27.76 -45.26
C GLY P 325 -2.94 -27.75 -44.72
N ASP P 326 -3.10 -27.59 -43.40
CA ASP P 326 -4.42 -27.34 -42.79
C ASP P 326 -5.05 -26.04 -43.33
N LEU P 327 -6.38 -25.92 -43.24
CA LEU P 327 -7.11 -24.68 -43.52
C LEU P 327 -6.41 -23.46 -42.92
N GLU P 328 -5.94 -23.52 -41.68
CA GLU P 328 -5.28 -22.38 -41.03
C GLU P 328 -4.08 -21.88 -41.82
N ILE P 329 -3.19 -22.75 -42.31
CA ILE P 329 -2.05 -22.34 -43.13
C ILE P 329 -2.56 -21.80 -44.46
N THR P 330 -3.62 -22.42 -44.96
CA THR P 330 -4.30 -22.10 -46.19
C THR P 330 -5.08 -20.76 -46.11
N THR P 331 -5.09 -20.05 -44.97
CA THR P 331 -6.03 -18.93 -44.74
C THR P 331 -5.53 -17.80 -43.83
N HIS P 332 -6.14 -16.62 -43.97
CA HIS P 332 -6.19 -15.58 -42.93
C HIS P 332 -7.26 -15.96 -41.89
N SER P 333 -7.11 -15.55 -40.63
CA SER P 333 -7.92 -16.06 -39.49
C SER P 333 -8.57 -14.99 -38.64
N PHE P 334 -9.78 -15.26 -38.16
CA PHE P 334 -10.40 -14.47 -37.09
C PHE P 334 -11.51 -15.23 -36.33
N ASN P 335 -11.82 -14.77 -35.13
CA ASN P 335 -13.13 -14.96 -34.52
C ASN P 335 -13.59 -13.63 -33.88
N CYS P 336 -14.81 -13.20 -34.20
CA CYS P 336 -15.49 -12.02 -33.65
C CYS P 336 -15.74 -12.08 -32.12
N GLY P 337 -15.52 -13.22 -31.48
CA GLY P 337 -16.23 -13.62 -30.27
C GLY P 337 -17.66 -14.02 -30.64
N GLY P 338 -17.78 -15.07 -31.46
CA GLY P 338 -19.04 -15.59 -31.99
C GLY P 338 -18.90 -16.83 -32.90
N GLU P 339 -17.86 -16.93 -33.74
CA GLU P 339 -17.58 -18.08 -34.62
C GLU P 339 -16.13 -18.08 -35.18
N PHE P 340 -15.46 -19.22 -35.25
CA PHE P 340 -14.08 -19.35 -35.76
C PHE P 340 -14.02 -19.50 -37.28
N PHE P 341 -13.18 -18.70 -37.94
CA PHE P 341 -13.28 -18.45 -39.37
C PHE P 341 -11.94 -18.13 -40.04
N TYR P 342 -11.86 -18.49 -41.32
CA TYR P 342 -10.61 -18.70 -42.02
C TYR P 342 -10.79 -18.39 -43.53
N CYS P 343 -10.40 -17.20 -44.00
CA CYS P 343 -10.65 -16.78 -45.39
C CYS P 343 -9.52 -17.13 -46.38
N ASN P 344 -9.87 -17.32 -47.66
CA ASN P 344 -9.06 -18.01 -48.65
C ASN P 344 -7.95 -17.14 -49.25
N THR P 345 -6.96 -16.82 -48.44
CA THR P 345 -5.67 -16.30 -48.93
C THR P 345 -4.99 -17.28 -49.90
N SER P 346 -5.37 -18.56 -49.92
CA SER P 346 -4.96 -19.56 -50.90
C SER P 346 -5.73 -19.57 -52.22
N SER P 347 -6.69 -18.65 -52.45
CA SER P 347 -7.20 -18.33 -53.80
C SER P 347 -6.73 -16.94 -54.26
N LEU P 348 -6.73 -15.99 -53.34
CA LEU P 348 -6.37 -14.60 -53.55
C LEU P 348 -4.83 -14.44 -53.69
N PHE P 349 -4.32 -13.21 -53.82
CA PHE P 349 -2.87 -12.88 -53.78
C PHE P 349 -2.03 -13.48 -54.92
N ASN P 350 -2.58 -13.65 -56.13
CA ASN P 350 -1.95 -14.40 -57.23
C ASN P 350 -1.18 -13.57 -58.28
N ARG P 351 -0.78 -12.33 -57.98
CA ARG P 351 -0.34 -11.37 -59.01
C ARG P 351 1.16 -11.43 -59.31
N THR P 352 1.51 -11.32 -60.59
CA THR P 352 2.87 -10.97 -61.03
C THR P 352 3.02 -9.46 -61.24
N TYR P 353 4.27 -9.00 -61.35
CA TYR P 353 4.67 -7.60 -61.37
C TYR P 353 5.88 -7.41 -62.30
N MET P 354 5.72 -6.64 -63.37
CA MET P 354 6.84 -6.27 -64.25
C MET P 354 7.68 -5.15 -63.62
N ALA P 355 9.00 -5.13 -63.86
CA ALA P 355 9.93 -4.20 -63.18
C ALA P 355 11.18 -3.80 -64.00
N ASN P 356 11.08 -3.77 -65.33
CA ASN P 356 12.02 -3.05 -66.20
C ASN P 356 11.75 -1.52 -66.14
N SER P 357 11.88 -0.78 -67.24
CA SER P 357 11.29 0.55 -67.42
C SER P 357 9.75 0.48 -67.55
N THR P 358 9.10 -0.16 -66.57
CA THR P 358 7.70 -0.62 -66.62
C THR P 358 6.68 0.51 -66.59
N ASP P 359 5.58 0.32 -67.32
CA ASP P 359 4.36 1.14 -67.27
C ASP P 359 3.08 0.27 -67.40
N MET P 360 3.14 -0.99 -66.94
CA MET P 360 2.14 -2.03 -67.21
C MET P 360 2.21 -3.21 -66.20
N ALA P 361 1.16 -4.05 -66.22
CA ALA P 361 1.16 -5.43 -65.70
C ALA P 361 1.71 -5.60 -64.26
N ASN P 362 0.97 -5.10 -63.27
CA ASN P 362 1.38 -5.09 -61.86
C ASN P 362 0.22 -5.39 -60.88
N SER P 363 -0.96 -5.82 -61.34
CA SER P 363 -2.19 -5.80 -60.54
C SER P 363 -3.21 -6.89 -60.91
N THR P 364 -4.18 -7.08 -60.01
CA THR P 364 -5.53 -7.60 -60.29
C THR P 364 -6.19 -6.92 -61.51
N GLU P 365 -6.27 -5.59 -61.49
CA GLU P 365 -7.05 -4.75 -62.39
C GLU P 365 -6.54 -3.29 -62.41
N THR P 366 -7.06 -2.46 -63.31
CA THR P 366 -6.89 -0.99 -63.31
C THR P 366 -8.15 -0.29 -63.84
N ASN P 367 -8.48 0.88 -63.28
CA ASN P 367 -9.56 1.79 -63.71
C ASN P 367 -10.96 1.12 -63.85
N SER P 368 -11.58 0.74 -62.74
CA SER P 368 -12.98 0.23 -62.72
C SER P 368 -13.87 0.73 -61.57
N THR P 369 -13.32 1.30 -60.49
CA THR P 369 -13.99 1.50 -59.17
C THR P 369 -14.42 0.16 -58.57
N ARG P 370 -15.72 -0.18 -58.60
CA ARG P 370 -16.30 -1.54 -58.56
C ARG P 370 -16.16 -2.35 -57.25
N THR P 371 -15.01 -2.35 -56.58
CA THR P 371 -14.64 -3.22 -55.44
C THR P 371 -14.60 -4.71 -55.80
N ILE P 372 -14.47 -5.62 -54.81
CA ILE P 372 -14.52 -7.07 -55.02
C ILE P 372 -15.23 -7.82 -53.88
N THR P 373 -15.64 -9.05 -54.19
CA THR P 373 -16.13 -10.06 -53.24
C THR P 373 -15.24 -11.32 -53.23
N ILE P 374 -15.17 -12.00 -52.08
CA ILE P 374 -14.28 -13.12 -51.76
C ILE P 374 -15.03 -14.14 -50.88
N HIS P 375 -14.59 -15.40 -50.90
CA HIS P 375 -15.23 -16.50 -50.17
C HIS P 375 -14.30 -17.16 -49.15
N CYS P 376 -14.88 -17.63 -48.04
CA CYS P 376 -14.16 -17.90 -46.81
C CYS P 376 -14.78 -19.07 -46.02
N ARG P 377 -13.97 -19.78 -45.23
CA ARG P 377 -14.38 -21.01 -44.54
C ARG P 377 -14.60 -20.80 -43.02
N ILE P 378 -15.30 -21.75 -42.40
CA ILE P 378 -15.57 -21.84 -40.95
C ILE P 378 -15.01 -23.17 -40.43
N LYS P 379 -14.53 -23.19 -39.17
CA LYS P 379 -14.12 -24.44 -38.48
C LYS P 379 -14.63 -24.42 -37.03
N GLN P 380 -15.75 -25.08 -36.73
CA GLN P 380 -16.38 -25.00 -35.40
C GLN P 380 -15.77 -25.92 -34.33
N ILE P 381 -14.91 -26.88 -34.70
CA ILE P 381 -14.12 -27.68 -33.76
C ILE P 381 -12.65 -27.34 -34.00
N ILE P 382 -11.94 -26.84 -32.98
CA ILE P 382 -10.65 -26.15 -33.18
C ILE P 382 -9.60 -26.72 -32.23
N ASN P 383 -8.37 -26.94 -32.72
CA ASN P 383 -7.15 -26.93 -31.90
C ASN P 383 -6.93 -25.49 -31.39
N MET P 384 -7.72 -25.11 -30.39
CA MET P 384 -8.04 -23.73 -30.01
C MET P 384 -6.82 -22.84 -29.77
N TRP P 385 -5.71 -23.43 -29.33
CA TRP P 385 -4.42 -22.80 -29.32
C TRP P 385 -3.42 -23.65 -30.10
N GLN P 386 -2.78 -23.07 -31.12
CA GLN P 386 -1.68 -23.73 -31.83
C GLN P 386 -0.52 -24.05 -30.89
N GLU P 387 0.24 -25.10 -31.20
CA GLU P 387 1.37 -25.57 -30.40
C GLU P 387 1.04 -26.08 -28.98
N VAL P 388 -0.23 -26.46 -28.73
CA VAL P 388 -0.66 -27.14 -27.49
C VAL P 388 -1.74 -28.18 -27.82
N GLY P 389 -1.83 -29.27 -27.05
CA GLY P 389 -2.82 -30.37 -27.23
C GLY P 389 -4.26 -30.06 -26.82
N ARG P 390 -4.69 -28.80 -26.92
CA ARG P 390 -6.00 -28.29 -26.45
C ARG P 390 -7.00 -28.18 -27.59
N ALA P 391 -8.23 -28.69 -27.41
CA ALA P 391 -9.28 -28.53 -28.40
C ALA P 391 -10.68 -28.28 -27.82
N MET P 392 -11.47 -27.53 -28.59
CA MET P 392 -12.82 -27.06 -28.24
C MET P 392 -13.80 -27.18 -29.40
N TYR P 393 -15.01 -27.63 -29.11
CA TYR P 393 -16.21 -27.41 -29.92
C TYR P 393 -16.79 -26.03 -29.53
N ALA P 394 -16.84 -25.07 -30.45
CA ALA P 394 -17.11 -23.67 -30.13
C ALA P 394 -18.57 -23.39 -29.71
N PRO P 395 -18.82 -22.51 -28.71
CA PRO P 395 -20.17 -22.06 -28.34
C PRO P 395 -20.68 -20.94 -29.27
N PRO P 396 -21.78 -21.13 -30.03
CA PRO P 396 -22.28 -20.13 -31.00
C PRO P 396 -23.02 -18.93 -30.37
N ILE P 397 -23.26 -17.88 -31.16
CA ILE P 397 -24.04 -16.68 -30.78
C ILE P 397 -25.07 -16.34 -31.89
N ALA P 398 -26.26 -15.89 -31.49
CA ALA P 398 -27.39 -15.57 -32.37
C ALA P 398 -27.15 -14.36 -33.32
N GLY P 399 -27.94 -14.28 -34.39
CA GLY P 399 -28.10 -13.11 -35.27
C GLY P 399 -26.84 -12.60 -35.98
N ASN P 400 -26.86 -11.33 -36.42
CA ASN P 400 -25.66 -10.57 -36.75
C ASN P 400 -24.99 -10.01 -35.48
N ILE P 401 -23.69 -9.73 -35.57
CA ILE P 401 -22.87 -9.18 -34.48
C ILE P 401 -22.19 -7.88 -34.96
N THR P 402 -21.93 -6.95 -34.03
CA THR P 402 -21.07 -5.78 -34.25
C THR P 402 -19.61 -6.22 -34.48
N CYS P 403 -19.27 -6.57 -35.72
CA CYS P 403 -17.93 -6.93 -36.17
C CYS P 403 -17.70 -6.53 -37.63
N ILE P 404 -16.43 -6.30 -37.96
CA ILE P 404 -15.76 -5.92 -39.23
C ILE P 404 -14.35 -5.49 -38.81
N SER P 405 -13.39 -5.36 -39.72
CA SER P 405 -12.07 -4.80 -39.33
C SER P 405 -11.37 -4.03 -40.45
N ASN P 406 -10.16 -3.53 -40.19
CA ASN P 406 -9.27 -3.01 -41.22
C ASN P 406 -7.81 -3.37 -40.93
N ILE P 407 -6.98 -3.38 -41.97
CA ILE P 407 -5.71 -4.12 -42.00
C ILE P 407 -4.55 -3.15 -41.80
N THR P 408 -3.66 -3.47 -40.88
CA THR P 408 -2.45 -2.70 -40.57
C THR P 408 -1.22 -3.21 -41.32
N GLY P 409 -1.20 -4.47 -41.72
CA GLY P 409 -0.01 -5.08 -42.31
C GLY P 409 -0.19 -6.50 -42.78
N LEU P 410 0.82 -6.99 -43.48
CA LEU P 410 0.88 -8.34 -44.00
C LEU P 410 1.95 -9.14 -43.28
N LEU P 411 1.66 -10.41 -43.02
CA LEU P 411 2.65 -11.42 -42.66
C LEU P 411 2.99 -12.21 -43.93
N LEU P 412 4.26 -12.44 -44.20
CA LEU P 412 4.71 -12.76 -45.55
C LEU P 412 5.90 -13.74 -45.55
N THR P 413 6.04 -14.51 -46.63
CA THR P 413 7.20 -15.39 -46.88
C THR P 413 7.52 -15.46 -48.38
N ARG P 414 8.80 -15.62 -48.75
CA ARG P 414 9.31 -15.51 -50.15
C ARG P 414 9.46 -16.87 -50.85
N ASP P 415 8.43 -17.71 -50.75
CA ASP P 415 8.44 -19.09 -51.25
C ASP P 415 8.82 -19.17 -52.75
N GLY P 416 9.80 -20.00 -53.10
CA GLY P 416 10.24 -20.23 -54.50
C GLY P 416 11.30 -19.24 -55.03
N GLY P 417 11.87 -18.40 -54.18
CA GLY P 417 12.76 -17.26 -54.54
C GLY P 417 14.16 -17.61 -55.06
N LYS P 418 14.30 -18.56 -55.98
CA LYS P 418 15.56 -18.88 -56.71
C LYS P 418 15.46 -18.73 -58.24
N ASN P 419 14.36 -18.17 -58.76
CA ASN P 419 14.14 -17.98 -60.20
C ASN P 419 13.35 -16.68 -60.49
N ASN P 420 13.51 -16.14 -61.70
CA ASN P 420 12.79 -14.94 -62.15
C ASN P 420 11.26 -15.12 -62.09
N THR P 421 10.50 -14.02 -62.06
CA THR P 421 9.14 -13.93 -61.48
C THR P 421 9.18 -14.09 -59.94
N GLU P 422 10.15 -13.46 -59.29
CA GLU P 422 10.56 -13.64 -57.90
C GLU P 422 9.38 -13.68 -56.93
N THR P 423 9.17 -14.83 -56.30
CA THR P 423 7.89 -15.29 -55.75
C THR P 423 7.71 -15.09 -54.23
N PHE P 424 6.47 -14.82 -53.81
CA PHE P 424 6.07 -14.63 -52.41
C PHE P 424 4.68 -15.21 -52.13
N ARG P 425 4.37 -15.46 -50.86
CA ARG P 425 3.03 -15.83 -50.41
C ARG P 425 2.67 -15.09 -49.12
N PRO P 426 1.38 -14.87 -48.86
CA PRO P 426 0.89 -14.40 -47.58
C PRO P 426 0.91 -15.56 -46.58
N GLY P 427 1.21 -15.26 -45.31
CA GLY P 427 1.43 -16.25 -44.26
C GLY P 427 2.89 -16.64 -44.03
N GLY P 428 3.09 -17.59 -43.11
CA GLY P 428 4.36 -17.90 -42.47
C GLY P 428 4.39 -17.41 -41.01
N GLY P 429 5.60 -17.22 -40.46
CA GLY P 429 5.82 -16.62 -39.15
C GLY P 429 5.45 -17.48 -37.94
N ASN P 430 6.06 -17.16 -36.79
CA ASN P 430 5.66 -17.68 -35.50
C ASN P 430 4.32 -17.06 -35.12
N MET P 431 3.51 -17.71 -34.28
CA MET P 431 2.34 -17.04 -33.72
C MET P 431 2.73 -15.76 -32.95
N LYS P 432 3.94 -15.74 -32.36
CA LYS P 432 4.56 -14.57 -31.69
C LYS P 432 4.59 -13.32 -32.57
N ASP P 433 4.77 -13.47 -33.86
CA ASP P 433 5.16 -12.33 -34.68
C ASP P 433 4.02 -11.33 -34.92
N ASN P 434 2.78 -11.70 -34.58
CA ASN P 434 1.69 -10.77 -34.35
C ASN P 434 2.18 -9.59 -33.50
N TRP P 435 2.78 -9.89 -32.35
CA TRP P 435 3.28 -8.88 -31.44
C TRP P 435 4.58 -8.21 -31.89
N ARG P 436 5.15 -8.49 -33.06
CA ARG P 436 6.20 -7.58 -33.57
C ARG P 436 5.62 -6.18 -33.84
N SER P 437 4.34 -6.11 -34.20
CA SER P 437 3.67 -4.89 -34.63
C SER P 437 3.88 -3.73 -33.66
N GLU P 438 4.30 -2.58 -34.20
CA GLU P 438 4.81 -1.38 -33.52
C GLU P 438 6.03 -1.58 -32.60
N LEU P 439 6.23 -2.73 -31.95
CA LEU P 439 7.24 -2.90 -30.91
C LEU P 439 8.67 -2.60 -31.39
N TYR P 440 8.90 -2.59 -32.69
CA TYR P 440 10.13 -2.07 -33.29
C TYR P 440 10.50 -0.66 -32.84
N LYS P 441 9.57 0.12 -32.30
CA LYS P 441 9.89 1.42 -31.70
C LYS P 441 10.79 1.34 -30.45
N TYR P 442 10.89 0.22 -29.72
CA TYR P 442 11.38 0.26 -28.34
C TYR P 442 12.59 -0.60 -28.03
N LYS P 443 13.33 -0.22 -26.98
CA LYS P 443 14.19 -1.13 -26.20
C LYS P 443 14.24 -0.75 -24.73
N VAL P 444 14.62 -1.69 -23.87
CA VAL P 444 14.65 -1.52 -22.42
C VAL P 444 16.08 -1.49 -21.92
N VAL P 445 16.42 -0.54 -21.04
CA VAL P 445 17.77 -0.37 -20.50
C VAL P 445 17.76 -0.25 -18.99
N LYS P 446 18.87 -0.61 -18.36
CA LYS P 446 19.14 -0.44 -16.92
C LYS P 446 20.14 0.71 -16.75
N ILE P 447 19.87 1.67 -15.86
CA ILE P 447 20.79 2.78 -15.55
C ILE P 447 21.95 2.32 -14.67
N GLU P 448 23.14 2.89 -14.81
CA GLU P 448 24.32 2.51 -14.00
C GLU P 448 25.00 3.76 -13.44
N PRO P 449 24.51 4.31 -12.32
CA PRO P 449 24.79 5.68 -11.90
C PRO P 449 26.21 6.07 -11.46
N LEU P 450 27.25 5.29 -11.75
CA LEU P 450 28.63 5.68 -11.43
C LEU P 450 29.66 5.12 -12.40
N GLY P 451 30.82 5.77 -12.48
CA GLY P 451 31.89 5.41 -13.42
C GLY P 451 33.23 6.00 -13.03
N VAL P 452 34.30 5.56 -13.69
CA VAL P 452 35.69 5.81 -13.29
C VAL P 452 36.52 6.31 -14.47
N ALA P 453 37.47 7.22 -14.24
CA ALA P 453 38.30 7.85 -15.28
C ALA P 453 39.71 8.24 -14.77
N PRO P 454 40.68 8.50 -15.67
CA PRO P 454 41.95 9.10 -15.28
C PRO P 454 41.79 10.59 -15.01
N THR P 455 42.74 11.17 -14.27
CA THR P 455 42.86 12.61 -14.04
C THR P 455 44.29 13.00 -13.72
N ARG P 456 44.58 14.29 -13.84
CA ARG P 456 45.79 14.93 -13.34
C ARG P 456 45.80 15.13 -11.82
N CYS P 457 44.65 15.20 -11.15
CA CYS P 457 44.60 15.45 -9.71
C CYS P 457 45.14 14.27 -8.88
N LYS P 458 46.27 14.47 -8.20
CA LYS P 458 46.81 13.50 -7.23
C LYS P 458 46.13 13.72 -5.87
N ARG P 459 45.57 12.68 -5.26
CA ARG P 459 44.87 12.76 -3.96
C ARG P 459 45.83 13.06 -2.83
N ARG P 460 45.34 13.81 -1.84
CA ARG P 460 45.85 13.90 -0.46
C ARG P 460 46.18 12.52 0.15
N VAL P 461 47.11 12.54 1.10
CA VAL P 461 47.59 11.42 1.94
C VAL P 461 47.80 11.84 3.39
N ALA Q 1 12.29 5.64 22.07
CA ALA Q 1 12.00 7.06 21.78
C ALA Q 1 13.05 7.67 20.84
N VAL Q 2 12.67 8.72 20.10
CA VAL Q 2 13.50 9.44 19.12
C VAL Q 2 13.07 10.92 19.03
N GLY Q 3 13.95 11.81 18.58
CA GLY Q 3 13.62 13.23 18.37
C GLY Q 3 12.55 13.45 17.30
N ILE Q 4 11.84 14.58 17.36
CA ILE Q 4 10.63 14.85 16.56
C ILE Q 4 10.39 16.35 16.30
N GLY Q 5 10.58 16.80 15.06
CA GLY Q 5 9.87 17.94 14.50
C GLY Q 5 8.71 17.36 13.71
N ALA Q 6 9.01 16.87 12.52
CA ALA Q 6 8.25 15.75 11.94
C ALA Q 6 8.84 14.45 12.49
N VAL Q 7 8.32 13.30 12.09
CA VAL Q 7 8.68 11.97 12.65
C VAL Q 7 10.20 11.71 12.75
N PHE Q 8 11.02 12.32 11.89
CA PHE Q 8 12.44 12.57 12.17
C PHE Q 8 13.02 13.87 11.59
N LEU Q 9 12.27 14.69 10.83
CA LEU Q 9 12.74 16.02 10.40
C LEU Q 9 12.80 16.99 11.59
N GLY Q 10 13.82 17.85 11.63
CA GLY Q 10 13.95 18.95 12.59
C GLY Q 10 13.88 18.48 14.04
N PHE Q 11 15.00 17.97 14.58
CA PHE Q 11 15.01 16.97 15.66
C PHE Q 11 14.28 17.32 16.97
N LEU Q 12 13.86 18.57 17.16
CA LEU Q 12 12.69 18.89 17.98
C LEU Q 12 11.87 19.98 17.26
N GLY Q 13 10.55 19.82 17.16
CA GLY Q 13 9.68 20.82 16.55
C GLY Q 13 9.73 22.14 17.33
N ALA Q 14 9.76 22.05 18.65
CA ALA Q 14 9.99 23.18 19.53
C ALA Q 14 11.44 23.66 19.46
N ALA Q 15 11.62 24.95 19.17
CA ALA Q 15 12.92 25.60 19.20
C ALA Q 15 13.42 25.81 20.63
N GLY Q 16 14.72 25.65 20.87
CA GLY Q 16 15.36 25.92 22.17
C GLY Q 16 15.54 27.41 22.51
N SER Q 17 14.65 28.29 22.05
CA SER Q 17 14.63 29.76 22.22
C SER Q 17 15.79 30.58 21.64
N THR Q 18 17.00 30.07 21.53
CA THR Q 18 18.19 30.93 21.45
C THR Q 18 19.32 30.26 20.70
N MET Q 19 19.74 30.88 19.60
CA MET Q 19 20.68 30.33 18.61
C MET Q 19 22.03 29.91 19.18
N GLY Q 20 22.37 30.38 20.37
CA GLY Q 20 23.43 29.80 21.18
C GLY Q 20 23.09 28.38 21.63
N ALA Q 21 22.79 28.19 22.92
CA ALA Q 21 22.79 26.88 23.55
C ALA Q 21 21.93 25.85 22.80
N ALA Q 22 20.81 26.25 22.23
CA ALA Q 22 19.93 25.33 21.50
C ALA Q 22 20.68 24.57 20.40
N SER Q 23 21.64 25.22 19.76
CA SER Q 23 22.45 24.56 18.74
C SER Q 23 23.26 23.42 19.34
N MET Q 24 23.86 23.63 20.50
CA MET Q 24 24.56 22.57 21.20
C MET Q 24 23.56 21.48 21.61
N THR Q 25 22.40 21.87 22.16
CA THR Q 25 21.41 20.87 22.58
C THR Q 25 20.93 20.04 21.41
N LEU Q 26 20.77 20.60 20.21
CA LEU Q 26 20.35 19.82 19.05
C LEU Q 26 21.27 18.64 18.77
N THR Q 27 22.59 18.81 18.93
CA THR Q 27 23.53 17.71 18.73
C THR Q 27 23.31 16.60 19.76
N VAL Q 28 23.13 16.94 21.03
CA VAL Q 28 22.79 15.97 22.08
C VAL Q 28 21.40 15.37 21.83
N GLN Q 29 20.46 16.14 21.29
CA GLN Q 29 19.13 15.66 20.95
C GLN Q 29 19.19 14.67 19.79
N ALA Q 30 20.08 14.88 18.84
CA ALA Q 30 20.39 13.88 17.83
C ALA Q 30 21.10 12.65 18.43
N ARG Q 31 21.93 12.86 19.47
CA ARG Q 31 22.66 11.78 20.16
C ARG Q 31 21.71 10.86 20.94
N ASN Q 32 20.75 11.40 21.69
CA ASN Q 32 19.77 10.58 22.40
C ASN Q 32 18.72 10.01 21.45
N LEU Q 33 18.56 8.69 21.47
CA LEU Q 33 17.84 7.91 20.45
C LEU Q 33 17.20 6.66 21.08
N GLN Q 52 -19.07 -1.68 7.39
CA GLN Q 52 -17.65 -2.03 7.29
C GLN Q 52 -16.75 -1.25 8.25
N HIS Q 53 -15.47 -1.65 8.32
CA HIS Q 53 -14.40 -0.80 8.87
C HIS Q 53 -13.04 -1.07 8.20
N LEU Q 54 -12.71 -2.35 7.97
CA LEU Q 54 -11.37 -2.73 7.49
C LEU Q 54 -11.10 -2.33 6.04
N LEU Q 55 -12.09 -2.42 5.14
CA LEU Q 55 -11.83 -2.29 3.70
C LEU Q 55 -11.26 -0.91 3.37
N LYS Q 56 -11.94 0.18 3.75
CA LYS Q 56 -11.40 1.54 3.52
C LYS Q 56 -10.23 1.86 4.46
N LEU Q 57 -10.04 1.19 5.59
CA LEU Q 57 -8.82 1.27 6.39
C LEU Q 57 -7.57 0.78 5.61
N THR Q 58 -7.69 -0.29 4.81
CA THR Q 58 -6.58 -0.70 3.90
C THR Q 58 -6.31 0.31 2.78
N VAL Q 59 -7.20 1.29 2.56
CA VAL Q 59 -6.93 2.48 1.73
C VAL Q 59 -6.32 3.61 2.56
N TRP Q 60 -6.76 3.81 3.81
CA TRP Q 60 -6.17 4.81 4.72
C TRP Q 60 -4.68 4.61 4.90
N GLY Q 61 -4.24 3.36 4.93
CA GLY Q 61 -2.84 2.94 4.83
C GLY Q 61 -2.18 3.21 3.48
N ILE Q 62 -2.22 4.46 3.01
CA ILE Q 62 -1.43 4.95 1.88
C ILE Q 62 -0.71 6.23 2.26
N LYS Q 63 -1.42 7.27 2.72
CA LYS Q 63 -0.85 8.62 2.71
C LYS Q 63 0.26 8.81 3.74
N GLN Q 64 0.17 8.20 4.92
CA GLN Q 64 1.28 8.15 5.87
C GLN Q 64 2.50 7.43 5.28
N LEU Q 65 2.31 6.42 4.43
CA LEU Q 65 3.43 5.83 3.72
C LEU Q 65 4.07 6.88 2.83
N GLN Q 66 3.26 7.54 2.00
CA GLN Q 66 3.74 8.62 1.12
C GLN Q 66 4.50 9.67 1.92
N ALA Q 67 4.00 10.02 3.10
CA ALA Q 67 4.65 10.96 3.98
C ALA Q 67 6.04 10.46 4.40
N ARG Q 68 6.16 9.25 4.95
CA ARG Q 68 7.47 8.77 5.40
C ARG Q 68 8.46 8.74 4.23
N VAL Q 69 8.02 8.30 3.05
CA VAL Q 69 8.85 8.29 1.85
C VAL Q 69 9.29 9.71 1.47
N LEU Q 70 8.38 10.67 1.47
CA LEU Q 70 8.69 12.05 1.13
C LEU Q 70 9.70 12.65 2.11
N ALA Q 71 9.57 12.31 3.39
CA ALA Q 71 10.51 12.78 4.39
C ALA Q 71 11.92 12.32 4.05
N VAL Q 72 12.09 11.02 3.78
CA VAL Q 72 13.37 10.47 3.33
C VAL Q 72 13.85 11.19 2.07
N GLU Q 73 12.97 11.37 1.09
CA GLU Q 73 13.32 12.01 -0.17
C GLU Q 73 13.88 13.43 0.08
N ARG Q 74 13.16 14.22 0.88
CA ARG Q 74 13.58 15.57 1.20
C ARG Q 74 14.92 15.55 1.93
N TYR Q 75 15.02 14.72 2.97
CA TYR Q 75 16.20 14.61 3.82
C TYR Q 75 17.46 14.25 3.01
N LEU Q 76 17.34 13.32 2.06
CA LEU Q 76 18.46 12.94 1.21
C LEU Q 76 18.82 14.05 0.22
N ARG Q 77 17.84 14.73 -0.39
CA ARG Q 77 18.15 15.92 -1.20
C ARG Q 77 18.89 16.94 -0.35
N ASP Q 78 18.44 17.19 0.87
CA ASP Q 78 19.11 18.11 1.79
C ASP Q 78 20.55 17.67 2.09
N GLN Q 79 20.75 16.42 2.49
CA GLN Q 79 22.09 15.92 2.78
C GLN Q 79 22.99 15.99 1.54
N GLN Q 80 22.45 15.87 0.34
CA GLN Q 80 23.25 16.02 -0.87
C GLN Q 80 23.78 17.44 -1.02
N LEU Q 81 23.01 18.45 -0.61
CA LEU Q 81 23.48 19.83 -0.64
C LEU Q 81 24.61 20.05 0.37
N LEU Q 82 24.51 19.45 1.55
CA LEU Q 82 25.62 19.45 2.51
C LEU Q 82 26.86 18.75 1.90
N GLY Q 83 26.63 17.62 1.25
CA GLY Q 83 27.68 16.83 0.59
C GLY Q 83 28.49 17.66 -0.39
N ILE Q 84 27.83 18.35 -1.35
CA ILE Q 84 28.56 19.20 -2.29
C ILE Q 84 29.27 20.36 -1.59
N TRP Q 85 28.74 20.89 -0.49
CA TRP Q 85 29.45 21.86 0.36
C TRP Q 85 30.59 21.25 1.17
N GLY Q 86 30.90 19.97 1.01
CA GLY Q 86 32.04 19.36 1.68
C GLY Q 86 31.86 19.30 3.20
N CYS Q 87 30.64 19.02 3.67
CA CYS Q 87 30.41 18.48 5.01
C CYS Q 87 29.32 17.41 4.95
N SER Q 88 29.32 16.44 5.85
CA SER Q 88 28.20 15.50 6.00
C SER Q 88 28.11 15.03 7.43
N GLY Q 89 26.94 14.58 7.88
CA GLY Q 89 26.66 14.45 9.31
C GLY Q 89 26.79 15.82 9.95
N LYS Q 90 27.79 16.00 10.81
CA LYS Q 90 28.35 17.31 11.24
C LYS Q 90 27.28 18.38 11.41
N LEU Q 91 26.35 18.16 12.33
CA LEU Q 91 25.12 18.96 12.40
C LEU Q 91 25.39 20.44 12.69
N ILE Q 92 26.60 20.79 13.10
CA ILE Q 92 27.20 22.09 12.80
C ILE Q 92 28.50 21.84 12.04
N CYS Q 93 28.82 22.64 11.02
CA CYS Q 93 30.09 22.52 10.28
C CYS Q 93 30.71 23.86 9.92
N CYS Q 94 32.02 23.93 9.97
CA CYS Q 94 32.82 25.13 9.69
C CYS Q 94 33.36 25.16 8.25
N THR Q 95 33.77 26.33 7.75
CA THR Q 95 34.17 26.56 6.36
C THR Q 95 35.47 27.34 6.27
N ASN Q 96 35.79 27.85 5.07
CA ASN Q 96 36.79 28.91 4.88
C ASN Q 96 36.19 30.07 4.08
N VAL Q 97 34.89 30.31 4.26
CA VAL Q 97 34.16 31.38 3.57
C VAL Q 97 34.04 32.59 4.50
N PRO Q 98 34.38 33.81 4.05
CA PRO Q 98 34.28 35.01 4.85
C PRO Q 98 32.88 35.62 4.79
N TRP Q 99 32.63 36.53 5.73
CA TRP Q 99 31.42 37.33 5.85
C TRP Q 99 31.81 38.77 6.17
N ASN Q 100 31.82 39.68 5.18
CA ASN Q 100 32.50 40.99 5.34
C ASN Q 100 31.66 42.03 6.08
N SER Q 101 31.38 41.77 7.37
CA SER Q 101 30.93 42.72 8.40
C SER Q 101 29.78 43.64 7.96
N SER Q 102 28.83 43.12 7.17
CA SER Q 102 27.74 43.94 6.60
C SER Q 102 26.55 43.12 6.08
N TRP Q 103 25.84 42.41 6.97
CA TRP Q 103 24.45 41.98 6.71
C TRP Q 103 23.48 42.20 7.90
N SER Q 104 23.98 42.39 9.12
CA SER Q 104 23.28 43.03 10.25
C SER Q 104 24.29 43.43 11.31
N ASN Q 105 25.30 42.57 11.51
CA ASN Q 105 26.49 42.78 12.35
C ASN Q 105 26.20 42.80 13.86
N ARG Q 106 24.99 42.38 14.24
CA ARG Q 106 24.58 42.24 15.63
C ARG Q 106 25.62 41.44 16.38
N ASN Q 107 25.97 41.91 17.57
CA ASN Q 107 27.07 41.34 18.33
C ASN Q 107 26.75 39.86 18.68
N LEU Q 108 27.76 39.00 18.59
CA LEU Q 108 27.52 37.57 18.36
C LEU Q 108 26.83 36.90 19.55
N SER Q 109 27.20 37.29 20.76
CA SER Q 109 26.46 36.93 21.98
C SER Q 109 25.00 37.34 21.88
N GLU Q 110 24.72 38.58 21.49
CA GLU Q 110 23.36 39.08 21.34
C GLU Q 110 22.57 38.31 20.29
N ILE Q 111 23.20 37.88 19.19
CA ILE Q 111 22.51 36.93 18.28
C ILE Q 111 22.17 35.64 19.03
N TRP Q 112 23.19 34.98 19.57
CA TRP Q 112 23.06 33.68 20.23
C TRP Q 112 22.01 33.72 21.35
N ASP Q 113 21.96 34.81 22.11
CA ASP Q 113 21.17 34.99 23.34
C ASP Q 113 19.80 35.62 23.10
N ASN Q 114 19.58 36.35 22.00
CA ASN Q 114 18.36 37.14 21.79
C ASN Q 114 17.59 36.73 20.52
N MET Q 115 18.21 35.99 19.60
CA MET Q 115 17.57 35.52 18.38
C MET Q 115 17.29 34.01 18.43
N THR Q 116 16.04 33.66 18.10
CA THR Q 116 15.72 32.38 17.48
C THR Q 116 16.15 32.41 16.02
N TRP Q 117 16.32 31.23 15.44
CA TRP Q 117 16.38 31.13 13.98
C TRP Q 117 15.13 31.73 13.35
N LEU Q 118 13.96 31.56 13.98
CA LEU Q 118 12.72 32.25 13.66
C LEU Q 118 12.73 33.77 13.97
N GLN Q 119 13.91 34.38 14.08
CA GLN Q 119 14.14 35.82 13.96
C GLN Q 119 15.23 36.11 12.91
N TRP Q 120 16.28 35.30 12.85
CA TRP Q 120 17.29 35.36 11.79
C TRP Q 120 16.66 35.11 10.42
N ASP Q 121 15.52 34.42 10.41
CA ASP Q 121 14.60 34.22 9.28
C ASP Q 121 14.08 35.53 8.66
N LYS Q 122 14.23 36.66 9.35
CA LYS Q 122 13.70 37.97 8.97
C LYS Q 122 14.78 39.05 9.03
N GLU Q 123 15.55 39.12 10.13
CA GLU Q 123 16.66 40.08 10.22
C GLU Q 123 17.79 39.72 9.23
N ILE Q 124 17.91 38.42 8.92
CA ILE Q 124 18.75 37.86 7.88
C ILE Q 124 17.81 37.09 6.92
N SER Q 125 18.35 36.21 6.07
CA SER Q 125 17.66 35.47 5.00
C SER Q 125 17.59 36.18 3.65
N ASN Q 126 17.21 35.42 2.62
CA ASN Q 126 17.29 35.72 1.18
C ASN Q 126 18.61 36.25 0.60
N TYR Q 127 19.65 36.44 1.42
CA TYR Q 127 21.04 36.30 0.98
C TYR Q 127 21.41 34.83 0.68
N THR Q 128 20.50 33.90 0.94
CA THR Q 128 20.66 32.44 0.87
C THR Q 128 21.29 31.99 -0.42
N GLN Q 129 20.75 32.38 -1.57
CA GLN Q 129 21.28 31.91 -2.84
C GLN Q 129 22.75 32.29 -2.99
N ILE Q 130 23.10 33.54 -2.68
CA ILE Q 130 24.48 34.02 -2.71
C ILE Q 130 25.34 33.16 -1.77
N ILE Q 131 24.89 32.99 -0.53
CA ILE Q 131 25.64 32.23 0.46
C ILE Q 131 25.86 30.78 -0.03
N TYR Q 132 24.83 30.13 -0.56
CA TYR Q 132 24.95 28.78 -1.09
C TYR Q 132 25.99 28.73 -2.22
N GLY Q 133 26.00 29.77 -3.06
CA GLY Q 133 27.02 29.96 -4.06
C GLY Q 133 28.41 30.00 -3.43
N LEU Q 134 28.62 30.89 -2.46
CA LEU Q 134 29.92 31.05 -1.82
C LEU Q 134 30.40 29.72 -1.26
N LEU Q 135 29.50 28.98 -0.59
CA LEU Q 135 29.83 27.69 -0.05
C LEU Q 135 30.30 26.75 -1.15
N GLU Q 136 29.50 26.57 -2.19
CA GLU Q 136 29.88 25.61 -3.22
C GLU Q 136 31.18 26.01 -3.91
N GLU Q 137 31.26 27.27 -4.31
CA GLU Q 137 32.36 27.73 -5.15
C GLU Q 137 33.66 27.60 -4.36
N SER Q 138 33.63 28.06 -3.11
CA SER Q 138 34.81 27.95 -2.27
C SER Q 138 35.17 26.49 -2.09
N GLN Q 139 34.20 25.61 -1.82
CA GLN Q 139 34.51 24.21 -1.58
C GLN Q 139 35.24 23.62 -2.77
N ASN Q 140 34.66 23.76 -3.97
CA ASN Q 140 35.26 23.12 -5.11
C ASN Q 140 36.66 23.70 -5.37
N GLN Q 141 36.80 25.01 -5.24
CA GLN Q 141 38.03 25.69 -5.57
C GLN Q 141 39.13 25.29 -4.57
N GLN Q 142 38.78 25.20 -3.29
CA GLN Q 142 39.70 24.72 -2.27
C GLN Q 142 40.12 23.28 -2.51
N GLU Q 143 39.21 22.34 -2.72
CA GLU Q 143 39.65 20.95 -2.84
C GLU Q 143 40.43 20.71 -4.12
N LYS Q 144 40.17 21.49 -5.17
CA LYS Q 144 41.07 21.56 -6.32
C LYS Q 144 42.43 22.14 -5.96
N ASN Q 145 42.55 23.19 -5.13
CA ASN Q 145 43.86 23.77 -4.78
C ASN Q 145 44.84 22.73 -4.24
N GLU Q 146 44.44 21.94 -3.23
CA GLU Q 146 45.31 20.93 -2.67
C GLU Q 146 45.69 19.87 -3.73
N GLN Q 147 44.71 19.38 -4.49
CA GLN Q 147 44.92 18.37 -5.52
C GLN Q 147 45.75 18.89 -6.72
N ASP Q 148 45.71 20.19 -7.01
CA ASP Q 148 46.55 20.87 -7.99
C ASP Q 148 47.97 21.07 -7.47
N LEU Q 149 48.13 21.48 -6.21
CA LEU Q 149 49.44 21.60 -5.57
C LEU Q 149 50.14 20.24 -5.46
N LEU Q 150 49.37 19.16 -5.29
CA LEU Q 150 49.86 17.77 -5.32
C LEU Q 150 50.10 17.21 -6.74
N ALA Q 151 49.63 17.87 -7.80
CA ALA Q 151 49.50 17.24 -9.12
C ALA Q 151 50.82 16.93 -9.88
N LEU Q 152 51.94 17.58 -9.52
CA LEU Q 152 53.19 17.51 -10.30
C LEU Q 152 53.91 16.16 -10.16
N ASP Q 153 54.44 15.64 -11.28
CA ASP Q 153 55.30 14.44 -11.35
C ASP Q 153 56.23 14.47 -12.58
N GLU R 1 38.99 39.83 15.67
CA GLU R 1 38.17 38.60 15.66
C GLU R 1 37.42 38.48 14.33
N ASN R 2 37.66 37.41 13.57
CA ASN R 2 37.14 37.27 12.21
C ASN R 2 35.67 36.85 12.16
N LEU R 3 35.07 36.96 10.97
CA LEU R 3 33.79 36.38 10.64
C LEU R 3 33.97 35.41 9.47
N TRP R 4 34.35 34.18 9.79
CA TRP R 4 34.14 33.04 8.90
C TRP R 4 32.64 32.69 8.85
N VAL R 5 32.28 31.68 8.06
CA VAL R 5 30.90 31.18 7.88
C VAL R 5 30.75 29.75 8.35
N THR R 6 29.60 29.40 8.91
CA THR R 6 29.30 28.03 9.38
C THR R 6 27.84 27.68 9.16
N VAL R 7 27.58 26.39 9.00
CA VAL R 7 26.29 25.82 8.62
C VAL R 7 25.77 24.91 9.72
N TYR R 8 24.45 24.85 9.87
CA TYR R 8 23.74 24.10 10.90
C TYR R 8 22.61 23.31 10.26
N TYR R 9 22.34 22.09 10.74
CA TYR R 9 21.29 21.21 10.20
C TYR R 9 20.35 20.69 11.29
N GLY R 10 19.08 20.53 10.97
CA GLY R 10 18.02 20.15 11.90
C GLY R 10 17.47 21.34 12.70
N VAL R 11 17.99 22.53 12.44
CA VAL R 11 17.63 23.79 13.07
C VAL R 11 16.14 24.11 12.89
N PRO R 12 15.48 24.74 13.88
CA PRO R 12 14.04 25.00 13.86
C PRO R 12 13.65 26.27 13.10
N VAL R 13 13.12 26.13 11.88
CA VAL R 13 12.42 27.20 11.11
C VAL R 13 11.31 26.61 10.25
N TRP R 14 10.20 27.33 10.13
CA TRP R 14 9.08 26.98 9.26
C TRP R 14 8.65 28.19 8.44
N LYS R 15 8.22 27.94 7.21
CA LYS R 15 7.81 28.97 6.26
C LYS R 15 6.31 29.03 6.16
N GLU R 16 5.82 30.25 6.25
CA GLU R 16 4.59 30.65 5.59
C GLU R 16 4.62 30.13 4.16
N ALA R 17 3.68 29.24 3.80
CA ALA R 17 3.74 28.53 2.53
C ALA R 17 2.35 28.05 2.13
N LYS R 18 1.87 28.46 0.96
CA LYS R 18 0.63 27.90 0.40
C LYS R 18 0.85 26.41 0.13
N THR R 19 -0.15 25.59 0.44
CA THR R 19 -0.25 24.20 -0.04
C THR R 19 -1.71 23.77 -0.07
N THR R 20 -2.03 22.67 -0.73
CA THR R 20 -3.40 22.18 -0.91
C THR R 20 -3.57 20.77 -0.32
N LEU R 21 -4.77 20.50 0.19
CA LEU R 21 -5.05 19.54 1.25
C LEU R 21 -6.01 18.44 0.79
N PHE R 22 -5.89 17.23 1.36
CA PHE R 22 -6.83 16.12 1.23
C PHE R 22 -7.91 16.15 2.33
N CYS R 23 -9.07 15.53 2.10
CA CYS R 23 -10.13 15.45 3.11
C CYS R 23 -10.19 14.06 3.78
N ALA R 24 -10.26 14.06 5.11
CA ALA R 24 -10.48 12.90 5.97
C ALA R 24 -11.92 12.89 6.50
N SER R 25 -12.57 11.73 6.46
CA SER R 25 -14.02 11.54 6.66
C SER R 25 -14.35 10.34 7.56
N ASP R 26 -15.60 10.26 8.05
CA ASP R 26 -16.13 9.07 8.72
C ASP R 26 -16.46 7.96 7.70
N ALA R 27 -15.62 6.93 7.65
CA ALA R 27 -15.75 5.79 6.74
C ALA R 27 -16.90 4.80 7.06
N LYS R 28 -17.79 5.14 8.00
CA LYS R 28 -19.07 4.45 8.23
C LYS R 28 -20.29 5.40 8.22
N ALA R 29 -20.11 6.66 7.83
CA ALA R 29 -21.21 7.56 7.52
C ALA R 29 -21.86 7.15 6.18
N TYR R 30 -21.06 7.08 5.11
CA TYR R 30 -21.32 6.24 3.94
C TYR R 30 -21.03 4.76 4.27
N GLU R 31 -21.39 3.83 3.39
CA GLU R 31 -21.31 2.38 3.66
C GLU R 31 -20.87 1.58 2.42
N LYS R 32 -20.37 0.35 2.61
CA LYS R 32 -19.65 -0.44 1.61
C LYS R 32 -20.35 -0.56 0.25
N GLU R 33 -21.67 -0.78 0.21
CA GLU R 33 -22.42 -0.96 -1.04
C GLU R 33 -22.67 0.32 -1.86
N VAL R 34 -22.63 1.52 -1.26
CA VAL R 34 -22.92 2.79 -1.96
C VAL R 34 -21.69 3.35 -2.68
N HIS R 35 -21.17 2.58 -3.65
CA HIS R 35 -20.06 2.93 -4.54
C HIS R 35 -20.30 4.19 -5.39
N ASN R 36 -19.22 4.73 -5.98
CA ASN R 36 -19.27 5.73 -7.06
C ASN R 36 -20.03 7.02 -6.70
N VAL R 37 -19.70 7.61 -5.55
CA VAL R 37 -20.14 8.94 -5.09
C VAL R 37 -19.06 9.55 -4.19
N TRP R 38 -18.89 10.87 -4.18
CA TRP R 38 -17.70 11.58 -3.66
C TRP R 38 -17.17 11.10 -2.30
N ALA R 39 -18.05 10.90 -1.31
CA ALA R 39 -17.63 10.48 0.04
C ALA R 39 -17.13 9.02 0.09
N THR R 40 -17.83 8.09 -0.57
CA THR R 40 -17.35 6.71 -0.75
C THR R 40 -16.09 6.66 -1.62
N HIS R 41 -16.04 7.53 -2.63
CA HIS R 41 -14.93 7.79 -3.56
C HIS R 41 -13.78 8.55 -2.86
N ALA R 42 -13.23 9.59 -3.49
CA ALA R 42 -11.88 10.11 -3.26
C ALA R 42 -11.57 10.64 -1.84
N CYS R 43 -12.58 11.05 -1.05
CA CYS R 43 -12.34 11.48 0.33
C CYS R 43 -11.92 10.30 1.22
N VAL R 44 -10.79 10.37 1.90
CA VAL R 44 -10.22 9.25 2.67
C VAL R 44 -10.89 9.10 4.06
N PRO R 45 -10.67 8.00 4.81
CA PRO R 45 -11.12 7.85 6.20
C PRO R 45 -10.50 8.86 7.18
N THR R 46 -10.61 8.61 8.49
CA THR R 46 -9.97 9.43 9.54
C THR R 46 -9.39 8.52 10.63
N ASP R 47 -8.27 8.91 11.23
CA ASP R 47 -7.74 8.33 12.47
C ASP R 47 -7.20 9.46 13.39
N PRO R 48 -8.07 10.09 14.22
CA PRO R 48 -7.73 11.32 14.92
C PRO R 48 -6.51 11.17 15.85
N ASN R 49 -5.59 12.12 15.78
CA ASN R 49 -4.39 12.12 16.62
C ASN R 49 -4.06 13.53 17.11
N PRO R 50 -4.83 14.07 18.08
CA PRO R 50 -4.40 15.22 18.85
C PRO R 50 -3.07 14.91 19.55
N GLN R 51 -2.10 15.81 19.41
CA GLN R 51 -0.71 15.53 19.76
C GLN R 51 0.03 16.86 19.99
N GLU R 52 -0.59 17.70 20.80
CA GLU R 52 -0.46 19.16 20.78
C GLU R 52 0.82 19.67 21.48
N MET R 53 1.99 19.32 20.94
CA MET R 53 3.27 19.59 21.59
C MET R 53 3.51 21.09 21.81
N VAL R 54 3.50 21.49 23.08
CA VAL R 54 3.44 22.88 23.51
C VAL R 54 4.75 23.65 23.33
N LEU R 55 4.65 24.98 23.24
CA LEU R 55 5.71 25.83 22.71
C LEU R 55 5.87 27.13 23.53
N LYS R 56 6.91 27.22 24.36
CA LYS R 56 7.50 28.52 24.71
C LYS R 56 8.11 29.15 23.46
N ASN R 57 8.47 30.43 23.53
CA ASN R 57 9.25 31.17 22.53
C ASN R 57 8.65 31.31 21.12
N VAL R 58 7.51 30.68 20.87
CA VAL R 58 6.65 31.01 19.75
C VAL R 58 6.21 32.47 19.81
N THR R 59 6.13 33.15 18.67
CA THR R 59 5.77 34.58 18.56
C THR R 59 5.00 34.94 17.27
N GLU R 60 4.44 33.96 16.57
CA GLU R 60 3.84 34.16 15.24
C GLU R 60 2.67 35.16 15.24
N ASN R 61 2.50 35.87 14.11
CA ASN R 61 1.34 36.71 13.80
C ASN R 61 0.39 36.05 12.78
N PHE R 62 -0.85 36.52 12.76
CA PHE R 62 -1.95 35.88 12.03
C PHE R 62 -2.94 36.92 11.46
N ASN R 63 -3.60 36.61 10.35
CA ASN R 63 -4.86 37.24 9.93
C ASN R 63 -5.83 36.10 9.58
N MET R 64 -7.12 36.21 9.89
CA MET R 64 -8.06 35.14 9.54
C MET R 64 -8.04 34.85 8.04
N TRP R 65 -7.97 35.89 7.21
CA TRP R 65 -8.23 35.80 5.78
C TRP R 65 -6.99 35.49 4.93
N LYS R 66 -5.80 35.45 5.52
CA LYS R 66 -4.58 35.03 4.80
C LYS R 66 -4.59 33.55 4.43
N ASN R 67 -5.45 32.76 5.07
CA ASN R 67 -5.63 31.34 4.77
C ASN R 67 -6.17 31.09 3.36
N ASP R 68 -5.78 29.96 2.79
CA ASP R 68 -6.14 29.54 1.44
C ASP R 68 -7.16 28.38 1.43
N MET R 69 -7.22 27.63 2.53
CA MET R 69 -8.10 26.47 2.69
C MET R 69 -9.57 26.85 2.56
N VAL R 70 -9.90 28.12 2.81
CA VAL R 70 -11.21 28.70 2.55
C VAL R 70 -11.72 28.36 1.16
N ASP R 71 -10.85 28.28 0.16
CA ASP R 71 -11.27 27.91 -1.19
C ASP R 71 -11.69 26.44 -1.29
N GLN R 72 -10.97 25.52 -0.64
CA GLN R 72 -11.40 24.13 -0.56
C GLN R 72 -12.79 24.00 0.07
N MET R 73 -13.10 24.82 1.09
CA MET R 73 -14.43 24.87 1.70
C MET R 73 -15.56 25.35 0.77
N HIS R 74 -15.26 25.94 -0.40
CA HIS R 74 -16.26 26.19 -1.46
C HIS R 74 -16.25 25.10 -2.56
N GLU R 75 -15.16 24.37 -2.68
CA GLU R 75 -14.97 23.31 -3.67
C GLU R 75 -15.65 22.00 -3.23
N ASP R 76 -15.18 20.86 -3.75
CA ASP R 76 -15.60 19.49 -3.47
C ASP R 76 -17.03 19.11 -3.88
N VAL R 77 -18.06 19.77 -3.35
CA VAL R 77 -19.44 19.29 -3.55
C VAL R 77 -19.93 19.37 -4.98
N ILE R 78 -19.29 20.16 -5.85
CA ILE R 78 -19.54 20.07 -7.30
C ILE R 78 -19.29 18.64 -7.81
N SER R 79 -18.26 17.94 -7.30
CA SER R 79 -18.05 16.53 -7.63
C SER R 79 -19.12 15.62 -7.00
N LEU R 80 -19.60 15.93 -5.79
CA LEU R 80 -20.71 15.23 -5.16
C LEU R 80 -22.00 15.36 -6.00
N TRP R 81 -22.28 16.54 -6.53
CA TRP R 81 -23.38 16.76 -7.48
C TRP R 81 -23.13 16.02 -8.78
N ASP R 82 -22.02 16.29 -9.47
CA ASP R 82 -21.72 15.78 -10.82
C ASP R 82 -21.67 14.25 -10.88
N GLN R 83 -21.07 13.59 -9.89
CA GLN R 83 -21.03 12.13 -9.79
C GLN R 83 -22.44 11.52 -9.51
N SER R 84 -23.44 12.37 -9.24
CA SER R 84 -24.81 12.00 -8.85
C SER R 84 -25.91 12.62 -9.75
N LEU R 85 -25.56 13.44 -10.76
CA LEU R 85 -26.53 14.21 -11.55
C LEU R 85 -27.55 13.30 -12.26
N LYS R 86 -28.82 13.40 -11.87
CA LYS R 86 -29.94 12.74 -12.55
C LYS R 86 -30.32 13.51 -13.82
N PRO R 87 -30.61 12.85 -14.95
CA PRO R 87 -30.79 13.49 -16.25
C PRO R 87 -32.13 14.24 -16.39
N CYS R 88 -32.28 14.99 -17.49
CA CYS R 88 -33.57 15.55 -17.92
C CYS R 88 -34.56 14.43 -18.30
N VAL R 89 -35.74 14.40 -17.66
CA VAL R 89 -36.79 13.41 -17.97
C VAL R 89 -37.62 13.83 -19.18
N LYS R 90 -38.17 12.85 -19.91
CA LYS R 90 -38.84 13.00 -21.23
C LYS R 90 -39.99 14.02 -21.24
N LEU R 91 -40.64 14.25 -20.11
CA LEU R 91 -41.68 15.28 -19.90
C LEU R 91 -41.16 16.74 -19.94
N THR R 92 -39.85 16.97 -19.81
CA THR R 92 -39.25 18.27 -19.47
C THR R 92 -38.11 18.84 -20.35
N PRO R 93 -37.72 18.29 -21.54
CA PRO R 93 -36.58 18.80 -22.31
C PRO R 93 -36.84 20.14 -23.04
N LEU R 94 -37.95 20.82 -22.74
CA LEU R 94 -38.42 22.04 -23.40
C LEU R 94 -39.33 22.86 -22.46
N CYS R 95 -39.54 24.13 -22.79
CA CYS R 95 -40.39 25.06 -22.05
C CYS R 95 -41.91 24.76 -22.20
N VAL R 96 -42.38 23.64 -21.63
CA VAL R 96 -43.81 23.31 -21.54
C VAL R 96 -44.59 24.37 -20.76
N THR R 97 -45.88 24.54 -21.06
CA THR R 97 -46.75 25.43 -20.27
C THR R 97 -47.57 24.68 -19.24
N LEU R 98 -48.04 25.39 -18.23
CA LEU R 98 -48.87 24.89 -17.14
C LEU R 98 -50.00 25.88 -16.81
N ASN R 99 -51.21 25.39 -16.53
CA ASN R 99 -52.39 26.24 -16.23
C ASN R 99 -53.00 25.90 -14.87
N CYS R 100 -53.15 26.91 -13.99
CA CYS R 100 -53.82 26.82 -12.69
C CYS R 100 -54.01 28.21 -12.04
N THR R 101 -54.82 28.28 -10.99
CA THR R 101 -54.90 29.42 -10.05
C THR R 101 -55.23 28.91 -8.65
N ASN R 102 -56.33 28.16 -8.50
CA ASN R 102 -56.49 27.20 -7.41
C ASN R 102 -55.76 25.87 -7.75
N ALA R 103 -55.45 25.06 -6.75
CA ALA R 103 -54.62 23.86 -6.88
C ALA R 103 -55.29 22.69 -7.61
N THR R 104 -54.52 21.97 -8.44
CA THR R 104 -54.79 20.55 -8.76
C THR R 104 -54.41 19.67 -7.56
N ALA R 105 -55.36 19.41 -6.66
CA ALA R 105 -55.16 18.63 -5.45
C ALA R 105 -56.45 17.89 -5.04
N SER R 106 -56.32 16.81 -4.27
CA SER R 106 -57.45 15.99 -3.79
C SER R 106 -58.33 16.69 -2.73
N ASN R 107 -57.88 17.82 -2.20
CA ASN R 107 -58.47 18.53 -1.06
C ASN R 107 -58.21 20.05 -1.12
N SER R 108 -59.00 20.84 -0.39
CA SER R 108 -58.79 22.29 -0.21
C SER R 108 -57.65 22.56 0.79
N SER R 109 -56.41 22.26 0.38
CA SER R 109 -55.20 22.37 1.23
C SER R 109 -55.03 23.77 1.84
N ILE R 110 -54.79 23.85 3.16
CA ILE R 110 -54.58 25.11 3.89
C ILE R 110 -53.07 25.39 4.02
N ILE R 111 -52.37 25.35 2.88
CA ILE R 111 -50.94 25.67 2.73
C ILE R 111 -50.79 26.58 1.50
N GLU R 112 -50.08 27.70 1.62
CA GLU R 112 -50.05 28.75 0.58
C GLU R 112 -49.27 28.36 -0.69
N GLY R 113 -48.34 27.41 -0.61
CA GLY R 113 -47.43 27.09 -1.71
C GLY R 113 -47.91 26.00 -2.70
N MET R 114 -48.80 25.08 -2.28
CA MET R 114 -49.26 23.96 -3.12
C MET R 114 -50.35 24.37 -4.12
N LYS R 115 -50.17 25.48 -4.85
CA LYS R 115 -51.10 25.99 -5.86
C LYS R 115 -51.00 25.21 -7.19
N ASN R 116 -51.02 23.87 -7.09
CA ASN R 116 -50.62 22.92 -8.13
C ASN R 116 -51.29 23.12 -9.50
N CYS R 117 -50.62 22.63 -10.53
CA CYS R 117 -50.98 22.81 -11.94
C CYS R 117 -51.14 21.49 -12.71
N SER R 118 -51.93 21.50 -13.78
CA SER R 118 -51.72 20.59 -14.91
C SER R 118 -50.52 21.04 -15.74
N PHE R 119 -49.90 20.12 -16.48
CA PHE R 119 -49.12 20.50 -17.67
C PHE R 119 -50.10 20.71 -18.84
N ASN R 120 -49.86 21.69 -19.70
CA ASN R 120 -50.78 22.09 -20.76
C ASN R 120 -50.15 21.94 -22.14
N ILE R 121 -49.45 22.93 -22.69
CA ILE R 121 -48.67 22.72 -23.91
C ILE R 121 -47.47 21.82 -23.55
N THR R 122 -47.58 20.52 -23.86
CA THR R 122 -46.75 19.47 -23.23
C THR R 122 -46.38 18.38 -24.23
N THR R 123 -45.16 18.44 -24.78
CA THR R 123 -44.55 17.42 -25.69
C THR R 123 -45.47 16.94 -26.83
N GLU R 124 -46.17 15.83 -26.65
CA GLU R 124 -47.12 15.24 -27.61
C GLU R 124 -48.46 16.01 -27.72
N LEU R 125 -48.74 16.93 -26.78
CA LEU R 125 -50.05 17.55 -26.53
C LEU R 125 -51.12 16.45 -26.30
N ARG R 126 -50.85 15.62 -25.30
CA ARG R 126 -51.51 14.33 -25.02
C ARG R 126 -51.86 14.23 -23.54
N ASP R 127 -53.05 13.72 -23.21
CA ASP R 127 -53.58 13.72 -21.84
C ASP R 127 -52.68 12.98 -20.85
N LYS R 128 -52.04 11.87 -21.27
CA LYS R 128 -51.06 11.09 -20.48
C LYS R 128 -49.86 11.91 -20.00
N ARG R 129 -49.48 12.96 -20.73
CA ARG R 129 -48.43 13.93 -20.35
C ARG R 129 -49.01 15.12 -19.58
N GLU R 130 -50.15 15.65 -20.05
CA GLU R 130 -50.76 16.87 -19.55
C GLU R 130 -51.40 16.74 -18.16
N LYS R 131 -52.24 15.72 -17.96
CA LYS R 131 -53.12 15.58 -16.78
C LYS R 131 -52.37 15.31 -15.47
N LYS R 132 -51.10 14.90 -15.55
CA LYS R 132 -50.24 14.63 -14.38
C LYS R 132 -50.13 15.87 -13.47
N ASN R 133 -50.20 15.66 -12.15
CA ASN R 133 -50.18 16.75 -11.17
C ASN R 133 -48.78 17.38 -11.07
N ALA R 134 -48.59 18.59 -11.61
CA ALA R 134 -47.48 19.44 -11.27
C ALA R 134 -47.70 20.04 -9.86
N LEU R 135 -47.27 19.30 -8.84
CA LEU R 135 -47.14 19.80 -7.48
C LEU R 135 -46.37 21.14 -7.49
N PHE R 136 -46.91 22.15 -6.82
CA PHE R 136 -46.26 23.45 -6.59
C PHE R 136 -45.79 23.56 -5.14
N TYR R 137 -44.87 24.50 -4.89
CA TYR R 137 -44.29 24.74 -3.57
C TYR R 137 -43.79 26.20 -3.50
N LYS R 138 -44.74 27.14 -3.70
CA LYS R 138 -44.62 28.60 -3.74
C LYS R 138 -43.74 29.16 -4.87
N LEU R 139 -42.44 28.86 -4.89
CA LEU R 139 -41.50 29.40 -5.89
C LEU R 139 -41.64 28.67 -7.23
N ASP R 140 -42.66 29.08 -7.99
CA ASP R 140 -43.08 28.54 -9.28
C ASP R 140 -43.51 29.69 -10.22
N ILE R 141 -44.41 29.44 -11.18
CA ILE R 141 -45.19 30.44 -11.93
C ILE R 141 -44.38 31.57 -12.65
N VAL R 142 -43.32 31.21 -13.37
CA VAL R 142 -42.71 32.15 -14.34
C VAL R 142 -43.73 32.49 -15.43
N GLN R 143 -44.03 33.79 -15.60
CA GLN R 143 -45.11 34.24 -16.46
C GLN R 143 -44.84 33.97 -17.95
N LEU R 144 -45.84 33.38 -18.61
CA LEU R 144 -45.95 33.31 -20.07
C LEU R 144 -47.43 33.53 -20.46
N ASP R 145 -47.67 34.35 -21.49
CA ASP R 145 -48.91 35.12 -21.70
C ASP R 145 -49.11 36.25 -20.65
N GLY R 146 -49.51 37.42 -21.13
CA GLY R 146 -49.65 38.65 -20.32
C GLY R 146 -50.85 38.67 -19.35
N ASN R 147 -51.83 37.80 -19.58
CA ASN R 147 -53.03 37.61 -18.76
C ASN R 147 -53.40 36.12 -18.71
N SER R 148 -53.99 35.64 -17.61
CA SER R 148 -54.40 34.23 -17.40
C SER R 148 -53.25 33.22 -17.69
N SER R 149 -52.05 33.56 -17.23
CA SER R 149 -50.78 32.98 -17.71
C SER R 149 -50.75 31.46 -17.76
N GLN R 150 -50.32 30.92 -18.91
CA GLN R 150 -49.92 29.52 -19.07
C GLN R 150 -48.44 29.40 -18.70
N TYR R 151 -48.13 29.32 -17.40
CA TYR R 151 -46.79 29.50 -16.84
C TYR R 151 -45.73 28.62 -17.53
N ARG R 152 -44.54 29.17 -17.75
CA ARG R 152 -43.38 28.47 -18.32
C ARG R 152 -42.78 27.50 -17.30
N LEU R 153 -42.32 26.31 -17.75
CA LEU R 153 -41.47 25.42 -16.96
C LEU R 153 -40.16 26.14 -16.54
N ILE R 154 -40.00 26.47 -15.26
CA ILE R 154 -39.01 27.48 -14.82
C ILE R 154 -37.54 27.10 -15.05
N ASN R 155 -37.22 25.80 -15.14
CA ASN R 155 -35.85 25.30 -15.35
C ASN R 155 -35.41 25.31 -16.83
N CYS R 156 -36.33 25.52 -17.79
CA CYS R 156 -36.08 25.21 -19.21
C CYS R 156 -35.00 26.08 -19.91
N ASN R 157 -34.64 27.24 -19.34
CA ASN R 157 -33.68 28.20 -19.90
C ASN R 157 -32.41 28.38 -19.03
N THR R 158 -32.06 27.40 -18.20
CA THR R 158 -30.75 27.30 -17.51
C THR R 158 -30.05 25.98 -17.79
N SER R 159 -28.71 25.97 -17.70
CA SER R 159 -27.84 24.92 -18.22
C SER R 159 -28.01 23.53 -17.59
N VAL R 160 -28.38 23.46 -16.30
CA VAL R 160 -28.65 22.20 -15.59
C VAL R 160 -30.11 22.10 -15.17
N ILE R 161 -30.76 21.03 -15.60
CA ILE R 161 -32.00 20.48 -15.04
C ILE R 161 -31.67 19.13 -14.39
N THR R 162 -32.02 18.93 -13.12
CA THR R 162 -31.71 17.70 -12.38
C THR R 162 -32.65 17.51 -11.18
N GLN R 163 -32.58 16.34 -10.54
CA GLN R 163 -33.55 15.87 -9.54
C GLN R 163 -32.83 15.29 -8.31
N ALA R 164 -33.30 15.66 -7.12
CA ALA R 164 -33.01 14.95 -5.88
C ALA R 164 -34.02 13.80 -5.68
N CYS R 165 -33.53 12.58 -5.44
CA CYS R 165 -34.37 11.42 -5.10
C CYS R 165 -33.93 10.84 -3.74
N PRO R 166 -34.82 10.20 -2.95
CA PRO R 166 -34.51 9.79 -1.57
C PRO R 166 -33.29 8.88 -1.38
N LYS R 167 -32.88 8.13 -2.42
CA LYS R 167 -31.67 7.30 -2.44
C LYS R 167 -30.35 8.10 -2.51
N VAL R 168 -30.38 9.31 -3.10
CA VAL R 168 -29.19 10.16 -3.29
C VAL R 168 -28.78 10.77 -1.95
N SER R 169 -27.54 10.54 -1.52
CA SER R 169 -27.06 10.93 -0.18
C SER R 169 -26.81 12.44 -0.02
N PHE R 170 -27.28 13.01 1.09
CA PHE R 170 -26.68 14.19 1.74
C PHE R 170 -26.58 13.96 3.25
N ASP R 171 -25.46 14.38 3.84
CA ASP R 171 -25.20 14.23 5.28
C ASP R 171 -24.09 15.23 5.71
N PRO R 172 -24.28 16.02 6.78
CA PRO R 172 -23.21 16.75 7.47
C PRO R 172 -22.18 15.81 8.15
N ILE R 173 -21.42 15.05 7.36
CA ILE R 173 -20.31 14.18 7.81
C ILE R 173 -19.24 15.03 8.54
N PRO R 174 -18.64 14.56 9.65
CA PRO R 174 -17.46 15.21 10.23
C PRO R 174 -16.26 15.09 9.28
N ILE R 175 -15.73 16.22 8.82
CA ILE R 175 -14.66 16.30 7.82
C ILE R 175 -13.47 17.07 8.37
N HIS R 176 -12.28 16.72 7.89
CA HIS R 176 -10.99 17.32 8.26
C HIS R 176 -10.15 17.54 6.99
N TYR R 177 -9.60 18.73 6.77
CA TYR R 177 -8.74 19.02 5.61
C TYR R 177 -7.29 19.01 6.08
N CYS R 178 -6.43 18.21 5.44
CA CYS R 178 -5.14 17.83 6.00
C CYS R 178 -4.04 17.73 4.91
N ALA R 179 -2.77 17.80 5.29
CA ALA R 179 -1.61 17.84 4.38
C ALA R 179 -0.41 17.05 4.96
N PRO R 180 0.48 16.49 4.12
CA PRO R 180 1.47 15.50 4.54
C PRO R 180 2.55 16.07 5.44
N ALA R 181 3.36 15.19 6.03
CA ALA R 181 4.45 15.55 6.95
C ALA R 181 5.52 16.47 6.32
N GLY R 182 6.37 17.06 7.15
CA GLY R 182 7.28 18.14 6.76
C GLY R 182 6.53 19.47 6.64
N TYR R 183 5.37 19.49 5.99
CA TYR R 183 4.38 20.47 6.38
C TYR R 183 3.88 20.19 7.81
N ALA R 184 3.35 21.23 8.46
CA ALA R 184 2.61 21.13 9.71
C ALA R 184 1.54 22.20 9.77
N ILE R 185 0.48 21.94 10.54
CA ILE R 185 -0.54 22.93 10.84
C ILE R 185 -0.27 23.42 12.26
N LEU R 186 -0.22 24.72 12.46
CA LEU R 186 -0.04 25.36 13.76
C LEU R 186 -1.39 25.88 14.25
N LYS R 187 -1.80 25.48 15.45
CA LYS R 187 -3.03 25.96 16.11
C LYS R 187 -2.62 26.99 17.16
N CYS R 188 -3.26 28.16 17.14
CA CYS R 188 -2.96 29.29 18.02
C CYS R 188 -4.16 29.63 18.90
N ASN R 189 -3.91 29.84 20.20
CA ASN R 189 -4.95 29.76 21.21
C ASN R 189 -4.61 30.45 22.56
N ASN R 190 -4.02 31.65 22.57
CA ASN R 190 -3.96 32.50 23.79
C ASN R 190 -5.34 33.11 24.08
N LYS R 191 -5.91 32.91 25.29
CA LYS R 191 -7.16 33.53 25.78
C LYS R 191 -7.27 35.03 25.50
N THR R 192 -6.15 35.74 25.42
CA THR R 192 -6.01 37.08 24.79
C THR R 192 -6.30 37.00 23.29
N PHE R 193 -7.46 36.46 22.88
CA PHE R 193 -7.62 35.77 21.60
C PHE R 193 -7.44 36.67 20.38
N THR R 194 -6.71 36.16 19.39
CA THR R 194 -5.96 36.97 18.40
C THR R 194 -6.43 36.75 16.98
N GLY R 195 -5.87 35.78 16.25
CA GLY R 195 -6.02 35.66 14.80
C GLY R 195 -5.63 36.92 14.02
N THR R 196 -4.96 37.89 14.63
CA THR R 196 -4.92 39.29 14.15
C THR R 196 -3.60 40.01 14.43
N GLY R 197 -3.03 39.77 15.61
CA GLY R 197 -1.69 40.23 15.99
C GLY R 197 -0.81 39.02 16.31
N PRO R 198 0.14 39.15 17.26
CA PRO R 198 0.89 38.03 17.80
C PRO R 198 0.02 36.97 18.51
N CYS R 199 0.63 35.87 18.95
CA CYS R 199 0.01 34.79 19.71
C CYS R 199 0.94 34.22 20.80
N ASN R 200 0.40 33.55 21.82
CA ASN R 200 1.18 33.06 22.99
C ASN R 200 0.74 31.71 23.56
N ASN R 201 -0.02 30.92 22.82
CA ASN R 201 -0.17 29.49 23.11
C ASN R 201 -0.42 28.74 21.81
N VAL R 202 0.52 27.87 21.41
CA VAL R 202 0.61 27.28 20.07
C VAL R 202 1.16 25.85 20.13
N SER R 203 0.76 25.00 19.19
CA SER R 203 1.40 23.70 18.93
C SER R 203 1.05 23.19 17.54
N THR R 204 1.77 22.18 17.04
CA THR R 204 1.38 21.52 15.79
C THR R 204 0.14 20.65 15.97
N VAL R 205 -0.59 20.41 14.89
CA VAL R 205 -1.58 19.33 14.81
C VAL R 205 -1.54 18.72 13.42
N GLN R 206 -1.78 17.42 13.30
CA GLN R 206 -1.77 16.68 12.02
C GLN R 206 -2.93 17.05 11.07
N CYS R 207 -4.00 17.59 11.64
CA CYS R 207 -5.16 18.15 10.96
C CYS R 207 -5.96 18.99 11.96
N THR R 208 -6.89 19.82 11.52
CA THR R 208 -7.92 20.35 12.43
C THR R 208 -8.75 19.22 13.03
N HIS R 209 -9.32 19.44 14.21
CA HIS R 209 -10.48 18.65 14.67
C HIS R 209 -11.61 18.78 13.64
N GLY R 210 -12.49 17.78 13.57
CA GLY R 210 -13.47 17.71 12.49
C GLY R 210 -14.49 18.85 12.52
N ILE R 211 -14.97 19.22 11.35
CA ILE R 211 -16.00 20.24 11.17
C ILE R 211 -17.00 19.75 10.13
N LYS R 212 -18.24 20.21 10.22
CA LYS R 212 -19.38 19.79 9.38
C LYS R 212 -19.91 20.98 8.56
N PRO R 213 -19.10 21.55 7.66
CA PRO R 213 -19.44 22.78 6.98
C PRO R 213 -20.71 22.63 6.13
N VAL R 214 -21.64 23.56 6.29
CA VAL R 214 -22.85 23.69 5.45
C VAL R 214 -23.27 25.17 5.40
N VAL R 215 -23.90 25.58 4.30
CA VAL R 215 -24.15 26.99 3.97
C VAL R 215 -25.32 27.61 4.75
N SER R 216 -25.27 28.93 4.93
CA SER R 216 -26.31 29.75 5.59
C SER R 216 -26.24 31.20 5.10
N THR R 217 -27.33 31.96 5.25
CA THR R 217 -27.40 33.38 4.84
C THR R 217 -27.40 34.37 6.00
N GLN R 218 -27.64 33.90 7.24
CA GLN R 218 -27.83 34.76 8.42
C GLN R 218 -27.13 34.21 9.67
N LEU R 219 -27.55 33.01 10.09
CA LEU R 219 -27.22 32.44 11.40
C LEU R 219 -26.19 31.32 11.24
N LEU R 220 -25.10 31.36 11.99
CA LEU R 220 -24.13 30.25 12.03
C LEU R 220 -24.62 29.16 13.00
N LEU R 221 -25.56 28.34 12.52
CA LEU R 221 -26.13 27.26 13.29
C LEU R 221 -25.18 26.07 13.41
N ASN R 222 -25.29 25.35 14.51
CA ASN R 222 -24.42 24.23 14.91
C ASN R 222 -22.91 24.55 14.83
N GLY R 223 -22.51 25.81 14.84
CA GLY R 223 -21.10 26.17 14.81
C GLY R 223 -20.36 25.78 16.08
N SER R 224 -19.04 25.86 16.06
CA SER R 224 -18.22 25.63 17.24
C SER R 224 -18.28 26.81 18.19
N LEU R 225 -18.57 26.57 19.46
CA LEU R 225 -18.62 27.63 20.46
C LEU R 225 -17.24 28.24 20.70
N ALA R 226 -17.22 29.53 20.99
CA ALA R 226 -16.11 30.13 21.72
C ALA R 226 -16.14 29.70 23.20
N GLU R 227 -15.30 30.28 24.04
CA GLU R 227 -15.36 30.10 25.49
C GLU R 227 -14.87 31.35 26.24
N GLY R 228 -15.31 31.52 27.49
CA GLY R 228 -15.12 32.72 28.32
C GLY R 228 -15.83 34.00 27.86
N GLU R 229 -15.92 34.29 26.56
CA GLU R 229 -16.42 35.57 26.06
C GLU R 229 -16.93 35.52 24.62
N ILE R 230 -17.84 36.42 24.27
CA ILE R 230 -18.19 36.73 22.88
C ILE R 230 -17.03 37.49 22.24
N ILE R 231 -16.85 37.36 20.93
CA ILE R 231 -15.80 38.06 20.20
C ILE R 231 -16.29 38.44 18.80
N ILE R 232 -15.65 39.45 18.22
CA ILE R 232 -15.97 40.01 16.90
C ILE R 232 -14.67 40.29 16.11
N ARG R 233 -14.62 39.97 14.80
CA ARG R 233 -13.51 40.37 13.90
C ARG R 233 -13.98 40.91 12.55
N SER R 234 -13.28 41.91 12.02
CA SER R 234 -13.65 42.57 10.76
C SER R 234 -12.50 43.40 10.18
N GLU R 235 -11.33 42.77 10.05
CA GLU R 235 -10.18 43.26 9.27
C GLU R 235 -9.78 44.71 9.63
N ASN R 236 -9.53 45.59 8.64
CA ASN R 236 -9.24 47.01 8.86
C ASN R 236 -10.48 47.73 9.36
N ILE R 237 -10.46 48.21 10.61
CA ILE R 237 -11.66 48.74 11.25
C ILE R 237 -12.15 50.09 10.68
N THR R 238 -11.36 50.75 9.83
CA THR R 238 -11.88 51.88 9.03
C THR R 238 -12.94 51.45 8.01
N ASN R 239 -12.99 50.16 7.63
CA ASN R 239 -13.90 49.62 6.62
C ASN R 239 -15.38 49.64 7.06
N ASN R 240 -16.28 50.00 6.14
CA ASN R 240 -17.74 49.95 6.32
C ASN R 240 -18.35 48.62 5.85
N VAL R 241 -18.25 48.31 4.55
CA VAL R 241 -19.03 47.22 3.94
C VAL R 241 -18.56 45.82 4.31
N LYS R 242 -17.25 45.63 4.50
CA LYS R 242 -16.64 44.28 4.58
C LYS R 242 -17.07 43.56 5.86
N THR R 243 -17.30 42.25 5.76
CA THR R 243 -18.11 41.48 6.73
C THR R 243 -17.56 41.55 8.16
N ILE R 244 -18.48 41.59 9.12
CA ILE R 244 -18.20 41.45 10.54
C ILE R 244 -18.64 40.06 10.96
N ILE R 245 -17.74 39.33 11.59
CA ILE R 245 -18.00 37.97 12.08
C ILE R 245 -18.28 38.10 13.58
N VAL R 246 -19.42 37.61 14.05
CA VAL R 246 -19.81 37.66 15.47
C VAL R 246 -19.89 36.25 16.03
N HIS R 247 -19.19 35.97 17.13
CA HIS R 247 -18.93 34.59 17.59
C HIS R 247 -19.20 34.46 19.10
N LEU R 248 -19.85 33.37 19.53
CA LEU R 248 -20.59 33.34 20.81
C LEU R 248 -20.14 32.30 21.83
N ASN R 249 -20.30 32.68 23.10
CA ASN R 249 -19.94 31.98 24.36
C ASN R 249 -21.18 31.37 25.06
N GLU R 250 -22.29 31.42 24.35
CA GLU R 250 -23.63 31.03 24.70
C GLU R 250 -24.37 30.80 23.37
N SER R 251 -25.56 30.22 23.41
CA SER R 251 -26.31 29.88 22.20
C SER R 251 -27.81 29.90 22.44
N VAL R 252 -28.58 30.00 21.37
CA VAL R 252 -30.04 30.07 21.35
C VAL R 252 -30.54 29.40 20.07
N LYS R 253 -31.78 28.89 20.03
CA LYS R 253 -32.35 28.24 18.83
C LYS R 253 -33.14 29.20 17.93
N ILE R 254 -33.67 28.67 16.82
CA ILE R 254 -34.78 29.27 16.07
C ILE R 254 -35.91 28.25 15.99
N GLU R 255 -37.08 28.59 16.53
CA GLU R 255 -38.04 27.58 16.92
C GLU R 255 -39.00 27.21 15.78
N CYS R 256 -38.48 26.49 14.78
CA CYS R 256 -39.27 25.55 13.99
C CYS R 256 -38.41 24.38 13.48
N THR R 257 -39.06 23.22 13.34
CA THR R 257 -38.55 22.10 12.52
C THR R 257 -38.84 22.40 11.04
N ARG R 258 -38.72 21.40 10.17
CA ARG R 258 -39.43 21.34 8.87
C ARG R 258 -40.68 20.46 9.05
N PRO R 259 -41.85 21.05 9.43
CA PRO R 259 -42.99 20.28 9.90
C PRO R 259 -43.91 19.72 8.79
N ASN R 260 -43.70 20.07 7.52
CA ASN R 260 -44.66 19.83 6.44
C ASN R 260 -44.71 18.37 5.93
N ASN R 261 -45.26 17.47 6.75
CA ASN R 261 -45.61 16.09 6.39
C ASN R 261 -46.49 16.04 5.11
N LYS R 262 -46.18 15.16 4.13
CA LYS R 262 -46.87 15.00 2.82
C LYS R 262 -46.85 13.56 2.30
N THR R 263 -47.72 13.21 1.35
CA THR R 263 -47.79 11.85 0.75
C THR R 263 -46.61 11.52 -0.19
N ARG R 264 -46.31 10.22 -0.35
CA ARG R 264 -45.26 9.66 -1.24
C ARG R 264 -45.70 9.53 -2.72
N THR R 265 -46.58 10.40 -3.22
CA THR R 265 -47.08 10.37 -4.61
C THR R 265 -46.04 10.82 -5.66
N SER R 266 -45.03 9.99 -5.92
CA SER R 266 -44.19 10.09 -7.12
C SER R 266 -44.90 9.47 -8.34
N ILE R 267 -44.66 10.02 -9.52
CA ILE R 267 -45.28 9.63 -10.80
C ILE R 267 -44.19 9.05 -11.71
N ARG R 268 -44.29 7.79 -12.13
CA ARG R 268 -43.25 7.11 -12.91
C ARG R 268 -43.42 7.35 -14.43
N ILE R 269 -43.22 8.60 -14.85
CA ILE R 269 -43.44 9.07 -16.23
C ILE R 269 -42.12 9.19 -17.01
N GLY R 270 -42.09 8.63 -18.22
CA GLY R 270 -40.89 8.45 -19.05
C GLY R 270 -40.18 7.11 -18.82
N PRO R 271 -39.29 6.67 -19.73
CA PRO R 271 -38.69 5.33 -19.73
C PRO R 271 -37.70 5.14 -18.56
N GLY R 272 -38.17 4.54 -17.46
CA GLY R 272 -37.40 4.41 -16.22
C GLY R 272 -37.17 5.75 -15.50
N GLN R 273 -38.16 6.65 -15.54
CA GLN R 273 -38.06 8.05 -15.12
C GLN R 273 -39.22 8.47 -14.19
N TRP R 274 -39.08 9.64 -13.55
CA TRP R 274 -39.97 10.13 -12.49
C TRP R 274 -40.31 11.62 -12.59
N PHE R 275 -41.45 11.99 -12.01
CA PHE R 275 -41.69 13.32 -11.43
C PHE R 275 -42.23 13.14 -10.00
N TYR R 276 -41.67 13.85 -9.02
CA TYR R 276 -42.03 13.65 -7.61
C TYR R 276 -43.14 14.62 -7.17
N ALA R 277 -44.39 14.34 -7.57
CA ALA R 277 -45.58 15.07 -7.13
C ALA R 277 -45.97 14.81 -5.65
N THR R 278 -44.99 14.58 -4.78
CA THR R 278 -45.13 14.12 -3.39
C THR R 278 -45.67 15.22 -2.47
N GLY R 279 -46.99 15.41 -2.48
CA GLY R 279 -47.70 16.50 -1.83
C GLY R 279 -49.01 16.05 -1.18
N GLN R 280 -50.02 16.94 -1.17
CA GLN R 280 -51.45 16.67 -0.93
C GLN R 280 -51.85 16.04 0.45
N VAL R 281 -53.12 16.26 0.83
CA VAL R 281 -53.90 15.65 1.94
C VAL R 281 -53.24 15.56 3.33
N ILE R 282 -52.22 14.73 3.50
CA ILE R 282 -51.54 14.52 4.79
C ILE R 282 -50.87 15.83 5.20
N GLY R 283 -51.07 16.24 6.45
CA GLY R 283 -50.40 17.42 7.02
C GLY R 283 -50.74 18.75 6.33
N ASP R 284 -51.90 18.89 5.69
CA ASP R 284 -52.28 20.06 4.88
C ASP R 284 -52.70 21.32 5.66
N ILE R 285 -52.22 21.45 6.90
CA ILE R 285 -52.13 22.74 7.64
C ILE R 285 -50.68 23.10 8.00
N ARG R 286 -49.71 22.20 7.80
CA ARG R 286 -48.38 22.21 8.46
C ARG R 286 -47.35 23.07 7.71
N GLU R 287 -47.66 24.36 7.57
CA GLU R 287 -46.68 25.39 7.20
C GLU R 287 -45.57 25.52 8.29
N ALA R 288 -44.46 26.19 7.99
CA ALA R 288 -43.28 26.13 8.85
C ALA R 288 -43.34 26.94 10.16
N TYR R 289 -44.26 27.91 10.27
CA TYR R 289 -44.67 28.54 11.54
C TYR R 289 -43.53 28.77 12.56
N CYS R 290 -42.49 29.53 12.21
CA CYS R 290 -41.30 29.67 13.05
C CYS R 290 -41.42 30.74 14.15
N ASN R 291 -40.74 30.52 15.28
CA ASN R 291 -41.05 31.20 16.54
C ASN R 291 -39.80 31.59 17.33
N ILE R 292 -39.96 32.54 18.25
CA ILE R 292 -38.86 33.19 18.95
C ILE R 292 -39.22 33.45 20.42
N ASN R 293 -38.55 32.74 21.33
CA ASN R 293 -38.43 33.10 22.74
C ASN R 293 -37.49 34.29 22.89
N GLU R 294 -38.06 35.47 23.02
CA GLU R 294 -37.29 36.71 23.12
C GLU R 294 -36.25 36.74 24.24
N SER R 295 -36.39 35.99 25.34
CA SER R 295 -35.51 36.17 26.51
C SER R 295 -34.06 35.87 26.19
N LYS R 296 -33.75 34.60 25.91
CA LYS R 296 -32.42 34.15 25.49
C LYS R 296 -31.99 34.77 24.17
N TRP R 297 -32.93 35.00 23.25
CA TRP R 297 -32.60 35.69 22.00
C TRP R 297 -32.06 37.10 22.28
N ASN R 298 -32.86 37.96 22.91
CA ASN R 298 -32.50 39.34 23.17
C ASN R 298 -31.29 39.43 24.09
N GLU R 299 -31.16 38.52 25.06
CA GLU R 299 -29.99 38.45 25.93
C GLU R 299 -28.70 38.36 25.11
N THR R 300 -28.64 37.40 24.18
CA THR R 300 -27.43 37.27 23.36
C THR R 300 -27.20 38.54 22.54
N LEU R 301 -28.24 39.11 21.93
CA LEU R 301 -28.05 40.32 21.14
C LEU R 301 -27.59 41.49 22.02
N GLN R 302 -28.17 41.68 23.20
CA GLN R 302 -27.78 42.81 24.04
C GLN R 302 -26.36 42.59 24.58
N ARG R 303 -25.97 41.36 24.92
CA ARG R 303 -24.56 41.04 25.21
C ARG R 303 -23.67 41.44 24.05
N VAL R 304 -24.04 41.09 22.82
CA VAL R 304 -23.30 41.48 21.60
C VAL R 304 -23.16 43.00 21.52
N SER R 305 -24.21 43.76 21.79
CA SER R 305 -24.11 45.22 21.81
C SER R 305 -23.12 45.71 22.87
N LYS R 306 -23.10 45.10 24.05
CA LYS R 306 -22.16 45.44 25.12
C LYS R 306 -20.72 45.10 24.77
N LYS R 307 -20.51 44.18 23.84
CA LYS R 307 -19.21 44.03 23.16
C LYS R 307 -19.00 45.08 22.06
N LEU R 308 -19.99 45.36 21.21
CA LEU R 308 -19.86 46.32 20.11
C LEU R 308 -19.41 47.71 20.60
N LYS R 309 -19.82 48.07 21.82
CA LYS R 309 -19.26 49.17 22.61
C LYS R 309 -17.75 49.34 22.43
N GLU R 310 -17.00 48.25 22.51
CA GLU R 310 -15.54 48.22 22.47
C GLU R 310 -14.97 48.67 21.12
N TYR R 311 -15.74 48.52 20.06
CA TYR R 311 -15.36 48.90 18.71
C TYR R 311 -15.94 50.27 18.34
N PHE R 312 -16.93 50.76 19.09
CA PHE R 312 -17.64 52.03 18.85
C PHE R 312 -17.91 52.75 20.19
N PRO R 313 -16.89 53.32 20.86
CA PRO R 313 -16.99 53.76 22.25
C PRO R 313 -17.98 54.91 22.50
N HIS R 314 -18.74 54.80 23.59
CA HIS R 314 -19.61 55.86 24.12
C HIS R 314 -20.66 56.41 23.14
N LYS R 315 -21.13 55.55 22.22
CA LYS R 315 -22.19 55.89 21.25
C LYS R 315 -23.11 54.70 20.98
N ASN R 316 -24.37 54.97 20.60
CA ASN R 316 -25.51 54.07 20.85
C ASN R 316 -25.88 53.22 19.64
N ILE R 317 -26.05 51.92 19.88
CA ILE R 317 -26.20 50.89 18.84
C ILE R 317 -27.64 50.85 18.31
N THR R 318 -27.82 50.35 17.09
CA THR R 318 -29.09 50.21 16.37
C THR R 318 -28.91 49.16 15.26
N PHE R 319 -29.99 48.69 14.66
CA PHE R 319 -29.94 47.75 13.53
C PHE R 319 -30.93 48.11 12.42
N GLN R 320 -30.69 47.59 11.21
CA GLN R 320 -31.53 47.74 10.02
C GLN R 320 -31.73 46.39 9.31
N PRO R 321 -32.80 46.23 8.51
CA PRO R 321 -33.20 44.96 7.93
C PRO R 321 -32.26 44.45 6.83
N SER R 322 -32.32 43.15 6.57
CA SER R 322 -31.52 42.49 5.54
C SER R 322 -32.05 42.75 4.12
N SER R 323 -31.19 42.53 3.12
CA SER R 323 -31.47 42.76 1.70
C SER R 323 -32.54 41.84 1.12
N GLY R 324 -33.16 42.30 0.03
CA GLY R 324 -33.98 41.50 -0.88
C GLY R 324 -33.14 40.77 -1.93
N GLY R 325 -33.60 40.78 -3.18
CA GLY R 325 -33.04 39.96 -4.26
C GLY R 325 -33.61 38.53 -4.17
N ASP R 326 -32.74 37.51 -4.10
CA ASP R 326 -33.19 36.22 -3.57
C ASP R 326 -33.51 36.38 -2.07
N LEU R 327 -34.77 36.09 -1.71
CA LEU R 327 -35.26 36.25 -0.34
C LEU R 327 -34.54 35.34 0.67
N GLU R 328 -33.70 34.41 0.24
CA GLU R 328 -32.72 33.74 1.11
C GLU R 328 -31.91 34.75 1.95
N ILE R 329 -31.52 35.90 1.37
CA ILE R 329 -30.77 36.94 2.07
C ILE R 329 -31.66 37.59 3.16
N THR R 330 -32.95 37.71 2.90
CA THR R 330 -33.97 38.20 3.84
C THR R 330 -34.34 37.17 4.92
N THR R 331 -33.88 35.91 4.79
CA THR R 331 -34.40 34.77 5.58
C THR R 331 -33.30 33.82 6.06
N HIS R 332 -33.11 32.69 5.39
CA HIS R 332 -32.16 31.63 5.67
C HIS R 332 -31.94 30.84 4.37
N SER R 333 -31.38 29.63 4.44
CA SER R 333 -31.37 28.70 3.29
C SER R 333 -31.26 27.21 3.63
N PHE R 334 -30.68 26.84 4.77
CA PHE R 334 -29.96 25.55 4.92
C PHE R 334 -30.73 24.28 4.54
N ASN R 335 -30.02 23.26 4.04
CA ASN R 335 -30.56 21.92 3.82
C ASN R 335 -30.64 21.13 5.14
N CYS R 336 -31.82 20.59 5.46
CA CYS R 336 -31.93 19.41 6.34
C CYS R 336 -33.01 18.48 5.76
N GLY R 337 -32.72 17.17 5.71
CA GLY R 337 -33.62 16.16 5.14
C GLY R 337 -33.94 16.33 3.65
N GLY R 338 -33.15 17.11 2.89
CA GLY R 338 -33.46 17.49 1.51
C GLY R 338 -34.49 18.64 1.41
N GLU R 339 -34.75 19.36 2.50
CA GLU R 339 -35.69 20.46 2.58
C GLU R 339 -35.01 21.73 3.15
N PHE R 340 -35.43 22.90 2.67
CA PHE R 340 -34.65 24.14 2.75
C PHE R 340 -35.41 25.26 3.48
N PHE R 341 -34.65 26.11 4.18
CA PHE R 341 -35.20 26.93 5.26
C PHE R 341 -35.32 28.40 4.84
N TYR R 342 -36.51 29.03 4.95
CA TYR R 342 -36.74 30.39 4.42
C TYR R 342 -37.75 31.23 5.23
N CYS R 343 -37.69 31.20 6.56
CA CYS R 343 -38.57 32.04 7.39
C CYS R 343 -38.02 33.46 7.66
N ASN R 344 -38.89 34.42 7.97
CA ASN R 344 -38.60 35.87 8.01
C ASN R 344 -37.72 36.32 9.19
N THR R 345 -36.44 35.92 9.19
CA THR R 345 -35.44 36.31 10.20
C THR R 345 -35.25 37.83 10.29
N SER R 346 -35.39 38.56 9.17
CA SER R 346 -35.19 40.01 9.13
C SER R 346 -36.18 40.79 10.02
N SER R 347 -37.27 40.14 10.47
CA SER R 347 -38.20 40.67 11.48
C SER R 347 -37.59 40.89 12.88
N LEU R 348 -36.41 40.35 13.16
CA LEU R 348 -35.86 40.28 14.52
C LEU R 348 -34.79 41.34 14.84
N PHE R 349 -34.04 41.79 13.84
CA PHE R 349 -32.81 42.56 14.00
C PHE R 349 -33.10 44.06 14.00
N ASN R 350 -33.42 44.59 15.17
CA ASN R 350 -34.27 45.77 15.26
C ASN R 350 -33.71 46.93 16.08
N ARG R 351 -34.09 47.00 17.36
CA ARG R 351 -34.21 48.26 18.09
C ARG R 351 -32.90 48.95 18.46
N THR R 352 -33.04 50.22 18.83
CA THR R 352 -31.97 51.17 19.19
C THR R 352 -31.42 50.90 20.60
N TYR R 353 -31.06 49.67 20.93
CA TYR R 353 -30.60 49.31 22.27
C TYR R 353 -29.38 50.14 22.69
N MET R 354 -29.52 50.85 23.81
CA MET R 354 -28.63 51.94 24.22
C MET R 354 -27.32 51.45 24.84
N ALA R 355 -26.24 52.20 24.59
CA ALA R 355 -24.90 51.98 25.13
C ALA R 355 -24.38 53.16 26.00
N ASN R 356 -25.19 54.19 26.27
CA ASN R 356 -24.99 55.06 27.42
C ASN R 356 -24.91 54.25 28.73
N SER R 357 -24.39 54.83 29.81
CA SER R 357 -24.40 54.20 31.14
C SER R 357 -25.84 54.01 31.62
N THR R 358 -26.41 52.82 31.43
CA THR R 358 -27.86 52.61 31.38
C THR R 358 -28.31 51.36 32.15
N ASP R 359 -29.53 51.42 32.69
CA ASP R 359 -30.22 50.32 33.39
C ASP R 359 -31.59 50.01 32.74
N MET R 360 -31.75 50.40 31.47
CA MET R 360 -32.99 50.36 30.70
C MET R 360 -32.69 50.36 29.19
N ALA R 361 -33.71 50.52 28.34
CA ALA R 361 -33.57 50.73 26.89
C ALA R 361 -32.75 49.64 26.15
N ASN R 362 -32.89 48.36 26.56
CA ASN R 362 -32.07 47.24 26.09
C ASN R 362 -32.81 45.88 26.00
N SER R 363 -34.14 45.86 26.15
CA SER R 363 -34.98 44.65 26.24
C SER R 363 -36.41 44.83 25.70
N THR R 364 -37.04 43.74 25.28
CA THR R 364 -38.48 43.63 24.94
C THR R 364 -39.12 42.31 25.38
N GLU R 365 -38.32 41.33 25.78
CA GLU R 365 -38.70 40.00 26.24
C GLU R 365 -39.67 39.97 27.43
N THR R 366 -39.72 41.03 28.25
CA THR R 366 -40.73 41.29 29.29
C THR R 366 -40.82 40.20 30.41
N ASN R 367 -39.85 39.28 30.47
CA ASN R 367 -39.83 38.05 31.30
C ASN R 367 -40.97 37.04 31.02
N SER R 368 -42.11 37.48 30.50
CA SER R 368 -43.22 36.65 29.99
C SER R 368 -42.87 35.85 28.73
N THR R 369 -41.71 36.11 28.11
CA THR R 369 -41.15 35.46 26.90
C THR R 369 -41.87 35.76 25.58
N ARG R 370 -43.20 35.95 25.62
CA ARG R 370 -44.14 36.25 24.52
C ARG R 370 -44.25 35.21 23.39
N THR R 371 -43.19 34.43 23.13
CA THR R 371 -43.15 33.34 22.12
C THR R 371 -43.71 33.79 20.76
N ILE R 372 -43.13 34.85 20.21
CA ILE R 372 -43.58 35.50 18.96
C ILE R 372 -43.37 34.58 17.74
N THR R 373 -44.15 34.76 16.67
CA THR R 373 -44.12 33.90 15.46
C THR R 373 -44.00 34.69 14.17
N ILE R 374 -43.44 34.09 13.11
CA ILE R 374 -43.03 34.76 11.87
C ILE R 374 -43.40 33.97 10.59
N HIS R 375 -43.63 34.68 9.48
CA HIS R 375 -44.08 34.11 8.20
C HIS R 375 -42.95 33.42 7.42
N CYS R 376 -43.23 32.25 6.82
CA CYS R 376 -42.24 31.40 6.19
C CYS R 376 -42.48 31.10 4.70
N ARG R 377 -41.40 31.10 3.91
CA ARG R 377 -41.35 30.75 2.48
C ARG R 377 -40.85 29.31 2.29
N ILE R 378 -41.02 28.76 1.10
CA ILE R 378 -40.59 27.41 0.71
C ILE R 378 -40.22 27.39 -0.78
N LYS R 379 -39.38 26.41 -1.19
CA LYS R 379 -38.91 26.24 -2.59
C LYS R 379 -38.82 24.75 -2.95
N GLN R 380 -39.44 24.29 -4.05
CA GLN R 380 -39.26 22.91 -4.56
C GLN R 380 -38.20 22.76 -5.64
N ILE R 381 -37.94 23.82 -6.43
CA ILE R 381 -36.75 23.91 -7.28
C ILE R 381 -35.78 24.85 -6.58
N ILE R 382 -34.57 24.38 -6.35
CA ILE R 382 -33.56 25.04 -5.52
C ILE R 382 -32.34 25.33 -6.39
N ASN R 383 -31.73 26.50 -6.20
CA ASN R 383 -30.40 26.83 -6.72
C ASN R 383 -29.35 25.99 -5.96
N MET R 384 -29.16 24.74 -6.38
CA MET R 384 -28.53 23.66 -5.61
C MET R 384 -27.11 23.97 -5.10
N TRP R 385 -26.40 24.87 -5.77
CA TRP R 385 -25.15 25.45 -5.32
C TRP R 385 -25.14 26.94 -5.71
N GLN R 386 -24.93 27.82 -4.73
CA GLN R 386 -25.18 29.25 -4.89
C GLN R 386 -24.19 29.94 -5.83
N GLU R 387 -24.51 31.15 -6.29
CA GLU R 387 -23.84 31.88 -7.39
C GLU R 387 -23.98 31.20 -8.77
N VAL R 388 -23.75 29.89 -8.86
CA VAL R 388 -23.86 29.09 -10.08
C VAL R 388 -25.31 29.05 -10.61
N GLY R 389 -25.51 28.98 -11.93
CA GLY R 389 -26.85 28.98 -12.55
C GLY R 389 -27.67 27.68 -12.41
N ARG R 390 -27.14 26.64 -11.76
CA ARG R 390 -27.78 25.31 -11.63
C ARG R 390 -29.12 25.36 -10.89
N ALA R 391 -30.05 24.48 -11.27
CA ALA R 391 -31.32 24.27 -10.59
C ALA R 391 -31.65 22.77 -10.44
N MET R 392 -32.22 22.39 -9.30
CA MET R 392 -32.63 21.02 -8.99
C MET R 392 -34.01 20.97 -8.33
N TYR R 393 -34.89 20.05 -8.77
CA TYR R 393 -36.14 19.76 -8.06
C TYR R 393 -35.90 18.82 -6.87
N ALA R 394 -36.57 19.04 -5.74
CA ALA R 394 -36.53 18.16 -4.57
C ALA R 394 -37.94 17.85 -3.99
N PRO R 395 -38.22 16.60 -3.57
CA PRO R 395 -39.53 16.19 -3.06
C PRO R 395 -39.81 16.68 -1.63
N PRO R 396 -41.02 17.19 -1.33
CA PRO R 396 -41.56 17.17 0.04
C PRO R 396 -41.83 15.73 0.48
N ILE R 397 -41.67 15.43 1.77
CA ILE R 397 -41.59 14.05 2.31
C ILE R 397 -42.46 13.89 3.59
N ALA R 398 -42.81 12.65 3.94
CA ALA R 398 -43.64 12.32 5.10
C ALA R 398 -42.97 12.62 6.46
N GLY R 399 -43.78 12.69 7.52
CA GLY R 399 -43.33 12.89 8.91
C GLY R 399 -42.77 14.28 9.20
N ASN R 400 -41.97 14.37 10.27
CA ASN R 400 -41.32 15.60 10.73
C ASN R 400 -39.81 15.53 10.45
N ILE R 401 -39.27 16.52 9.74
CA ILE R 401 -37.82 16.65 9.52
C ILE R 401 -37.32 17.61 10.60
N THR R 402 -36.65 17.07 11.62
CA THR R 402 -36.67 17.68 12.95
C THR R 402 -35.76 18.89 13.19
N CYS R 403 -34.88 19.28 12.27
CA CYS R 403 -33.86 20.33 12.52
C CYS R 403 -34.47 21.66 12.99
N ILE R 404 -34.11 22.10 14.21
CA ILE R 404 -34.67 23.24 14.96
C ILE R 404 -33.57 23.88 15.85
N SER R 405 -32.31 23.73 15.44
CA SER R 405 -31.14 23.74 16.31
C SER R 405 -30.66 25.15 16.73
N ASN R 406 -29.45 25.25 17.29
CA ASN R 406 -28.90 26.42 17.95
C ASN R 406 -27.86 27.21 17.11
N ILE R 407 -27.70 28.49 17.43
CA ILE R 407 -26.91 29.51 16.73
C ILE R 407 -25.67 29.85 17.54
N THR R 408 -24.48 29.91 16.94
CA THR R 408 -23.24 30.28 17.65
C THR R 408 -22.54 31.50 17.07
N GLY R 409 -23.17 32.19 16.13
CA GLY R 409 -22.61 33.41 15.56
C GLY R 409 -23.49 34.04 14.50
N LEU R 410 -23.19 35.29 14.18
CA LEU R 410 -23.92 36.05 13.18
C LEU R 410 -22.99 36.55 12.10
N LEU R 411 -23.50 36.51 10.88
CA LEU R 411 -23.02 37.34 9.78
C LEU R 411 -23.53 38.77 10.00
N LEU R 412 -22.67 39.78 9.94
CA LEU R 412 -23.05 41.16 10.22
C LEU R 412 -22.34 42.16 9.28
N THR R 413 -23.00 43.26 8.92
CA THR R 413 -22.44 44.33 8.07
C THR R 413 -22.84 45.70 8.61
N ARG R 414 -21.94 46.69 8.58
CA ARG R 414 -22.24 48.08 8.98
C ARG R 414 -22.99 48.80 7.85
N ASP R 415 -23.80 49.80 8.19
CA ASP R 415 -24.52 50.60 7.19
C ASP R 415 -24.11 52.08 7.24
N GLY R 416 -22.85 52.36 6.91
CA GLY R 416 -22.28 53.71 6.85
C GLY R 416 -22.00 54.29 8.23
N GLY R 417 -22.38 55.55 8.45
CA GLY R 417 -22.18 56.28 9.69
C GLY R 417 -23.01 57.55 9.79
N LYS R 418 -23.33 57.94 11.02
CA LYS R 418 -24.07 59.15 11.43
C LYS R 418 -23.70 59.49 12.88
N ASN R 419 -23.93 60.73 13.31
CA ASN R 419 -23.65 61.17 14.69
C ASN R 419 -24.32 60.26 15.73
N ASN R 420 -23.52 59.62 16.58
CA ASN R 420 -23.87 58.68 17.66
C ASN R 420 -24.57 57.36 17.24
N THR R 421 -25.50 57.40 16.29
CA THR R 421 -26.37 56.29 15.91
C THR R 421 -25.69 55.28 14.97
N GLU R 422 -24.69 54.55 15.47
CA GLU R 422 -24.07 53.45 14.72
C GLU R 422 -25.04 52.28 14.51
N THR R 423 -25.00 51.64 13.35
CA THR R 423 -25.98 50.60 13.01
C THR R 423 -25.49 49.60 11.95
N PHE R 424 -26.15 48.43 11.90
CA PHE R 424 -25.73 47.27 11.12
C PHE R 424 -26.91 46.55 10.48
N ARG R 425 -26.68 45.89 9.35
CA ARG R 425 -27.59 44.94 8.69
C ARG R 425 -27.04 43.51 8.78
N PRO R 426 -27.85 42.51 9.14
CA PRO R 426 -27.39 41.13 9.35
C PRO R 426 -27.39 40.30 8.05
N GLY R 427 -26.49 39.33 7.96
CA GLY R 427 -26.45 38.38 6.85
C GLY R 427 -26.01 38.93 5.49
N GLY R 428 -26.11 38.08 4.48
CA GLY R 428 -25.63 38.35 3.12
C GLY R 428 -24.10 38.32 3.02
N GLY R 429 -23.53 39.07 2.08
CA GLY R 429 -22.08 39.15 1.87
C GLY R 429 -21.46 37.87 1.31
N ASN R 430 -20.14 37.74 1.42
CA ASN R 430 -19.40 36.61 0.86
C ASN R 430 -19.82 35.31 1.54
N MET R 431 -20.38 34.36 0.81
CA MET R 431 -20.78 33.09 1.44
C MET R 431 -19.59 32.28 1.98
N LYS R 432 -18.35 32.58 1.53
CA LYS R 432 -17.08 32.07 2.10
C LYS R 432 -16.87 32.45 3.57
N ASP R 433 -17.45 33.54 4.03
CA ASP R 433 -17.26 34.02 5.40
C ASP R 433 -17.82 33.04 6.46
N ASN R 434 -18.76 32.17 6.11
CA ASN R 434 -19.15 31.07 6.99
C ASN R 434 -17.94 30.25 7.41
N TRP R 435 -17.07 29.87 6.49
CA TRP R 435 -15.94 29.00 6.80
C TRP R 435 -14.84 29.68 7.60
N ARG R 436 -14.82 31.02 7.68
CA ARG R 436 -13.87 31.72 8.55
C ARG R 436 -14.13 31.39 10.02
N SER R 437 -15.35 30.97 10.36
CA SER R 437 -15.70 30.54 11.71
C SER R 437 -14.81 29.37 12.15
N GLU R 438 -14.30 29.48 13.36
CA GLU R 438 -13.28 28.62 13.97
C GLU R 438 -11.93 28.57 13.25
N LEU R 439 -11.88 28.46 11.92
CA LEU R 439 -10.63 28.19 11.17
C LEU R 439 -9.52 29.18 11.48
N TYR R 440 -9.87 30.37 11.95
CA TYR R 440 -8.94 31.34 12.48
C TYR R 440 -7.95 30.80 13.50
N LYS R 441 -8.32 29.74 14.24
CA LYS R 441 -7.42 29.08 15.18
C LYS R 441 -6.30 28.30 14.52
N TYR R 442 -6.28 28.11 13.20
CA TYR R 442 -5.32 27.27 12.48
C TYR R 442 -4.59 27.97 11.32
N LYS R 443 -3.32 27.64 11.06
CA LYS R 443 -2.61 27.96 9.79
C LYS R 443 -1.58 26.90 9.41
N VAL R 444 -1.18 26.83 8.13
CA VAL R 444 -0.29 25.78 7.61
C VAL R 444 1.08 26.34 7.23
N VAL R 445 2.15 25.61 7.54
CA VAL R 445 3.55 25.95 7.18
C VAL R 445 4.30 24.74 6.67
N LYS R 446 5.43 24.97 6.02
CA LYS R 446 6.40 23.96 5.60
C LYS R 446 7.66 24.07 6.47
N ILE R 447 8.15 22.98 7.04
CA ILE R 447 9.42 23.02 7.81
C ILE R 447 10.60 23.18 6.86
N GLU R 448 11.65 23.88 7.25
CA GLU R 448 12.80 24.12 6.38
C GLU R 448 14.09 23.98 7.21
N PRO R 449 14.58 22.75 7.43
CA PRO R 449 15.43 22.44 8.58
C PRO R 449 16.91 22.86 8.59
N LEU R 450 17.40 23.77 7.73
CA LEU R 450 18.83 24.09 7.72
C LEU R 450 19.16 25.55 7.43
N GLY R 451 20.36 25.97 7.84
CA GLY R 451 20.73 27.38 7.81
C GLY R 451 22.17 27.67 8.20
N VAL R 452 22.50 28.94 8.29
CA VAL R 452 23.88 29.44 8.33
C VAL R 452 24.00 30.66 9.24
N ALA R 453 25.16 30.84 9.86
CA ALA R 453 25.56 32.04 10.59
C ALA R 453 27.08 32.31 10.47
N PRO R 454 27.53 33.55 10.69
CA PRO R 454 28.95 33.81 10.79
C PRO R 454 29.53 33.25 12.09
N THR R 455 30.86 33.12 12.18
CA THR R 455 31.54 32.66 13.40
C THR R 455 33.00 33.08 13.47
N ARG R 456 33.55 33.06 14.68
CA ARG R 456 34.96 33.34 15.03
C ARG R 456 35.84 32.07 15.05
N CYS R 457 35.61 31.12 14.15
CA CYS R 457 36.42 29.89 14.02
C CYS R 457 36.48 29.39 12.58
N LYS R 458 37.50 28.62 12.20
CA LYS R 458 37.79 28.25 10.80
C LYS R 458 37.97 26.76 10.59
N ARG R 459 37.56 26.24 9.43
CA ARG R 459 37.86 24.86 9.02
C ARG R 459 39.36 24.69 8.80
N ARG R 460 39.89 23.53 9.12
CA ARG R 460 41.22 23.06 8.68
C ARG R 460 41.36 23.16 7.16
N VAL R 461 42.57 23.53 6.74
CA VAL R 461 43.05 23.54 5.34
C VAL R 461 44.54 23.20 5.31
#